data_5V5V
#
_entry.id   5V5V
#
_cell.length_a   103.118
_cell.length_b   97.182
_cell.length_c   190.510
_cell.angle_alpha   95.52
_cell.angle_beta   80.97
_cell.angle_gamma   88.71
#
_symmetry.space_group_name_H-M   'P 1'
#
loop_
_entity.id
_entity.type
_entity.pdbx_description
1 polymer Neuroligin-2
2 polymer 'MAM domain-containing glycosylphosphatidylinositol anchor protein 1'
#
loop_
_entity_poly.entity_id
_entity_poly.type
_entity_poly.pdbx_seq_one_letter_code
_entity_poly.pdbx_strand_id
1 'polypeptide(L)'
;APVVNTAYGRVRGVRRELNNEILGPVVQFLGVPYATPPLGARRFQPPEAPASWPGVRNATTLPPACPQNLHGALPAIMLP
VWFTDNLEAAATYVQNQSEDCLYLNLYVPTEDGPLTKKRDEATLNPPDTDIRDSGKKPVMLFLHGGSYMEGTGNMFDGSV
LAAYGNVIVATLNYRLGVLGFLSTGDQAAKGNYGLLDQIQALRWLSENIAHFGGDPERITIFGSGAGASCVNLLILSHHS
EGLFQKAIAQSGTAISSWSVNYQPLKYTRLLAAKVGCDREDSTEAVECLRRKSSRELVDQDVQPARYHIAFGPVVDGDVV
PDDPEILMQQGEFLNYDMLIGVNQGEGLKFVEDSAESEDGVSASAFDFTVSNFVDNLYGYPEGKDVLRETIKFMYTDWAD
RDNGEMRRKTLLALFTDHQWVAPAVATAKLHADYQSPVYFYTFYHHCQAEGRPEWADAAHGDELPYVFGVPMVGATDLFP
CNFSKNDVMLSAVVMTYWTNFAKTGDPNQPVPQDTKFIHTKPNRFEEVVWSKFNSKEKQYLHIGLKPRVRDNYRANKVAF
WLELVPHLHNLHASTSHHHHHH
;
A,B,C,D,E,F
2 'polypeptide(L)'
;VDYAPAQAQIVHAGQACVVKEDNISERVYTIREGDTLMLQCLVTGHPRPQVRWTKTAGSASDKFQETSVFNETLRIERIA
RTQGGRYYCKAENGVGVPAIKSIRVDVQYLDEPMLTVHQTVSDVRGNFYQEKTVFLRCTVNSNPPARFIWKRGSDTLSHS
QDNGVDIYEPLYTQGETKVLKLKNLRPQDYASYTCQVSVRNVCGIPDKAITFRLTNTTGSASTSHHHHHH
;
G,H,I,J,K,L
#
# COMPACT_ATOMS: atom_id res chain seq x y z
N VAL A 11 29.44 -40.56 -99.41
CA VAL A 11 28.37 -41.15 -98.52
C VAL A 11 27.01 -40.50 -98.85
N ARG A 12 25.91 -41.08 -98.34
CA ARG A 12 24.58 -40.42 -98.44
C ARG A 12 23.66 -40.78 -97.22
N GLY A 13 22.60 -39.98 -97.01
CA GLY A 13 21.68 -40.00 -95.85
C GLY A 13 20.20 -39.79 -96.17
N VAL A 14 19.52 -38.85 -95.48
CA VAL A 14 18.02 -38.72 -95.49
C VAL A 14 17.41 -37.29 -95.65
N ARG A 15 16.12 -37.25 -96.01
CA ARG A 15 15.41 -36.05 -96.56
C ARG A 15 14.13 -35.71 -95.78
N ARG A 16 13.82 -34.41 -95.61
CA ARG A 16 12.65 -33.92 -94.79
C ARG A 16 12.03 -32.61 -95.34
N GLU A 17 10.88 -32.18 -94.80
CA GLU A 17 10.16 -30.96 -95.28
C GLU A 17 9.00 -30.50 -94.35
N LEU A 18 8.92 -29.20 -94.04
CA LEU A 18 7.72 -28.63 -93.36
C LEU A 18 7.65 -27.11 -93.62
N ILE A 22 5.47 -24.73 -95.13
CA ILE A 22 5.98 -23.59 -95.90
C ILE A 22 7.20 -23.60 -96.82
N LEU A 23 8.23 -24.36 -96.41
CA LEU A 23 9.63 -24.11 -96.81
C LEU A 23 10.27 -25.15 -97.73
N GLY A 24 11.44 -24.77 -98.27
CA GLY A 24 12.19 -25.60 -99.20
C GLY A 24 12.84 -26.78 -98.49
N PRO A 25 12.73 -27.99 -99.08
CA PRO A 25 13.18 -29.22 -98.41
C PRO A 25 14.70 -29.36 -98.24
N VAL A 26 15.08 -30.29 -97.35
CA VAL A 26 16.42 -30.36 -96.77
C VAL A 26 16.88 -31.80 -96.51
N VAL A 27 18.19 -32.02 -96.66
CA VAL A 27 18.84 -33.30 -96.40
C VAL A 27 19.64 -33.21 -95.10
N GLN A 28 19.51 -34.23 -94.25
CA GLN A 28 20.24 -34.36 -92.99
C GLN A 28 21.35 -35.43 -93.13
N PHE A 29 22.40 -35.31 -92.34
CA PHE A 29 23.51 -36.27 -92.31
C PHE A 29 23.83 -36.64 -90.88
N LEU A 30 23.03 -37.54 -90.33
CA LEU A 30 23.11 -37.87 -88.91
C LEU A 30 24.06 -39.03 -88.67
N GLY A 31 25.09 -38.79 -87.86
CA GLY A 31 26.05 -39.82 -87.47
C GLY A 31 27.29 -39.91 -88.33
N VAL A 32 27.78 -38.76 -88.79
CA VAL A 32 29.03 -38.68 -89.56
C VAL A 32 30.16 -38.37 -88.61
N PRO A 33 31.22 -39.21 -88.57
CA PRO A 33 32.35 -38.96 -87.68
C PRO A 33 33.35 -37.96 -88.26
N TYR A 34 34.04 -37.24 -87.36
CA TYR A 34 35.13 -36.34 -87.76
C TYR A 34 36.50 -36.73 -87.22
N ALA A 35 36.54 -37.79 -86.41
CA ALA A 35 37.79 -38.30 -85.86
C ALA A 35 37.59 -39.66 -85.22
N THR A 36 38.70 -40.39 -85.06
CA THR A 36 38.67 -41.70 -84.41
C THR A 36 38.38 -41.49 -82.92
N PRO A 37 37.43 -42.26 -82.36
CA PRO A 37 36.91 -41.88 -81.05
C PRO A 37 37.89 -42.15 -79.89
N PRO A 38 37.92 -41.25 -78.88
CA PRO A 38 38.90 -41.31 -77.82
C PRO A 38 38.56 -42.38 -76.78
N LEU A 39 39.08 -43.60 -76.99
CA LEU A 39 38.63 -44.76 -76.24
C LEU A 39 39.66 -45.33 -75.28
N GLY A 40 40.77 -45.81 -75.80
CA GLY A 40 41.81 -46.43 -74.97
C GLY A 40 42.68 -45.37 -74.33
N ALA A 41 43.97 -45.41 -74.65
CA ALA A 41 44.87 -44.33 -74.33
C ALA A 41 44.83 -43.23 -75.40
N ARG A 42 43.80 -43.24 -76.25
CA ARG A 42 43.40 -42.04 -77.00
C ARG A 42 42.51 -41.10 -76.16
N ARG A 43 42.10 -41.54 -74.96
CA ARG A 43 41.43 -40.68 -73.98
C ARG A 43 42.46 -39.72 -73.37
N PHE A 44 42.03 -38.48 -73.11
CA PHE A 44 42.95 -37.42 -72.71
C PHE A 44 44.14 -37.36 -73.66
N GLN A 45 43.82 -37.40 -74.95
CA GLN A 45 44.78 -37.25 -76.03
C GLN A 45 44.10 -36.50 -77.17
N PRO A 46 44.86 -35.62 -77.87
CA PRO A 46 44.26 -34.89 -79.00
C PRO A 46 43.59 -35.81 -80.00
N PRO A 47 42.49 -35.36 -80.62
CA PRO A 47 41.83 -36.24 -81.53
C PRO A 47 42.72 -36.42 -82.75
N GLU A 48 42.94 -37.68 -83.12
CA GLU A 48 43.53 -37.97 -84.42
C GLU A 48 42.38 -38.13 -85.40
N ALA A 49 42.69 -37.96 -86.68
CA ALA A 49 41.67 -37.70 -87.71
C ALA A 49 40.78 -38.95 -87.98
N PRO A 50 39.86 -38.90 -88.99
CA PRO A 50 38.86 -39.97 -89.04
C PRO A 50 39.41 -41.31 -89.48
N ALA A 51 39.01 -42.40 -88.81
CA ALA A 51 39.35 -43.77 -89.26
C ALA A 51 38.68 -44.03 -90.59
N SER A 52 39.40 -44.67 -91.51
CA SER A 52 39.05 -44.53 -92.96
C SER A 52 37.76 -45.31 -93.32
N TRP A 53 36.82 -44.66 -94.02
CA TRP A 53 35.41 -45.08 -94.10
C TRP A 53 35.18 -46.14 -95.25
N PRO A 54 35.05 -47.46 -94.92
CA PRO A 54 35.24 -48.58 -95.91
C PRO A 54 34.06 -48.84 -96.82
N GLY A 55 32.86 -48.50 -96.32
CA GLY A 55 31.63 -48.53 -97.00
C GLY A 55 30.77 -47.26 -96.93
N VAL A 56 29.73 -47.16 -97.79
CA VAL A 56 28.78 -46.05 -97.81
C VAL A 56 28.13 -45.92 -96.42
N ARG A 57 28.59 -44.93 -95.66
CA ARG A 57 28.29 -44.85 -94.24
C ARG A 57 26.82 -44.53 -93.98
N ASN A 58 26.20 -45.29 -93.06
CA ASN A 58 24.77 -45.16 -92.69
C ASN A 58 24.59 -43.82 -91.95
N ALA A 59 24.47 -42.75 -92.73
CA ALA A 59 24.36 -41.38 -92.19
C ALA A 59 22.90 -41.02 -92.06
N THR A 60 22.21 -41.75 -91.17
CA THR A 60 20.76 -41.76 -91.17
C THR A 60 20.08 -41.46 -89.84
N THR A 61 20.66 -41.84 -88.69
CA THR A 61 20.07 -41.55 -87.37
C THR A 61 21.04 -40.94 -86.37
N LEU A 62 20.48 -40.35 -85.32
CA LEU A 62 21.19 -39.53 -84.33
C LEU A 62 22.41 -40.21 -83.67
N PRO A 63 23.61 -39.58 -83.73
CA PRO A 63 24.76 -40.15 -83.01
C PRO A 63 24.62 -39.93 -81.51
N PRO A 64 25.09 -40.88 -80.69
CA PRO A 64 24.88 -40.74 -79.26
C PRO A 64 25.72 -39.65 -78.62
N ALA A 65 25.38 -39.37 -77.36
CA ALA A 65 25.92 -38.23 -76.62
C ALA A 65 27.22 -38.56 -75.93
N CYS A 66 27.96 -37.51 -75.54
CA CYS A 66 29.20 -37.69 -74.76
C CYS A 66 28.90 -37.85 -73.29
N PRO A 67 29.85 -38.45 -72.53
CA PRO A 67 29.70 -38.64 -71.09
C PRO A 67 29.32 -37.38 -70.27
N GLN A 68 28.08 -37.37 -69.79
CA GLN A 68 27.55 -36.33 -68.91
C GLN A 68 26.60 -36.99 -67.90
N ASN A 69 26.45 -36.37 -66.73
CA ASN A 69 25.44 -36.76 -65.74
C ASN A 69 24.51 -35.58 -65.56
N LEU A 70 23.20 -35.85 -65.66
CA LEU A 70 22.20 -34.78 -65.43
C LEU A 70 21.65 -34.78 -63.98
N HIS A 71 21.81 -35.91 -63.30
CA HIS A 71 21.02 -36.18 -62.11
C HIS A 71 21.75 -35.76 -60.82
N GLY A 72 22.12 -34.47 -60.75
CA GLY A 72 22.79 -33.94 -59.53
C GLY A 72 23.75 -32.78 -59.76
N ALA A 73 24.97 -33.10 -60.19
CA ALA A 73 26.00 -32.10 -60.55
C ALA A 73 25.49 -31.26 -61.74
N LEU A 74 24.95 -30.06 -61.42
CA LEU A 74 24.21 -29.22 -62.35
C LEU A 74 24.37 -27.71 -62.07
N PRO A 75 25.43 -27.07 -62.59
CA PRO A 75 25.58 -25.61 -62.61
C PRO A 75 24.35 -24.79 -63.12
N ALA A 76 23.33 -24.72 -62.25
CA ALA A 76 22.02 -24.11 -62.51
C ALA A 76 22.18 -22.74 -63.11
N ILE A 77 22.79 -21.86 -62.32
CA ILE A 77 22.84 -20.45 -62.65
C ILE A 77 23.32 -20.19 -64.06
N MET A 78 24.33 -20.94 -64.50
CA MET A 78 25.00 -20.66 -65.78
C MET A 78 24.43 -21.37 -67.00
N LEU A 79 23.43 -22.22 -66.81
CA LEU A 79 22.82 -22.95 -67.93
C LEU A 79 21.66 -22.16 -68.51
N PRO A 80 21.39 -22.32 -69.81
CA PRO A 80 20.17 -21.78 -70.41
C PRO A 80 18.90 -22.15 -69.65
N VAL A 81 17.85 -21.38 -69.85
CA VAL A 81 16.58 -21.60 -69.13
C VAL A 81 15.89 -22.88 -69.61
N TRP A 82 15.61 -22.99 -70.91
CA TRP A 82 14.95 -24.19 -71.47
C TRP A 82 15.55 -25.48 -70.94
N PHE A 83 16.89 -25.51 -70.80
CA PHE A 83 17.62 -26.64 -70.20
C PHE A 83 17.06 -26.99 -68.81
N THR A 84 17.11 -26.04 -67.89
CA THR A 84 16.78 -26.30 -66.48
C THR A 84 15.31 -26.05 -66.14
N ASP A 85 14.50 -25.64 -67.10
CA ASP A 85 13.04 -25.60 -66.94
C ASP A 85 12.40 -26.90 -67.42
N ASN A 86 13.00 -27.52 -68.43
CA ASN A 86 12.45 -28.70 -69.08
C ASN A 86 13.46 -29.87 -69.08
N LEU A 87 14.05 -30.16 -67.91
CA LEU A 87 15.06 -31.24 -67.73
C LEU A 87 14.60 -32.62 -68.19
N GLU A 88 13.33 -32.92 -67.91
CA GLU A 88 12.71 -34.16 -68.37
C GLU A 88 12.76 -34.26 -69.87
N ALA A 89 12.49 -33.15 -70.53
CA ALA A 89 12.60 -33.05 -72.00
C ALA A 89 14.05 -33.00 -72.48
N ALA A 90 14.93 -32.31 -71.76
CA ALA A 90 16.36 -32.26 -72.12
C ALA A 90 17.07 -33.59 -71.90
N ALA A 91 16.56 -34.38 -70.98
CA ALA A 91 17.08 -35.72 -70.71
C ALA A 91 17.00 -36.63 -71.91
N THR A 92 15.88 -36.57 -72.62
CA THR A 92 15.57 -37.52 -73.70
C THR A 92 16.67 -37.64 -74.78
N TYR A 93 17.35 -36.53 -75.05
CA TYR A 93 18.38 -36.48 -76.11
C TYR A 93 19.69 -37.15 -75.67
N VAL A 94 20.10 -36.89 -74.43
CA VAL A 94 21.39 -37.35 -73.90
C VAL A 94 21.36 -38.73 -73.24
N GLN A 95 20.29 -39.50 -73.42
CA GLN A 95 20.13 -40.80 -72.76
C GLN A 95 21.04 -41.85 -73.39
N ASN A 96 21.04 -41.94 -74.73
CA ASN A 96 22.00 -42.78 -75.46
C ASN A 96 23.38 -42.11 -75.35
N GLN A 97 24.16 -42.52 -74.35
CA GLN A 97 25.53 -42.05 -74.13
C GLN A 97 26.55 -43.13 -74.54
N SER A 98 27.73 -42.66 -74.93
CA SER A 98 28.91 -43.52 -75.14
C SER A 98 30.15 -42.63 -75.18
N GLU A 99 31.32 -43.22 -74.95
CA GLU A 99 32.56 -42.47 -75.06
C GLU A 99 32.87 -42.14 -76.51
N ASP A 100 32.52 -43.08 -77.41
CA ASP A 100 32.54 -42.84 -78.86
C ASP A 100 31.39 -41.92 -79.22
N CYS A 101 31.67 -40.61 -79.16
CA CYS A 101 30.68 -39.56 -79.45
C CYS A 101 31.14 -38.48 -80.46
N LEU A 102 32.34 -38.63 -81.02
CA LEU A 102 32.88 -37.66 -81.96
C LEU A 102 32.25 -37.84 -83.33
N TYR A 103 31.01 -37.37 -83.42
CA TYR A 103 30.22 -37.35 -84.63
C TYR A 103 29.55 -35.99 -84.74
N LEU A 104 29.60 -35.39 -85.94
CA LEU A 104 28.84 -34.17 -86.24
C LEU A 104 27.59 -34.51 -87.03
N ASN A 105 26.71 -33.53 -87.15
CA ASN A 105 25.54 -33.63 -88.02
C ASN A 105 25.65 -32.51 -89.03
N LEU A 106 24.91 -32.63 -90.13
CA LEU A 106 24.72 -31.55 -91.10
C LEU A 106 23.26 -31.39 -91.47
N TYR A 107 22.93 -30.23 -92.00
CA TYR A 107 21.61 -29.95 -92.53
C TYR A 107 21.82 -29.10 -93.78
N VAL A 108 21.57 -29.66 -94.97
CA VAL A 108 21.79 -28.95 -96.24
C VAL A 108 20.51 -29.02 -97.07
N PRO A 109 20.07 -27.89 -97.66
CA PRO A 109 18.79 -27.84 -98.37
C PRO A 109 18.85 -28.10 -99.89
N THR A 110 17.70 -28.47 -100.47
CA THR A 110 17.56 -28.60 -101.92
C THR A 110 17.53 -27.22 -102.54
N GLU A 111 16.57 -26.41 -102.10
CA GLU A 111 16.23 -25.12 -102.73
C GLU A 111 16.11 -24.00 -101.69
N ASP A 112 16.21 -22.75 -102.15
CA ASP A 112 16.19 -21.56 -101.24
C ASP A 112 14.81 -21.37 -100.56
N GLY A 113 14.82 -21.22 -99.23
CA GLY A 113 13.58 -21.26 -98.42
C GLY A 113 12.86 -19.90 -98.27
N PRO A 114 11.49 -19.88 -98.04
CA PRO A 114 10.59 -18.70 -97.92
C PRO A 114 10.66 -17.92 -96.55
N SER A 134 23.51 -21.96 -108.36
CA SER A 134 23.94 -23.10 -107.55
C SER A 134 25.28 -22.86 -106.79
N GLY A 135 25.63 -21.58 -106.58
CA GLY A 135 26.90 -21.17 -105.91
C GLY A 135 27.09 -21.80 -104.56
N LYS A 136 28.33 -22.20 -104.29
CA LYS A 136 28.75 -22.87 -103.04
C LYS A 136 28.25 -22.21 -101.73
N LYS A 137 27.29 -22.86 -101.06
CA LYS A 137 26.62 -22.30 -99.88
C LYS A 137 27.54 -22.28 -98.62
N PRO A 138 27.44 -21.21 -97.80
CA PRO A 138 28.25 -21.14 -96.56
C PRO A 138 27.93 -22.13 -95.45
N VAL A 139 28.80 -22.15 -94.44
CA VAL A 139 28.80 -23.15 -93.40
C VAL A 139 28.70 -22.54 -92.03
N MET A 140 27.63 -22.87 -91.31
CA MET A 140 27.41 -22.41 -89.95
C MET A 140 27.51 -23.58 -88.97
N LEU A 141 28.67 -23.69 -88.31
CA LEU A 141 28.91 -24.76 -87.33
C LEU A 141 28.48 -24.32 -85.94
N PHE A 142 27.77 -25.20 -85.23
CA PHE A 142 27.24 -24.87 -83.93
C PHE A 142 28.00 -25.55 -82.81
N LEU A 143 28.63 -24.72 -81.98
CA LEU A 143 29.10 -25.12 -80.67
C LEU A 143 27.92 -24.88 -79.75
N HIS A 144 27.90 -25.46 -78.56
CA HIS A 144 26.63 -25.69 -77.89
C HIS A 144 26.66 -25.87 -76.38
N GLY A 145 25.53 -26.32 -75.85
CA GLY A 145 25.43 -26.84 -74.52
C GLY A 145 25.03 -25.67 -73.69
N GLY A 146 25.89 -25.34 -72.72
CA GLY A 146 25.60 -24.28 -71.76
C GLY A 146 26.62 -24.17 -70.64
N SER A 147 26.92 -25.31 -70.01
CA SER A 147 28.14 -25.48 -69.24
C SER A 147 29.08 -26.26 -70.12
N TYR A 148 30.32 -26.38 -69.66
CA TYR A 148 31.29 -27.23 -70.33
C TYR A 148 30.97 -28.72 -70.16
N MET A 149 30.03 -29.03 -69.27
CA MET A 149 29.74 -30.38 -68.87
C MET A 149 28.38 -30.91 -69.37
N GLU A 150 27.59 -30.08 -70.08
CA GLU A 150 26.20 -30.41 -70.42
C GLU A 150 25.76 -29.98 -71.80
N GLY A 151 25.21 -30.95 -72.56
CA GLY A 151 24.59 -30.74 -73.88
C GLY A 151 25.03 -31.68 -75.01
N THR A 152 24.30 -31.60 -76.11
CA THR A 152 24.73 -32.16 -77.41
C THR A 152 24.16 -31.31 -78.54
N GLY A 153 24.83 -31.31 -79.69
CA GLY A 153 24.33 -30.62 -80.89
C GLY A 153 23.04 -31.19 -81.44
N ASN A 154 22.75 -32.41 -81.02
CA ASN A 154 21.50 -33.08 -81.37
C ASN A 154 20.28 -32.31 -80.84
N MET A 155 20.34 -31.84 -79.61
CA MET A 155 19.25 -31.00 -79.06
C MET A 155 18.81 -29.89 -80.01
N PHE A 156 19.75 -29.37 -80.80
CA PHE A 156 19.52 -28.25 -81.72
C PHE A 156 19.28 -28.78 -83.12
N ASP A 157 18.02 -28.84 -83.54
CA ASP A 157 17.69 -29.26 -84.91
C ASP A 157 17.81 -28.03 -85.81
N GLY A 158 19.02 -27.82 -86.30
CA GLY A 158 19.31 -26.69 -87.18
C GLY A 158 18.97 -27.05 -88.61
N SER A 159 17.70 -27.37 -88.82
CA SER A 159 17.19 -27.75 -90.12
C SER A 159 16.44 -26.56 -90.73
N VAL A 160 15.55 -25.94 -89.95
CA VAL A 160 14.78 -24.79 -90.42
C VAL A 160 15.72 -23.74 -90.93
N LEU A 161 16.69 -23.42 -90.06
CA LEU A 161 17.68 -22.41 -90.36
C LEU A 161 18.28 -22.68 -91.72
N ALA A 162 18.79 -23.88 -91.92
CA ALA A 162 19.41 -24.22 -93.20
C ALA A 162 18.49 -23.90 -94.38
N ALA A 163 17.23 -24.33 -94.29
CA ALA A 163 16.25 -24.14 -95.37
C ALA A 163 15.95 -22.68 -95.62
N TYR A 164 15.52 -21.98 -94.57
CA TYR A 164 15.17 -20.55 -94.65
C TYR A 164 16.36 -19.66 -95.00
N GLY A 165 17.53 -20.01 -94.47
CA GLY A 165 18.75 -19.25 -94.72
C GLY A 165 19.43 -19.59 -96.03
N ASN A 166 19.27 -20.84 -96.46
CA ASN A 166 19.97 -21.38 -97.63
C ASN A 166 21.48 -21.47 -97.39
N VAL A 167 21.85 -22.03 -96.24
CA VAL A 167 23.24 -22.29 -95.90
C VAL A 167 23.33 -23.60 -95.15
N ILE A 168 24.56 -24.09 -94.99
CA ILE A 168 24.80 -25.38 -94.37
C ILE A 168 25.02 -25.20 -92.87
N VAL A 169 24.13 -25.80 -92.08
CA VAL A 169 24.16 -25.72 -90.62
C VAL A 169 24.71 -27.02 -90.07
N ALA A 170 25.73 -26.92 -89.24
CA ALA A 170 26.40 -28.07 -88.66
C ALA A 170 26.25 -28.05 -87.15
N THR A 171 25.78 -29.15 -86.57
CA THR A 171 25.63 -29.31 -85.11
C THR A 171 26.43 -30.54 -84.69
N LEU A 172 27.36 -30.37 -83.74
CA LEU A 172 28.31 -31.45 -83.37
C LEU A 172 28.20 -31.98 -81.93
N ASN A 173 29.12 -32.86 -81.56
CA ASN A 173 29.37 -33.17 -80.17
C ASN A 173 30.88 -33.13 -79.93
N TYR A 174 31.28 -32.40 -78.88
CA TYR A 174 32.67 -32.37 -78.41
C TYR A 174 32.70 -33.07 -77.09
N ARG A 175 33.89 -33.44 -76.63
CA ARG A 175 34.07 -34.12 -75.34
C ARG A 175 33.70 -33.21 -74.18
N LEU A 176 32.91 -33.75 -73.24
CA LEU A 176 32.35 -32.96 -72.13
C LEU A 176 32.89 -33.36 -70.77
N GLY A 177 32.67 -32.46 -69.82
CA GLY A 177 32.91 -32.75 -68.42
C GLY A 177 34.37 -33.05 -68.24
N VAL A 178 34.63 -34.14 -67.55
CA VAL A 178 35.98 -34.54 -67.28
C VAL A 178 36.71 -34.82 -68.58
N LEU A 179 36.11 -35.65 -69.44
CA LEU A 179 36.71 -36.06 -70.72
C LEU A 179 37.14 -34.90 -71.60
N GLY A 180 36.45 -33.77 -71.47
CA GLY A 180 36.74 -32.58 -72.26
C GLY A 180 37.98 -31.79 -71.86
N PHE A 181 38.21 -31.63 -70.55
CA PHE A 181 39.20 -30.64 -70.05
C PHE A 181 39.99 -30.96 -68.78
N LEU A 182 40.02 -32.22 -68.36
CA LEU A 182 40.83 -32.59 -67.20
C LEU A 182 42.27 -32.24 -67.51
N SER A 183 42.94 -31.68 -66.51
CA SER A 183 44.31 -31.27 -66.68
C SER A 183 45.11 -31.34 -65.41
N THR A 184 46.39 -31.58 -65.60
CA THR A 184 47.41 -31.48 -64.56
C THR A 184 48.18 -30.15 -64.68
N GLY A 185 48.17 -29.54 -65.87
CA GLY A 185 49.07 -28.44 -66.19
C GLY A 185 50.45 -28.91 -66.57
N ASP A 186 50.57 -30.20 -66.93
CA ASP A 186 51.83 -30.85 -67.36
C ASP A 186 51.74 -31.30 -68.82
N GLN A 187 52.84 -31.88 -69.33
CA GLN A 187 52.80 -32.57 -70.63
C GLN A 187 51.94 -33.82 -70.53
N ALA A 188 51.84 -34.39 -69.33
CA ALA A 188 51.01 -35.56 -69.02
C ALA A 188 49.52 -35.44 -69.39
N ALA A 189 48.91 -34.29 -69.12
CA ALA A 189 47.49 -34.06 -69.40
C ALA A 189 47.19 -32.59 -69.71
N LYS A 190 47.56 -32.17 -70.91
CA LYS A 190 47.53 -30.74 -71.31
C LYS A 190 46.16 -30.08 -71.19
N GLY A 191 45.10 -30.87 -71.34
CA GLY A 191 43.74 -30.34 -71.31
C GLY A 191 43.38 -29.69 -72.64
N ASN A 192 42.23 -29.01 -72.64
CA ASN A 192 41.63 -28.40 -73.84
C ASN A 192 41.34 -29.43 -74.94
N TYR A 193 40.87 -30.61 -74.53
CA TYR A 193 40.60 -31.68 -75.46
C TYR A 193 39.31 -31.37 -76.20
N GLY A 194 38.29 -30.97 -75.47
CA GLY A 194 37.01 -30.60 -76.05
C GLY A 194 37.10 -29.58 -77.17
N LEU A 195 37.96 -28.59 -77.00
CA LEU A 195 38.21 -27.60 -78.06
C LEU A 195 38.83 -28.29 -79.25
N LEU A 196 39.90 -29.04 -79.02
CA LEU A 196 40.56 -29.74 -80.10
C LEU A 196 39.60 -30.64 -80.90
N ASP A 197 38.58 -31.18 -80.23
CA ASP A 197 37.50 -31.90 -80.92
C ASP A 197 36.71 -30.96 -81.82
N GLN A 198 36.37 -29.78 -81.31
CA GLN A 198 35.71 -28.76 -82.13
C GLN A 198 36.63 -28.33 -83.27
N ILE A 199 37.90 -28.09 -82.97
CA ILE A 199 38.86 -27.68 -83.99
C ILE A 199 38.93 -28.74 -85.11
N GLN A 200 39.07 -30.02 -84.75
CA GLN A 200 39.14 -31.08 -85.76
C GLN A 200 37.85 -31.12 -86.59
N ALA A 201 36.71 -31.22 -85.94
CA ALA A 201 35.39 -31.17 -86.63
C ALA A 201 35.31 -30.02 -87.63
N LEU A 202 35.89 -28.89 -87.27
CA LEU A 202 36.00 -27.71 -88.13
C LEU A 202 36.92 -27.99 -89.31
N ARG A 203 38.08 -28.58 -89.00
CA ARG A 203 39.05 -29.03 -90.01
C ARG A 203 38.44 -30.04 -90.99
N TRP A 204 37.48 -30.84 -90.52
CA TRP A 204 36.73 -31.77 -91.38
C TRP A 204 35.96 -30.98 -92.43
N LEU A 205 35.28 -29.93 -91.98
CA LEU A 205 34.50 -29.11 -92.87
C LEU A 205 35.43 -28.42 -93.88
N SER A 206 36.37 -27.61 -93.39
CA SER A 206 37.34 -26.83 -94.21
C SER A 206 37.46 -27.29 -95.69
N GLU A 207 38.28 -29.80 -94.58
CA GLU A 207 38.75 -30.25 -95.89
C GLU A 207 37.57 -30.59 -96.80
N ASN A 208 36.50 -31.14 -96.23
CA ASN A 208 35.45 -31.84 -96.98
C ASN A 208 34.32 -30.98 -97.51
N ILE A 209 33.67 -30.25 -96.63
CA ILE A 209 32.31 -29.70 -96.84
C ILE A 209 31.93 -29.31 -98.27
N ALA A 210 32.91 -28.82 -99.02
CA ALA A 210 32.80 -28.63 -100.46
C ALA A 210 31.89 -29.66 -101.15
N HIS A 211 32.01 -30.94 -100.81
CA HIS A 211 31.15 -32.02 -101.35
C HIS A 211 29.83 -32.19 -100.56
N PHE A 212 29.17 -31.08 -100.22
CA PHE A 212 27.74 -31.07 -99.92
C PHE A 212 27.05 -29.82 -100.53
N GLY A 213 27.70 -29.19 -101.50
CA GLY A 213 27.35 -27.84 -101.92
C GLY A 213 27.79 -26.79 -100.90
N GLY A 214 28.87 -27.06 -100.17
CA GLY A 214 29.39 -26.18 -99.11
C GLY A 214 30.52 -25.28 -99.59
N ASP A 215 30.90 -24.30 -98.76
CA ASP A 215 31.98 -23.37 -99.11
C ASP A 215 33.05 -23.33 -98.02
N PRO A 216 34.31 -23.64 -98.39
CA PRO A 216 35.37 -23.70 -97.38
C PRO A 216 35.95 -22.34 -96.98
N GLU A 217 35.64 -21.28 -97.73
CA GLU A 217 36.13 -19.92 -97.44
C GLU A 217 35.05 -18.98 -96.86
N ARG A 218 33.94 -19.54 -96.39
CA ARG A 218 32.90 -18.79 -95.69
C ARG A 218 32.29 -19.68 -94.59
N ILE A 219 33.15 -20.22 -93.76
CA ILE A 219 32.73 -21.07 -92.66
C ILE A 219 32.52 -20.18 -91.46
N THR A 220 31.51 -20.49 -90.67
CA THR A 220 31.03 -19.59 -89.64
C THR A 220 30.65 -20.32 -88.37
N ILE A 221 31.44 -20.16 -87.32
CA ILE A 221 31.12 -20.79 -86.06
C ILE A 221 30.16 -19.91 -85.28
N PHE A 222 29.25 -20.52 -84.52
CA PHE A 222 28.32 -19.77 -83.68
C PHE A 222 27.91 -20.54 -82.43
N GLY A 223 27.76 -19.82 -81.31
CA GLY A 223 27.63 -20.45 -79.98
C GLY A 223 26.61 -19.86 -79.03
N SER A 224 26.50 -20.47 -77.84
CA SER A 224 25.63 -20.01 -76.75
C SER A 224 26.05 -20.54 -75.36
N GLY A 225 26.47 -19.61 -74.49
CA GLY A 225 26.67 -19.86 -73.05
C GLY A 225 28.09 -20.26 -72.69
N ALA A 226 28.42 -21.49 -73.08
CA ALA A 226 29.78 -22.00 -73.07
C ALA A 226 30.26 -22.00 -74.49
N GLY A 227 29.44 -22.51 -75.41
CA GLY A 227 29.77 -22.47 -76.83
C GLY A 227 30.30 -21.11 -77.20
N ALA A 228 29.60 -20.08 -76.76
CA ALA A 228 30.05 -18.70 -76.90
C ALA A 228 31.49 -18.53 -76.42
N SER A 229 31.70 -18.93 -75.17
CA SER A 229 33.03 -18.91 -74.59
C SER A 229 33.99 -19.62 -75.56
N CYS A 230 33.63 -20.85 -75.96
CA CYS A 230 34.45 -21.63 -76.89
C CYS A 230 34.74 -20.88 -78.18
N VAL A 231 33.71 -20.27 -78.75
CA VAL A 231 33.85 -19.51 -79.98
C VAL A 231 35.00 -18.55 -79.79
N ASN A 232 34.90 -17.73 -78.74
CA ASN A 232 35.91 -16.71 -78.41
C ASN A 232 37.30 -17.28 -78.17
N LEU A 233 37.39 -18.50 -77.62
CA LEU A 233 38.68 -19.15 -77.34
C LEU A 233 39.37 -19.66 -78.61
N LEU A 234 38.60 -20.23 -79.52
CA LEU A 234 39.14 -20.68 -80.80
C LEU A 234 39.75 -19.52 -81.53
N ILE A 235 39.02 -18.42 -81.57
CA ILE A 235 39.49 -17.15 -82.17
C ILE A 235 40.90 -16.79 -81.76
N LEU A 236 41.17 -16.88 -80.46
CA LEU A 236 42.44 -16.44 -79.92
C LEU A 236 43.57 -17.41 -80.24
N SER A 237 43.19 -18.67 -80.52
CA SER A 237 44.15 -19.72 -80.89
C SER A 237 44.79 -19.58 -82.27
N HIS A 238 45.86 -20.34 -82.44
CA HIS A 238 46.55 -20.52 -83.70
C HIS A 238 45.95 -21.68 -84.45
N HIS A 239 45.50 -22.69 -83.70
CA HIS A 239 45.04 -23.95 -84.29
C HIS A 239 43.77 -23.85 -85.14
N SER A 240 43.10 -22.70 -85.11
CA SER A 240 41.97 -22.42 -85.99
C SER A 240 42.39 -21.48 -87.14
N GLU A 241 43.48 -21.80 -87.84
CA GLU A 241 44.00 -20.90 -88.89
C GLU A 241 43.07 -20.77 -90.12
N GLY A 242 43.12 -21.73 -91.04
CA GLY A 242 42.38 -21.64 -92.33
C GLY A 242 41.01 -22.28 -92.30
N LEU A 243 40.41 -22.33 -91.11
CA LEU A 243 39.24 -23.15 -90.85
C LEU A 243 37.96 -22.36 -90.85
N PHE A 244 38.00 -21.12 -90.36
CA PHE A 244 36.82 -20.26 -90.41
C PHE A 244 37.15 -18.77 -90.52
N GLN A 245 36.14 -18.00 -90.93
CA GLN A 245 36.25 -16.55 -91.14
C GLN A 245 35.33 -15.73 -90.24
N LYS A 246 34.19 -16.31 -89.81
CA LYS A 246 33.12 -15.59 -89.16
C LYS A 246 32.73 -16.27 -87.84
N ALA A 247 32.38 -15.47 -86.84
CA ALA A 247 32.18 -15.94 -85.47
C ALA A 247 31.01 -15.26 -84.78
N ILE A 248 30.17 -16.03 -84.10
CA ILE A 248 29.00 -15.47 -83.44
C ILE A 248 28.89 -15.94 -82.01
N ALA A 249 29.10 -15.02 -81.09
CA ALA A 249 29.07 -15.33 -79.66
C ALA A 249 27.75 -14.90 -78.99
N GLN A 250 26.72 -15.73 -79.13
CA GLN A 250 25.41 -15.42 -78.54
C GLN A 250 25.45 -15.51 -77.00
N SER A 251 25.62 -14.35 -76.36
CA SER A 251 25.52 -14.22 -74.89
C SER A 251 26.63 -14.99 -74.18
N GLY A 252 27.82 -14.39 -74.13
CA GLY A 252 28.94 -15.00 -73.42
C GLY A 252 30.25 -14.79 -74.15
N THR A 253 31.34 -15.05 -73.41
CA THR A 253 32.69 -14.81 -73.91
C THR A 253 33.77 -15.40 -73.01
N ALA A 254 35.03 -15.24 -73.44
CA ALA A 254 36.19 -15.96 -72.91
C ALA A 254 36.83 -15.39 -71.65
N ILE A 255 36.53 -14.14 -71.32
CA ILE A 255 37.15 -13.48 -70.17
C ILE A 255 36.30 -13.53 -68.91
N SER A 256 35.08 -14.07 -69.01
CA SER A 256 34.20 -14.24 -67.84
C SER A 256 34.80 -15.20 -66.81
N SER A 257 34.19 -15.17 -65.62
CA SER A 257 34.64 -15.99 -64.51
C SER A 257 34.67 -17.50 -64.78
N TRP A 258 33.70 -17.95 -65.58
CA TRP A 258 33.40 -19.37 -65.79
C TRP A 258 33.56 -19.84 -67.24
N SER A 259 34.44 -19.16 -67.95
CA SER A 259 34.78 -19.54 -69.31
C SER A 259 36.10 -20.33 -69.35
N VAL A 260 36.91 -20.13 -68.31
CA VAL A 260 38.28 -20.56 -68.30
C VAL A 260 38.61 -20.92 -66.87
N ASN A 261 39.26 -22.07 -66.68
CA ASN A 261 39.67 -22.54 -65.37
C ASN A 261 41.17 -22.33 -65.20
N TYR A 262 41.53 -21.43 -64.30
CA TYR A 262 42.92 -21.09 -64.01
C TYR A 262 43.51 -21.86 -62.76
N GLN A 263 42.92 -23.01 -62.39
CA GLN A 263 43.41 -23.85 -61.26
C GLN A 263 43.15 -25.35 -61.56
N PRO A 264 43.69 -25.87 -62.67
CA PRO A 264 43.30 -27.21 -63.15
C PRO A 264 43.62 -28.35 -62.20
N LEU A 265 44.79 -28.29 -61.54
CA LEU A 265 45.27 -29.37 -60.70
C LEU A 265 44.29 -29.62 -59.56
N LYS A 266 44.04 -28.57 -58.76
CA LYS A 266 43.22 -28.62 -57.53
C LYS A 266 41.93 -29.45 -57.66
N TYR A 267 41.24 -29.33 -58.80
CA TYR A 267 39.98 -30.02 -59.03
C TYR A 267 40.16 -31.43 -59.59
N THR A 268 41.15 -31.60 -60.46
CA THR A 268 41.57 -32.94 -60.93
C THR A 268 42.00 -33.80 -59.75
N ARG A 269 42.69 -33.20 -58.78
CA ARG A 269 43.05 -33.87 -57.51
C ARG A 269 41.83 -34.44 -56.82
N LEU A 270 40.80 -33.60 -56.66
CA LEU A 270 39.53 -34.02 -56.04
C LEU A 270 38.86 -35.14 -56.85
N LEU A 271 38.96 -35.10 -58.18
CA LEU A 271 38.45 -36.18 -59.01
C LEU A 271 39.26 -37.45 -58.84
N ALA A 272 40.57 -37.34 -59.00
CA ALA A 272 41.50 -38.45 -58.78
C ALA A 272 41.33 -39.06 -57.39
N ALA A 273 41.01 -38.22 -56.41
CA ALA A 273 40.76 -38.66 -55.02
C ALA A 273 39.52 -39.54 -54.86
N LYS A 274 38.44 -39.21 -55.55
CA LYS A 274 37.19 -40.01 -55.47
C LYS A 274 37.23 -41.33 -56.27
N VAL A 275 38.28 -41.55 -57.06
CA VAL A 275 38.51 -42.85 -57.72
C VAL A 275 39.89 -43.49 -57.40
N GLY A 276 40.54 -43.03 -56.33
CA GLY A 276 41.83 -43.58 -55.89
C GLY A 276 43.00 -43.47 -56.86
N CYS A 277 42.98 -42.47 -57.72
CA CYS A 277 44.02 -42.26 -58.74
C CYS A 277 45.02 -41.13 -58.39
N ASP A 278 44.81 -40.42 -57.29
CA ASP A 278 45.65 -39.24 -57.00
C ASP A 278 47.01 -39.67 -56.47
N ARG A 279 47.94 -39.90 -57.39
CA ARG A 279 49.32 -40.21 -57.06
C ARG A 279 50.09 -38.90 -57.02
N GLU A 280 51.26 -38.92 -56.38
CA GLU A 280 52.09 -37.72 -56.22
C GLU A 280 52.67 -37.27 -57.56
N ASP A 281 53.05 -38.24 -58.39
CA ASP A 281 53.48 -37.97 -59.76
C ASP A 281 52.30 -37.51 -60.63
N SER A 282 52.62 -36.75 -61.67
CA SER A 282 51.65 -36.38 -62.69
C SER A 282 51.32 -37.58 -63.61
N THR A 283 52.30 -38.01 -64.41
CA THR A 283 52.07 -38.93 -65.54
C THR A 283 51.38 -40.25 -65.16
N GLU A 284 51.72 -40.77 -63.98
CA GLU A 284 51.17 -42.03 -63.50
C GLU A 284 49.71 -41.87 -63.08
N ALA A 285 49.39 -40.75 -62.44
CA ALA A 285 48.00 -40.44 -62.05
C ALA A 285 47.07 -40.26 -63.24
N VAL A 286 47.62 -39.80 -64.36
CA VAL A 286 46.86 -39.65 -65.60
C VAL A 286 46.57 -41.05 -66.14
N GLU A 287 47.62 -41.83 -66.35
CA GLU A 287 47.48 -43.21 -66.87
C GLU A 287 46.58 -44.09 -65.98
N CYS A 288 46.44 -43.75 -64.69
CA CYS A 288 45.42 -44.37 -63.85
C CYS A 288 44.05 -44.12 -64.41
N LEU A 289 43.69 -42.85 -64.53
CA LEU A 289 42.33 -42.49 -64.92
C LEU A 289 41.85 -43.20 -66.18
N ARG A 290 42.76 -43.42 -67.12
CA ARG A 290 42.45 -44.16 -68.36
C ARG A 290 41.60 -45.39 -68.08
N ARG A 291 42.05 -46.22 -67.15
CA ARG A 291 41.46 -47.54 -66.89
C ARG A 291 40.07 -47.53 -66.20
N LYS A 292 39.74 -46.47 -65.46
CA LYS A 292 38.38 -46.37 -64.87
C LYS A 292 37.39 -46.13 -65.99
N SER A 293 36.24 -46.80 -65.92
CA SER A 293 35.27 -46.76 -67.02
C SER A 293 34.61 -45.39 -67.12
N SER A 294 34.40 -44.93 -68.35
CA SER A 294 33.90 -43.58 -68.66
C SER A 294 32.60 -43.26 -67.94
N ARG A 295 31.66 -44.20 -68.00
CA ARG A 295 30.44 -44.19 -67.18
C ARG A 295 30.77 -43.73 -65.75
N GLU A 296 31.74 -44.40 -65.13
CA GLU A 296 32.15 -44.16 -63.72
C GLU A 296 32.82 -42.81 -63.48
N LEU A 297 33.50 -42.29 -64.50
CA LEU A 297 34.37 -41.13 -64.34
C LEU A 297 33.59 -39.83 -64.25
N VAL A 298 32.74 -39.55 -65.24
CA VAL A 298 32.01 -38.27 -65.31
C VAL A 298 30.96 -38.06 -64.22
N ASP A 299 30.16 -39.09 -63.95
CA ASP A 299 28.99 -38.96 -63.04
C ASP A 299 29.41 -39.00 -61.56
N GLN A 300 30.47 -38.28 -61.25
CA GLN A 300 31.21 -38.43 -60.01
C GLN A 300 30.87 -37.34 -59.00
N ASP A 301 30.55 -36.12 -59.49
CA ASP A 301 30.30 -34.92 -58.66
C ASP A 301 31.57 -34.32 -58.03
N VAL A 302 32.04 -33.23 -58.65
CA VAL A 302 32.89 -32.26 -57.96
C VAL A 302 32.23 -30.93 -58.22
N GLN A 303 31.83 -30.22 -57.15
CA GLN A 303 31.44 -28.79 -57.29
C GLN A 303 32.73 -27.95 -57.33
N PRO A 304 32.74 -26.89 -58.18
CA PRO A 304 33.86 -25.94 -58.25
C PRO A 304 33.67 -24.86 -57.20
N ALA A 305 34.32 -23.70 -57.37
CA ALA A 305 33.98 -22.50 -56.60
C ALA A 305 32.70 -21.81 -57.12
N ARG A 306 32.23 -20.84 -56.33
CA ARG A 306 31.10 -20.03 -56.70
C ARG A 306 31.54 -19.22 -57.92
N TYR A 307 30.71 -19.25 -58.98
CA TYR A 307 30.96 -18.46 -60.22
C TYR A 307 32.30 -18.84 -60.86
N HIS A 308 32.61 -20.13 -60.82
CA HIS A 308 33.80 -20.63 -61.47
C HIS A 308 33.43 -21.95 -62.09
N ILE A 309 34.42 -22.60 -62.67
CA ILE A 309 34.27 -23.93 -63.19
C ILE A 309 35.53 -24.74 -62.92
N ALA A 310 35.34 -26.04 -62.65
CA ALA A 310 36.41 -26.99 -62.32
C ALA A 310 37.00 -27.68 -63.54
N PHE A 311 36.11 -28.07 -64.45
CA PHE A 311 36.57 -28.69 -65.66
C PHE A 311 36.20 -27.83 -66.83
N GLY A 312 37.23 -27.24 -67.41
CA GLY A 312 37.06 -26.42 -68.58
C GLY A 312 38.41 -26.08 -69.19
N PRO A 313 38.40 -25.29 -70.28
CA PRO A 313 39.62 -24.91 -70.97
C PRO A 313 40.62 -24.25 -70.05
N VAL A 314 41.89 -24.37 -70.40
CA VAL A 314 42.96 -23.90 -69.56
C VAL A 314 44.00 -23.24 -70.44
N VAL A 315 44.79 -22.36 -69.84
CA VAL A 315 45.96 -21.82 -70.51
C VAL A 315 47.02 -22.93 -70.57
N ASP A 316 47.05 -23.64 -71.70
CA ASP A 316 48.04 -24.70 -71.94
C ASP A 316 49.39 -24.17 -72.48
N GLY A 317 49.32 -23.23 -73.42
CA GLY A 317 50.46 -22.77 -74.20
C GLY A 317 50.55 -23.49 -75.54
N ASP A 318 49.40 -23.61 -76.24
CA ASP A 318 49.31 -24.25 -77.58
C ASP A 318 48.00 -23.82 -78.28
N VAL A 319 46.86 -24.30 -77.77
CA VAL A 319 45.52 -23.87 -78.21
C VAL A 319 44.96 -22.68 -77.43
N VAL A 320 45.59 -22.33 -76.31
CA VAL A 320 45.28 -21.12 -75.56
C VAL A 320 46.61 -20.50 -75.10
N PRO A 321 47.36 -19.86 -76.03
CA PRO A 321 48.74 -19.38 -75.81
C PRO A 321 49.01 -18.62 -74.51
N ASP A 322 48.04 -17.81 -74.08
CA ASP A 322 48.14 -17.02 -72.85
C ASP A 322 46.72 -16.73 -72.32
N ASP A 323 46.63 -16.28 -71.07
CA ASP A 323 45.39 -15.77 -70.49
C ASP A 323 44.56 -15.04 -71.56
N PRO A 324 43.32 -15.52 -71.84
CA PRO A 324 42.50 -14.90 -72.86
C PRO A 324 42.47 -13.37 -72.81
N GLU A 325 42.19 -12.79 -71.64
CA GLU A 325 42.10 -11.33 -71.51
C GLU A 325 43.38 -10.69 -72.01
N ILE A 326 44.52 -11.15 -71.50
CA ILE A 326 45.82 -10.62 -71.93
C ILE A 326 46.01 -10.80 -73.44
N LEU A 327 45.62 -11.95 -74.01
CA LEU A 327 45.71 -12.15 -75.46
C LEU A 327 44.88 -11.12 -76.18
N MET A 328 43.63 -10.98 -75.76
CA MET A 328 42.74 -10.02 -76.38
C MET A 328 43.29 -8.58 -76.29
N GLN A 329 43.91 -8.22 -75.17
CA GLN A 329 44.45 -6.86 -75.01
C GLN A 329 45.57 -6.56 -75.98
N GLN A 330 46.56 -7.44 -76.03
CA GLN A 330 47.77 -7.20 -76.81
C GLN A 330 47.57 -7.43 -78.33
N GLY A 331 46.42 -7.96 -78.75
CA GLY A 331 46.15 -8.19 -80.17
C GLY A 331 46.83 -9.42 -80.72
N GLU A 332 46.73 -10.54 -79.98
CA GLU A 332 47.46 -11.79 -80.30
C GLU A 332 46.51 -12.83 -80.90
N PHE A 333 45.92 -12.43 -82.03
CA PHE A 333 44.93 -13.20 -82.76
C PHE A 333 44.83 -12.58 -84.18
N LEU A 334 43.90 -13.09 -85.00
CA LEU A 334 43.59 -12.45 -86.29
C LEU A 334 42.11 -12.15 -86.50
N ASN A 335 41.85 -11.36 -87.54
CA ASN A 335 40.65 -10.54 -87.64
C ASN A 335 39.43 -11.33 -88.07
N TYR A 336 38.69 -11.88 -87.12
CA TYR A 336 37.51 -12.64 -87.45
C TYR A 336 36.30 -11.75 -87.36
N ASP A 337 35.39 -11.87 -88.33
CA ASP A 337 34.17 -11.08 -88.38
C ASP A 337 33.34 -11.54 -87.23
N MET A 338 33.16 -10.67 -86.24
CA MET A 338 32.50 -11.06 -84.99
C MET A 338 31.07 -10.56 -84.96
N LEU A 339 30.26 -11.23 -84.17
CA LEU A 339 28.90 -10.82 -83.93
C LEU A 339 28.55 -11.25 -82.52
N ILE A 340 28.74 -10.36 -81.55
CA ILE A 340 28.45 -10.65 -80.16
C ILE A 340 27.17 -9.98 -79.79
N GLY A 341 26.43 -10.62 -78.89
CA GLY A 341 25.36 -9.93 -78.22
C GLY A 341 24.99 -10.55 -76.90
N VAL A 342 23.87 -10.07 -76.37
CA VAL A 342 23.56 -10.17 -74.97
C VAL A 342 22.07 -9.89 -74.76
N ASN A 343 21.49 -10.49 -73.73
CA ASN A 343 20.06 -10.41 -73.49
C ASN A 343 19.78 -9.57 -72.29
N GLN A 344 18.60 -8.98 -72.23
CA GLN A 344 18.23 -8.00 -71.22
C GLN A 344 18.67 -8.36 -69.82
N GLY A 345 18.17 -9.51 -69.38
CA GLY A 345 18.29 -9.97 -67.98
C GLY A 345 18.74 -11.41 -67.93
N GLU A 346 19.99 -11.61 -68.34
CA GLU A 346 20.57 -12.93 -68.57
C GLU A 346 20.40 -13.88 -67.40
N GLY A 347 21.07 -13.58 -66.28
CA GLY A 347 21.17 -14.55 -65.19
C GLY A 347 19.97 -14.47 -64.30
N LEU A 348 18.78 -14.47 -64.89
CA LEU A 348 17.55 -14.48 -64.12
C LEU A 348 17.65 -15.43 -62.96
N LYS A 349 18.19 -16.61 -63.25
CA LYS A 349 18.45 -17.64 -62.23
C LYS A 349 19.11 -17.10 -60.97
N PHE A 350 20.10 -16.24 -61.12
CA PHE A 350 20.76 -15.61 -59.97
C PHE A 350 19.78 -15.13 -58.91
N VAL A 351 18.67 -14.54 -59.34
CA VAL A 351 17.62 -14.10 -58.42
C VAL A 351 16.45 -15.08 -58.23
N GLU A 352 16.49 -16.21 -58.95
CA GLU A 352 15.70 -17.40 -58.58
C GLU A 352 16.12 -17.96 -57.18
N ASP A 353 17.14 -17.35 -56.53
CA ASP A 353 17.53 -17.62 -55.10
C ASP A 353 16.41 -17.45 -54.02
N SER A 354 15.75 -16.29 -53.99
CA SER A 354 14.53 -16.08 -53.19
C SER A 354 13.49 -15.39 -54.11
N ALA A 355 13.20 -16.05 -55.25
CA ALA A 355 12.25 -15.57 -56.27
C ALA A 355 10.82 -15.68 -55.74
N GLU A 356 10.42 -16.93 -55.39
CA GLU A 356 9.16 -17.13 -54.69
C GLU A 356 9.24 -16.68 -53.21
N SER A 357 9.01 -15.38 -53.03
CA SER A 357 8.88 -14.74 -51.72
C SER A 357 7.85 -13.59 -51.82
N GLU A 358 8.16 -12.61 -52.67
CA GLU A 358 7.26 -11.50 -53.07
C GLU A 358 6.62 -10.62 -51.94
N ASP A 359 7.38 -10.45 -50.86
CA ASP A 359 7.54 -9.11 -50.25
C ASP A 359 8.65 -8.40 -51.09
N GLY A 360 9.38 -9.21 -51.86
CA GLY A 360 10.20 -8.79 -52.98
C GLY A 360 11.41 -9.63 -53.21
N VAL A 361 12.57 -9.07 -52.89
CA VAL A 361 13.78 -9.80 -52.48
C VAL A 361 14.26 -9.03 -51.26
N SER A 362 14.61 -9.80 -50.23
CA SER A 362 14.74 -9.24 -48.89
C SER A 362 15.75 -8.09 -48.82
N ALA A 363 15.48 -7.13 -47.95
CA ALA A 363 16.35 -5.99 -47.73
C ALA A 363 17.76 -6.46 -47.44
N SER A 364 17.96 -7.10 -46.28
CA SER A 364 19.31 -7.45 -45.84
C SER A 364 19.88 -8.70 -46.52
N ALA A 365 19.04 -9.47 -47.22
CA ALA A 365 19.56 -10.56 -48.06
C ALA A 365 20.27 -10.00 -49.30
N PHE A 366 19.90 -8.79 -49.70
CA PHE A 366 20.56 -8.08 -50.78
C PHE A 366 22.02 -7.87 -50.43
N ASP A 367 22.26 -7.31 -49.24
CA ASP A 367 23.61 -7.18 -48.69
C ASP A 367 24.31 -8.53 -48.83
N PHE A 368 23.71 -9.55 -48.26
CA PHE A 368 24.33 -10.86 -48.13
C PHE A 368 24.84 -11.34 -49.47
N THR A 369 23.92 -11.56 -50.40
CA THR A 369 24.28 -12.17 -51.70
C THR A 369 25.34 -11.37 -52.45
N VAL A 370 25.37 -10.05 -52.22
CA VAL A 370 26.42 -9.21 -52.76
C VAL A 370 27.73 -9.52 -52.05
N SER A 371 27.70 -9.70 -50.74
CA SER A 371 28.94 -9.99 -50.00
C SER A 371 29.63 -11.19 -50.56
N ASN A 372 28.84 -12.23 -50.83
CA ASN A 372 29.38 -13.40 -51.50
C ASN A 372 29.73 -13.13 -52.97
N PHE A 373 29.06 -12.17 -53.61
CA PHE A 373 29.47 -11.74 -54.95
C PHE A 373 30.89 -11.27 -54.90
N VAL A 374 31.15 -10.24 -54.11
CA VAL A 374 32.50 -9.66 -54.04
C VAL A 374 33.56 -10.66 -53.61
N ASP A 375 33.22 -11.54 -52.68
CA ASP A 375 34.23 -12.45 -52.12
C ASP A 375 34.72 -13.53 -53.11
N ASN A 376 33.81 -14.25 -53.75
CA ASN A 376 34.25 -15.34 -54.64
C ASN A 376 34.76 -14.83 -55.99
N LEU A 377 34.54 -13.54 -56.28
CA LEU A 377 35.08 -12.87 -57.47
C LEU A 377 36.29 -11.98 -57.22
N TYR A 378 36.10 -10.86 -56.51
CA TYR A 378 37.19 -9.89 -56.24
C TYR A 378 37.88 -10.06 -54.87
N GLY A 379 37.41 -11.04 -54.08
CA GLY A 379 37.68 -11.13 -52.66
C GLY A 379 39.09 -11.52 -52.35
N TYR A 380 39.96 -10.51 -52.46
CA TYR A 380 41.39 -10.68 -52.25
C TYR A 380 41.91 -10.61 -50.77
N PRO A 381 41.17 -10.05 -49.79
CA PRO A 381 40.14 -8.99 -49.90
C PRO A 381 40.54 -7.81 -48.97
N GLU A 382 41.79 -7.39 -49.10
CA GLU A 382 42.43 -6.42 -48.20
C GLU A 382 41.54 -5.17 -47.99
N GLY A 383 40.95 -4.64 -49.07
CA GLY A 383 40.06 -3.49 -49.01
C GLY A 383 38.71 -3.77 -49.62
N LYS A 384 38.19 -4.97 -49.41
CA LYS A 384 36.92 -5.40 -49.98
C LYS A 384 35.76 -4.54 -49.49
N ASP A 385 35.67 -4.31 -48.17
CA ASP A 385 34.53 -3.61 -47.55
C ASP A 385 33.96 -2.47 -48.39
N VAL A 386 34.85 -1.64 -48.91
CA VAL A 386 34.48 -0.58 -49.84
C VAL A 386 33.76 -1.18 -51.03
N LEU A 387 34.47 -2.06 -51.71
CA LEU A 387 34.02 -2.65 -52.95
C LEU A 387 32.59 -3.18 -52.82
N ARG A 388 32.25 -3.80 -51.70
CA ARG A 388 30.92 -4.32 -51.50
C ARG A 388 29.89 -3.19 -51.52
N GLU A 389 30.06 -2.25 -50.58
CA GLU A 389 29.09 -1.19 -50.36
C GLU A 389 28.99 -0.20 -51.48
N THR A 390 30.10 0.04 -52.16
CA THR A 390 30.07 0.88 -53.33
C THR A 390 29.42 0.17 -54.52
N ILE A 391 29.52 -1.16 -54.64
CA ILE A 391 28.80 -1.88 -55.72
C ILE A 391 27.35 -2.13 -55.37
N LYS A 392 27.05 -2.28 -54.09
CA LYS A 392 25.67 -2.23 -53.65
C LYS A 392 25.07 -0.94 -54.16
N PHE A 393 25.75 0.17 -53.88
CA PHE A 393 25.22 1.50 -54.14
C PHE A 393 24.74 1.66 -55.57
N MET A 394 25.59 1.32 -56.53
CA MET A 394 25.26 1.53 -57.95
C MET A 394 23.99 0.84 -58.40
N TYR A 395 23.65 -0.27 -57.76
CA TYR A 395 22.48 -1.01 -58.15
C TYR A 395 21.23 -0.82 -57.28
N THR A 396 21.32 -0.16 -56.14
CA THR A 396 20.12 0.08 -55.34
C THR A 396 19.42 1.32 -55.89
N ASP A 397 18.20 1.18 -56.39
CA ASP A 397 17.46 2.33 -56.96
C ASP A 397 16.96 3.23 -55.85
N TRP A 398 17.56 4.41 -55.74
CA TRP A 398 17.31 5.27 -54.58
C TRP A 398 15.97 6.00 -54.65
N ALA A 399 15.28 5.89 -55.78
CA ALA A 399 13.90 6.35 -55.89
C ALA A 399 13.04 5.73 -54.81
N ASP A 400 13.01 4.40 -54.78
CA ASP A 400 12.33 3.62 -53.72
C ASP A 400 13.35 2.74 -52.99
N ARG A 401 13.81 3.27 -51.87
CA ARG A 401 14.74 2.59 -51.00
C ARG A 401 14.14 1.28 -50.49
N ASP A 402 12.84 1.30 -50.19
CA ASP A 402 12.18 0.23 -49.41
C ASP A 402 11.60 -0.90 -50.23
N ASN A 403 11.31 -0.68 -51.51
CA ASN A 403 10.71 -1.73 -52.37
C ASN A 403 11.70 -2.85 -52.69
N GLY A 404 11.32 -4.07 -52.30
CA GLY A 404 12.11 -5.25 -52.59
C GLY A 404 12.22 -5.54 -54.07
N GLU A 405 11.13 -5.34 -54.84
CA GLU A 405 11.15 -5.64 -56.28
C GLU A 405 12.26 -4.85 -56.99
N MET A 406 12.31 -3.55 -56.68
CA MET A 406 13.31 -2.67 -57.30
C MET A 406 14.62 -2.70 -56.47
N ARG A 407 14.88 -3.85 -55.88
CA ARG A 407 16.19 -4.41 -55.67
C ARG A 407 16.30 -5.65 -56.54
N ARG A 408 15.39 -6.62 -56.36
CA ARG A 408 15.42 -7.85 -57.15
C ARG A 408 15.79 -7.54 -58.58
N LYS A 409 14.97 -6.67 -59.19
CA LYS A 409 15.19 -6.22 -60.58
C LYS A 409 16.66 -5.99 -60.77
N THR A 410 17.18 -5.15 -59.90
CA THR A 410 18.51 -4.60 -59.99
C THR A 410 19.57 -5.65 -59.75
N LEU A 411 19.32 -6.51 -58.79
CA LEU A 411 20.25 -7.57 -58.52
C LEU A 411 20.42 -8.38 -59.79
N LEU A 412 19.32 -8.66 -60.49
CA LEU A 412 19.39 -9.37 -61.79
C LEU A 412 20.33 -8.63 -62.69
N ALA A 413 20.05 -7.35 -62.86
CA ALA A 413 20.93 -6.51 -63.63
C ALA A 413 22.39 -6.63 -63.15
N LEU A 414 22.63 -6.46 -61.85
CA LEU A 414 23.98 -6.49 -61.32
C LEU A 414 24.70 -7.67 -61.89
N PHE A 415 24.12 -8.84 -61.65
CA PHE A 415 24.75 -10.06 -62.05
C PHE A 415 24.88 -10.13 -63.55
N THR A 416 23.78 -9.87 -64.22
CA THR A 416 23.73 -9.74 -65.67
C THR A 416 24.91 -8.94 -66.17
N ASP A 417 25.05 -7.73 -65.66
CA ASP A 417 26.07 -6.83 -66.12
C ASP A 417 27.42 -7.46 -66.04
N HIS A 418 27.77 -7.94 -64.85
CA HIS A 418 29.13 -8.40 -64.60
C HIS A 418 29.52 -9.67 -65.37
N GLN A 419 28.58 -10.61 -65.50
CA GLN A 419 28.90 -11.94 -66.03
C GLN A 419 28.61 -12.15 -67.52
N TRP A 420 28.25 -11.07 -68.22
CA TRP A 420 28.08 -11.12 -69.68
C TRP A 420 28.27 -9.75 -70.31
N VAL A 421 27.43 -8.82 -69.89
CA VAL A 421 27.23 -7.57 -70.60
C VAL A 421 28.54 -6.90 -70.75
N ALA A 422 29.16 -6.58 -69.63
CA ALA A 422 30.38 -5.79 -69.66
C ALA A 422 31.43 -6.54 -70.44
N PRO A 423 31.88 -7.71 -69.93
CA PRO A 423 32.85 -8.49 -70.70
C PRO A 423 32.65 -8.43 -72.21
N ALA A 424 31.43 -8.71 -72.65
CA ALA A 424 31.10 -8.73 -74.06
C ALA A 424 31.47 -7.43 -74.74
N VAL A 425 31.10 -6.31 -74.15
CA VAL A 425 31.49 -5.02 -74.70
C VAL A 425 33.02 -5.04 -74.83
N ALA A 426 33.73 -5.20 -73.70
CA ALA A 426 35.19 -5.03 -73.71
C ALA A 426 35.88 -5.93 -74.74
N THR A 427 35.35 -7.13 -74.98
CA THR A 427 35.89 -7.97 -76.04
C THR A 427 35.70 -7.28 -77.38
N ALA A 428 34.47 -6.87 -77.67
CA ALA A 428 34.18 -6.14 -78.90
C ALA A 428 35.14 -4.98 -79.03
N LYS A 429 35.15 -4.13 -78.01
CA LYS A 429 36.03 -2.95 -77.97
C LYS A 429 37.42 -3.29 -78.47
N LEU A 430 37.98 -4.39 -77.99
CA LEU A 430 39.33 -4.81 -78.40
C LEU A 430 39.37 -5.32 -79.82
N HIS A 431 38.41 -6.16 -80.18
CA HIS A 431 38.40 -6.74 -81.52
C HIS A 431 38.14 -5.69 -82.60
N ALA A 432 37.55 -4.57 -82.24
CA ALA A 432 37.42 -3.44 -83.16
C ALA A 432 38.50 -2.36 -82.99
N ASP A 433 39.14 -2.31 -81.82
CA ASP A 433 40.36 -1.51 -81.65
C ASP A 433 41.50 -2.03 -82.53
N TYR A 434 41.50 -3.34 -82.83
CA TYR A 434 42.42 -3.97 -83.80
C TYR A 434 41.81 -4.21 -85.18
N GLN A 435 40.61 -3.69 -85.39
CA GLN A 435 39.99 -3.59 -86.70
C GLN A 435 39.70 -4.95 -87.31
N SER A 436 39.06 -5.80 -86.53
CA SER A 436 38.17 -6.81 -87.08
C SER A 436 36.85 -6.07 -87.22
N PRO A 437 36.16 -6.22 -88.36
CA PRO A 437 34.82 -5.65 -88.39
C PRO A 437 33.94 -6.51 -87.52
N VAL A 438 33.02 -5.87 -86.80
CA VAL A 438 32.24 -6.52 -85.78
C VAL A 438 30.95 -5.76 -85.48
N TYR A 439 29.88 -6.51 -85.25
CA TYR A 439 28.56 -5.95 -85.02
C TYR A 439 28.07 -6.45 -83.68
N PHE A 440 27.28 -5.64 -82.98
CA PHE A 440 26.85 -5.92 -81.61
C PHE A 440 25.32 -5.97 -81.50
N TYR A 441 24.79 -6.76 -80.56
CA TYR A 441 23.33 -6.77 -80.33
C TYR A 441 22.92 -6.91 -78.87
N THR A 442 21.65 -6.62 -78.64
CA THR A 442 20.97 -6.90 -77.39
C THR A 442 19.67 -7.60 -77.72
N PHE A 443 19.36 -8.69 -77.02
CA PHE A 443 18.12 -9.44 -77.30
C PHE A 443 17.10 -9.22 -76.21
N TYR A 444 15.85 -8.96 -76.64
CA TYR A 444 14.78 -8.52 -75.74
C TYR A 444 13.46 -9.27 -75.98
N HIS A 445 13.46 -10.60 -75.86
CA HIS A 445 12.20 -11.34 -76.03
C HIS A 445 12.08 -12.77 -75.49
N HIS A 446 11.17 -12.94 -74.51
CA HIS A 446 10.68 -14.26 -74.08
C HIS A 446 9.54 -14.76 -74.97
N CYS A 447 8.96 -15.90 -74.62
CA CYS A 447 7.66 -16.33 -75.15
C CYS A 447 7.11 -17.31 -74.12
N GLN A 448 6.09 -16.92 -73.37
CA GLN A 448 5.93 -17.52 -72.03
C GLN A 448 5.15 -18.83 -72.05
N ALA A 449 5.71 -19.82 -71.33
CA ALA A 449 4.94 -20.93 -70.72
C ALA A 449 4.85 -20.70 -69.19
N GLU A 450 6.00 -20.63 -68.53
CA GLU A 450 6.14 -20.41 -67.07
C GLU A 450 7.51 -19.83 -66.70
N ASP A 457 10.93 -10.53 -68.73
CA ASP A 457 12.37 -10.45 -68.65
C ASP A 457 13.04 -11.48 -69.57
N ALA A 458 13.76 -11.04 -70.60
CA ALA A 458 14.43 -11.97 -71.52
C ALA A 458 15.66 -12.63 -70.90
N ALA A 459 15.58 -13.94 -70.69
CA ALA A 459 16.59 -14.66 -69.93
C ALA A 459 17.62 -15.31 -70.83
N HIS A 460 18.75 -15.67 -70.24
CA HIS A 460 19.83 -16.36 -70.96
C HIS A 460 19.29 -17.59 -71.66
N GLY A 461 19.58 -17.71 -72.94
CA GLY A 461 19.14 -18.84 -73.74
C GLY A 461 17.95 -18.49 -74.60
N ASP A 462 16.99 -17.73 -74.06
CA ASP A 462 15.76 -17.45 -74.80
C ASP A 462 15.92 -16.94 -76.25
N GLU A 463 17.12 -16.46 -76.62
CA GLU A 463 17.41 -16.10 -78.02
C GLU A 463 17.49 -17.29 -78.98
N LEU A 464 17.78 -18.47 -78.46
CA LEU A 464 18.05 -19.63 -79.32
C LEU A 464 16.92 -20.03 -80.27
N PRO A 465 15.73 -20.40 -79.74
CA PRO A 465 14.70 -20.93 -80.64
C PRO A 465 14.42 -20.00 -81.82
N TYR A 466 14.57 -18.69 -81.58
CA TYR A 466 14.41 -17.71 -82.63
C TYR A 466 15.53 -17.87 -83.65
N VAL A 467 16.77 -18.02 -83.20
CA VAL A 467 17.90 -18.26 -84.12
C VAL A 467 17.73 -19.59 -84.89
N PHE A 468 17.29 -20.64 -84.19
CA PHE A 468 17.07 -21.95 -84.85
C PHE A 468 15.65 -22.16 -85.40
N GLY A 469 14.88 -21.08 -85.49
CA GLY A 469 13.65 -21.05 -86.28
C GLY A 469 12.48 -21.82 -85.74
N VAL A 470 12.56 -22.20 -84.47
CA VAL A 470 11.58 -23.09 -83.87
C VAL A 470 10.15 -22.48 -83.79
N PRO A 471 10.01 -21.15 -83.86
CA PRO A 471 8.66 -20.59 -84.01
C PRO A 471 7.95 -20.95 -85.30
N MET A 472 8.72 -21.33 -86.32
CA MET A 472 8.16 -21.61 -87.61
C MET A 472 7.60 -23.02 -87.72
N VAL A 473 8.06 -23.95 -86.88
CA VAL A 473 7.55 -25.35 -86.86
C VAL A 473 6.42 -25.60 -85.84
N GLY A 474 6.37 -24.78 -84.79
CA GLY A 474 5.44 -24.99 -83.65
C GLY A 474 6.19 -25.51 -82.43
N ALA A 475 5.50 -25.52 -81.30
CA ALA A 475 6.11 -25.83 -80.00
C ALA A 475 6.74 -27.23 -79.97
N THR A 476 8.07 -27.27 -79.83
CA THR A 476 8.77 -28.53 -79.55
C THR A 476 8.77 -28.76 -78.03
N ASP A 477 9.23 -29.93 -77.63
CA ASP A 477 9.21 -30.39 -76.21
C ASP A 477 9.93 -29.48 -75.21
N LEU A 478 11.05 -28.90 -75.63
CA LEU A 478 11.86 -27.99 -74.78
C LEU A 478 11.64 -26.49 -75.09
N PHE A 479 10.59 -26.17 -75.85
CA PHE A 479 10.17 -24.79 -76.14
C PHE A 479 8.65 -24.70 -76.18
N PRO A 480 8.00 -24.64 -75.01
CA PRO A 480 6.54 -24.86 -75.01
C PRO A 480 5.66 -23.68 -75.48
N CYS A 481 6.24 -22.58 -75.96
CA CYS A 481 5.53 -21.29 -75.97
C CYS A 481 4.40 -21.06 -77.01
N ASN A 482 3.39 -20.26 -76.59
CA ASN A 482 2.39 -19.65 -77.50
C ASN A 482 3.18 -18.78 -78.46
N PHE A 483 3.57 -19.34 -79.61
CA PHE A 483 4.33 -18.58 -80.61
C PHE A 483 3.42 -17.61 -81.36
N SER A 484 3.48 -16.33 -81.01
CA SER A 484 2.64 -15.30 -81.64
C SER A 484 3.05 -14.98 -83.06
N LYS A 485 2.05 -14.56 -83.84
CA LYS A 485 2.24 -13.94 -85.17
C LYS A 485 3.54 -13.12 -85.15
N ASN A 486 3.68 -12.28 -84.11
CA ASN A 486 4.92 -11.53 -83.90
C ASN A 486 6.11 -12.45 -83.70
N ASP A 487 6.02 -13.35 -82.72
CA ASP A 487 7.15 -14.24 -82.41
C ASP A 487 7.78 -14.82 -83.68
N VAL A 488 6.98 -15.10 -84.70
CA VAL A 488 7.52 -15.52 -85.99
C VAL A 488 8.34 -14.41 -86.63
N MET A 489 7.73 -13.26 -86.91
CA MET A 489 8.46 -12.12 -87.50
C MET A 489 9.88 -12.04 -86.95
N LEU A 490 9.98 -12.17 -85.63
CA LEU A 490 11.26 -12.09 -84.95
C LEU A 490 12.23 -13.20 -85.35
N SER A 491 11.72 -14.42 -85.45
CA SER A 491 12.53 -15.55 -85.90
C SER A 491 13.10 -15.31 -87.30
N ALA A 492 12.24 -14.87 -88.22
CA ALA A 492 12.66 -14.56 -89.59
C ALA A 492 13.81 -13.56 -89.54
N VAL A 493 13.53 -12.39 -88.97
CA VAL A 493 14.52 -11.31 -88.90
C VAL A 493 15.86 -11.74 -88.31
N VAL A 494 15.86 -12.48 -87.21
CA VAL A 494 17.16 -12.91 -86.65
C VAL A 494 17.88 -13.81 -87.63
N MET A 495 17.15 -14.76 -88.22
CA MET A 495 17.79 -15.69 -89.14
C MET A 495 18.33 -14.97 -90.36
N THR A 496 17.49 -14.14 -90.96
CA THR A 496 17.92 -13.34 -92.09
C THR A 496 19.20 -12.60 -91.75
N TYR A 497 19.26 -11.92 -90.60
CA TYR A 497 20.49 -11.24 -90.17
C TYR A 497 21.63 -12.25 -90.06
N TRP A 498 21.46 -13.21 -89.15
CA TRP A 498 22.53 -14.19 -88.83
C TRP A 498 23.09 -14.88 -90.08
N THR A 499 22.22 -15.26 -91.01
CA THR A 499 22.64 -16.01 -92.19
C THR A 499 23.44 -15.13 -93.11
N ASN A 500 22.84 -14.01 -93.50
CA ASN A 500 23.54 -13.00 -94.25
C ASN A 500 24.95 -12.79 -93.75
N PHE A 501 25.08 -12.70 -92.44
CA PHE A 501 26.36 -12.48 -91.80
C PHE A 501 27.40 -13.54 -92.18
N ALA A 502 26.99 -14.80 -92.24
CA ALA A 502 27.89 -15.87 -92.70
C ALA A 502 28.33 -15.66 -94.14
N LYS A 503 27.40 -15.19 -94.96
CA LYS A 503 27.61 -15.04 -96.40
C LYS A 503 28.58 -13.91 -96.74
N THR A 504 28.48 -12.78 -96.04
CA THR A 504 29.32 -11.59 -96.31
C THR A 504 30.26 -11.13 -95.19
N GLY A 505 29.86 -11.34 -93.94
CA GLY A 505 30.42 -10.60 -92.82
C GLY A 505 29.75 -9.24 -92.69
N ASP A 506 28.51 -9.17 -93.14
CA ASP A 506 27.66 -8.02 -92.91
C ASP A 506 26.24 -8.54 -92.75
N PRO A 507 25.68 -8.39 -91.54
CA PRO A 507 24.38 -8.99 -91.31
C PRO A 507 23.29 -8.30 -92.11
N ASN A 508 23.21 -6.98 -92.02
CA ASN A 508 22.12 -6.27 -92.69
C ASN A 508 22.20 -6.29 -94.21
N GLN A 509 23.31 -6.77 -94.76
CA GLN A 509 23.48 -6.90 -96.21
C GLN A 509 23.30 -8.39 -96.59
N PRO A 510 23.51 -8.76 -97.87
CA PRO A 510 22.73 -9.70 -98.67
C PRO A 510 21.20 -9.58 -98.58
N VAL A 511 20.49 -10.54 -98.00
CA VAL A 511 19.03 -10.51 -97.94
C VAL A 511 18.53 -9.34 -97.07
N PRO A 512 17.79 -8.38 -97.65
CA PRO A 512 17.37 -7.25 -96.85
C PRO A 512 16.18 -7.65 -96.00
N GLN A 513 15.86 -6.81 -95.04
CA GLN A 513 14.86 -7.16 -94.04
C GLN A 513 13.45 -7.12 -94.57
N ASP A 514 12.82 -8.29 -94.60
CA ASP A 514 11.41 -8.43 -94.97
C ASP A 514 10.72 -9.49 -94.11
N THR A 515 9.44 -9.24 -93.84
CA THR A 515 8.55 -10.13 -93.07
C THR A 515 7.07 -9.86 -93.46
N LYS A 516 6.79 -9.95 -94.78
CA LYS A 516 5.42 -9.76 -95.33
C LYS A 516 4.85 -11.02 -96.06
N PHE A 517 5.41 -12.18 -95.75
CA PHE A 517 4.94 -13.48 -96.29
C PHE A 517 3.83 -14.03 -95.40
N PRO A 522 3.62 -3.78 -90.10
CA PRO A 522 4.39 -4.19 -91.27
C PRO A 522 5.71 -4.89 -90.85
N ASN A 523 6.62 -5.06 -91.81
CA ASN A 523 8.03 -5.40 -91.54
C ASN A 523 8.68 -4.27 -90.72
N ARG A 524 8.85 -4.50 -89.42
CA ARG A 524 9.26 -3.42 -88.49
C ARG A 524 10.76 -3.09 -88.55
N PHE A 525 11.55 -3.92 -89.23
CA PHE A 525 13.02 -3.77 -89.32
C PHE A 525 13.51 -3.15 -90.63
N GLU A 526 12.58 -2.85 -91.56
CA GLU A 526 12.83 -2.17 -92.86
C GLU A 526 13.72 -0.92 -92.75
N GLU A 527 13.31 0.06 -91.93
CA GLU A 527 13.92 1.40 -91.85
C GLU A 527 15.30 1.51 -91.09
N VAL A 528 15.95 0.36 -90.84
CA VAL A 528 16.98 0.24 -89.85
C VAL A 528 18.19 -0.51 -90.37
N VAL A 529 19.35 0.09 -90.16
CA VAL A 529 20.60 -0.45 -90.66
C VAL A 529 21.50 -0.73 -89.46
N TRP A 530 22.06 -1.93 -89.41
CA TRP A 530 22.89 -2.35 -88.29
C TRP A 530 24.27 -1.74 -88.48
N SER A 531 24.49 -0.56 -87.89
CA SER A 531 25.78 0.09 -88.04
C SER A 531 26.88 -0.80 -87.45
N LYS A 532 28.10 -0.62 -87.92
CA LYS A 532 29.23 -1.37 -87.40
C LYS A 532 29.52 -0.90 -85.99
N PHE A 533 29.94 -1.82 -85.13
CA PHE A 533 30.42 -1.46 -83.80
C PHE A 533 31.82 -0.85 -83.94
N ASN A 534 32.16 0.03 -83.00
CA ASN A 534 33.53 0.50 -82.85
C ASN A 534 33.80 0.86 -81.38
N SER A 535 35.04 1.22 -81.09
CA SER A 535 35.43 1.58 -79.71
C SER A 535 34.75 2.84 -79.23
N LYS A 536 34.58 3.83 -80.13
CA LYS A 536 33.93 5.11 -79.80
C LYS A 536 32.40 4.97 -79.61
N GLU A 537 31.59 5.27 -80.63
CA GLU A 537 30.13 5.31 -80.44
C GLU A 537 29.64 3.86 -80.49
N LYS A 538 29.45 3.22 -79.33
CA LYS A 538 29.27 1.76 -79.25
C LYS A 538 27.93 1.32 -79.86
N GLN A 539 27.82 1.51 -81.19
CA GLN A 539 26.56 1.37 -81.92
C GLN A 539 26.18 -0.10 -81.98
N TYR A 540 24.97 -0.41 -81.51
CA TYR A 540 24.49 -1.77 -81.42
C TYR A 540 23.04 -1.86 -81.82
N LEU A 541 22.60 -3.07 -82.17
CA LEU A 541 21.22 -3.32 -82.56
C LEU A 541 20.36 -3.84 -81.40
N HIS A 542 19.29 -3.11 -81.09
CA HIS A 542 18.29 -3.54 -80.12
C HIS A 542 17.44 -4.54 -80.89
N ILE A 543 17.55 -5.82 -80.57
CA ILE A 543 16.64 -6.82 -81.11
C ILE A 543 15.35 -6.64 -80.34
N GLY A 544 14.23 -7.01 -80.95
CA GLY A 544 12.96 -7.07 -80.24
C GLY A 544 11.82 -6.67 -81.14
N LEU A 545 10.68 -6.39 -80.51
CA LEU A 545 9.53 -5.94 -81.25
C LEU A 545 9.76 -4.49 -81.73
N LYS A 546 10.43 -3.71 -80.88
CA LYS A 546 10.89 -2.35 -81.22
C LYS A 546 12.39 -2.36 -81.62
N PRO A 547 12.73 -2.72 -82.88
CA PRO A 547 14.15 -2.72 -83.24
C PRO A 547 14.70 -1.36 -83.60
N ARG A 548 15.97 -1.15 -83.31
CA ARG A 548 16.66 0.06 -83.75
C ARG A 548 18.15 0.00 -83.39
N VAL A 549 18.85 1.04 -83.82
CA VAL A 549 20.22 1.26 -83.44
C VAL A 549 20.21 2.10 -82.18
N ARG A 550 21.00 1.77 -81.17
CA ARG A 550 21.30 2.72 -80.08
C ARG A 550 22.80 2.76 -79.87
N ASP A 551 23.26 3.67 -79.01
CA ASP A 551 24.70 3.85 -78.76
C ASP A 551 25.05 3.65 -77.29
N ASN A 552 26.21 3.03 -77.05
CA ASN A 552 26.76 2.80 -75.72
C ASN A 552 25.81 2.02 -74.81
N TYR A 553 25.70 0.70 -75.01
CA TYR A 553 24.74 -0.08 -74.21
C TYR A 553 25.13 0.07 -72.76
N ARG A 554 24.21 0.57 -71.94
CA ARG A 554 24.36 0.55 -70.51
C ARG A 554 25.69 1.13 -70.02
N ALA A 555 26.29 2.02 -70.81
CA ALA A 555 27.70 2.36 -70.60
C ALA A 555 28.01 2.72 -69.13
N ASN A 556 27.12 3.48 -68.49
CA ASN A 556 27.31 3.82 -67.08
C ASN A 556 27.80 2.63 -66.25
N LYS A 557 27.07 1.53 -66.30
CA LYS A 557 27.44 0.35 -65.49
C LYS A 557 28.66 -0.35 -66.10
N VAL A 558 28.63 -0.55 -67.41
CA VAL A 558 29.80 -1.03 -68.15
C VAL A 558 31.05 -0.52 -67.51
N ALA A 559 31.13 0.80 -67.37
CA ALA A 559 32.35 1.47 -66.94
C ALA A 559 32.71 1.13 -65.50
N PHE A 560 31.70 1.19 -64.63
CA PHE A 560 31.90 0.84 -63.25
C PHE A 560 32.71 -0.42 -63.10
N TRP A 561 32.33 -1.44 -63.87
CA TRP A 561 32.98 -2.75 -63.83
C TRP A 561 34.27 -2.83 -64.63
N LEU A 562 34.34 -2.11 -65.74
CA LEU A 562 35.53 -2.13 -66.59
C LEU A 562 36.63 -1.16 -66.15
N GLU A 563 36.24 -0.01 -65.56
CA GLU A 563 37.15 1.11 -65.40
C GLU A 563 37.47 1.41 -63.95
N LEU A 564 36.47 1.47 -63.08
CA LEU A 564 36.71 1.83 -61.68
C LEU A 564 37.09 0.66 -60.80
N VAL A 565 36.25 -0.36 -60.80
CA VAL A 565 36.30 -1.37 -59.75
C VAL A 565 37.63 -2.14 -59.64
N PRO A 566 38.20 -2.63 -60.76
CA PRO A 566 39.44 -3.38 -60.54
C PRO A 566 40.55 -2.47 -60.05
N HIS A 567 40.47 -1.18 -60.36
CA HIS A 567 41.45 -0.21 -59.92
C HIS A 567 41.30 0.21 -58.43
N LEU A 568 40.33 -0.35 -57.69
CA LEU A 568 40.24 -0.09 -56.25
C LEU A 568 41.45 -0.67 -55.50
N HIS A 569 41.77 -1.91 -55.81
CA HIS A 569 42.98 -2.58 -55.30
C HIS A 569 44.07 -2.71 -56.37
N PRO B 5 20.19 43.49 -15.33
CA PRO B 5 20.05 42.15 -15.89
C PRO B 5 19.02 41.22 -15.17
N ALA B 6 18.44 40.27 -15.94
CA ALA B 6 17.57 39.18 -15.43
C ALA B 6 18.14 37.81 -15.87
N GLN B 7 18.80 37.12 -14.94
CA GLN B 7 19.68 35.97 -15.24
C GLN B 7 19.05 34.58 -15.05
N ALA B 8 19.80 33.55 -15.49
CA ALA B 8 19.51 32.15 -15.19
C ALA B 8 20.79 31.31 -15.35
N GLN B 9 20.86 30.20 -14.61
CA GLN B 9 21.98 29.27 -14.72
C GLN B 9 21.63 27.89 -14.14
N ILE B 10 21.74 26.84 -14.95
CA ILE B 10 21.22 25.51 -14.60
C ILE B 10 22.26 24.66 -13.84
N VAL B 11 21.76 23.89 -12.86
CA VAL B 11 22.53 22.84 -12.19
C VAL B 11 21.70 21.55 -12.17
N HIS B 12 22.39 20.42 -12.31
CA HIS B 12 21.76 19.08 -12.31
C HIS B 12 21.23 18.61 -10.94
N ALA B 13 20.31 17.65 -10.99
CA ALA B 13 19.97 16.83 -9.83
C ALA B 13 19.45 15.49 -10.38
N GLY B 14 18.68 14.73 -9.61
CA GLY B 14 18.13 13.46 -10.09
C GLY B 14 19.17 12.35 -10.08
N GLN B 15 19.51 11.82 -11.27
CA GLN B 15 20.48 10.70 -11.37
C GLN B 15 21.45 10.82 -12.55
N ALA B 16 22.47 11.68 -12.40
CA ALA B 16 23.60 11.77 -13.36
C ALA B 16 24.58 10.61 -13.10
N CYS B 17 25.63 10.53 -13.89
CA CYS B 17 26.49 9.35 -13.91
C CYS B 17 28.01 9.63 -14.00
N VAL B 18 28.51 10.24 -15.09
CA VAL B 18 29.97 10.52 -15.24
C VAL B 18 30.20 11.92 -15.87
N VAL B 19 30.03 12.96 -15.03
CA VAL B 19 29.75 14.38 -15.47
C VAL B 19 30.88 15.13 -16.27
N LYS B 20 30.46 15.90 -17.30
CA LYS B 20 31.33 16.69 -18.22
C LYS B 20 30.47 17.80 -18.91
N GLU B 21 31.12 18.94 -19.17
CA GLU B 21 30.42 20.16 -19.54
C GLU B 21 31.39 21.08 -20.33
N ASP B 22 31.07 22.39 -20.43
CA ASP B 22 31.91 23.39 -21.13
C ASP B 22 31.89 24.79 -20.45
N ASN B 23 32.44 25.80 -21.14
CA ASN B 23 32.63 27.19 -20.62
C ASN B 23 31.41 27.97 -20.02
N ILE B 24 30.17 27.62 -20.42
CA ILE B 24 28.94 28.37 -20.01
C ILE B 24 28.21 27.68 -18.80
N SER B 25 27.56 26.52 -19.04
CA SER B 25 27.06 25.65 -17.93
C SER B 25 27.08 24.16 -18.40
N GLU B 26 26.34 23.26 -17.74
CA GLU B 26 26.27 21.82 -18.15
C GLU B 26 25.76 21.62 -19.58
N ARG B 27 26.67 21.33 -20.50
CA ARG B 27 26.27 20.94 -21.86
C ARG B 27 25.41 19.67 -21.82
N VAL B 28 25.88 18.68 -21.07
CA VAL B 28 25.30 17.33 -21.05
C VAL B 28 24.61 17.03 -19.71
N TYR B 29 23.44 16.41 -19.80
CA TYR B 29 22.82 15.78 -18.63
C TYR B 29 22.48 14.36 -19.02
N THR B 30 23.39 13.45 -18.71
CA THR B 30 23.20 12.04 -18.99
C THR B 30 22.26 11.45 -17.94
N ILE B 31 21.35 10.58 -18.37
CA ILE B 31 20.46 9.85 -17.46
C ILE B 31 20.08 8.49 -18.06
N ARG B 32 19.83 7.51 -17.19
CA ARG B 32 19.43 6.17 -17.61
C ARG B 32 17.90 6.09 -17.75
N GLU B 33 17.42 5.12 -18.54
CA GLU B 33 15.97 4.90 -18.72
C GLU B 33 15.42 4.13 -17.55
N GLY B 34 14.32 4.63 -16.98
CA GLY B 34 13.71 4.08 -15.74
C GLY B 34 13.96 4.89 -14.47
N ASP B 35 14.96 5.78 -14.51
CA ASP B 35 15.35 6.63 -13.38
C ASP B 35 14.43 7.87 -13.25
N THR B 36 14.82 8.82 -12.40
CA THR B 36 14.11 10.09 -12.27
C THR B 36 15.05 11.24 -12.63
N LEU B 37 14.48 12.27 -13.27
CA LEU B 37 15.21 13.48 -13.67
C LEU B 37 14.83 14.66 -12.76
N MET B 38 15.81 15.51 -12.46
CA MET B 38 15.56 16.81 -11.81
C MET B 38 16.60 17.87 -12.23
N LEU B 39 16.15 18.90 -12.93
CA LEU B 39 17.01 20.00 -13.39
C LEU B 39 16.55 21.32 -12.77
N GLN B 40 17.35 21.86 -11.85
CA GLN B 40 17.02 23.09 -11.11
C GLN B 40 17.64 24.29 -11.80
N CYS B 41 16.80 25.27 -12.15
CA CYS B 41 17.22 26.44 -12.92
C CYS B 41 17.21 27.72 -12.09
N LEU B 42 18.40 28.22 -11.73
CA LEU B 42 18.52 29.36 -10.82
C LEU B 42 18.08 30.71 -11.45
N VAL B 43 17.95 31.74 -10.61
CA VAL B 43 17.49 33.08 -11.03
C VAL B 43 18.18 34.23 -10.28
N THR B 44 18.31 35.39 -10.96
CA THR B 44 18.65 36.70 -10.35
C THR B 44 17.75 37.84 -10.97
N GLY B 45 17.32 38.80 -10.13
CA GLY B 45 16.43 39.90 -10.56
C GLY B 45 15.68 40.59 -9.40
N ARG B 48 12.26 39.25 -8.37
CA ARG B 48 12.61 37.98 -8.94
C ARG B 48 11.99 37.82 -10.35
N PRO B 49 12.63 36.94 -11.19
CA PRO B 49 12.01 36.41 -12.41
C PRO B 49 11.09 35.17 -12.26
N GLN B 50 10.46 34.79 -13.37
CA GLN B 50 9.58 33.62 -13.50
C GLN B 50 10.13 32.56 -14.48
N VAL B 51 10.55 31.41 -13.93
CA VAL B 51 11.27 30.34 -14.66
C VAL B 51 10.36 29.62 -15.70
N ARG B 52 10.96 29.12 -16.79
CA ARG B 52 10.23 28.56 -17.96
C ARG B 52 10.93 27.41 -18.70
N TRP B 53 10.57 26.17 -18.37
CA TRP B 53 11.10 24.96 -19.05
C TRP B 53 10.27 24.62 -20.32
N THR B 54 10.93 24.16 -21.39
CA THR B 54 10.29 24.08 -22.72
C THR B 54 11.06 23.25 -23.80
N LYS B 55 10.32 22.49 -24.63
CA LYS B 55 10.82 21.96 -25.92
C LYS B 55 9.64 21.64 -26.87
N GLU B 66 4.55 23.74 -24.34
CA GLU B 66 3.51 24.64 -23.83
C GLU B 66 4.07 25.73 -22.86
N THR B 67 5.41 25.92 -22.82
CA THR B 67 6.20 26.54 -21.72
C THR B 67 5.78 26.22 -20.23
N SER B 68 6.31 25.10 -19.65
CA SER B 68 6.04 24.68 -18.25
C SER B 68 6.67 25.67 -17.23
N VAL B 69 5.85 26.26 -16.35
CA VAL B 69 6.31 27.30 -15.37
C VAL B 69 6.68 26.68 -13.98
N PHE B 70 7.21 25.42 -13.99
CA PHE B 70 7.92 24.87 -12.81
C PHE B 70 9.28 25.61 -12.71
N GLU B 72 10.52 26.20 -10.22
CA GLU B 72 11.85 26.45 -10.75
C GLU B 72 12.52 25.21 -11.36
N THR B 73 12.05 24.03 -10.95
CA THR B 73 12.73 22.74 -11.15
C THR B 73 11.90 21.78 -12.04
N LEU B 74 12.49 21.32 -13.15
CA LEU B 74 11.87 20.30 -14.01
C LEU B 74 12.01 18.92 -13.37
N ARG B 75 11.05 18.04 -13.65
CA ARG B 75 11.02 16.71 -13.05
C ARG B 75 10.22 15.73 -13.91
N ILE B 76 10.81 14.56 -14.19
CA ILE B 76 10.11 13.47 -14.89
C ILE B 76 10.46 12.12 -14.24
N GLU B 77 9.42 11.41 -13.76
CA GLU B 77 9.55 10.07 -13.18
C GLU B 77 9.64 9.05 -14.30
N ARG B 78 10.49 8.02 -14.11
CA ARG B 78 10.63 6.90 -15.06
C ARG B 78 10.90 7.39 -16.49
N ILE B 79 11.98 8.15 -16.66
CA ILE B 79 12.28 8.81 -17.94
C ILE B 79 12.48 7.80 -19.09
N ALA B 80 11.82 8.08 -20.21
CA ALA B 80 11.86 7.20 -21.40
C ALA B 80 12.78 7.76 -22.50
N ARG B 81 13.16 6.90 -23.43
CA ARG B 81 13.97 7.26 -24.62
C ARG B 81 13.40 8.44 -25.43
N THR B 82 12.08 8.44 -25.56
CA THR B 82 11.33 9.45 -26.32
C THR B 82 11.22 10.84 -25.63
N GLN B 83 11.56 10.90 -24.34
CA GLN B 83 11.56 12.17 -23.59
C GLN B 83 12.90 12.93 -23.69
N GLY B 84 13.96 12.26 -24.16
CA GLY B 84 15.27 12.90 -24.34
C GLY B 84 15.28 13.99 -25.41
N GLY B 85 16.21 14.93 -25.29
CA GLY B 85 16.32 16.08 -26.20
C GLY B 85 16.88 17.34 -25.52
N ARG B 86 16.73 18.48 -26.21
CA ARG B 86 17.19 19.76 -25.70
C ARG B 86 16.06 20.54 -25.04
N TYR B 87 16.22 20.84 -23.75
CA TYR B 87 15.31 21.73 -23.01
C TYR B 87 16.00 23.04 -22.61
N TYR B 88 15.29 24.18 -22.73
CA TYR B 88 15.80 25.50 -22.27
C TYR B 88 15.07 26.08 -21.06
N CYS B 89 15.72 27.04 -20.40
CA CYS B 89 15.18 27.75 -19.25
C CYS B 89 15.11 29.27 -19.53
N LYS B 90 13.90 29.76 -19.74
CA LYS B 90 13.65 31.14 -20.19
C LYS B 90 13.13 32.01 -19.02
N ALA B 91 14.00 32.25 -18.02
CA ALA B 91 13.63 33.04 -16.83
C ALA B 91 13.57 34.55 -17.14
N GLU B 92 12.50 35.23 -16.70
CA GLU B 92 12.20 36.63 -17.08
C GLU B 92 11.33 37.46 -16.11
N ASN B 93 11.83 38.66 -15.72
CA ASN B 93 10.97 39.74 -15.21
C ASN B 93 10.94 40.95 -16.17
N GLY B 94 11.52 40.78 -17.36
CA GLY B 94 11.63 41.88 -18.32
C GLY B 94 12.63 42.97 -17.97
N VAL B 95 13.66 42.62 -17.19
CA VAL B 95 14.82 43.51 -16.90
C VAL B 95 15.92 43.17 -17.93
N GLY B 96 15.91 43.88 -19.06
CA GLY B 96 16.71 43.49 -20.24
C GLY B 96 16.20 42.20 -20.91
N VAL B 97 17.05 41.56 -21.71
CA VAL B 97 16.69 40.29 -22.40
C VAL B 97 16.57 39.10 -21.41
N PRO B 98 15.43 38.37 -21.44
CA PRO B 98 15.36 37.08 -20.75
C PRO B 98 16.54 36.15 -21.05
N ALA B 99 17.24 35.76 -19.99
CA ALA B 99 18.37 34.85 -20.09
C ALA B 99 17.85 33.44 -20.38
N ILE B 100 18.53 32.74 -21.29
CA ILE B 100 18.11 31.42 -21.79
C ILE B 100 19.29 30.42 -21.79
N LYS B 101 19.39 29.62 -20.72
CA LYS B 101 20.36 28.52 -20.61
C LYS B 101 19.67 27.20 -20.89
N SER B 102 20.27 26.37 -21.75
CA SER B 102 19.66 25.15 -22.29
C SER B 102 20.58 23.96 -22.17
N ILE B 103 20.00 22.76 -22.18
CA ILE B 103 20.70 21.56 -21.76
C ILE B 103 20.26 20.30 -22.49
N ARG B 104 21.21 19.40 -22.72
CA ARG B 104 20.99 18.13 -23.40
C ARG B 104 20.56 17.05 -22.42
N VAL B 105 19.51 16.32 -22.77
CA VAL B 105 19.02 15.16 -22.01
C VAL B 105 19.26 13.87 -22.82
N ASP B 106 20.46 13.35 -22.68
CA ASP B 106 20.92 12.17 -23.43
C ASP B 106 20.48 10.92 -22.67
N VAL B 107 19.24 10.49 -22.92
CA VAL B 107 18.67 9.31 -22.24
C VAL B 107 19.41 8.09 -22.77
N GLN B 108 19.80 7.18 -21.87
CA GLN B 108 20.63 6.04 -22.24
C GLN B 108 19.97 4.68 -21.98
N TYR B 109 20.29 3.70 -22.82
CA TYR B 109 19.78 2.32 -22.69
C TYR B 109 20.53 1.32 -23.58
N LEU B 110 20.28 0.04 -23.32
CA LEU B 110 20.76 -1.07 -24.14
C LEU B 110 19.74 -2.23 -24.06
N ASP B 111 19.02 -2.44 -25.14
CA ASP B 111 17.97 -3.48 -25.23
C ASP B 111 18.49 -4.92 -25.12
N GLU B 112 17.55 -5.86 -25.20
CA GLU B 112 17.83 -7.26 -25.53
C GLU B 112 18.31 -7.24 -27.02
N PRO B 113 19.54 -7.71 -27.28
CA PRO B 113 19.99 -7.81 -28.69
C PRO B 113 19.35 -9.03 -29.38
N MET B 114 19.27 -8.97 -30.71
CA MET B 114 18.54 -9.97 -31.51
C MET B 114 19.46 -10.58 -32.58
N LEU B 115 19.27 -11.88 -32.88
CA LEU B 115 20.21 -12.67 -33.72
C LEU B 115 19.55 -13.65 -34.73
N THR B 116 19.59 -13.27 -36.01
CA THR B 116 19.18 -14.14 -37.15
C THR B 116 20.43 -14.77 -37.79
N VAL B 117 20.29 -15.42 -38.95
CA VAL B 117 21.39 -16.19 -39.53
C VAL B 117 21.16 -16.32 -41.06
N HIS B 118 21.99 -17.11 -41.75
CA HIS B 118 21.68 -17.68 -43.12
C HIS B 118 22.84 -18.59 -43.66
N GLN B 119 22.52 -19.53 -44.58
CA GLN B 119 23.41 -20.65 -44.98
C GLN B 119 23.54 -20.92 -46.52
N THR B 120 24.76 -21.32 -46.97
CA THR B 120 25.01 -21.97 -48.34
C THR B 120 26.54 -22.49 -48.49
N VAL B 121 26.94 -23.09 -49.66
CA VAL B 121 28.33 -23.73 -49.94
C VAL B 121 29.46 -22.71 -50.15
N LYS B 132 31.35 -23.44 -47.80
CA LYS B 132 30.18 -23.34 -46.93
C LYS B 132 30.17 -22.04 -46.10
N THR B 133 29.34 -21.08 -46.49
CA THR B 133 29.28 -19.76 -45.86
C THR B 133 28.07 -19.62 -44.95
N VAL B 134 28.30 -19.10 -43.75
CA VAL B 134 27.25 -18.87 -42.75
C VAL B 134 27.40 -17.47 -42.18
N PHE B 135 26.28 -16.76 -42.17
CA PHE B 135 26.23 -15.39 -41.72
C PHE B 135 25.53 -15.39 -40.38
N LEU B 136 25.97 -14.53 -39.45
CA LEU B 136 25.22 -14.24 -38.21
C LEU B 136 24.98 -12.73 -38.11
N ARG B 137 23.72 -12.31 -38.28
CA ARG B 137 23.33 -10.91 -38.22
C ARG B 137 22.90 -10.58 -36.81
N CYS B 138 23.46 -9.51 -36.24
CA CYS B 138 23.19 -9.08 -34.85
C CYS B 138 22.83 -7.59 -34.76
N THR B 139 21.57 -7.32 -34.44
CA THR B 139 21.06 -5.98 -34.19
C THR B 139 20.96 -5.71 -32.70
N VAL B 140 20.87 -4.42 -32.39
CA VAL B 140 20.33 -3.98 -31.10
C VAL B 140 20.04 -2.48 -31.18
N ASN B 141 18.91 -2.06 -30.64
CA ASN B 141 18.67 -0.64 -30.41
C ASN B 141 19.39 -0.21 -29.13
N SER B 142 20.21 0.82 -29.22
CA SER B 142 20.89 1.38 -28.03
C SER B 142 21.02 2.89 -28.12
N ASN B 143 21.38 3.47 -26.98
CA ASN B 143 21.82 4.85 -26.92
C ASN B 143 22.73 4.93 -25.69
N PRO B 144 24.02 5.25 -25.84
CA PRO B 144 24.67 5.56 -27.10
C PRO B 144 24.78 4.37 -28.04
N PRO B 145 25.30 4.58 -29.26
CA PRO B 145 25.58 3.49 -30.21
C PRO B 145 26.46 2.39 -29.59
N ALA B 146 25.96 1.16 -29.63
CA ALA B 146 26.64 0.04 -28.95
C ALA B 146 27.88 -0.45 -29.66
N ARG B 147 28.71 -1.19 -28.92
CA ARG B 147 29.94 -1.79 -29.45
C ARG B 147 29.76 -3.30 -29.45
N PHE B 148 29.97 -3.90 -30.62
CA PHE B 148 29.71 -5.32 -30.85
C PHE B 148 30.99 -6.15 -30.79
N ILE B 149 30.91 -7.25 -30.04
CA ILE B 149 32.02 -8.19 -29.85
C ILE B 149 31.50 -9.61 -30.13
N TRP B 150 32.31 -10.41 -30.83
CA TRP B 150 31.95 -11.75 -31.28
C TRP B 150 32.88 -12.82 -30.69
N LYS B 151 32.30 -13.92 -30.20
CA LYS B 151 33.06 -14.93 -29.47
C LYS B 151 32.86 -16.33 -30.02
N ARG B 152 33.66 -17.25 -29.46
CA ARG B 152 33.53 -18.67 -29.70
C ARG B 152 34.24 -19.39 -28.54
N GLY B 153 33.94 -18.98 -27.29
CA GLY B 153 34.73 -19.39 -26.10
C GLY B 153 35.76 -18.34 -25.71
N SER B 154 36.57 -17.90 -26.68
CA SER B 154 37.34 -16.64 -26.60
C SER B 154 37.10 -15.78 -27.87
N ASP B 155 37.27 -14.46 -27.74
CA ASP B 155 36.81 -13.44 -28.78
C ASP B 155 37.49 -13.49 -30.19
N THR B 156 36.74 -13.10 -31.23
CA THR B 156 37.17 -13.26 -32.64
C THR B 156 37.42 -11.94 -33.41
N LEU B 157 38.46 -11.91 -34.26
CA LEU B 157 38.79 -10.77 -35.19
C LEU B 157 39.72 -11.27 -36.34
N SER B 158 39.67 -10.63 -37.50
CA SER B 158 40.43 -11.07 -38.72
C SER B 158 41.85 -11.57 -38.44
N ASN B 163 40.90 -15.81 -39.17
CA ASN B 163 41.75 -15.70 -40.35
C ASN B 163 40.95 -15.64 -41.65
N GLY B 164 40.33 -16.75 -42.03
CA GLY B 164 39.37 -16.80 -43.15
C GLY B 164 37.98 -16.62 -42.57
N VAL B 165 37.77 -15.51 -41.87
CA VAL B 165 36.54 -15.23 -41.11
C VAL B 165 36.35 -13.71 -41.08
N ASP B 166 35.18 -13.19 -41.49
CA ASP B 166 34.95 -11.72 -41.60
C ASP B 166 33.87 -11.18 -40.64
N ILE B 167 34.06 -9.93 -40.19
CA ILE B 167 33.00 -9.18 -39.48
C ILE B 167 32.81 -7.85 -40.17
N TYR B 168 31.60 -7.29 -40.17
CA TYR B 168 31.35 -5.95 -40.74
C TYR B 168 30.08 -5.23 -40.26
N GLU B 169 30.04 -3.92 -40.55
CA GLU B 169 28.84 -3.08 -40.40
C GLU B 169 28.31 -2.88 -41.85
N PRO B 170 27.00 -2.65 -42.04
CA PRO B 170 26.41 -2.37 -43.36
C PRO B 170 25.94 -0.91 -43.56
N LEU B 171 25.32 -0.63 -44.71
CA LEU B 171 24.75 0.71 -45.04
C LEU B 171 23.40 0.95 -44.37
N TYR B 172 22.57 -0.09 -44.35
CA TYR B 172 21.20 -0.03 -43.81
C TYR B 172 21.29 -0.32 -42.32
N THR B 173 21.93 0.58 -41.57
CA THR B 173 22.14 0.39 -40.13
C THR B 173 20.88 0.84 -39.37
N GLN B 174 19.89 -0.06 -39.38
CA GLN B 174 18.63 0.12 -38.65
C GLN B 174 18.82 -0.09 -37.12
N GLY B 175 19.98 -0.67 -36.72
CA GLY B 175 20.35 -0.82 -35.32
C GLY B 175 21.18 0.33 -34.71
N GLU B 176 22.50 0.44 -34.98
CA GLU B 176 23.24 -0.32 -36.01
C GLU B 176 23.43 -1.78 -35.67
N THR B 177 23.85 -2.53 -36.68
CA THR B 177 23.93 -3.98 -36.65
C THR B 177 25.37 -4.43 -36.85
N LYS B 178 25.65 -5.68 -36.55
CA LYS B 178 26.95 -6.28 -36.87
C LYS B 178 26.76 -7.70 -37.33
N VAL B 179 27.63 -8.09 -38.26
CA VAL B 179 27.50 -9.33 -39.00
C VAL B 179 28.80 -10.08 -38.90
N LEU B 180 28.71 -11.36 -38.55
CA LEU B 180 29.85 -12.25 -38.56
C LEU B 180 29.63 -13.23 -39.68
N LYS B 181 30.53 -13.22 -40.66
CA LYS B 181 30.51 -14.17 -41.77
C LYS B 181 31.61 -15.22 -41.55
N LEU B 182 31.25 -16.49 -41.75
CA LEU B 182 32.20 -17.58 -41.84
C LEU B 182 32.36 -17.85 -43.32
N LYS B 183 33.59 -17.79 -43.82
CA LYS B 183 33.82 -17.95 -45.24
C LYS B 183 33.51 -19.38 -45.68
N ASN B 184 34.39 -20.34 -45.40
CA ASN B 184 34.16 -21.77 -45.68
C ASN B 184 34.21 -22.56 -44.37
N LEU B 185 33.10 -23.20 -43.99
CA LEU B 185 33.07 -24.03 -42.77
C LEU B 185 34.19 -25.07 -42.78
N ARG B 186 35.26 -24.77 -42.05
CA ARG B 186 36.35 -25.72 -41.77
C ARG B 186 35.95 -26.61 -40.58
N PRO B 187 36.33 -27.91 -40.58
CA PRO B 187 35.99 -28.81 -39.49
C PRO B 187 35.66 -28.15 -38.15
N GLN B 188 36.61 -27.42 -37.57
CA GLN B 188 36.41 -26.89 -36.21
C GLN B 188 36.30 -25.36 -36.14
N ASP B 189 35.41 -24.82 -36.97
CA ASP B 189 34.71 -23.57 -36.63
C ASP B 189 33.20 -23.85 -36.63
N TYR B 190 32.82 -25.03 -36.13
CA TYR B 190 31.44 -25.48 -36.01
C TYR B 190 30.89 -25.26 -34.61
N ALA B 191 31.65 -24.60 -33.72
CA ALA B 191 31.21 -24.39 -32.33
C ALA B 191 30.12 -23.28 -32.20
N SER B 192 29.83 -22.86 -30.97
CA SER B 192 28.77 -21.87 -30.69
C SER B 192 29.35 -20.48 -30.44
N TYR B 193 28.61 -19.46 -30.85
CA TYR B 193 29.08 -18.09 -30.89
C TYR B 193 28.26 -17.20 -30.01
N THR B 194 28.84 -16.07 -29.63
CA THR B 194 28.16 -15.05 -28.83
C THR B 194 28.40 -13.65 -29.37
N CYS B 195 27.34 -12.84 -29.39
CA CYS B 195 27.38 -11.45 -29.86
C CYS B 195 27.32 -10.53 -28.66
N GLN B 196 28.48 -10.34 -28.02
CA GLN B 196 28.60 -9.48 -26.83
C GLN B 196 28.44 -8.03 -27.26
N VAL B 197 27.30 -7.43 -26.88
CA VAL B 197 27.10 -5.98 -27.03
C VAL B 197 27.39 -5.26 -25.70
N SER B 198 27.82 -4.02 -25.82
CA SER B 198 28.32 -3.28 -24.69
C SER B 198 28.02 -1.82 -25.00
N VAL B 199 27.80 -1.02 -23.96
CA VAL B 199 27.77 0.44 -24.10
C VAL B 199 28.92 1.07 -23.32
N ARG B 200 29.99 0.30 -23.14
CA ARG B 200 31.15 0.67 -22.31
C ARG B 200 30.78 0.90 -20.83
N ASN B 201 29.78 0.14 -20.36
CA ASN B 201 29.27 0.19 -18.99
C ASN B 201 28.79 1.58 -18.51
N VAL B 202 28.51 2.49 -19.44
CA VAL B 202 28.27 3.91 -19.09
C VAL B 202 26.90 4.16 -18.50
N CYS B 203 26.84 5.04 -17.53
CA CYS B 203 25.65 5.30 -16.74
C CYS B 203 25.05 4.04 -16.07
N GLY B 204 25.93 3.17 -15.59
CA GLY B 204 25.55 1.99 -14.81
C GLY B 204 24.78 0.90 -15.55
N ILE B 205 25.02 0.79 -16.86
CA ILE B 205 24.21 -0.08 -17.73
C ILE B 205 24.97 -1.36 -18.06
N PRO B 206 24.38 -2.53 -17.73
CA PRO B 206 25.12 -3.78 -17.90
C PRO B 206 25.34 -4.14 -19.35
N ASP B 207 26.41 -4.89 -19.61
CA ASP B 207 26.60 -5.50 -20.92
C ASP B 207 25.64 -6.68 -21.08
N LYS B 208 24.93 -6.72 -22.21
CA LYS B 208 24.11 -7.87 -22.61
C LYS B 208 24.73 -8.52 -23.83
N ALA B 209 24.37 -9.77 -24.07
CA ALA B 209 24.95 -10.58 -25.17
C ALA B 209 23.92 -11.60 -25.66
N ILE B 210 24.28 -12.37 -26.69
CA ILE B 210 23.38 -13.39 -27.23
C ILE B 210 24.15 -14.52 -27.93
N THR B 211 23.65 -15.74 -27.75
CA THR B 211 24.31 -16.99 -28.16
C THR B 211 23.53 -17.68 -29.29
N PHE B 212 24.27 -18.33 -30.20
CA PHE B 212 23.68 -19.25 -31.16
C PHE B 212 24.65 -20.38 -31.49
N ARG B 213 24.09 -21.58 -31.68
CA ARG B 213 24.85 -22.80 -31.85
C ARG B 213 24.98 -23.14 -33.34
N LEU B 214 25.83 -24.11 -33.66
CA LEU B 214 26.09 -24.54 -35.03
C LEU B 214 26.36 -26.05 -35.13
N THR B 215 25.85 -26.69 -36.20
CA THR B 215 26.10 -28.11 -36.49
C THR B 215 26.15 -28.36 -38.02
N VAL C 11 5.38 57.12 -35.72
CA VAL C 11 6.23 57.76 -36.78
C VAL C 11 5.54 57.60 -38.15
N ARG C 12 5.99 58.39 -39.16
CA ARG C 12 5.49 58.33 -40.52
C ARG C 12 6.66 58.62 -41.58
N GLY C 13 6.37 58.21 -42.83
CA GLY C 13 7.34 58.19 -43.96
C GLY C 13 6.75 58.56 -45.33
N VAL C 14 6.97 57.73 -46.37
CA VAL C 14 6.69 58.10 -47.81
C VAL C 14 5.99 57.03 -48.70
N ARG C 15 5.44 57.49 -49.84
CA ARG C 15 4.46 56.74 -50.69
C ARG C 15 4.89 56.62 -52.15
N ARG C 16 4.60 55.48 -52.81
CA ARG C 16 5.02 55.19 -54.22
C ARG C 16 3.99 54.31 -54.99
N GLU C 17 4.20 54.05 -56.30
CA GLU C 17 3.17 53.39 -57.17
C GLU C 17 3.68 52.97 -58.57
N LEU C 18 3.37 51.75 -59.03
CA LEU C 18 3.56 51.39 -60.47
C LEU C 18 2.61 50.25 -60.87
N ILE C 22 0.08 49.11 -63.12
CA ILE C 22 -0.92 48.12 -62.73
C ILE C 22 -1.53 47.98 -61.33
N LEU C 23 -0.72 48.24 -60.31
CA LEU C 23 -0.90 47.71 -58.95
C LEU C 23 -1.29 48.71 -57.87
N GLY C 24 -1.68 48.16 -56.70
CA GLY C 24 -2.07 48.98 -55.56
C GLY C 24 -0.88 49.63 -54.89
N PRO C 25 -1.00 50.94 -54.56
CA PRO C 25 0.14 51.73 -54.02
C PRO C 25 0.58 51.34 -52.60
N VAL C 26 1.77 51.81 -52.24
CA VAL C 26 2.55 51.31 -51.09
C VAL C 26 3.33 52.40 -50.37
N VAL C 27 3.47 52.25 -49.05
CA VAL C 27 4.24 53.14 -48.19
C VAL C 27 5.55 52.45 -47.79
N GLN C 28 6.64 53.21 -47.86
CA GLN C 28 7.98 52.77 -47.45
C GLN C 28 8.37 53.43 -46.12
N PHE C 29 9.22 52.76 -45.35
CA PHE C 29 9.72 53.28 -44.08
C PHE C 29 11.24 53.12 -44.02
N LEU C 30 11.92 54.05 -44.67
CA LEU C 30 13.36 53.94 -44.87
C LEU C 30 14.12 54.64 -43.73
N GLY C 31 14.94 53.88 -43.02
CA GLY C 31 15.79 54.41 -41.96
C GLY C 31 15.19 54.32 -40.57
N VAL C 32 14.48 53.23 -40.29
CA VAL C 32 13.93 52.98 -38.95
C VAL C 32 14.89 52.08 -38.20
N PRO C 33 15.35 52.49 -37.02
CA PRO C 33 16.29 51.65 -36.24
C PRO C 33 15.59 50.58 -35.42
N TYR C 34 16.30 49.47 -35.20
CA TYR C 34 15.82 48.40 -34.30
C TYR C 34 16.67 48.17 -33.07
N ALA C 35 17.77 48.92 -32.95
CA ALA C 35 18.64 48.84 -31.79
C ALA C 35 19.64 49.98 -31.78
N THR C 36 20.20 50.25 -30.59
CA THR C 36 21.21 51.29 -30.43
C THR C 36 22.49 50.80 -31.11
N PRO C 37 23.13 51.66 -31.94
CA PRO C 37 24.13 51.12 -32.86
C PRO C 37 25.45 50.76 -32.17
N PRO C 38 26.10 49.66 -32.63
CA PRO C 38 27.28 49.12 -31.97
C PRO C 38 28.53 49.94 -32.28
N LEU C 39 28.82 50.94 -31.43
CA LEU C 39 29.81 51.96 -31.73
C LEU C 39 31.06 51.89 -30.86
N GLY C 40 30.90 52.09 -29.55
CA GLY C 40 32.04 52.12 -28.64
C GLY C 40 32.44 50.69 -28.28
N ALA C 41 32.37 50.38 -26.99
CA ALA C 41 32.47 49.01 -26.52
C ALA C 41 31.10 48.33 -26.55
N ARG C 42 30.15 48.87 -27.31
CA ARG C 42 28.99 48.13 -27.80
C ARG C 42 29.33 47.33 -29.08
N ARG C 43 30.52 47.55 -29.65
CA ARG C 43 31.04 46.72 -30.74
C ARG C 43 31.47 45.36 -30.18
N PHE C 44 31.25 44.29 -30.94
CA PHE C 44 31.43 42.93 -30.44
C PHE C 44 30.70 42.75 -29.12
N GLN C 45 29.46 43.24 -29.10
CA GLN C 45 28.55 43.06 -27.98
C GLN C 45 27.14 42.90 -28.54
N PRO C 46 26.31 42.05 -27.88
CA PRO C 46 24.94 41.87 -28.33
C PRO C 46 24.20 43.18 -28.48
N PRO C 47 23.30 43.28 -29.47
CA PRO C 47 22.63 44.53 -29.63
C PRO C 47 21.69 44.72 -28.45
N GLU C 48 21.76 45.89 -27.83
CA GLU C 48 20.73 46.29 -26.87
C GLU C 48 19.70 47.08 -27.66
N ALA C 49 18.49 47.15 -27.11
CA ALA C 49 17.31 47.53 -27.87
C ALA C 49 17.32 49.02 -28.32
N PRO C 50 16.22 49.53 -28.95
CA PRO C 50 16.38 50.85 -29.58
C PRO C 50 16.44 52.00 -28.57
N ALA C 51 17.34 52.97 -28.79
CA ALA C 51 17.36 54.20 -27.98
C ALA C 51 16.07 54.99 -28.27
N SER C 52 15.47 55.58 -27.24
CA SER C 52 14.06 55.98 -27.30
C SER C 52 13.81 57.18 -28.25
N TRP C 53 12.81 57.05 -29.15
CA TRP C 53 12.57 58.02 -30.23
C TRP C 53 11.77 59.30 -29.77
N PRO C 54 12.44 60.48 -29.62
CA PRO C 54 11.84 61.71 -29.00
C PRO C 54 10.85 62.49 -29.86
N GLY C 55 11.03 62.38 -31.17
CA GLY C 55 10.30 63.06 -32.17
C GLY C 55 9.87 62.18 -33.37
N VAL C 56 8.95 62.69 -34.21
CA VAL C 56 8.51 62.03 -35.44
C VAL C 56 9.71 61.75 -36.34
N ARG C 57 10.17 60.50 -36.33
CA ARG C 57 11.44 60.14 -36.95
C ARG C 57 11.36 60.23 -38.50
N ASN C 58 12.37 60.89 -39.10
CA ASN C 58 12.43 61.10 -40.57
C ASN C 58 12.67 59.73 -41.24
N ALA C 59 11.59 58.98 -41.42
CA ALA C 59 11.63 57.63 -41.99
C ALA C 59 11.40 57.71 -43.49
N THR C 60 12.35 58.35 -44.18
CA THR C 60 12.13 58.81 -45.54
C THR C 60 13.17 58.40 -46.58
N THR C 61 14.45 58.28 -46.20
CA THR C 61 15.50 57.87 -47.15
C THR C 61 16.39 56.75 -46.63
N LEU C 62 17.10 56.12 -47.58
CA LEU C 62 17.84 54.86 -47.37
C LEU C 62 18.88 54.92 -46.22
N PRO C 63 18.81 53.98 -45.24
CA PRO C 63 19.85 53.95 -44.21
C PRO C 63 21.15 53.40 -44.76
N PRO C 64 22.30 53.91 -44.30
CA PRO C 64 23.55 53.49 -44.89
C PRO C 64 23.94 52.06 -44.52
N ALA C 65 24.97 51.58 -45.21
CA ALA C 65 25.36 50.18 -45.19
C ALA C 65 26.33 49.88 -44.05
N CYS C 66 26.45 48.59 -43.73
CA CYS C 66 27.41 48.14 -42.72
C CYS C 66 28.81 47.99 -43.33
N PRO C 67 29.85 48.02 -42.48
CA PRO C 67 31.24 47.88 -42.92
C PRO C 67 31.53 46.63 -43.79
N GLN C 68 31.79 46.89 -45.07
CA GLN C 68 32.18 45.89 -46.06
C GLN C 68 33.18 46.49 -47.03
N ASN C 69 34.04 45.66 -47.61
CA ASN C 69 34.97 46.08 -48.66
C ASN C 69 34.62 45.28 -49.90
N LEU C 70 34.43 45.99 -51.01
CA LEU C 70 34.16 45.34 -52.30
C LEU C 70 35.42 45.14 -53.17
N HIS C 71 36.46 45.91 -52.86
CA HIS C 71 37.55 46.11 -53.79
C HIS C 71 38.71 45.13 -53.55
N GLY C 72 38.40 43.82 -53.59
CA GLY C 72 39.42 42.78 -53.44
C GLY C 72 38.94 41.47 -52.82
N ALA C 73 38.85 41.46 -51.48
CA ALA C 73 38.36 40.30 -50.71
C ALA C 73 36.89 40.02 -51.08
N LEU C 74 36.71 39.04 -51.99
CA LEU C 74 35.43 38.77 -52.64
C LEU C 74 35.22 37.28 -52.98
N PRO C 75 34.70 36.48 -52.01
CA PRO C 75 34.22 35.12 -52.25
C PRO C 75 33.30 34.89 -53.48
N ALA C 76 33.94 34.93 -54.66
CA ALA C 76 33.29 34.85 -55.98
C ALA C 76 32.30 33.72 -56.03
N ILE C 77 32.83 32.52 -55.89
CA ILE C 77 32.10 31.28 -56.12
C ILE C 77 30.76 31.27 -55.40
N MET C 78 30.75 31.75 -54.16
CA MET C 78 29.59 31.61 -53.28
C MET C 78 28.58 32.76 -53.32
N LEU C 79 28.88 33.81 -54.09
CA LEU C 79 27.97 34.97 -54.18
C LEU C 79 26.98 34.76 -55.32
N PRO C 80 25.77 35.34 -55.20
CA PRO C 80 24.84 35.42 -56.33
C PRO C 80 25.48 35.95 -57.61
N VAL C 81 24.86 35.65 -58.75
CA VAL C 81 25.39 36.07 -60.04
C VAL C 81 25.24 37.57 -60.24
N TRP C 82 24.01 38.10 -60.14
CA TRP C 82 23.80 39.55 -60.31
C TRP C 82 24.82 40.39 -59.55
N PHE C 83 25.16 39.94 -58.33
CA PHE C 83 26.23 40.55 -57.51
C PHE C 83 27.54 40.70 -58.29
N THR C 84 28.08 39.57 -58.74
CA THR C 84 29.42 39.55 -59.34
C THR C 84 29.42 39.69 -60.86
N ASP C 85 28.25 39.84 -61.47
CA ASP C 85 28.15 40.24 -62.89
C ASP C 85 28.02 41.75 -63.03
N ASN C 86 27.40 42.38 -62.04
CA ASN C 86 27.10 43.81 -62.08
C ASN C 86 27.66 44.54 -60.84
N LEU C 87 28.93 44.28 -60.50
CA LEU C 87 29.61 44.89 -59.31
C LEU C 87 29.57 46.41 -59.27
N GLU C 88 29.74 47.02 -60.44
CA GLU C 88 29.67 48.46 -60.59
C GLU C 88 28.31 48.96 -60.17
N ALA C 89 27.27 48.22 -60.54
CA ALA C 89 25.90 48.51 -60.11
C ALA C 89 25.64 48.13 -58.65
N ALA C 90 26.21 47.02 -58.19
CA ALA C 90 26.05 46.61 -56.78
C ALA C 90 26.81 47.52 -55.82
N ALA C 91 27.86 48.15 -56.31
CA ALA C 91 28.64 49.11 -55.54
C ALA C 91 27.82 50.29 -55.09
N THR C 92 26.97 50.79 -55.98
CA THR C 92 26.24 52.05 -55.76
C THR C 92 25.43 52.09 -54.44
N TYR C 93 24.90 50.94 -54.02
CA TYR C 93 24.07 50.83 -52.81
C TYR C 93 24.89 50.91 -51.52
N VAL C 94 26.02 50.22 -51.50
CA VAL C 94 26.87 50.08 -50.32
C VAL C 94 27.94 51.17 -50.15
N GLN C 95 27.84 52.26 -50.91
CA GLN C 95 28.88 53.30 -50.90
C GLN C 95 28.80 54.14 -49.63
N ASN C 96 27.60 54.60 -49.27
CA ASN C 96 27.36 55.24 -47.97
C ASN C 96 27.44 54.15 -46.89
N GLN C 97 28.62 53.99 -46.31
CA GLN C 97 28.88 53.08 -45.18
C GLN C 97 29.02 53.86 -43.86
N SER C 98 28.67 53.16 -42.77
CA SER C 98 28.91 53.63 -41.41
C SER C 98 28.79 52.45 -40.46
N GLU C 99 29.36 52.57 -39.27
CA GLU C 99 29.23 51.52 -38.27
C GLU C 99 27.81 51.50 -37.71
N ASP C 100 27.22 52.69 -37.58
CA ASP C 100 25.79 52.85 -37.27
C ASP C 100 24.98 52.46 -38.49
N CYS C 101 24.66 51.18 -38.58
CA CYS C 101 23.89 50.59 -39.69
C CYS C 101 22.68 49.74 -39.29
N LEU C 102 22.40 49.64 -37.99
CA LEU C 102 21.28 48.81 -37.50
C LEU C 102 19.96 49.55 -37.70
N TYR C 103 19.54 49.53 -38.96
CA TYR C 103 18.28 50.09 -39.41
C TYR C 103 17.62 49.08 -40.35
N LEU C 104 16.32 48.84 -40.16
CA LEU C 104 15.53 48.06 -41.11
C LEU C 104 14.70 48.97 -41.99
N ASN C 105 14.14 48.39 -43.05
CA ASN C 105 13.18 49.08 -43.89
C ASN C 105 11.88 48.29 -43.82
N LEU C 106 10.79 48.94 -44.22
CA LEU C 106 9.50 48.27 -44.42
C LEU C 106 8.88 48.69 -45.75
N TYR C 107 7.95 47.88 -46.22
CA TYR C 107 7.16 48.18 -47.39
C TYR C 107 5.76 47.67 -47.08
N VAL C 108 4.80 48.58 -46.88
CA VAL C 108 3.42 48.22 -46.53
C VAL C 108 2.47 48.90 -47.51
N PRO C 109 1.47 48.16 -48.06
CA PRO C 109 0.59 48.71 -49.09
C PRO C 109 -0.71 49.36 -48.59
N THR C 110 -1.29 50.22 -49.43
CA THR C 110 -2.60 50.81 -49.14
C THR C 110 -3.67 49.75 -49.33
N GLU C 111 -3.70 49.20 -50.56
CA GLU C 111 -4.79 48.30 -51.00
C GLU C 111 -4.22 47.03 -51.63
N ASP C 112 -5.06 45.99 -51.73
CA ASP C 112 -4.65 44.67 -52.26
C ASP C 112 -4.29 44.70 -53.76
N GLY C 113 -3.10 44.17 -54.11
CA GLY C 113 -2.56 44.33 -55.49
C GLY C 113 -3.03 43.26 -56.50
N PRO C 114 -3.06 43.58 -57.83
CA PRO C 114 -3.49 42.73 -58.99
C PRO C 114 -2.47 41.63 -59.46
N SER C 134 -8.70 46.22 -43.15
CA SER C 134 -7.35 46.37 -42.58
C SER C 134 -6.89 45.16 -41.72
N GLY C 135 -7.56 44.00 -41.87
CA GLY C 135 -7.27 42.77 -41.10
C GLY C 135 -5.81 42.34 -41.17
N LYS C 136 -5.22 41.98 -40.00
CA LYS C 136 -3.76 42.17 -39.78
C LYS C 136 -2.87 41.39 -40.79
N LYS C 137 -2.20 42.12 -41.68
CA LYS C 137 -1.42 41.52 -42.78
C LYS C 137 -0.10 40.88 -42.26
N PRO C 138 0.31 39.73 -42.83
CA PRO C 138 1.57 39.08 -42.42
C PRO C 138 2.88 39.80 -42.75
N VAL C 139 3.96 39.28 -42.18
CA VAL C 139 5.27 39.92 -42.18
C VAL C 139 6.34 39.03 -42.78
N MET C 140 6.94 39.50 -43.86
CA MET C 140 8.02 38.79 -44.52
C MET C 140 9.34 39.56 -44.38
N LEU C 141 10.18 39.12 -43.44
CA LEU C 141 11.47 39.75 -43.18
C LEU C 141 12.55 39.13 -44.04
N PHE C 142 13.39 39.97 -44.64
CA PHE C 142 14.41 39.50 -45.55
C PHE C 142 15.79 39.57 -44.95
N LEU C 143 16.40 38.40 -44.79
CA LEU C 143 17.82 38.26 -44.58
C LEU C 143 18.42 38.18 -45.96
N HIS C 144 19.71 38.41 -46.13
CA HIS C 144 20.22 38.85 -47.42
C HIS C 144 21.69 38.60 -47.73
N GLY C 145 22.15 39.23 -48.80
CA GLY C 145 23.55 39.39 -49.08
C GLY C 145 23.87 38.23 -49.96
N GLY C 146 24.81 37.40 -49.49
CA GLY C 146 25.31 36.27 -50.28
C GLY C 146 26.47 35.55 -49.63
N SER C 147 27.49 36.34 -49.23
CA SER C 147 28.45 35.91 -48.22
C SER C 147 28.03 36.55 -46.92
N TYR C 148 28.69 36.15 -45.86
CA TYR C 148 28.49 36.79 -44.56
C TYR C 148 29.11 38.19 -44.52
N MET C 149 29.89 38.54 -45.55
CA MET C 149 30.66 39.77 -45.56
C MET C 149 30.12 40.82 -46.57
N GLU C 150 29.07 40.50 -47.35
CA GLU C 150 28.65 41.33 -48.48
C GLU C 150 27.14 41.45 -48.67
N GLY C 151 26.67 42.71 -48.74
CA GLY C 151 25.27 43.05 -49.05
C GLY C 151 24.59 44.07 -48.12
N THR C 152 23.41 44.51 -48.53
CA THR C 152 22.46 45.23 -47.66
C THR C 152 21.04 44.92 -48.13
N GLY C 153 20.07 45.01 -47.22
CA GLY C 153 18.65 44.84 -47.56
C GLY C 153 18.11 45.93 -48.48
N ASN C 154 18.85 47.02 -48.55
CA ASN C 154 18.53 48.12 -49.45
C ASN C 154 18.59 47.68 -50.91
N MET C 155 19.60 46.90 -51.30
CA MET C 155 19.67 46.36 -52.67
C MET C 155 18.34 45.73 -53.13
N PHE C 156 17.59 45.16 -52.18
CA PHE C 156 16.35 44.46 -52.46
C PHE C 156 15.17 45.38 -52.19
N ASP C 157 14.59 45.93 -53.26
CA ASP C 157 13.38 46.77 -53.14
C ASP C 157 12.17 45.87 -53.11
N GLY C 158 11.83 45.42 -51.91
CA GLY C 158 10.70 44.56 -51.68
C GLY C 158 9.41 45.34 -51.58
N SER C 159 9.13 46.10 -52.63
CA SER C 159 7.97 46.96 -52.68
C SER C 159 6.86 46.28 -53.50
N VAL C 160 7.23 45.79 -54.69
CA VAL C 160 6.29 45.13 -55.60
C VAL C 160 5.63 44.00 -54.86
N LEU C 161 6.48 43.16 -54.25
CA LEU C 161 6.03 42.00 -53.52
C LEU C 161 4.95 42.42 -52.55
N ALA C 162 5.25 43.40 -51.70
CA ALA C 162 4.28 43.86 -50.73
C ALA C 162 2.92 44.17 -51.37
N ALA C 163 2.95 44.94 -52.46
CA ALA C 163 1.73 45.36 -53.16
C ALA C 163 0.96 44.20 -53.73
N TYR C 164 1.64 43.43 -54.58
CA TYR C 164 1.03 42.25 -55.23
C TYR C 164 0.61 41.16 -54.27
N GLY C 165 1.41 40.96 -53.23
CA GLY C 165 1.12 39.94 -52.20
C GLY C 165 0.12 40.38 -51.15
N ASN C 166 0.11 41.69 -50.87
CA ASN C 166 -0.68 42.27 -49.79
C ASN C 166 -0.18 41.80 -48.41
N VAL C 167 1.14 41.89 -48.23
CA VAL C 167 1.77 41.58 -46.96
C VAL C 167 2.92 42.54 -46.72
N ILE C 168 3.41 42.55 -45.50
CA ILE C 168 4.45 43.49 -45.10
C ILE C 168 5.82 42.86 -45.30
N VAL C 169 6.61 43.49 -46.18
CA VAL C 169 7.95 43.03 -46.54
C VAL C 169 8.98 43.88 -45.83
N ALA C 170 9.89 43.23 -45.10
CA ALA C 170 10.91 43.93 -44.33
C ALA C 170 12.29 43.55 -44.85
N THR C 171 13.10 44.55 -45.16
CA THR C 171 14.48 44.37 -45.62
C THR C 171 15.42 45.11 -44.66
N LEU C 172 16.40 44.40 -44.09
CA LEU C 172 17.24 44.99 -43.02
C LEU C 172 18.73 45.12 -43.34
N ASN C 173 19.51 45.53 -42.34
CA ASN C 173 20.95 45.38 -42.37
C ASN C 173 21.41 44.79 -41.05
N TYR C 174 22.21 43.72 -41.13
CA TYR C 174 22.86 43.12 -39.94
C TYR C 174 24.32 43.42 -40.07
N ARG C 175 25.05 43.25 -38.98
CA ARG C 175 26.50 43.48 -38.96
C ARG C 175 27.24 42.46 -39.83
N LEU C 176 28.16 42.95 -40.65
CA LEU C 176 28.85 42.13 -41.66
C LEU C 176 30.33 41.95 -41.38
N GLY C 177 30.90 40.95 -42.04
CA GLY C 177 32.32 40.75 -42.09
C GLY C 177 32.82 40.54 -40.69
N VAL C 178 33.85 41.28 -40.34
CA VAL C 178 34.45 41.14 -39.04
C VAL C 178 33.43 41.50 -37.96
N LEU C 179 32.81 42.68 -38.11
CA LEU C 179 31.85 43.19 -37.12
C LEU C 179 30.72 42.23 -36.79
N GLY C 180 30.36 41.39 -37.77
CA GLY C 180 29.29 40.42 -37.61
C GLY C 180 29.60 39.20 -36.75
N PHE C 181 30.80 38.63 -36.90
CA PHE C 181 31.10 37.29 -36.36
C PHE C 181 32.51 36.99 -35.83
N LEU C 182 33.31 38.01 -35.57
CA LEU C 182 34.64 37.79 -35.02
C LEU C 182 34.48 37.07 -33.69
N SER C 183 35.33 36.09 -33.47
CA SER C 183 35.26 35.32 -32.25
C SER C 183 36.61 34.79 -31.79
N THR C 184 36.71 34.65 -30.49
CA THR C 184 37.79 33.96 -29.81
C THR C 184 37.37 32.54 -29.40
N GLY C 185 36.07 32.30 -29.27
CA GLY C 185 35.53 31.10 -28.63
C GLY C 185 35.55 31.20 -27.12
N ASP C 186 35.66 32.43 -26.59
CA ASP C 186 35.67 32.73 -25.14
C ASP C 186 34.45 33.55 -24.73
N GLN C 187 34.35 33.86 -23.43
CA GLN C 187 33.36 34.84 -22.97
C GLN C 187 33.73 36.23 -23.48
N ALA C 188 35.01 36.45 -23.72
CA ALA C 188 35.54 37.70 -24.30
C ALA C 188 34.94 38.16 -25.62
N ALA C 189 34.71 37.23 -26.54
CA ALA C 189 34.15 37.56 -27.87
C ALA C 189 33.34 36.41 -28.46
N LYS C 190 32.14 36.21 -27.93
CA LYS C 190 31.30 35.04 -28.22
C LYS C 190 30.97 34.85 -29.70
N GLY C 191 30.91 35.93 -30.45
CA GLY C 191 30.56 35.88 -31.87
C GLY C 191 29.05 35.74 -32.05
N ASN C 192 28.66 35.49 -33.30
CA ASN C 192 27.24 35.45 -33.72
C ASN C 192 26.51 36.77 -33.46
N TYR C 193 27.20 37.87 -33.69
CA TYR C 193 26.63 39.18 -33.44
C TYR C 193 25.64 39.52 -34.53
N GLY C 194 26.03 39.27 -35.77
CA GLY C 194 25.16 39.51 -36.94
C GLY C 194 23.80 38.85 -36.83
N LEU C 195 23.78 37.62 -36.32
CA LEU C 195 22.51 36.92 -36.08
C LEU C 195 21.72 37.65 -35.03
N LEU C 196 22.35 37.94 -33.89
CA LEU C 196 21.67 38.65 -32.83
C LEU C 196 21.06 39.97 -33.30
N ASP C 197 21.70 40.62 -34.29
CA ASP C 197 21.12 41.80 -34.94
C ASP C 197 19.85 41.44 -35.70
N GLN C 198 19.89 40.33 -36.43
CA GLN C 198 18.68 39.83 -37.11
C GLN C 198 17.63 39.45 -36.10
N ILE C 199 18.02 38.75 -35.03
CA ILE C 199 17.10 38.33 -33.98
C ILE C 199 16.42 39.56 -33.37
N GLN C 200 17.19 40.58 -33.01
CA GLN C 200 16.61 41.80 -32.42
C GLN C 200 15.64 42.47 -33.39
N ALA C 201 16.09 42.76 -34.61
CA ALA C 201 15.23 43.30 -35.67
C ALA C 201 13.90 42.56 -35.80
N LEU C 202 13.97 41.25 -35.63
CA LEU C 202 12.79 40.37 -35.62
C LEU C 202 11.94 40.63 -34.38
N ARG C 203 12.61 40.72 -33.24
CA ARG C 203 11.97 41.07 -31.97
C ARG C 203 11.29 42.46 -32.01
N TRP C 204 11.82 43.37 -32.83
CA TRP C 204 11.21 44.69 -33.07
C TRP C 204 9.87 44.49 -33.72
N LEU C 205 9.83 43.64 -34.74
CA LEU C 205 8.60 43.37 -35.45
C LEU C 205 7.58 42.71 -34.51
N SER C 206 7.93 41.54 -33.96
CA SER C 206 7.05 40.75 -33.05
C SER C 206 5.86 41.53 -32.44
N GLU C 207 7.85 43.24 -31.32
CA GLU C 207 6.86 43.84 -30.44
C GLU C 207 5.92 44.79 -31.22
N ASN C 208 6.47 45.48 -32.22
CA ASN C 208 5.82 46.65 -32.84
C ASN C 208 4.86 46.37 -33.98
N ILE C 209 5.35 45.67 -35.00
CA ILE C 209 4.76 45.67 -36.37
C ILE C 209 3.25 45.82 -36.46
N ALA C 210 2.54 45.26 -35.48
CA ALA C 210 1.11 45.53 -35.27
C ALA C 210 0.67 46.93 -35.71
N HIS C 211 1.45 47.96 -35.35
CA HIS C 211 1.16 49.36 -35.75
C HIS C 211 1.73 49.72 -37.15
N PHE C 212 1.56 48.82 -38.12
CA PHE C 212 1.60 49.18 -39.53
C PHE C 212 0.53 48.41 -40.34
N GLY C 213 -0.49 47.89 -39.64
CA GLY C 213 -1.38 46.87 -40.20
C GLY C 213 -0.70 45.50 -40.30
N GLY C 214 0.25 45.22 -39.39
CA GLY C 214 1.04 43.98 -39.41
C GLY C 214 0.50 42.93 -38.45
N ASP C 215 0.99 41.68 -38.56
CA ASP C 215 0.54 40.58 -37.71
C ASP C 215 1.72 39.91 -37.01
N PRO C 216 1.70 39.88 -35.66
CA PRO C 216 2.82 39.33 -34.92
C PRO C 216 2.86 37.79 -34.83
N GLU C 217 1.76 37.13 -35.19
CA GLU C 217 1.67 35.66 -35.15
C GLU C 217 1.71 35.00 -36.55
N ARG C 218 2.16 35.74 -37.56
CA ARG C 218 2.40 35.20 -38.90
C ARG C 218 3.60 35.92 -39.53
N ILE C 219 4.70 35.94 -38.78
CA ILE C 219 5.92 36.56 -39.24
C ILE C 219 6.71 35.50 -39.97
N THR C 220 7.38 35.91 -41.04
CA THR C 220 7.98 34.97 -41.96
C THR C 220 9.34 35.43 -42.45
N ILE C 221 10.39 34.75 -42.02
CA ILE C 221 11.72 35.09 -42.48
C ILE C 221 12.01 34.40 -43.78
N PHE C 222 12.77 35.05 -44.66
CA PHE C 222 13.17 34.45 -45.93
C PHE C 222 14.50 34.95 -46.44
N GLY C 223 15.30 34.06 -47.03
CA GLY C 223 16.71 34.32 -47.32
C GLY C 223 17.24 33.84 -48.66
N SER C 224 18.54 34.11 -48.90
CA SER C 224 19.26 33.70 -50.11
C SER C 224 20.79 33.68 -49.92
N GLY C 225 21.37 32.48 -49.99
CA GLY C 225 22.84 32.27 -50.10
C GLY C 225 23.53 32.08 -48.75
N ALA C 226 23.61 33.20 -48.04
CA ALA C 226 24.00 33.22 -46.64
C ALA C 226 22.75 33.44 -45.83
N GLY C 227 21.93 34.40 -46.24
CA GLY C 227 20.64 34.63 -45.59
C GLY C 227 19.95 33.32 -45.34
N ALA C 228 19.91 32.49 -46.38
CA ALA C 228 19.41 31.13 -46.29
C ALA C 228 20.02 30.39 -45.11
N SER C 229 21.35 30.35 -45.11
CA SER C 229 22.10 29.76 -44.03
C SER C 229 21.57 30.35 -42.70
N CYS C 230 21.54 31.68 -42.61
CA CYS C 230 21.06 32.37 -41.41
C CYS C 230 19.66 31.95 -41.01
N VAL C 231 18.77 31.86 -42.00
CA VAL C 231 17.40 31.45 -41.76
C VAL C 231 17.45 30.15 -40.97
N ASN C 232 18.13 29.17 -41.55
CA ASN C 232 18.27 27.84 -40.95
C ASN C 232 18.91 27.83 -39.56
N LEU C 233 19.82 28.77 -39.30
CA LEU C 233 20.49 28.87 -37.99
C LEU C 233 19.59 29.45 -36.89
N LEU C 234 18.80 30.46 -37.25
CA LEU C 234 17.84 31.04 -36.32
C LEU C 234 16.88 29.97 -35.86
N ILE C 235 16.36 29.21 -36.81
CA ILE C 235 15.46 28.08 -36.55
C ILE C 235 15.96 27.18 -35.43
N LEU C 236 17.23 26.84 -35.47
CA LEU C 236 17.79 25.88 -34.53
C LEU C 236 17.99 26.50 -33.16
N SER C 237 18.09 27.83 -33.11
CA SER C 237 18.23 28.58 -31.85
C SER C 237 17.00 28.61 -30.95
N HIS C 238 17.27 29.00 -29.71
CA HIS C 238 16.24 29.27 -28.71
C HIS C 238 15.83 30.71 -28.78
N HIS C 239 16.79 31.58 -29.12
CA HIS C 239 16.57 33.03 -29.07
C HIS C 239 15.53 33.57 -30.07
N SER C 240 15.09 32.72 -31.01
CA SER C 240 14.00 33.06 -31.92
C SER C 240 12.68 32.36 -31.50
N GLU C 241 12.31 32.48 -30.22
CA GLU C 241 11.13 31.77 -29.71
C GLU C 241 9.80 32.27 -30.30
N GLY C 242 9.26 33.39 -29.78
CA GLY C 242 7.92 33.88 -30.19
C GLY C 242 7.95 34.90 -31.31
N LEU C 243 8.99 34.82 -32.14
CA LEU C 243 9.31 35.88 -33.09
C LEU C 243 8.87 35.57 -34.49
N PHE C 244 8.94 34.31 -34.90
CA PHE C 244 8.42 33.91 -36.21
C PHE C 244 7.90 32.47 -36.26
N GLN C 245 7.10 32.20 -37.30
CA GLN C 245 6.45 30.91 -37.51
C GLN C 245 6.87 30.22 -38.81
N LYS C 246 7.26 31.00 -39.82
CA LYS C 246 7.46 30.53 -41.19
C LYS C 246 8.84 30.93 -41.70
N ALA C 247 9.46 30.05 -42.49
CA ALA C 247 10.86 30.19 -42.88
C ALA C 247 11.10 29.77 -44.33
N ILE C 248 11.84 30.56 -45.09
CA ILE C 248 12.09 30.26 -46.48
C ILE C 248 13.55 30.35 -46.82
N ALA C 249 14.16 29.20 -47.08
CA ALA C 249 15.57 29.10 -47.40
C ALA C 249 15.84 28.96 -48.91
N GLN C 250 15.82 30.09 -49.63
CA GLN C 250 16.07 30.08 -51.06
C GLN C 250 17.53 29.74 -51.39
N SER C 251 17.79 28.47 -51.69
CA SER C 251 19.11 28.00 -52.17
C SER C 251 20.20 28.16 -51.12
N GLY C 252 20.24 27.23 -50.18
CA GLY C 252 21.28 27.23 -49.13
C GLY C 252 20.74 26.80 -47.79
N THR C 253 21.68 26.48 -46.89
CA THR C 253 21.33 25.94 -45.57
C THR C 253 22.54 25.90 -44.61
N ALA C 254 22.28 25.46 -43.38
CA ALA C 254 23.19 25.63 -42.24
C ALA C 254 24.29 24.59 -42.09
N ILE C 255 24.15 23.46 -42.76
CA ILE C 255 25.09 22.36 -42.63
C ILE C 255 26.15 22.34 -43.73
N SER C 256 26.04 23.25 -44.71
CA SER C 256 27.05 23.37 -45.77
C SER C 256 28.42 23.79 -45.22
N SER C 257 29.42 23.65 -46.09
CA SER C 257 30.79 23.97 -45.74
C SER C 257 31.03 25.40 -45.27
N TRP C 258 30.28 26.32 -45.86
CA TRP C 258 30.50 27.78 -45.74
C TRP C 258 29.32 28.52 -45.11
N SER C 259 28.57 27.82 -44.28
CA SER C 259 27.48 28.42 -43.53
C SER C 259 27.90 28.72 -42.09
N VAL C 260 28.94 28.02 -41.64
CA VAL C 260 29.30 27.97 -40.24
C VAL C 260 30.80 27.82 -40.19
N ASN C 261 31.44 28.61 -39.34
CA ASN C 261 32.89 28.55 -39.18
C ASN C 261 33.23 27.84 -37.87
N TYR C 262 33.83 26.66 -37.99
CA TYR C 262 34.21 25.84 -36.84
C TYR C 262 35.72 26.01 -36.44
N GLN C 263 36.34 27.15 -36.78
CA GLN C 263 37.75 27.47 -36.40
C GLN C 263 37.92 28.99 -36.17
N PRO C 264 37.13 29.58 -35.25
CA PRO C 264 37.05 31.06 -35.15
C PRO C 264 38.37 31.73 -34.78
N LEU C 265 39.13 31.12 -33.88
CA LEU C 265 40.35 31.72 -33.35
C LEU C 265 41.34 31.95 -34.46
N LYS C 266 41.70 30.88 -35.15
CA LYS C 266 42.74 30.86 -36.22
C LYS C 266 42.70 32.07 -37.17
N TYR C 267 41.49 32.48 -37.56
CA TYR C 267 41.32 33.57 -38.52
C TYR C 267 41.28 34.95 -37.84
N THR C 268 40.67 35.02 -36.66
CA THR C 268 40.73 36.21 -35.81
C THR C 268 42.18 36.56 -35.46
N ARG C 269 42.99 35.53 -35.20
CA ARG C 269 44.45 35.69 -34.99
C ARG C 269 45.09 36.41 -36.15
N LEU C 270 44.82 35.94 -37.36
CA LEU C 270 45.35 36.56 -38.59
C LEU C 270 44.85 38.00 -38.75
N LEU C 271 43.62 38.29 -38.34
CA LEU C 271 43.11 39.66 -38.33
C LEU C 271 43.80 40.50 -37.28
N ALA C 272 43.82 40.01 -36.04
CA ALA C 272 44.53 40.66 -34.94
C ALA C 272 45.99 40.91 -35.30
N ALA C 273 46.59 40.01 -36.06
CA ALA C 273 47.99 40.11 -36.51
C ALA C 273 48.23 41.27 -37.48
N LYS C 274 47.30 41.50 -38.42
CA LYS C 274 47.44 42.60 -39.39
C LYS C 274 47.11 44.00 -38.82
N VAL C 275 46.63 44.08 -37.58
CA VAL C 275 46.45 45.35 -36.87
C VAL C 275 47.17 45.41 -35.51
N GLY C 276 48.14 44.51 -35.27
CA GLY C 276 48.92 44.49 -34.05
C GLY C 276 48.17 44.29 -32.73
N CYS C 277 47.03 43.60 -32.81
CA CYS C 277 46.19 43.33 -31.64
C CYS C 277 46.31 41.90 -31.07
N ASP C 278 47.08 41.03 -31.72
CA ASP C 278 47.12 39.62 -31.32
C ASP C 278 47.97 39.44 -30.06
N ARG C 279 47.33 39.60 -28.91
CA ARG C 279 47.95 39.38 -27.61
C ARG C 279 47.70 37.93 -27.23
N GLU C 280 48.50 37.44 -26.28
CA GLU C 280 48.40 36.05 -25.83
C GLU C 280 47.11 35.80 -25.07
N ASP C 281 46.68 36.78 -24.29
CA ASP C 281 45.37 36.73 -23.63
C ASP C 281 44.23 36.89 -24.64
N SER C 282 43.06 36.33 -24.30
CA SER C 282 41.84 36.59 -25.05
C SER C 282 41.31 38.01 -24.82
N THR C 283 40.85 38.30 -23.61
CA THR C 283 40.06 39.52 -23.31
C THR C 283 40.74 40.83 -23.70
N GLU C 284 42.05 40.89 -23.53
CA GLU C 284 42.84 42.07 -23.84
C GLU C 284 42.92 42.30 -25.35
N ALA C 285 43.10 41.22 -26.11
CA ALA C 285 43.15 41.27 -27.59
C ALA C 285 41.83 41.72 -28.20
N VAL C 286 40.72 41.40 -27.52
CA VAL C 286 39.41 41.82 -27.96
C VAL C 286 39.30 43.33 -27.75
N GLU C 287 39.52 43.77 -26.50
CA GLU C 287 39.46 45.19 -26.16
C GLU C 287 40.43 46.06 -26.99
N CYS C 288 41.49 45.46 -27.52
CA CYS C 288 42.32 46.13 -28.52
C CYS C 288 41.50 46.50 -29.74
N LEU C 289 40.91 45.50 -30.37
CA LEU C 289 40.23 45.70 -31.64
C LEU C 289 39.21 46.82 -31.58
N ARG C 290 38.53 46.97 -30.44
CA ARG C 290 37.57 48.06 -30.23
C ARG C 290 38.09 49.40 -30.77
N ARG C 291 39.30 49.76 -30.37
CA ARG C 291 39.86 51.09 -30.64
C ARG C 291 40.28 51.35 -32.10
N LYS C 292 40.58 50.31 -32.88
CA LYS C 292 40.91 50.50 -34.31
C LYS C 292 39.62 50.90 -35.04
N SER C 293 39.73 51.85 -35.95
CA SER C 293 38.54 52.41 -36.60
C SER C 293 37.90 51.40 -37.55
N SER C 294 36.58 51.38 -37.56
CA SER C 294 35.77 50.40 -38.30
C SER C 294 36.14 50.33 -39.77
N ARG C 295 36.25 51.50 -40.39
CA ARG C 295 36.81 51.65 -41.75
C ARG C 295 38.04 50.76 -41.90
N GLU C 296 38.99 50.90 -40.98
CA GLU C 296 40.29 50.18 -41.01
C GLU C 296 40.17 48.67 -40.78
N LEU C 297 39.18 48.25 -40.02
CA LEU C 297 39.08 46.87 -39.55
C LEU C 297 38.62 45.91 -40.63
N VAL C 298 37.47 46.19 -41.26
CA VAL C 298 36.88 45.27 -42.24
C VAL C 298 37.66 45.12 -43.54
N ASP C 299 38.12 46.24 -44.11
CA ASP C 299 38.74 46.24 -45.44
C ASP C 299 40.20 45.76 -45.41
N GLN C 300 40.42 44.68 -44.69
CA GLN C 300 41.74 44.25 -44.26
C GLN C 300 42.30 43.11 -45.11
N ASP C 301 41.41 42.23 -45.61
CA ASP C 301 41.76 41.00 -46.37
C ASP C 301 42.33 39.88 -45.48
N VAL C 302 41.48 38.89 -45.18
CA VAL C 302 41.94 37.55 -44.82
C VAL C 302 41.20 36.62 -45.73
N GLN C 303 41.92 35.81 -46.54
CA GLN C 303 41.32 34.67 -47.21
C GLN C 303 41.14 33.51 -46.18
N PRO C 304 40.02 32.76 -46.29
CA PRO C 304 39.79 31.57 -45.47
C PRO C 304 40.38 30.37 -46.16
N ALA C 305 39.91 29.16 -45.82
CA ALA C 305 40.17 27.97 -46.65
C ALA C 305 39.27 27.91 -47.89
N ARG C 306 39.61 26.98 -48.78
CA ARG C 306 38.81 26.72 -49.96
C ARG C 306 37.46 26.19 -49.48
N TYR C 307 36.37 26.77 -49.98
CA TYR C 307 35.00 26.32 -49.64
C TYR C 307 34.73 26.37 -48.13
N HIS C 308 35.24 27.42 -47.51
CA HIS C 308 35.00 27.66 -46.11
C HIS C 308 34.79 29.15 -45.97
N ILE C 309 34.62 29.57 -44.73
CA ILE C 309 34.55 30.97 -44.40
C ILE C 309 35.27 31.25 -43.08
N ALA C 310 35.90 32.42 -43.00
CA ALA C 310 36.70 32.85 -41.83
C ALA C 310 35.88 33.61 -40.82
N PHE C 311 35.02 34.48 -41.31
CA PHE C 311 34.17 35.21 -40.42
C PHE C 311 32.74 34.85 -40.67
N GLY C 312 32.17 34.13 -39.71
CA GLY C 312 30.79 33.73 -39.78
C GLY C 312 30.32 33.16 -38.46
N PRO C 313 29.05 32.73 -38.43
CA PRO C 313 28.46 32.18 -37.21
C PRO C 313 29.26 31.00 -36.68
N VAL C 314 29.15 30.80 -35.38
CA VAL C 314 29.94 29.80 -34.70
C VAL C 314 29.06 29.10 -33.68
N VAL C 315 29.45 27.89 -33.32
CA VAL C 315 28.85 27.20 -32.20
C VAL C 315 29.32 27.90 -30.92
N ASP C 316 28.50 28.83 -30.42
CA ASP C 316 28.79 29.55 -29.16
C ASP C 316 28.32 28.79 -27.90
N GLY C 317 27.13 28.21 -27.98
CA GLY C 317 26.42 27.64 -26.84
C GLY C 317 25.43 28.63 -26.23
N ASP C 318 24.65 29.29 -27.09
CA ASP C 318 23.59 30.25 -26.69
C ASP C 318 22.60 30.45 -27.86
N VAL C 319 23.05 31.11 -28.94
CA VAL C 319 22.27 31.25 -30.19
C VAL C 319 22.54 30.13 -31.21
N VAL C 320 23.56 29.31 -30.97
CA VAL C 320 23.81 28.10 -31.76
C VAL C 320 24.24 27.00 -30.77
N PRO C 321 23.27 26.43 -30.02
CA PRO C 321 23.53 25.49 -28.91
C PRO C 321 24.54 24.37 -29.17
N ASP C 322 24.54 23.82 -30.38
CA ASP C 322 25.45 22.75 -30.78
C ASP C 322 25.63 22.79 -32.31
N ASP C 323 26.63 22.08 -32.82
CA ASP C 323 26.82 21.86 -34.25
C ASP C 323 25.45 21.76 -34.97
N PRO C 324 25.16 22.65 -35.92
CA PRO C 324 23.88 22.61 -36.62
C PRO C 324 23.44 21.21 -37.04
N GLU C 325 24.30 20.47 -37.74
CA GLU C 325 23.94 19.15 -38.24
C GLU C 325 23.47 18.28 -37.09
N ILE C 326 24.26 18.19 -36.03
CA ILE C 326 23.89 17.42 -34.85
C ILE C 326 22.57 17.91 -34.25
N LEU C 327 22.36 19.22 -34.19
CA LEU C 327 21.08 19.74 -33.69
C LEU C 327 19.95 19.26 -34.56
N MET C 328 20.10 19.43 -35.87
CA MET C 328 19.08 18.99 -36.79
C MET C 328 18.78 17.49 -36.67
N GLN C 329 19.81 16.67 -36.46
CA GLN C 329 19.62 15.22 -36.35
C GLN C 329 18.78 14.84 -35.15
N GLN C 330 19.16 15.34 -33.98
CA GLN C 330 18.53 14.94 -32.73
C GLN C 330 17.17 15.59 -32.48
N GLY C 331 16.76 16.55 -33.31
CA GLY C 331 15.47 17.22 -33.16
C GLY C 331 15.46 18.27 -32.07
N GLU C 332 16.49 19.12 -32.04
CA GLU C 332 16.71 20.10 -30.97
C GLU C 332 16.34 21.52 -31.44
N PHE C 333 15.06 21.63 -31.82
CA PHE C 333 14.46 22.85 -32.36
C PHE C 333 12.95 22.69 -32.26
N LEU C 334 12.18 23.66 -32.78
CA LEU C 334 10.73 23.51 -32.92
C LEU C 334 10.20 23.79 -34.32
N ASN C 335 8.93 23.42 -34.52
CA ASN C 335 8.40 23.08 -35.83
C ASN C 335 8.06 24.32 -36.66
N TYR C 336 9.01 24.80 -37.44
CA TYR C 336 8.77 25.98 -38.26
C TYR C 336 8.39 25.52 -39.65
N ASP C 337 7.38 26.19 -40.22
CA ASP C 337 6.89 25.87 -41.55
C ASP C 337 7.98 26.27 -42.50
N MET C 338 8.60 25.29 -43.14
CA MET C 338 9.77 25.53 -43.97
C MET C 338 9.42 25.52 -45.44
N LEU C 339 10.24 26.19 -46.21
CA LEU C 339 10.11 26.19 -47.65
C LEU C 339 11.51 26.33 -48.23
N ILE C 340 12.16 25.21 -48.51
CA ILE C 340 13.50 25.20 -49.05
C ILE C 340 13.43 24.90 -50.51
N GLY C 341 14.35 25.48 -51.26
CA GLY C 341 14.59 25.02 -52.61
C GLY C 341 15.96 25.35 -53.13
N VAL C 342 16.12 25.14 -54.44
CA VAL C 342 17.41 24.97 -55.04
C VAL C 342 17.28 25.14 -56.55
N ASN C 343 18.34 25.60 -57.20
CA ASN C 343 18.30 25.94 -58.61
C ASN C 343 19.11 24.93 -59.39
N GLN C 344 18.77 24.77 -60.66
CA GLN C 344 19.35 23.72 -61.50
C GLN C 344 20.85 23.55 -61.36
N GLY C 345 21.55 24.64 -61.63
CA GLY C 345 23.01 24.66 -61.76
C GLY C 345 23.59 25.81 -60.97
N GLU C 346 23.49 25.70 -59.65
CA GLU C 346 23.79 26.77 -58.71
C GLU C 346 25.16 27.39 -58.92
N GLY C 347 26.21 26.62 -58.64
CA GLY C 347 27.55 27.16 -58.58
C GLY C 347 28.17 27.26 -59.94
N LEU C 348 27.43 27.80 -60.90
CA LEU C 348 27.94 28.01 -62.24
C LEU C 348 29.36 28.55 -62.17
N LYS C 349 29.56 29.52 -61.29
CA LYS C 349 30.89 30.10 -61.06
C LYS C 349 32.00 29.04 -60.90
N PHE C 350 31.73 27.98 -60.16
CA PHE C 350 32.69 26.89 -60.00
C PHE C 350 33.36 26.50 -61.30
N VAL C 351 32.59 26.43 -62.37
CA VAL C 351 33.13 26.14 -63.71
C VAL C 351 33.46 27.36 -64.58
N GLU C 352 33.17 28.56 -64.08
CA GLU C 352 33.80 29.80 -64.60
C GLU C 352 35.35 29.77 -64.40
N ASP C 353 35.90 28.70 -63.79
CA ASP C 353 37.38 28.44 -63.70
C ASP C 353 38.16 28.36 -65.06
N SER C 354 37.69 27.52 -65.99
CA SER C 354 38.17 27.52 -67.39
C SER C 354 36.92 27.49 -68.31
N ALA C 355 36.05 28.50 -68.11
CA ALA C 355 34.78 28.65 -68.87
C ALA C 355 35.09 29.08 -70.31
N GLU C 356 35.74 30.23 -70.44
CA GLU C 356 36.29 30.66 -71.73
C GLU C 356 37.53 29.84 -72.13
N SER C 357 37.24 28.70 -72.74
CA SER C 357 38.25 27.81 -73.35
C SER C 357 37.63 27.14 -74.59
N GLU C 358 36.57 26.36 -74.36
CA GLU C 358 35.71 25.72 -75.39
C GLU C 358 36.40 24.86 -76.49
N ASP C 359 37.49 24.20 -76.09
CA ASP C 359 37.73 22.80 -76.44
C ASP C 359 36.90 21.97 -75.40
N GLY C 360 36.48 22.65 -74.32
CA GLY C 360 35.40 22.25 -73.43
C GLY C 360 35.65 22.68 -71.99
N VAL C 361 35.95 21.72 -71.13
CA VAL C 361 36.75 21.89 -69.93
C VAL C 361 37.70 20.71 -69.96
N SER C 362 38.97 21.00 -69.67
CA SER C 362 40.06 20.10 -70.00
C SER C 362 39.89 18.72 -69.36
N ALA C 363 40.34 17.69 -70.08
CA ALA C 363 40.29 16.32 -69.61
C ALA C 363 40.95 16.23 -68.23
N SER C 364 42.26 16.42 -68.18
CA SER C 364 43.01 16.20 -66.93
C SER C 364 42.88 17.33 -65.92
N ALA C 365 42.34 18.49 -66.33
CA ALA C 365 42.01 19.53 -65.35
C ALA C 365 40.77 19.12 -64.52
N PHE C 366 39.95 18.26 -65.09
CA PHE C 366 38.83 17.68 -64.38
C PHE C 366 39.31 16.93 -63.15
N ASP C 367 40.27 16.02 -63.36
CA ASP C 367 40.95 15.32 -62.27
C ASP C 367 41.37 16.37 -61.24
N PHE C 368 42.14 17.34 -61.69
CA PHE C 368 42.79 18.30 -60.80
C PHE C 368 41.78 18.93 -59.87
N THR C 369 40.83 19.67 -60.43
CA THR C 369 39.88 20.45 -59.62
C THR C 369 39.09 19.57 -58.65
N VAL C 370 38.87 18.32 -59.01
CA VAL C 370 38.26 17.35 -58.12
C VAL C 370 39.22 17.01 -56.99
N SER C 371 40.50 16.85 -57.29
CA SER C 371 41.47 16.51 -56.24
C SER C 371 41.44 17.54 -55.15
N ASN C 372 41.39 18.81 -55.55
CA ASN C 372 41.23 19.89 -54.57
C ASN C 372 39.83 19.91 -53.97
N PHE C 373 38.83 19.41 -54.68
CA PHE C 373 37.50 19.24 -54.09
C PHE C 373 37.61 18.34 -52.89
N VAL C 374 38.06 17.10 -53.11
CA VAL C 374 38.13 16.14 -52.01
C VAL C 374 39.03 16.59 -50.87
N ASP C 375 40.12 17.27 -51.18
CA ASP C 375 41.09 17.62 -50.14
C ASP C 375 40.59 18.70 -49.16
N ASN C 376 40.08 19.83 -49.65
CA ASN C 376 39.66 20.91 -48.76
C ASN C 376 38.32 20.64 -48.09
N LEU C 377 37.61 19.59 -48.55
CA LEU C 377 36.35 19.12 -47.94
C LEU C 377 36.52 17.86 -47.09
N TYR C 378 36.79 16.72 -47.72
CA TYR C 378 36.90 15.41 -47.02
C TYR C 378 38.35 14.99 -46.67
N GLY C 379 39.32 15.83 -47.06
CA GLY C 379 40.72 15.44 -47.15
C GLY C 379 41.39 15.25 -45.82
N TYR C 380 41.08 14.11 -45.22
CA TYR C 380 41.55 13.77 -43.88
C TYR C 380 42.98 13.14 -43.77
N PRO C 381 43.60 12.57 -44.85
CA PRO C 381 42.97 11.96 -46.05
C PRO C 381 43.49 10.52 -46.19
N GLU C 382 43.41 9.77 -45.08
CA GLU C 382 43.99 8.43 -44.95
C GLU C 382 43.62 7.52 -46.13
N GLY C 383 42.34 7.56 -46.56
CA GLY C 383 41.87 6.77 -47.69
C GLY C 383 41.22 7.62 -48.77
N LYS C 384 41.76 8.81 -49.00
CA LYS C 384 41.20 9.75 -49.96
C LYS C 384 41.21 9.20 -51.39
N ASP C 385 42.35 8.65 -51.83
CA ASP C 385 42.53 8.23 -53.23
C ASP C 385 41.30 7.61 -53.87
N VAL C 386 40.67 6.70 -53.12
CA VAL C 386 39.40 6.10 -53.53
C VAL C 386 38.39 7.20 -53.77
N LEU C 387 38.14 7.95 -52.70
CA LEU C 387 37.11 8.96 -52.67
C LEU C 387 37.18 9.87 -53.89
N ARG C 388 38.39 10.25 -54.31
CA ARG C 388 38.54 11.10 -55.48
C ARG C 388 38.01 10.41 -56.73
N GLU C 389 38.59 9.25 -57.04
CA GLU C 389 38.31 8.54 -58.28
C GLU C 389 36.92 7.98 -58.36
N THR C 390 36.38 7.58 -57.22
CA THR C 390 35.01 7.13 -57.18
C THR C 390 34.03 8.30 -57.32
N ILE C 391 34.37 9.50 -56.84
CA ILE C 391 33.48 10.68 -57.06
C ILE C 391 33.67 11.28 -58.44
N LYS C 392 34.88 11.18 -58.99
CA LYS C 392 35.07 11.47 -60.39
C LYS C 392 34.06 10.63 -61.17
N PHE C 393 34.08 9.33 -60.90
CA PHE C 393 33.30 8.37 -61.68
C PHE C 393 31.85 8.76 -61.82
N MET C 394 31.19 9.03 -60.70
CA MET C 394 29.75 9.32 -60.71
C MET C 394 29.37 10.48 -61.62
N TYR C 395 30.28 11.43 -61.79
CA TYR C 395 29.98 12.60 -62.59
C TYR C 395 30.55 12.60 -64.02
N THR C 396 31.41 11.67 -64.39
CA THR C 396 31.89 11.63 -65.76
C THR C 396 30.86 10.88 -66.60
N ASP C 397 30.25 11.54 -67.59
CA ASP C 397 29.20 10.88 -68.41
C ASP C 397 29.83 9.92 -69.38
N TRP C 398 29.64 8.63 -69.15
CA TRP C 398 30.38 7.62 -69.90
C TRP C 398 29.86 7.39 -71.32
N ALA C 399 28.72 8.02 -71.64
CA ALA C 399 28.24 8.09 -73.01
C ALA C 399 29.32 8.63 -73.94
N ASP C 400 29.80 9.84 -73.64
CA ASP C 400 30.93 10.47 -74.34
C ASP C 400 32.06 10.75 -73.35
N ARG C 401 33.00 9.82 -73.34
CA ARG C 401 34.19 9.90 -72.54
C ARG C 401 35.01 11.16 -72.91
N ASP C 402 35.04 11.48 -74.19
CA ASP C 402 36.01 12.44 -74.76
C ASP C 402 35.54 13.89 -74.78
N ASN C 403 34.22 14.14 -74.76
CA ASN C 403 33.68 15.51 -74.84
C ASN C 403 33.93 16.30 -73.56
N GLY C 404 34.63 17.42 -73.70
CA GLY C 404 34.87 18.32 -72.60
C GLY C 404 33.62 18.96 -72.05
N GLU C 405 32.67 19.33 -72.92
CA GLU C 405 31.42 19.97 -72.46
C GLU C 405 30.69 19.08 -71.46
N MET C 406 30.54 17.81 -71.81
CA MET C 406 29.84 16.85 -70.96
C MET C 406 30.83 16.22 -69.93
N ARG C 407 31.80 17.04 -69.55
CA ARG C 407 32.38 17.07 -68.22
C ARG C 407 32.01 18.39 -67.59
N ARG C 408 32.34 19.50 -68.23
CA ARG C 408 32.00 20.82 -67.69
C ARG C 408 30.61 20.79 -67.07
N LYS C 409 29.63 20.43 -67.90
CA LYS C 409 28.24 20.31 -67.48
C LYS C 409 28.20 19.68 -66.11
N THR C 410 28.83 18.50 -66.06
CA THR C 410 28.77 17.61 -64.94
C THR C 410 29.51 18.16 -63.74
N LEU C 411 30.64 18.78 -63.99
CA LEU C 411 31.38 19.37 -62.91
C LEU C 411 30.49 20.39 -62.23
N LEU C 412 29.74 21.18 -63.01
CA LEU C 412 28.77 22.14 -62.44
C LEU C 412 27.84 21.40 -61.52
N ALA C 413 27.22 20.37 -62.07
CA ALA C 413 26.38 19.52 -61.28
C ALA C 413 27.09 19.04 -60.00
N LEU C 414 28.30 18.47 -60.15
CA LEU C 414 29.00 17.91 -59.00
C LEU C 414 28.97 18.91 -57.89
N PHE C 415 29.49 20.09 -58.18
CA PHE C 415 29.62 21.10 -57.18
C PHE C 415 28.25 21.52 -56.66
N THR C 416 27.37 21.81 -57.59
CA THR C 416 25.98 22.08 -57.30
C THR C 416 25.43 21.11 -56.28
N ASP C 417 25.54 19.83 -56.60
CA ASP C 417 24.97 18.81 -55.77
C ASP C 417 25.47 18.91 -54.36
N HIS C 418 26.78 18.92 -54.21
CA HIS C 418 27.37 18.85 -52.88
C HIS C 418 27.14 20.07 -51.99
N GLN C 419 27.18 21.26 -52.58
CA GLN C 419 27.17 22.51 -51.81
C GLN C 419 25.81 23.19 -51.66
N TRP C 420 24.74 22.51 -52.11
CA TRP C 420 23.37 22.99 -51.89
C TRP C 420 22.38 21.85 -51.90
N VAL C 421 22.32 21.16 -53.03
CA VAL C 421 21.23 20.28 -53.36
C VAL C 421 21.07 19.28 -52.27
N ALA C 422 22.11 18.50 -52.06
CA ALA C 422 22.02 17.39 -51.14
C ALA C 422 21.72 17.94 -49.76
N PRO C 423 22.63 18.72 -49.16
CA PRO C 423 22.33 19.31 -47.86
C PRO C 423 20.87 19.72 -47.67
N ALA C 424 20.36 20.49 -48.63
CA ALA C 424 18.99 20.99 -48.58
C ALA C 424 18.00 19.86 -48.39
N VAL C 425 18.13 18.80 -49.18
CA VAL C 425 17.27 17.65 -49.02
C VAL C 425 17.40 17.20 -47.55
N ALA C 426 18.60 16.82 -47.14
CA ALA C 426 18.78 16.19 -45.82
C ALA C 426 18.23 17.05 -44.68
N THR C 427 18.31 18.38 -44.80
CA THR C 427 17.69 19.24 -43.80
C THR C 427 16.19 19.02 -43.82
N ALA C 428 15.58 19.13 -45.01
CA ALA C 428 14.15 18.88 -45.16
C ALA C 428 13.81 17.55 -44.54
N LYS C 429 14.48 16.50 -45.00
CA LYS C 429 14.28 15.14 -44.51
C LYS C 429 14.14 15.12 -42.99
N LEU C 430 15.04 15.82 -42.30
CA LEU C 430 15.00 15.86 -40.83
C LEU C 430 13.84 16.69 -40.32
N HIS C 431 13.63 17.86 -40.90
CA HIS C 431 12.56 18.74 -40.43
C HIS C 431 11.18 18.15 -40.67
N ALA C 432 11.06 17.23 -41.61
CA ALA C 432 9.81 16.49 -41.81
C ALA C 432 9.79 15.12 -41.12
N ASP C 433 10.96 14.56 -40.83
CA ASP C 433 11.04 13.38 -39.95
C ASP C 433 10.56 13.73 -38.52
N TYR C 434 10.71 15.00 -38.11
CA TYR C 434 10.15 15.53 -36.85
C TYR C 434 8.83 16.31 -37.01
N GLN C 435 8.30 16.28 -38.23
CA GLN C 435 6.96 16.73 -38.51
C GLN C 435 6.77 18.21 -38.27
N SER C 436 7.68 19.00 -38.84
CA SER C 436 7.36 20.35 -39.28
C SER C 436 6.79 20.14 -40.66
N PRO C 437 5.68 20.81 -40.99
CA PRO C 437 5.26 20.73 -42.37
C PRO C 437 6.24 21.57 -43.19
N VAL C 438 6.54 21.08 -44.38
CA VAL C 438 7.58 21.66 -45.20
C VAL C 438 7.40 21.31 -46.67
N TYR C 439 7.68 22.28 -47.53
CA TYR C 439 7.50 22.15 -48.96
C TYR C 439 8.83 22.42 -49.62
N PHE C 440 9.09 21.75 -50.73
CA PHE C 440 10.39 21.78 -51.42
C PHE C 440 10.25 22.29 -52.85
N TYR C 441 11.30 22.93 -53.39
CA TYR C 441 11.30 23.33 -54.81
C TYR C 441 12.62 23.23 -55.52
N THR C 442 12.54 23.31 -56.83
CA THR C 442 13.68 23.46 -57.71
C THR C 442 13.39 24.61 -58.66
N PHE C 443 14.34 25.53 -58.84
CA PHE C 443 14.13 26.68 -59.72
C PHE C 443 14.91 26.52 -61.01
N TYR C 444 14.23 26.79 -62.14
CA TYR C 444 14.75 26.51 -63.47
C TYR C 444 14.54 27.67 -64.44
N HIS C 445 15.09 28.86 -64.14
CA HIS C 445 14.95 29.98 -65.07
C HIS C 445 15.90 31.20 -64.97
N HIS C 446 16.70 31.38 -66.02
CA HIS C 446 17.44 32.63 -66.28
C HIS C 446 16.56 33.67 -67.00
N CYS C 447 17.15 34.80 -67.37
CA CYS C 447 16.57 35.75 -68.32
C CYS C 447 17.75 36.53 -68.87
N GLN C 448 18.13 36.33 -70.12
CA GLN C 448 19.55 36.54 -70.46
C GLN C 448 19.89 38.00 -70.82
N ALA C 449 20.97 38.46 -70.20
CA ALA C 449 21.86 39.53 -70.69
C ALA C 449 23.20 38.86 -71.09
N GLU C 450 23.85 38.17 -70.15
CA GLU C 450 25.11 37.45 -70.35
C GLU C 450 25.28 36.34 -69.29
N ASP C 457 21.48 27.54 -68.25
CA ASP C 457 21.73 27.07 -66.90
C ASP C 457 21.26 28.05 -65.84
N ALA C 458 20.25 27.71 -65.05
CA ALA C 458 19.77 28.61 -63.99
C ALA C 458 20.72 28.68 -62.80
N ALA C 459 21.33 29.82 -62.59
CA ALA C 459 22.43 29.97 -61.64
C ALA C 459 21.95 30.45 -60.28
N HIS C 460 22.81 30.27 -59.28
CA HIS C 460 22.54 30.73 -57.91
C HIS C 460 22.18 32.21 -57.94
N GLY C 461 21.08 32.57 -57.31
CA GLY C 461 20.64 33.95 -57.23
C GLY C 461 19.54 34.26 -58.22
N ASP C 462 19.64 33.73 -59.44
CA ASP C 462 18.66 34.05 -60.47
C ASP C 462 17.16 33.93 -60.08
N GLU C 463 16.85 33.21 -59.00
CA GLU C 463 15.48 33.15 -58.47
C GLU C 463 14.98 34.45 -57.86
N LEU C 464 15.90 35.30 -57.39
CA LEU C 464 15.52 36.49 -56.64
C LEU C 464 14.59 37.48 -57.35
N PRO C 465 15.00 38.05 -58.49
CA PRO C 465 14.17 39.10 -59.10
C PRO C 465 12.73 38.64 -59.30
N TYR C 466 12.55 37.35 -59.56
CA TYR C 466 11.22 36.77 -59.69
C TYR C 466 10.50 36.83 -58.36
N VAL C 467 11.18 36.45 -57.27
CA VAL C 467 10.57 36.55 -55.92
C VAL C 467 10.26 38.01 -55.55
N PHE C 468 11.17 38.92 -55.85
CA PHE C 468 10.95 40.35 -55.56
C PHE C 468 10.27 41.15 -56.69
N GLY C 469 9.72 40.44 -57.67
CA GLY C 469 8.79 41.01 -58.64
C GLY C 469 9.36 41.96 -59.66
N VAL C 470 10.68 41.94 -59.80
CA VAL C 470 11.37 42.91 -60.62
C VAL C 470 11.04 42.80 -62.14
N PRO C 471 10.50 41.67 -62.60
CA PRO C 471 9.96 41.63 -63.97
C PRO C 471 8.77 42.53 -64.20
N MET C 472 8.07 42.90 -63.14
CA MET C 472 6.86 43.67 -63.26
C MET C 472 7.14 45.17 -63.37
N VAL C 473 8.30 45.64 -62.92
CA VAL C 473 8.69 47.07 -63.04
C VAL C 473 9.55 47.39 -64.29
N GLY C 474 10.25 46.39 -64.83
CA GLY C 474 11.20 46.57 -65.92
C GLY C 474 12.63 46.48 -65.41
N ALA C 475 13.58 46.42 -66.35
CA ALA C 475 14.99 46.18 -66.04
C ALA C 475 15.58 47.26 -65.11
N THR C 476 15.95 46.85 -63.90
CA THR C 476 16.72 47.70 -63.00
C THR C 476 18.21 47.50 -63.32
N ASP C 477 19.05 48.31 -62.69
CA ASP C 477 20.52 48.34 -62.94
C ASP C 477 21.27 47.01 -62.72
N LEU C 478 20.85 46.23 -61.72
CA LEU C 478 21.47 44.93 -61.43
C LEU C 478 20.65 43.72 -61.93
N PHE C 479 19.67 43.96 -62.80
CA PHE C 479 18.88 42.92 -63.47
C PHE C 479 18.58 43.33 -64.90
N PRO C 480 19.55 43.17 -65.82
CA PRO C 480 19.39 43.82 -67.12
C PRO C 480 18.42 43.16 -68.13
N CYS C 481 17.69 42.11 -67.75
CA CYS C 481 17.15 41.17 -68.76
C CYS C 481 15.93 41.61 -69.62
N ASN C 482 15.90 41.10 -70.86
CA ASN C 482 14.70 41.08 -71.73
C ASN C 482 13.64 40.30 -70.96
N PHE C 483 12.82 40.98 -70.17
CA PHE C 483 11.76 40.31 -69.40
C PHE C 483 10.61 39.93 -70.31
N SER C 484 10.51 38.65 -70.67
CA SER C 484 9.46 38.15 -71.57
C SER C 484 8.09 38.11 -70.90
N LYS C 485 7.05 38.26 -71.73
CA LYS C 485 5.65 38.00 -71.37
C LYS C 485 5.61 36.82 -70.40
N ASN C 486 6.30 35.74 -70.74
CA ASN C 486 6.47 34.60 -69.84
C ASN C 486 7.16 34.99 -68.54
N ASP C 487 8.35 35.57 -68.64
CA ASP C 487 9.11 35.95 -67.44
C ASP C 487 8.23 36.59 -66.37
N VAL C 488 7.24 37.38 -66.79
CA VAL C 488 6.27 37.93 -65.85
C VAL C 488 5.45 36.82 -65.20
N MET C 489 4.70 36.05 -66.00
CA MET C 489 3.90 34.93 -65.47
C MET C 489 4.62 34.24 -64.31
N LEU C 490 5.91 33.98 -64.53
CA LEU C 490 6.73 33.31 -63.53
C LEU C 490 6.88 34.10 -62.24
N SER C 491 7.09 35.41 -62.35
CA SER C 491 7.17 36.27 -61.18
C SER C 491 5.89 36.24 -60.37
N ALA C 492 4.75 36.37 -61.06
CA ALA C 492 3.44 36.30 -60.40
C ALA C 492 3.35 35.00 -59.61
N VAL C 493 3.45 33.88 -60.32
CA VAL C 493 3.31 32.56 -59.70
C VAL C 493 4.23 32.35 -58.49
N VAL C 494 5.50 32.74 -58.57
CA VAL C 494 6.36 32.57 -57.40
C VAL C 494 5.85 33.40 -56.24
N MET C 495 5.49 34.65 -56.51
CA MET C 495 5.03 35.54 -55.44
C MET C 495 3.75 35.03 -54.83
N THR C 496 2.79 34.68 -55.67
CA THR C 496 1.55 34.11 -55.20
C THR C 496 1.84 32.94 -54.27
N TYR C 497 2.70 32.01 -54.70
CA TYR C 497 3.08 30.88 -53.84
C TYR C 497 3.69 31.41 -52.53
N TRP C 498 4.82 32.10 -52.66
CA TRP C 498 5.60 32.56 -51.50
C TRP C 498 4.76 33.35 -50.48
N THR C 499 3.87 34.20 -50.97
CA THR C 499 3.07 35.05 -50.09
C THR C 499 2.07 34.23 -49.33
N ASN C 500 1.24 33.52 -50.08
CA ASN C 500 0.33 32.55 -49.50
C ASN C 500 0.95 31.79 -48.37
N PHE C 501 2.18 31.33 -48.60
CA PHE C 501 2.91 30.55 -47.62
C PHE C 501 3.06 31.28 -46.28
N ALA C 502 3.35 32.57 -46.32
CA ALA C 502 3.41 33.38 -45.08
C ALA C 502 2.07 33.42 -44.38
N LYS C 503 1.00 33.51 -45.15
CA LYS C 503 -0.35 33.67 -44.64
C LYS C 503 -0.88 32.42 -43.93
N THR C 504 -0.60 31.24 -44.49
CA THR C 504 -1.09 29.97 -43.94
C THR C 504 -0.05 28.94 -43.47
N GLY C 505 1.12 28.94 -44.11
CA GLY C 505 2.01 27.79 -44.06
C GLY C 505 1.59 26.75 -45.05
N ASP C 506 0.95 27.20 -46.13
CA ASP C 506 0.66 26.35 -47.27
C ASP C 506 0.74 27.24 -48.50
N PRO C 507 1.73 26.98 -49.37
CA PRO C 507 1.93 27.88 -50.49
C PRO C 507 0.79 27.81 -51.48
N ASN C 508 0.43 26.61 -51.91
CA ASN C 508 -0.59 26.48 -52.95
C ASN C 508 -2.00 26.87 -52.49
N GLN C 509 -2.18 27.08 -51.18
CA GLN C 509 -3.47 27.52 -50.63
C GLN C 509 -3.37 29.04 -50.32
N PRO C 510 -4.41 29.64 -49.69
CA PRO C 510 -4.98 30.95 -49.99
C PRO C 510 -5.20 31.30 -51.47
N VAL C 511 -4.46 32.26 -52.03
CA VAL C 511 -4.66 32.68 -53.42
C VAL C 511 -4.30 31.55 -54.40
N PRO C 512 -5.27 31.06 -55.18
CA PRO C 512 -4.95 29.97 -56.08
C PRO C 512 -4.23 30.49 -57.30
N GLN C 513 -3.63 29.60 -58.06
CA GLN C 513 -2.77 29.98 -59.15
C GLN C 513 -3.50 30.55 -60.34
N ASP C 514 -3.24 31.83 -60.61
CA ASP C 514 -3.78 32.50 -61.80
C ASP C 514 -2.76 33.47 -62.39
N THR C 515 -2.77 33.59 -63.73
CA THR C 515 -1.92 34.47 -64.52
C THR C 515 -2.61 34.79 -65.89
N LYS C 516 -3.85 35.33 -65.80
CA LYS C 516 -4.63 35.78 -66.98
C LYS C 516 -4.93 37.30 -66.98
N PHE C 517 -4.18 38.09 -66.19
CA PHE C 517 -4.46 39.54 -66.06
C PHE C 517 -3.70 40.33 -67.12
N PRO C 522 -1.76 29.36 -71.42
CA PRO C 522 -2.71 29.79 -70.40
C PRO C 522 -1.99 30.08 -69.08
N ASN C 523 -2.73 30.18 -67.96
CA ASN C 523 -2.16 29.97 -66.60
C ASN C 523 -1.64 28.52 -66.51
N ARG C 524 -0.31 28.33 -66.62
CA ARG C 524 0.27 26.99 -66.75
C ARG C 524 0.37 26.20 -65.44
N PHE C 525 0.14 26.89 -64.30
CA PHE C 525 0.24 26.29 -62.97
C PHE C 525 -1.10 25.89 -62.33
N GLU C 526 -2.21 26.16 -63.05
CA GLU C 526 -3.60 25.82 -62.65
C GLU C 526 -3.79 24.41 -62.11
N GLU C 527 -3.47 23.40 -62.95
CA GLU C 527 -3.84 21.95 -62.55
C GLU C 527 -2.77 21.24 -61.75
N VAL C 528 -2.08 21.98 -60.90
CA VAL C 528 -0.91 21.48 -60.14
C VAL C 528 -0.97 21.89 -58.69
N VAL C 529 -0.77 20.92 -57.82
CA VAL C 529 -0.84 21.14 -56.38
C VAL C 529 0.50 20.80 -55.78
N TRP C 530 1.03 21.69 -54.96
CA TRP C 530 2.36 21.52 -54.37
C TRP C 530 2.22 20.58 -53.18
N SER C 531 2.42 19.29 -53.43
CA SER C 531 2.30 18.32 -52.35
C SER C 531 3.32 18.63 -51.25
N LYS C 532 3.01 18.19 -50.04
CA LYS C 532 3.93 18.37 -48.92
C LYS C 532 5.14 17.48 -49.12
N PHE C 533 6.30 17.95 -48.72
CA PHE C 533 7.50 17.13 -48.68
C PHE C 533 7.41 16.16 -47.51
N ASN C 534 8.04 15.00 -47.66
CA ASN C 534 8.26 14.08 -46.53
C ASN C 534 9.54 13.29 -46.75
N SER C 535 9.92 12.49 -45.76
CA SER C 535 11.13 11.68 -45.85
C SER C 535 11.05 10.62 -46.94
N LYS C 536 9.86 10.01 -47.11
CA LYS C 536 9.65 8.97 -48.13
C LYS C 536 9.60 9.56 -49.56
N GLU C 537 8.42 9.83 -50.12
CA GLU C 537 8.31 10.22 -51.54
C GLU C 537 8.69 11.71 -51.60
N LYS C 538 9.95 12.01 -51.95
CA LYS C 538 10.49 13.38 -51.75
C LYS C 538 9.83 14.37 -52.74
N GLN C 539 8.53 14.59 -52.55
CA GLN C 539 7.70 15.32 -53.50
C GLN C 539 8.06 16.79 -53.45
N TYR C 540 8.39 17.34 -54.62
CA TYR C 540 8.83 18.72 -54.73
C TYR C 540 8.25 19.37 -55.96
N LEU C 541 8.26 20.71 -55.98
CA LEU C 541 7.74 21.47 -57.11
C LEU C 541 8.86 21.93 -58.07
N HIS C 542 8.73 21.52 -59.33
CA HIS C 542 9.60 21.99 -60.40
C HIS C 542 9.08 23.37 -60.74
N ILE C 543 9.81 24.41 -60.38
CA ILE C 543 9.48 25.77 -60.83
C ILE C 543 9.93 25.82 -62.28
N GLY C 544 9.30 26.68 -63.07
CA GLY C 544 9.76 26.96 -64.42
C GLY C 544 8.61 27.20 -65.37
N LEU C 545 8.90 27.15 -66.65
CA LEU C 545 7.88 27.30 -67.65
C LEU C 545 7.01 26.04 -67.69
N LYS C 546 7.65 24.88 -67.49
CA LYS C 546 6.95 23.60 -67.32
C LYS C 546 6.84 23.22 -65.82
N PRO C 547 5.85 23.78 -65.09
CA PRO C 547 5.75 23.41 -63.67
C PRO C 547 5.06 22.09 -63.41
N ARG C 548 5.49 21.41 -62.35
CA ARG C 548 4.80 20.20 -61.90
C ARG C 548 5.39 19.66 -60.60
N VAL C 549 4.77 18.62 -60.09
CA VAL C 549 5.27 17.88 -58.97
C VAL C 549 6.16 16.78 -59.53
N ARG C 550 7.34 16.57 -58.96
CA ARG C 550 8.08 15.31 -59.21
C ARG C 550 8.52 14.73 -57.88
N ASP C 551 9.09 13.54 -57.92
CA ASP C 551 9.50 12.82 -56.69
C ASP C 551 11.00 12.52 -56.68
N ASN C 552 11.61 12.63 -55.50
CA ASN C 552 13.02 12.31 -55.26
C ASN C 552 13.97 13.11 -56.15
N TYR C 553 14.18 14.39 -55.85
CA TYR C 553 15.03 15.21 -56.73
C TYR C 553 16.40 14.58 -56.77
N ARG C 554 16.85 14.20 -57.97
CA ARG C 554 18.24 13.81 -58.15
C ARG C 554 18.70 12.72 -57.20
N ALA C 555 17.77 11.93 -56.68
CA ALA C 555 18.08 11.09 -55.52
C ALA C 555 19.37 10.29 -55.69
N ASN C 556 19.59 9.72 -56.87
CA ASN C 556 20.82 8.99 -57.13
C ASN C 556 22.05 9.68 -56.56
N LYS C 557 22.26 10.94 -56.94
CA LYS C 557 23.45 11.67 -56.51
C LYS C 557 23.30 12.07 -55.05
N VAL C 558 22.14 12.61 -54.69
CA VAL C 558 21.80 12.86 -53.29
C VAL C 558 22.42 11.82 -52.41
N ALA C 559 22.13 10.56 -52.71
CA ALA C 559 22.51 9.44 -51.86
C ALA C 559 24.01 9.26 -51.79
N PHE C 560 24.64 9.31 -52.96
CA PHE C 560 26.07 9.18 -53.03
C PHE C 560 26.75 10.04 -51.97
N TRP C 561 26.31 11.28 -51.88
CA TRP C 561 26.86 12.27 -50.94
C TRP C 561 26.36 12.12 -49.51
N LEU C 562 25.10 11.74 -49.37
CA LEU C 562 24.48 11.60 -48.05
C LEU C 562 24.72 10.25 -47.39
N GLU C 563 24.84 9.19 -48.18
CA GLU C 563 24.79 7.82 -47.66
C GLU C 563 26.09 7.07 -47.76
N LEU C 564 26.74 7.12 -48.94
CA LEU C 564 27.96 6.34 -49.13
C LEU C 564 29.21 7.06 -48.68
N VAL C 565 29.42 8.27 -49.20
CA VAL C 565 30.73 8.89 -49.14
C VAL C 565 31.27 9.15 -47.74
N PRO C 566 30.44 9.73 -46.82
CA PRO C 566 31.07 9.98 -45.51
C PRO C 566 31.41 8.67 -44.81
N HIS C 567 30.68 7.60 -45.14
CA HIS C 567 30.93 6.29 -44.55
C HIS C 567 32.18 5.58 -45.14
N LEU C 568 32.91 6.18 -46.09
CA LEU C 568 34.16 5.58 -46.56
C LEU C 568 35.22 5.56 -45.45
N HIS C 569 35.37 6.71 -44.78
CA HIS C 569 36.21 6.83 -43.59
C HIS C 569 35.44 6.92 -42.28
N VAL D 11 -42.96 -38.68 -31.87
CA VAL D 11 -43.03 -37.35 -32.61
C VAL D 11 -41.82 -37.21 -33.55
N ARG D 12 -41.86 -36.16 -34.49
CA ARG D 12 -40.65 -35.85 -35.29
C ARG D 12 -40.52 -34.33 -35.61
N GLY D 13 -39.32 -33.89 -36.03
CA GLY D 13 -38.91 -32.48 -36.20
C GLY D 13 -38.06 -32.20 -37.45
N VAL D 14 -36.89 -31.53 -37.30
CA VAL D 14 -36.09 -30.99 -38.45
C VAL D 14 -34.55 -31.22 -38.44
N ARG D 15 -33.91 -31.03 -39.61
CA ARG D 15 -32.54 -31.45 -39.94
C ARG D 15 -31.62 -30.27 -40.41
N ARG D 16 -30.32 -30.32 -40.07
CA ARG D 16 -29.33 -29.27 -40.46
C ARG D 16 -27.91 -29.85 -40.74
N GLU D 17 -27.01 -29.00 -41.27
CA GLU D 17 -25.59 -29.38 -41.54
C GLU D 17 -24.65 -28.18 -41.82
N LEU D 18 -23.47 -28.14 -41.18
CA LEU D 18 -22.39 -27.20 -41.57
C LEU D 18 -21.02 -27.76 -41.16
N ILE D 22 -17.83 -28.70 -42.45
CA ILE D 22 -17.08 -29.84 -41.91
C ILE D 22 -17.68 -31.12 -41.35
N LEU D 23 -18.83 -30.99 -40.67
CA LEU D 23 -19.29 -31.95 -39.65
C LEU D 23 -20.51 -32.80 -40.02
N GLY D 24 -20.73 -33.84 -39.23
CA GLY D 24 -21.79 -34.81 -39.47
C GLY D 24 -23.14 -34.25 -39.10
N PRO D 25 -24.16 -34.44 -39.97
CA PRO D 25 -25.45 -33.76 -39.81
C PRO D 25 -26.30 -34.20 -38.62
N VAL D 26 -27.29 -33.35 -38.29
CA VAL D 26 -27.96 -33.37 -36.98
C VAL D 26 -29.44 -33.01 -37.06
N VAL D 27 -30.24 -33.62 -36.19
CA VAL D 27 -31.68 -33.36 -36.08
C VAL D 27 -31.93 -32.56 -34.79
N GLN D 28 -32.77 -31.51 -34.91
CA GLN D 28 -33.17 -30.67 -33.78
C GLN D 28 -34.62 -31.00 -33.40
N PHE D 29 -34.97 -30.77 -32.13
CA PHE D 29 -36.34 -30.98 -31.63
C PHE D 29 -36.78 -29.77 -30.84
N LEU D 30 -37.20 -28.73 -31.55
CA LEU D 30 -37.46 -27.45 -30.95
C LEU D 30 -38.94 -27.34 -30.55
N GLY D 31 -39.17 -27.11 -29.25
CA GLY D 31 -40.51 -26.89 -28.73
C GLY D 31 -41.18 -28.16 -28.19
N VAL D 32 -40.38 -29.03 -27.56
CA VAL D 32 -40.91 -30.23 -26.92
C VAL D 32 -41.13 -29.93 -25.44
N PRO D 33 -42.35 -30.13 -24.93
CA PRO D 33 -42.61 -29.86 -23.50
C PRO D 33 -42.20 -31.02 -22.59
N TYR D 34 -41.86 -30.69 -21.35
CA TYR D 34 -41.58 -31.71 -20.31
C TYR D 34 -42.56 -31.68 -19.15
N ALA D 35 -43.50 -30.74 -19.16
CA ALA D 35 -44.52 -30.65 -18.12
C ALA D 35 -45.62 -29.69 -18.51
N THR D 36 -46.77 -29.83 -17.87
CA THR D 36 -47.91 -28.94 -18.10
C THR D 36 -47.58 -27.57 -17.53
N PRO D 37 -47.81 -26.49 -18.31
CA PRO D 37 -47.17 -25.22 -17.94
C PRO D 37 -47.82 -24.53 -16.73
N PRO D 38 -47.00 -23.88 -15.88
CA PRO D 38 -47.46 -23.29 -14.62
C PRO D 38 -48.23 -21.98 -14.84
N LEU D 39 -49.55 -22.08 -15.02
CA LEU D 39 -50.36 -20.95 -15.50
C LEU D 39 -51.32 -20.38 -14.45
N GLY D 40 -52.26 -21.20 -14.00
CA GLY D 40 -53.26 -20.76 -13.04
C GLY D 40 -52.69 -20.81 -11.64
N ALA D 41 -53.33 -21.62 -10.78
CA ALA D 41 -52.77 -21.95 -9.48
C ALA D 41 -51.81 -23.14 -9.58
N ARG D 42 -51.35 -23.46 -10.80
CA ARG D 42 -50.13 -24.25 -10.99
C ARG D 42 -48.87 -23.37 -10.91
N ARG D 43 -49.04 -22.03 -10.86
CA ARG D 43 -47.93 -21.11 -10.57
C ARG D 43 -47.55 -21.21 -9.10
N PHE D 44 -46.24 -21.10 -8.81
CA PHE D 44 -45.72 -21.37 -7.47
C PHE D 44 -46.23 -22.72 -6.97
N GLN D 45 -46.16 -23.70 -7.86
CA GLN D 45 -46.49 -25.09 -7.54
C GLN D 45 -45.54 -26.00 -8.32
N PRO D 46 -45.13 -27.14 -7.72
CA PRO D 46 -44.27 -28.07 -8.44
C PRO D 46 -44.81 -28.44 -9.81
N PRO D 47 -43.91 -28.64 -10.78
CA PRO D 47 -44.42 -28.96 -12.09
C PRO D 47 -45.00 -30.36 -12.04
N GLU D 48 -46.23 -30.51 -12.53
CA GLU D 48 -46.78 -31.83 -12.77
C GLU D 48 -46.45 -32.18 -14.22
N ALA D 49 -46.44 -33.47 -14.51
CA ALA D 49 -45.79 -34.02 -15.70
C ALA D 49 -46.49 -33.61 -17.02
N PRO D 50 -46.04 -34.13 -18.20
CA PRO D 50 -46.53 -33.51 -19.44
C PRO D 50 -48.01 -33.87 -19.75
N ALA D 51 -48.79 -32.88 -20.19
CA ALA D 51 -50.14 -33.11 -20.71
C ALA D 51 -50.04 -33.95 -21.99
N SER D 52 -50.97 -34.89 -22.16
CA SER D 52 -50.87 -35.94 -23.17
C SER D 52 -50.90 -35.43 -24.62
N TRP D 53 -49.94 -35.89 -25.43
CA TRP D 53 -49.78 -35.43 -26.83
C TRP D 53 -50.70 -36.21 -27.83
N PRO D 54 -51.82 -35.62 -28.33
CA PRO D 54 -52.83 -36.32 -29.20
C PRO D 54 -52.45 -36.58 -30.64
N GLY D 55 -51.59 -35.73 -31.15
CA GLY D 55 -51.19 -35.69 -32.57
C GLY D 55 -49.70 -35.36 -32.76
N VAL D 56 -49.19 -35.64 -33.96
CA VAL D 56 -47.74 -35.55 -34.28
C VAL D 56 -47.26 -34.11 -34.04
N ARG D 57 -46.58 -33.90 -32.91
CA ARG D 57 -46.32 -32.54 -32.42
C ARG D 57 -45.30 -31.79 -33.31
N ASN D 58 -45.64 -30.55 -33.70
CA ASN D 58 -44.79 -29.70 -34.56
C ASN D 58 -43.53 -29.30 -33.77
N ALA D 59 -42.55 -30.19 -33.74
CA ALA D 59 -41.30 -30.01 -33.00
C ALA D 59 -40.25 -29.35 -33.89
N THR D 60 -40.53 -28.12 -34.30
CA THR D 60 -39.85 -27.52 -35.44
C THR D 60 -39.21 -26.14 -35.20
N THR D 61 -39.80 -25.29 -34.36
CA THR D 61 -39.23 -23.95 -34.08
C THR D 61 -39.14 -23.61 -32.58
N LEU D 62 -38.32 -22.60 -32.29
CA LEU D 62 -37.91 -22.23 -30.93
C LEU D 62 -39.06 -21.97 -29.94
N PRO D 63 -39.06 -22.66 -28.77
CA PRO D 63 -40.08 -22.34 -27.75
C PRO D 63 -39.77 -21.03 -27.07
N PRO D 64 -40.79 -20.26 -26.70
CA PRO D 64 -40.52 -18.94 -26.15
C PRO D 64 -39.94 -18.97 -24.75
N ALA D 65 -39.50 -17.80 -24.31
CA ALA D 65 -38.73 -17.63 -23.08
C ALA D 65 -39.60 -17.49 -21.86
N CYS D 66 -39.02 -17.70 -20.68
CA CYS D 66 -39.70 -17.49 -19.41
C CYS D 66 -39.67 -16.01 -19.00
N PRO D 67 -40.61 -15.59 -18.13
CA PRO D 67 -40.67 -14.20 -17.64
C PRO D 67 -39.37 -13.64 -17.05
N GLN D 68 -38.77 -12.71 -17.81
CA GLN D 68 -37.57 -11.98 -17.40
C GLN D 68 -37.68 -10.55 -17.91
N ASN D 69 -37.03 -9.62 -17.20
CA ASN D 69 -36.89 -8.25 -17.66
C ASN D 69 -35.41 -7.97 -17.87
N LEU D 70 -35.07 -7.49 -19.07
CA LEU D 70 -33.69 -7.10 -19.40
C LEU D 70 -33.42 -5.61 -19.20
N HIS D 71 -34.48 -4.82 -19.18
CA HIS D 71 -34.36 -3.39 -19.38
C HIS D 71 -34.24 -2.63 -18.04
N GLY D 72 -33.25 -3.00 -17.22
CA GLY D 72 -32.99 -2.34 -15.94
C GLY D 72 -32.39 -3.23 -14.86
N ALA D 73 -33.26 -3.97 -14.17
CA ALA D 73 -32.85 -4.91 -13.10
C ALA D 73 -31.95 -6.00 -13.69
N LEU D 74 -30.63 -5.83 -13.50
CA LEU D 74 -29.57 -6.59 -14.21
C LEU D 74 -28.33 -6.78 -13.31
N PRO D 75 -28.28 -7.87 -12.50
CA PRO D 75 -27.06 -8.29 -11.79
C PRO D 75 -25.75 -8.39 -12.61
N ALA D 76 -25.21 -7.21 -12.96
CA ALA D 76 -24.08 -7.03 -13.89
C ALA D 76 -22.94 -7.94 -13.52
N ILE D 77 -22.41 -7.70 -12.34
CA ILE D 77 -21.17 -8.30 -11.87
C ILE D 77 -21.18 -9.82 -12.06
N MET D 78 -22.32 -10.46 -11.76
CA MET D 78 -22.40 -11.92 -11.72
C MET D 78 -22.80 -12.61 -13.03
N LEU D 79 -23.08 -11.84 -14.07
CA LEU D 79 -23.49 -12.41 -15.35
C LEU D 79 -22.27 -12.64 -16.23
N PRO D 80 -22.31 -13.62 -17.14
CA PRO D 80 -21.30 -13.76 -18.19
C PRO D 80 -21.01 -12.48 -18.94
N VAL D 81 -19.84 -12.40 -19.56
CA VAL D 81 -19.43 -11.20 -20.28
C VAL D 81 -20.25 -11.02 -21.56
N TRP D 82 -20.23 -12.03 -22.45
CA TRP D 82 -21.00 -11.96 -23.70
C TRP D 82 -22.42 -11.44 -23.49
N PHE D 83 -23.07 -11.87 -22.40
CA PHE D 83 -24.39 -11.38 -21.98
C PHE D 83 -24.43 -9.85 -21.89
N THR D 84 -23.60 -9.29 -21.02
CA THR D 84 -23.65 -7.86 -20.70
C THR D 84 -22.75 -6.99 -21.58
N ASP D 85 -22.02 -7.59 -22.50
CA ASP D 85 -21.29 -6.84 -23.53
C ASP D 85 -22.12 -6.70 -24.80
N ASN D 86 -22.97 -7.68 -25.07
CA ASN D 86 -23.78 -7.73 -26.29
C ASN D 86 -25.29 -7.87 -25.98
N LEU D 87 -25.78 -7.04 -25.05
CA LEU D 87 -27.21 -7.03 -24.61
C LEU D 87 -28.22 -6.91 -25.74
N GLU D 88 -27.88 -6.07 -26.71
CA GLU D 88 -28.69 -5.84 -27.90
C GLU D 88 -28.86 -7.18 -28.63
N ALA D 89 -27.77 -7.94 -28.73
CA ALA D 89 -27.79 -9.27 -29.32
C ALA D 89 -28.45 -10.31 -28.40
N ALA D 90 -28.21 -10.23 -27.09
CA ALA D 90 -28.82 -11.15 -26.14
C ALA D 90 -30.34 -10.93 -25.98
N ALA D 91 -30.78 -9.72 -26.25
CA ALA D 91 -32.19 -9.38 -26.23
C ALA D 91 -33.00 -10.20 -27.23
N THR D 92 -32.45 -10.36 -28.44
CA THR D 92 -33.18 -10.95 -29.56
C THR D 92 -33.81 -12.33 -29.26
N TYR D 93 -33.15 -13.14 -28.41
CA TYR D 93 -33.63 -14.50 -28.12
C TYR D 93 -34.80 -14.50 -27.13
N VAL D 94 -34.73 -13.65 -26.11
CA VAL D 94 -35.71 -13.64 -25.03
C VAL D 94 -36.92 -12.70 -25.27
N GLN D 95 -37.11 -12.24 -26.50
CA GLN D 95 -38.16 -11.28 -26.80
C GLN D 95 -39.55 -11.91 -26.79
N ASN D 96 -39.70 -13.05 -27.47
CA ASN D 96 -40.92 -13.87 -27.36
C ASN D 96 -40.93 -14.53 -25.97
N GLN D 97 -41.61 -13.86 -25.03
CA GLN D 97 -41.83 -14.37 -23.68
C GLN D 97 -43.27 -14.88 -23.50
N SER D 98 -43.42 -15.84 -22.58
CA SER D 98 -44.72 -16.31 -22.10
C SER D 98 -44.52 -17.07 -20.80
N GLU D 99 -45.59 -17.21 -20.02
CA GLU D 99 -45.51 -18.00 -18.79
C GLU D 99 -45.40 -19.48 -19.11
N ASP D 100 -46.08 -19.90 -20.18
CA ASP D 100 -45.93 -21.24 -20.75
C ASP D 100 -44.59 -21.31 -21.45
N CYS D 101 -43.55 -21.68 -20.70
CA CYS D 101 -42.17 -21.79 -21.19
C CYS D 101 -41.46 -23.11 -20.88
N LEU D 102 -42.15 -24.06 -20.26
CA LEU D 102 -41.56 -25.34 -19.89
C LEU D 102 -41.48 -26.26 -21.09
N TYR D 103 -40.48 -25.93 -21.93
CA TYR D 103 -40.14 -26.68 -23.12
C TYR D 103 -38.62 -26.84 -23.15
N LEU D 104 -38.15 -28.06 -23.44
CA LEU D 104 -36.73 -28.30 -23.70
C LEU D 104 -36.48 -28.41 -25.19
N ASN D 105 -35.21 -28.38 -25.56
CA ASN D 105 -34.79 -28.65 -26.93
C ASN D 105 -33.86 -29.85 -26.88
N LEU D 106 -33.66 -30.47 -28.04
CA LEU D 106 -32.64 -31.51 -28.22
C LEU D 106 -31.85 -31.27 -29.49
N TYR D 107 -30.67 -31.87 -29.54
CA TYR D 107 -29.83 -31.87 -30.72
C TYR D 107 -29.22 -33.26 -30.80
N VAL D 108 -29.66 -34.06 -31.78
CA VAL D 108 -29.18 -35.44 -31.92
C VAL D 108 -28.68 -35.62 -33.35
N PRO D 109 -27.49 -36.24 -33.53
CA PRO D 109 -26.87 -36.35 -34.86
C PRO D 109 -27.20 -37.63 -35.64
N THR D 110 -27.05 -37.57 -36.97
CA THR D 110 -27.20 -38.76 -37.82
C THR D 110 -25.98 -39.65 -37.64
N GLU D 111 -24.80 -39.08 -37.89
CA GLU D 111 -23.54 -39.82 -37.94
C GLU D 111 -22.44 -39.09 -37.12
N ASP D 112 -21.39 -39.84 -36.78
CA ASP D 112 -20.28 -39.34 -35.91
C ASP D 112 -19.47 -38.21 -36.55
N GLY D 113 -19.29 -37.09 -35.83
CA GLY D 113 -18.67 -35.87 -36.39
C GLY D 113 -17.17 -35.76 -36.27
N PRO D 114 -16.50 -34.87 -37.09
CA PRO D 114 -14.99 -34.75 -37.30
C PRO D 114 -14.20 -33.99 -36.25
N SER D 134 -26.96 -46.80 -34.28
CA SER D 134 -27.68 -45.95 -33.33
C SER D 134 -27.41 -46.32 -31.83
N GLY D 135 -26.35 -47.08 -31.57
CA GLY D 135 -26.02 -47.62 -30.23
C GLY D 135 -25.95 -46.54 -29.13
N LYS D 136 -26.52 -46.80 -27.97
CA LYS D 136 -27.22 -45.72 -27.18
C LYS D 136 -26.32 -44.54 -26.77
N LYS D 137 -26.45 -43.39 -27.44
CA LYS D 137 -25.57 -42.23 -27.22
C LYS D 137 -25.92 -41.51 -25.89
N PRO D 138 -24.92 -41.01 -25.15
CA PRO D 138 -25.17 -40.26 -23.90
C PRO D 138 -25.87 -38.91 -24.01
N VAL D 139 -26.26 -38.37 -22.85
CA VAL D 139 -27.13 -37.22 -22.75
C VAL D 139 -26.49 -36.12 -21.94
N MET D 140 -26.28 -34.97 -22.58
CA MET D 140 -25.74 -33.79 -21.91
C MET D 140 -26.79 -32.70 -21.83
N LEU D 141 -27.40 -32.55 -20.65
CA LEU D 141 -28.44 -31.53 -20.43
C LEU D 141 -27.81 -30.25 -19.95
N PHE D 142 -28.25 -29.12 -20.52
CA PHE D 142 -27.67 -27.84 -20.19
C PHE D 142 -28.59 -27.00 -19.34
N LEU D 143 -28.13 -26.71 -18.12
CA LEU D 143 -28.66 -25.65 -17.29
C LEU D 143 -27.87 -24.42 -17.70
N HIS D 144 -28.36 -23.22 -17.37
CA HIS D 144 -27.94 -22.06 -18.16
C HIS D 144 -28.09 -20.69 -17.48
N GLY D 145 -27.94 -19.66 -18.31
CA GLY D 145 -28.32 -18.32 -17.95
C GLY D 145 -27.07 -17.72 -17.41
N GLY D 146 -27.14 -17.29 -16.16
CA GLY D 146 -26.03 -16.58 -15.51
C GLY D 146 -26.37 -16.03 -14.13
N SER D 147 -27.50 -15.32 -14.05
CA SER D 147 -28.21 -15.10 -12.80
C SER D 147 -29.37 -16.06 -12.79
N TYR D 148 -30.03 -16.14 -11.65
CA TYR D 148 -31.25 -16.92 -11.55
C TYR D 148 -32.42 -16.26 -12.30
N MET D 149 -32.24 -15.03 -12.74
CA MET D 149 -33.28 -14.22 -13.32
C MET D 149 -33.14 -14.00 -14.84
N GLU D 150 -32.06 -14.50 -15.46
CA GLU D 150 -31.71 -14.15 -16.86
C GLU D 150 -31.17 -15.29 -17.70
N GLY D 151 -31.81 -15.51 -18.86
CA GLY D 151 -31.38 -16.49 -19.87
C GLY D 151 -32.45 -17.44 -20.41
N THR D 152 -32.08 -18.15 -21.49
CA THR D 152 -32.81 -19.33 -21.98
C THR D 152 -31.82 -20.29 -22.61
N GLY D 153 -32.16 -21.58 -22.63
CA GLY D 153 -31.33 -22.60 -23.31
C GLY D 153 -31.27 -22.42 -24.81
N ASN D 154 -32.21 -21.65 -25.33
CA ASN D 154 -32.25 -21.30 -26.74
C ASN D 154 -31.01 -20.51 -27.17
N MET D 155 -30.57 -19.55 -26.35
CA MET D 155 -29.32 -18.81 -26.64
C MET D 155 -28.15 -19.74 -26.99
N PHE D 156 -28.14 -20.94 -26.41
CA PHE D 156 -27.06 -21.91 -26.58
C PHE D 156 -27.48 -22.93 -27.65
N ASP D 157 -26.95 -22.77 -28.86
CA ASP D 157 -27.20 -23.74 -29.93
C ASP D 157 -26.20 -24.86 -29.79
N GLY D 158 -26.58 -25.85 -28.98
CA GLY D 158 -25.75 -27.01 -28.68
C GLY D 158 -25.94 -28.04 -29.77
N SER D 159 -25.64 -27.64 -30.99
CA SER D 159 -25.76 -28.48 -32.16
C SER D 159 -24.38 -28.98 -32.55
N VAL D 160 -23.40 -28.08 -32.63
CA VAL D 160 -22.02 -28.44 -33.00
C VAL D 160 -21.54 -29.53 -32.08
N LEU D 161 -21.69 -29.25 -30.79
CA LEU D 161 -21.26 -30.16 -29.75
C LEU D 161 -21.81 -31.54 -30.04
N ALA D 162 -23.12 -31.64 -30.20
CA ALA D 162 -23.74 -32.93 -30.47
C ALA D 162 -23.08 -33.66 -31.63
N ALA D 163 -22.86 -32.95 -32.74
CA ALA D 163 -22.27 -33.55 -33.96
C ALA D 163 -20.84 -33.99 -33.72
N TYR D 164 -20.00 -33.08 -33.28
CA TYR D 164 -18.58 -33.34 -33.03
C TYR D 164 -18.35 -34.36 -31.90
N GLY D 165 -19.19 -34.30 -30.87
CA GLY D 165 -19.10 -35.22 -29.74
C GLY D 165 -19.74 -36.57 -29.99
N ASN D 166 -20.80 -36.57 -30.80
CA ASN D 166 -21.64 -37.74 -31.05
C ASN D 166 -22.41 -38.14 -29.78
N VAL D 167 -23.03 -37.15 -29.15
CA VAL D 167 -23.89 -37.35 -27.99
C VAL D 167 -25.06 -36.42 -28.07
N ILE D 168 -26.06 -36.66 -27.22
CA ILE D 168 -27.29 -35.90 -27.25
C ILE D 168 -27.20 -34.72 -26.30
N VAL D 169 -27.29 -33.51 -26.85
CA VAL D 169 -27.21 -32.26 -26.12
C VAL D 169 -28.60 -31.70 -25.93
N ALA D 170 -28.96 -31.42 -24.68
CA ALA D 170 -30.28 -30.90 -24.36
C ALA D 170 -30.13 -29.51 -23.75
N THR D 171 -30.87 -28.54 -24.29
CA THR D 171 -30.90 -27.17 -23.79
C THR D 171 -32.35 -26.82 -23.44
N LEU D 172 -32.59 -26.40 -22.18
CA LEU D 172 -33.99 -26.21 -21.68
C LEU D 172 -34.36 -24.77 -21.30
N ASN D 173 -35.55 -24.61 -20.74
CA ASN D 173 -35.92 -23.41 -20.02
C ASN D 173 -36.55 -23.82 -18.69
N TYR D 174 -36.06 -23.23 -17.59
CA TYR D 174 -36.67 -23.38 -16.27
C TYR D 174 -37.27 -22.05 -15.91
N ARG D 175 -38.13 -22.05 -14.89
CA ARG D 175 -38.79 -20.82 -14.43
C ARG D 175 -37.77 -19.84 -13.82
N LEU D 176 -37.86 -18.57 -14.21
CA LEU D 176 -36.87 -17.56 -13.82
C LEU D 176 -37.44 -16.48 -12.90
N GLY D 177 -36.51 -15.77 -12.27
CA GLY D 177 -36.83 -14.57 -11.53
C GLY D 177 -37.77 -14.93 -10.42
N VAL D 178 -38.84 -14.17 -10.33
CA VAL D 178 -39.81 -14.39 -9.28
C VAL D 178 -40.43 -15.76 -9.44
N LEU D 179 -40.92 -16.07 -10.65
CA LEU D 179 -41.59 -17.36 -10.92
C LEU D 179 -40.78 -18.58 -10.54
N GLY D 180 -39.46 -18.46 -10.59
CA GLY D 180 -38.55 -19.56 -10.26
C GLY D 180 -38.41 -19.90 -8.79
N PHE D 181 -38.33 -18.88 -7.92
CA PHE D 181 -37.89 -19.08 -6.53
C PHE D 181 -38.50 -18.20 -5.43
N LEU D 182 -39.63 -17.54 -5.70
CA LEU D 182 -40.29 -16.77 -4.66
C LEU D 182 -40.64 -17.72 -3.53
N SER D 183 -40.42 -17.25 -2.30
CA SER D 183 -40.69 -18.07 -1.15
C SER D 183 -41.08 -17.25 0.06
N THR D 184 -41.89 -17.90 0.89
CA THR D 184 -42.24 -17.44 2.23
C THR D 184 -41.42 -18.18 3.29
N GLY D 185 -40.89 -19.37 2.95
CA GLY D 185 -40.34 -20.30 3.93
C GLY D 185 -41.41 -21.10 4.65
N ASP D 186 -42.62 -21.15 4.07
CA ASP D 186 -43.79 -21.89 4.60
C ASP D 186 -44.19 -23.03 3.66
N GLN D 187 -45.22 -23.78 4.06
CA GLN D 187 -45.87 -24.74 3.14
C GLN D 187 -46.58 -23.98 2.01
N ALA D 188 -47.00 -22.74 2.29
CA ALA D 188 -47.65 -21.86 1.32
C ALA D 188 -46.86 -21.59 0.03
N ALA D 189 -45.55 -21.39 0.14
CA ALA D 189 -44.71 -21.10 -1.03
C ALA D 189 -43.27 -21.59 -0.83
N LYS D 190 -43.09 -22.91 -0.95
CA LYS D 190 -41.83 -23.58 -0.59
C LYS D 190 -40.61 -23.08 -1.35
N GLY D 191 -40.83 -22.58 -2.58
CA GLY D 191 -39.74 -22.13 -3.42
C GLY D 191 -39.03 -23.28 -4.07
N ASN D 192 -37.89 -22.98 -4.71
CA ASN D 192 -37.11 -23.95 -5.51
C ASN D 192 -37.94 -24.55 -6.66
N TYR D 193 -38.76 -23.72 -7.29
CA TYR D 193 -39.62 -24.17 -8.37
C TYR D 193 -38.78 -24.38 -9.61
N GLY D 194 -37.93 -23.39 -9.92
CA GLY D 194 -37.03 -23.48 -11.06
C GLY D 194 -36.20 -24.76 -11.11
N LEU D 195 -35.71 -25.19 -9.96
CA LEU D 195 -34.97 -26.45 -9.87
C LEU D 195 -35.91 -27.61 -10.22
N LEU D 196 -37.05 -27.65 -9.55
CA LEU D 196 -38.02 -28.71 -9.83
C LEU D 196 -38.39 -28.81 -11.31
N ASP D 197 -38.38 -27.67 -12.01
CA ASP D 197 -38.54 -27.66 -13.48
C ASP D 197 -37.37 -28.37 -14.16
N GLN D 198 -36.15 -28.06 -13.72
CA GLN D 198 -34.97 -28.75 -14.22
C GLN D 198 -35.04 -30.24 -13.88
N ILE D 199 -35.40 -30.55 -12.64
CA ILE D 199 -35.50 -31.94 -12.19
C ILE D 199 -36.51 -32.70 -13.07
N GLN D 200 -37.69 -32.13 -13.29
CA GLN D 200 -38.70 -32.80 -14.13
C GLN D 200 -38.17 -33.01 -15.55
N ALA D 201 -37.72 -31.94 -16.20
CA ALA D 201 -37.09 -32.03 -17.53
C ALA D 201 -36.06 -33.15 -17.63
N LEU D 202 -35.31 -33.34 -16.55
CA LEU D 202 -34.34 -34.42 -16.41
C LEU D 202 -35.04 -35.77 -16.32
N ARG D 203 -36.09 -35.82 -15.51
CA ARG D 203 -36.95 -37.00 -15.38
C ARG D 203 -37.61 -37.40 -16.72
N TRP D 204 -37.87 -36.40 -17.58
CA TRP D 204 -38.37 -36.63 -18.93
C TRP D 204 -37.35 -37.43 -19.71
N LEU D 205 -36.09 -37.00 -19.64
CA LEU D 205 -35.03 -37.68 -20.35
C LEU D 205 -34.86 -39.10 -19.81
N SER D 206 -34.56 -39.24 -18.52
CA SER D 206 -34.34 -40.54 -17.84
C SER D 206 -34.85 -41.80 -18.62
N GLU D 207 -37.42 -40.55 -18.44
CA GLU D 207 -38.05 -41.80 -18.85
C GLU D 207 -37.85 -42.05 -20.35
N ASN D 208 -37.85 -40.97 -21.14
CA ASN D 208 -38.01 -41.05 -22.60
C ASN D 208 -36.74 -41.25 -23.41
N ILE D 209 -35.77 -40.37 -23.21
CA ILE D 209 -34.67 -40.12 -24.17
C ILE D 209 -34.20 -41.32 -25.00
N ALA D 210 -34.23 -42.51 -24.39
CA ALA D 210 -34.04 -43.78 -25.09
C ALA D 210 -34.55 -43.75 -26.54
N HIS D 211 -35.75 -43.20 -26.78
CA HIS D 211 -36.32 -43.07 -28.13
C HIS D 211 -35.85 -41.79 -28.87
N PHE D 212 -34.56 -41.50 -28.80
CA PHE D 212 -33.89 -40.65 -29.79
C PHE D 212 -32.49 -41.19 -30.14
N GLY D 213 -32.24 -42.47 -29.84
CA GLY D 213 -30.88 -43.01 -29.77
C GLY D 213 -30.13 -42.53 -28.54
N GLY D 214 -30.84 -42.27 -27.44
CA GLY D 214 -30.26 -41.76 -26.18
C GLY D 214 -30.00 -42.84 -25.15
N ASP D 215 -29.27 -42.51 -24.09
CA ASP D 215 -28.93 -43.49 -23.03
C ASP D 215 -29.35 -42.98 -21.65
N PRO D 216 -30.21 -43.74 -20.95
CA PRO D 216 -30.71 -43.28 -19.66
C PRO D 216 -29.76 -43.48 -18.48
N GLU D 217 -28.69 -44.28 -18.67
CA GLU D 217 -27.71 -44.55 -17.61
C GLU D 217 -26.35 -43.83 -17.82
N ARG D 218 -26.34 -42.82 -18.69
CA ARG D 218 -25.17 -41.95 -18.88
C ARG D 218 -25.65 -40.53 -19.19
N ILE D 219 -26.52 -40.02 -18.31
CA ILE D 219 -27.05 -38.67 -18.46
C ILE D 219 -26.13 -37.75 -17.72
N THR D 220 -25.93 -36.56 -18.27
CA THR D 220 -24.89 -35.66 -17.79
C THR D 220 -25.34 -34.22 -17.78
N ILE D 221 -25.51 -33.66 -16.60
CA ILE D 221 -25.91 -32.26 -16.51
C ILE D 221 -24.66 -31.40 -16.56
N PHE D 222 -24.76 -30.22 -17.16
CA PHE D 222 -23.64 -29.27 -17.18
C PHE D 222 -24.09 -27.81 -17.23
N GLY D 223 -23.37 -26.94 -16.54
CA GLY D 223 -23.84 -25.57 -16.27
C GLY D 223 -22.81 -24.45 -16.37
N SER D 224 -23.26 -23.21 -16.15
CA SER D 224 -22.42 -22.00 -16.15
C SER D 224 -23.04 -20.83 -15.37
N GLY D 225 -22.39 -20.45 -14.27
CA GLY D 225 -22.66 -19.21 -13.53
C GLY D 225 -23.66 -19.37 -12.40
N ALA D 226 -24.91 -19.55 -12.80
CA ALA D 226 -26.00 -19.97 -11.93
C ALA D 226 -26.25 -21.42 -12.21
N GLY D 227 -26.36 -21.77 -13.49
CA GLY D 227 -26.49 -23.17 -13.89
C GLY D 227 -25.54 -24.04 -13.10
N ALA D 228 -24.29 -23.60 -13.04
CA ALA D 228 -23.27 -24.24 -12.21
C ALA D 228 -23.77 -24.43 -10.79
N SER D 229 -24.19 -23.34 -10.19
CA SER D 229 -24.76 -23.36 -8.85
C SER D 229 -25.86 -24.44 -8.84
N CYS D 230 -26.80 -24.37 -9.78
CA CYS D 230 -27.90 -25.32 -9.87
C CYS D 230 -27.40 -26.76 -9.97
N VAL D 231 -26.40 -26.99 -10.81
CA VAL D 231 -25.82 -28.31 -10.98
C VAL D 231 -25.49 -28.84 -9.60
N ASN D 232 -24.68 -28.07 -8.87
CA ASN D 232 -24.24 -28.43 -7.51
C ASN D 232 -25.38 -28.65 -6.52
N LEU D 233 -26.48 -27.91 -6.68
CA LEU D 233 -27.65 -28.05 -5.79
C LEU D 233 -28.47 -29.32 -6.04
N LEU D 234 -28.63 -29.67 -7.30
CA LEU D 234 -29.32 -30.91 -7.67
C LEU D 234 -28.58 -32.08 -7.07
N ILE D 235 -27.26 -32.08 -7.22
CA ILE D 235 -26.39 -33.11 -6.64
C ILE D 235 -26.70 -33.40 -5.19
N LEU D 236 -26.87 -32.35 -4.41
CA LEU D 236 -27.04 -32.49 -2.97
C LEU D 236 -28.44 -32.99 -2.63
N SER D 237 -29.39 -32.79 -3.54
CA SER D 237 -30.77 -33.25 -3.38
C SER D 237 -30.98 -34.76 -3.47
N HIS D 238 -32.15 -35.16 -3.01
CA HIS D 238 -32.65 -36.51 -3.11
C HIS D 238 -33.43 -36.66 -4.41
N HIS D 239 -34.10 -35.59 -4.81
CA HIS D 239 -35.03 -35.63 -5.95
C HIS D 239 -34.37 -35.89 -7.32
N SER D 240 -33.04 -35.85 -7.37
CA SER D 240 -32.30 -36.24 -8.57
C SER D 240 -31.68 -37.64 -8.42
N GLU D 241 -32.47 -38.62 -7.99
CA GLU D 241 -31.94 -39.98 -7.70
C GLU D 241 -31.45 -40.71 -8.97
N GLY D 242 -32.35 -41.31 -9.74
CA GLY D 242 -31.97 -42.17 -10.89
C GLY D 242 -31.94 -41.45 -12.23
N LEU D 243 -31.67 -40.15 -12.18
CA LEU D 243 -31.85 -39.26 -13.30
C LEU D 243 -30.54 -38.93 -13.99
N PHE D 244 -29.45 -38.81 -13.24
CA PHE D 244 -28.13 -38.59 -13.85
C PHE D 244 -26.96 -39.17 -13.06
N GLN D 245 -25.83 -39.29 -13.75
CA GLN D 245 -24.59 -39.87 -13.19
C GLN D 245 -23.42 -38.87 -13.17
N LYS D 246 -23.41 -37.90 -14.09
CA LYS D 246 -22.25 -37.05 -14.35
C LYS D 246 -22.66 -35.56 -14.30
N ALA D 247 -21.75 -34.73 -13.79
CA ALA D 247 -22.06 -33.34 -13.48
C ALA D 247 -20.90 -32.41 -13.81
N ILE D 248 -21.17 -31.28 -14.47
CA ILE D 248 -20.13 -30.35 -14.85
C ILE D 248 -20.46 -28.94 -14.44
N ALA D 249 -19.72 -28.43 -13.47
CA ALA D 249 -19.93 -27.08 -12.95
C ALA D 249 -18.94 -26.06 -13.51
N GLN D 250 -19.20 -25.57 -14.72
CA GLN D 250 -18.30 -24.58 -15.34
C GLN D 250 -18.35 -23.22 -14.62
N SER D 251 -17.39 -22.99 -13.72
CA SER D 251 -17.19 -21.68 -13.06
C SER D 251 -18.36 -21.32 -12.16
N GLY D 252 -18.37 -21.90 -10.96
CA GLY D 252 -19.40 -21.58 -9.97
C GLY D 252 -19.82 -22.78 -9.18
N THR D 253 -20.51 -22.50 -8.08
CA THR D 253 -20.94 -23.56 -7.15
C THR D 253 -21.95 -23.08 -6.12
N ALA D 254 -22.41 -24.01 -5.29
CA ALA D 254 -23.58 -23.84 -4.41
C ALA D 254 -23.34 -23.15 -3.09
N ILE D 255 -22.08 -23.02 -2.67
CA ILE D 255 -21.77 -22.43 -1.37
C ILE D 255 -21.40 -20.94 -1.46
N SER D 256 -21.29 -20.40 -2.68
CA SER D 256 -21.02 -18.98 -2.89
C SER D 256 -22.12 -18.07 -2.33
N SER D 257 -21.79 -16.80 -2.25
CA SER D 257 -22.70 -15.77 -1.70
C SER D 257 -24.05 -15.68 -2.41
N TRP D 258 -24.01 -15.88 -3.72
CA TRP D 258 -25.13 -15.62 -4.64
C TRP D 258 -25.65 -16.86 -5.37
N SER D 259 -25.47 -18.01 -4.75
CA SER D 259 -25.99 -19.26 -5.27
C SER D 259 -27.30 -19.66 -4.56
N VAL D 260 -27.48 -19.11 -3.37
CA VAL D 260 -28.49 -19.56 -2.45
C VAL D 260 -28.92 -18.33 -1.66
N ASN D 261 -30.22 -18.15 -1.51
CA ASN D 261 -30.77 -17.06 -0.75
C ASN D 261 -31.28 -17.57 0.60
N TYR D 262 -30.62 -17.15 1.67
CA TYR D 262 -30.96 -17.55 3.03
C TYR D 262 -31.89 -16.54 3.78
N GLN D 263 -32.62 -15.67 3.04
CA GLN D 263 -33.57 -14.72 3.63
C GLN D 263 -34.78 -14.49 2.69
N PRO D 264 -35.52 -15.57 2.37
CA PRO D 264 -36.54 -15.51 1.31
C PRO D 264 -37.67 -14.51 1.58
N LEU D 265 -38.12 -14.43 2.83
CA LEU D 265 -39.28 -13.63 3.19
C LEU D 265 -39.02 -12.16 2.89
N LYS D 266 -37.96 -11.62 3.47
CA LYS D 266 -37.60 -10.19 3.38
C LYS D 266 -37.75 -9.56 1.98
N TYR D 267 -37.37 -10.31 0.94
CA TYR D 267 -37.41 -9.81 -0.43
C TYR D 267 -38.76 -10.04 -1.10
N THR D 268 -39.39 -11.19 -0.79
CA THR D 268 -40.76 -11.45 -1.22
C THR D 268 -41.72 -10.39 -0.66
N ARG D 269 -41.47 -9.97 0.59
CA ARG D 269 -42.20 -8.85 1.21
C ARG D 269 -42.15 -7.59 0.37
N LEU D 270 -40.93 -7.22 -0.04
CA LEU D 270 -40.72 -6.05 -0.89
C LEU D 270 -41.41 -6.21 -2.26
N LEU D 271 -41.45 -7.43 -2.79
CA LEU D 271 -42.19 -7.69 -4.03
C LEU D 271 -43.71 -7.58 -3.80
N ALA D 272 -44.20 -8.29 -2.79
CA ALA D 272 -45.60 -8.23 -2.40
C ALA D 272 -46.04 -6.79 -2.11
N ALA D 273 -45.12 -5.98 -1.57
CA ALA D 273 -45.36 -4.57 -1.27
C ALA D 273 -45.60 -3.69 -2.52
N LYS D 274 -44.82 -3.94 -3.58
CA LYS D 274 -44.97 -3.17 -4.82
C LYS D 274 -46.16 -3.58 -5.70
N VAL D 275 -46.87 -4.65 -5.33
CA VAL D 275 -48.14 -5.02 -5.98
C VAL D 275 -49.32 -5.15 -4.99
N GLY D 276 -49.19 -4.60 -3.79
CA GLY D 276 -50.25 -4.60 -2.77
C GLY D 276 -50.72 -5.97 -2.28
N CYS D 277 -49.83 -6.96 -2.32
CA CYS D 277 -50.14 -8.33 -1.89
C CYS D 277 -49.58 -8.70 -0.51
N ASP D 278 -48.84 -7.81 0.15
CA ASP D 278 -48.17 -8.16 1.40
C ASP D 278 -49.16 -8.17 2.55
N ARG D 279 -49.79 -9.32 2.74
CA ARG D 279 -50.69 -9.55 3.88
C ARG D 279 -49.86 -10.14 5.01
N GLU D 280 -50.36 -10.05 6.23
CA GLU D 280 -49.62 -10.53 7.41
C GLU D 280 -49.52 -12.06 7.41
N ASP D 281 -50.58 -12.72 6.97
CA ASP D 281 -50.59 -14.16 6.73
C ASP D 281 -49.69 -14.55 5.55
N SER D 282 -49.18 -15.77 5.61
CA SER D 282 -48.46 -16.36 4.50
C SER D 282 -49.41 -16.75 3.34
N THR D 283 -50.26 -17.74 3.56
CA THR D 283 -51.02 -18.41 2.48
C THR D 283 -51.86 -17.48 1.61
N GLU D 284 -52.43 -16.46 2.25
CA GLU D 284 -53.29 -15.50 1.57
C GLU D 284 -52.46 -14.58 0.65
N ALA D 285 -51.30 -14.16 1.13
CA ALA D 285 -50.38 -13.32 0.35
C ALA D 285 -49.83 -14.03 -0.89
N VAL D 286 -49.70 -15.36 -0.80
CA VAL D 286 -49.26 -16.16 -1.93
C VAL D 286 -50.38 -16.19 -2.96
N GLU D 287 -51.57 -16.63 -2.54
CA GLU D 287 -52.75 -16.69 -3.42
C GLU D 287 -53.09 -15.33 -4.06
N CYS D 288 -52.70 -14.23 -3.43
CA CYS D 288 -52.77 -12.92 -4.08
C CYS D 288 -51.93 -12.90 -5.35
N LEU D 289 -50.64 -13.17 -5.19
CA LEU D 289 -49.70 -13.03 -6.30
C LEU D 289 -50.16 -13.78 -7.55
N ARG D 290 -50.79 -14.94 -7.36
CA ARG D 290 -51.34 -15.74 -8.46
C ARG D 290 -52.04 -14.86 -9.50
N ARG D 291 -52.96 -14.02 -9.04
CA ARG D 291 -53.86 -13.26 -9.91
C ARG D 291 -53.21 -12.11 -10.69
N LYS D 292 -52.10 -11.54 -10.19
CA LYS D 292 -51.37 -10.50 -10.96
C LYS D 292 -50.73 -11.14 -12.17
N SER D 293 -50.79 -10.46 -13.32
CA SER D 293 -50.30 -11.04 -14.57
C SER D 293 -48.77 -11.17 -14.56
N SER D 294 -48.28 -12.27 -15.12
CA SER D 294 -46.86 -12.65 -15.11
C SER D 294 -45.97 -11.54 -15.66
N ARG D 295 -46.36 -10.99 -16.80
CA ARG D 295 -45.79 -9.77 -17.37
C ARG D 295 -45.50 -8.75 -16.25
N GLU D 296 -46.53 -8.45 -15.46
CA GLU D 296 -46.49 -7.43 -14.39
C GLU D 296 -45.59 -7.81 -13.20
N LEU D 297 -45.46 -9.11 -12.94
CA LEU D 297 -44.84 -9.60 -11.72
C LEU D 297 -43.32 -9.49 -11.78
N VAL D 298 -42.70 -10.08 -12.80
CA VAL D 298 -41.21 -10.13 -12.87
C VAL D 298 -40.52 -8.79 -13.11
N ASP D 299 -41.06 -7.98 -14.01
CA ASP D 299 -40.39 -6.73 -14.45
C ASP D 299 -40.60 -5.58 -13.44
N GLN D 300 -40.44 -5.91 -12.16
CA GLN D 300 -40.89 -5.08 -11.05
C GLN D 300 -39.77 -4.24 -10.43
N ASP D 301 -38.54 -4.78 -10.43
CA ASP D 301 -37.36 -4.21 -9.72
C ASP D 301 -37.42 -4.38 -8.18
N VAL D 302 -36.67 -5.37 -7.69
CA VAL D 302 -36.17 -5.37 -6.32
C VAL D 302 -34.70 -5.62 -6.44
N GLN D 303 -33.87 -4.69 -5.95
CA GLN D 303 -32.42 -4.94 -5.78
C GLN D 303 -32.22 -5.77 -4.50
N PRO D 304 -31.29 -6.76 -4.51
CA PRO D 304 -30.97 -7.53 -3.31
C PRO D 304 -29.88 -6.80 -2.53
N ALA D 305 -29.15 -7.51 -1.67
CA ALA D 305 -27.89 -6.98 -1.11
C ALA D 305 -26.72 -7.07 -2.10
N ARG D 306 -25.63 -6.41 -1.75
CA ARG D 306 -24.40 -6.48 -2.54
C ARG D 306 -23.91 -7.93 -2.44
N TYR D 307 -23.60 -8.52 -3.59
CA TYR D 307 -23.06 -9.89 -3.68
C TYR D 307 -24.02 -10.92 -3.05
N HIS D 308 -25.31 -10.70 -3.27
CA HIS D 308 -26.31 -11.64 -2.82
C HIS D 308 -27.34 -11.72 -3.93
N ILE D 309 -28.38 -12.47 -3.66
CA ILE D 309 -29.51 -12.55 -4.55
C ILE D 309 -30.80 -12.65 -3.74
N ALA D 310 -31.87 -12.04 -4.28
CA ALA D 310 -33.19 -11.96 -3.65
C ALA D 310 -34.10 -13.13 -4.02
N PHE D 311 -34.07 -13.49 -5.30
CA PHE D 311 -34.87 -14.59 -5.75
C PHE D 311 -33.98 -15.67 -6.26
N GLY D 312 -33.92 -16.75 -5.49
CA GLY D 312 -33.13 -17.91 -5.86
C GLY D 312 -33.46 -19.07 -4.95
N PRO D 313 -32.78 -20.21 -5.15
CA PRO D 313 -33.03 -21.41 -4.36
C PRO D 313 -32.86 -21.17 -2.88
N VAL D 314 -33.56 -21.97 -2.09
CA VAL D 314 -33.61 -21.79 -0.66
C VAL D 314 -33.51 -23.15 -0.01
N VAL D 315 -33.09 -23.15 1.25
CA VAL D 315 -33.16 -24.33 2.07
C VAL D 315 -34.64 -24.55 2.44
N ASP D 316 -35.31 -25.40 1.65
CA ASP D 316 -36.72 -25.76 1.90
C ASP D 316 -36.90 -26.90 2.91
N GLY D 317 -36.05 -27.93 2.79
CA GLY D 317 -36.20 -29.19 3.50
C GLY D 317 -36.91 -30.24 2.66
N ASP D 318 -36.52 -30.37 1.39
CA ASP D 318 -37.08 -31.36 0.43
C ASP D 318 -36.10 -31.54 -0.76
N VAL D 319 -35.99 -30.51 -1.61
CA VAL D 319 -35.00 -30.47 -2.71
C VAL D 319 -33.66 -29.82 -2.31
N VAL D 320 -33.62 -29.18 -1.15
CA VAL D 320 -32.38 -28.68 -0.56
C VAL D 320 -32.43 -28.98 0.96
N PRO D 321 -32.25 -30.25 1.36
CA PRO D 321 -32.43 -30.73 2.74
C PRO D 321 -31.86 -29.88 3.86
N ASP D 322 -30.68 -29.31 3.64
CA ASP D 322 -29.99 -28.45 4.61
C ASP D 322 -29.07 -27.49 3.86
N ASP D 323 -28.59 -26.46 4.56
CA ASP D 323 -27.55 -25.56 4.05
C ASP D 323 -26.55 -26.34 3.17
N PRO D 324 -26.42 -25.96 1.89
CA PRO D 324 -25.50 -26.68 1.00
C PRO D 324 -24.13 -26.97 1.61
N GLU D 325 -23.46 -25.97 2.17
CA GLU D 325 -22.12 -26.16 2.75
C GLU D 325 -22.16 -27.27 3.79
N ILE D 326 -23.09 -27.18 4.73
CA ILE D 326 -23.22 -28.21 5.76
C ILE D 326 -23.51 -29.58 5.14
N LEU D 327 -24.35 -29.64 4.11
CA LEU D 327 -24.61 -30.91 3.42
C LEU D 327 -23.33 -31.45 2.83
N MET D 328 -22.62 -30.60 2.10
CA MET D 328 -21.36 -31.01 1.50
C MET D 328 -20.35 -31.50 2.55
N GLN D 329 -20.30 -30.85 3.71
CA GLN D 329 -19.34 -31.25 4.75
C GLN D 329 -19.61 -32.63 5.30
N GLN D 330 -20.85 -32.87 5.70
CA GLN D 330 -21.23 -34.12 6.36
C GLN D 330 -21.37 -35.33 5.41
N GLY D 331 -21.31 -35.10 4.09
CA GLY D 331 -21.42 -36.18 3.12
C GLY D 331 -22.86 -36.65 2.89
N GLU D 332 -23.78 -35.70 2.73
CA GLU D 332 -25.22 -35.97 2.65
C GLU D 332 -25.74 -35.85 1.20
N PHE D 333 -25.14 -36.70 0.38
CA PHE D 333 -25.38 -36.76 -1.07
C PHE D 333 -24.86 -38.11 -1.56
N LEU D 334 -24.89 -38.34 -2.88
CA LEU D 334 -24.22 -39.51 -3.47
C LEU D 334 -23.28 -39.16 -4.63
N ASN D 335 -22.47 -40.16 -5.00
CA ASN D 335 -21.19 -39.95 -5.65
C ASN D 335 -21.34 -39.67 -7.14
N TYR D 336 -21.46 -38.39 -7.50
CA TYR D 336 -21.62 -38.04 -8.91
C TYR D 336 -20.26 -37.66 -9.46
N ASP D 337 -19.99 -38.13 -10.69
CA ASP D 337 -18.71 -37.86 -11.35
C ASP D 337 -18.72 -36.38 -11.65
N MET D 338 -17.85 -35.65 -10.98
CA MET D 338 -17.86 -34.19 -11.07
C MET D 338 -16.75 -33.70 -11.99
N LEU D 339 -16.97 -32.51 -12.52
CA LEU D 339 -15.96 -31.84 -13.31
C LEU D 339 -16.15 -30.36 -13.09
N ILE D 340 -15.41 -29.80 -12.14
CA ILE D 340 -15.51 -28.39 -11.82
C ILE D 340 -14.32 -27.70 -12.39
N GLY D 341 -14.52 -26.45 -12.80
CA GLY D 341 -13.40 -25.58 -13.06
C GLY D 341 -13.74 -24.13 -12.98
N VAL D 342 -12.79 -23.32 -13.43
CA VAL D 342 -12.70 -21.93 -13.04
C VAL D 342 -11.77 -21.21 -14.00
N ASN D 343 -11.99 -19.92 -14.21
CA ASN D 343 -11.25 -19.14 -15.20
C ASN D 343 -10.34 -18.17 -14.51
N GLN D 344 -9.28 -17.78 -15.20
CA GLN D 344 -8.19 -16.98 -14.61
C GLN D 344 -8.68 -15.84 -13.76
N GLY D 345 -9.46 -14.97 -14.40
CA GLY D 345 -9.89 -13.68 -13.85
C GLY D 345 -11.38 -13.48 -14.04
N GLU D 346 -12.14 -14.29 -13.32
CA GLU D 346 -13.58 -14.42 -13.48
C GLU D 346 -14.31 -13.09 -13.44
N GLY D 347 -14.31 -12.45 -12.29
CA GLY D 347 -15.17 -11.29 -12.06
C GLY D 347 -14.53 -10.03 -12.58
N LEU D 348 -14.00 -10.08 -13.80
CA LEU D 348 -13.41 -8.92 -14.43
C LEU D 348 -14.30 -7.70 -14.19
N LYS D 349 -15.60 -7.89 -14.35
CA LYS D 349 -16.58 -6.84 -14.08
C LYS D 349 -16.35 -6.10 -12.75
N PHE D 350 -16.04 -6.84 -11.70
CA PHE D 350 -15.74 -6.24 -10.41
C PHE D 350 -14.82 -5.04 -10.51
N VAL D 351 -13.80 -5.13 -11.35
CA VAL D 351 -12.89 -4.00 -11.59
C VAL D 351 -13.21 -3.14 -12.81
N GLU D 352 -14.25 -3.51 -13.56
CA GLU D 352 -14.91 -2.58 -14.48
C GLU D 352 -15.56 -1.38 -13.75
N ASP D 353 -15.46 -1.34 -12.40
CA ASP D 353 -15.84 -0.16 -11.55
C ASP D 353 -15.14 1.20 -11.88
N SER D 354 -13.80 1.20 -11.92
CA SER D 354 -13.04 2.33 -12.48
C SER D 354 -11.96 1.75 -13.43
N ALA D 355 -12.43 1.00 -14.43
CA ALA D 355 -11.57 0.33 -15.44
C ALA D 355 -10.97 1.38 -16.38
N GLU D 356 -11.86 2.11 -17.07
CA GLU D 356 -11.43 3.26 -17.87
C GLU D 356 -11.06 4.46 -16.96
N SER D 357 -9.81 4.42 -16.51
CA SER D 357 -9.16 5.52 -15.80
C SER D 357 -7.67 5.55 -16.18
N GLU D 358 -6.96 4.45 -15.87
CA GLU D 358 -5.55 4.19 -16.26
C GLU D 358 -4.49 5.27 -15.90
N ASP D 359 -4.71 5.93 -14.77
CA ASP D 359 -3.70 6.21 -13.77
C ASP D 359 -3.58 4.92 -12.92
N GLY D 360 -4.57 4.02 -13.07
CA GLY D 360 -4.46 2.56 -12.78
C GLY D 360 -5.84 2.06 -12.27
N VAL D 361 -5.83 1.69 -10.99
CA VAL D 361 -7.00 1.79 -10.12
C VAL D 361 -6.47 2.47 -8.87
N SER D 362 -7.20 3.45 -8.40
CA SER D 362 -6.69 4.43 -7.43
C SER D 362 -6.16 3.75 -6.16
N ALA D 363 -5.14 4.35 -5.58
CA ALA D 363 -4.56 3.90 -4.31
C ALA D 363 -5.66 3.73 -3.27
N SER D 364 -6.26 4.85 -2.83
CA SER D 364 -7.20 4.80 -1.72
C SER D 364 -8.60 4.30 -2.10
N ALA D 365 -8.90 4.22 -3.40
CA ALA D 365 -10.14 3.55 -3.84
C ALA D 365 -10.05 2.03 -3.64
N PHE D 366 -8.82 1.52 -3.62
CA PHE D 366 -8.56 0.12 -3.32
C PHE D 366 -9.07 -0.19 -1.92
N ASP D 367 -8.64 0.60 -0.95
CA ASP D 367 -9.16 0.54 0.41
C ASP D 367 -10.67 0.49 0.35
N PHE D 368 -11.26 1.50 -0.28
CA PHE D 368 -12.70 1.70 -0.27
C PHE D 368 -13.41 0.41 -0.68
N THR D 369 -13.20 -0.01 -1.92
CA THR D 369 -13.96 -1.13 -2.49
C THR D 369 -13.78 -2.42 -1.67
N VAL D 370 -12.63 -2.56 -1.02
CA VAL D 370 -12.40 -3.65 -0.10
C VAL D 370 -13.28 -3.47 1.14
N SER D 371 -13.37 -2.25 1.66
CA SER D 371 -14.19 -2.02 2.85
C SER D 371 -15.61 -2.48 2.63
N ASN D 372 -16.15 -2.17 1.46
CA ASN D 372 -17.45 -2.70 1.09
C ASN D 372 -17.43 -4.20 0.80
N PHE D 373 -16.28 -4.74 0.38
CA PHE D 373 -16.15 -6.18 0.24
C PHE D 373 -16.40 -6.82 1.60
N VAL D 374 -15.59 -6.47 2.59
CA VAL D 374 -15.72 -7.09 3.91
C VAL D 374 -17.07 -6.87 4.53
N ASP D 375 -17.67 -5.71 4.33
CA ASP D 375 -18.93 -5.39 5.02
C ASP D 375 -20.14 -6.21 4.52
N ASN D 376 -20.38 -6.26 3.21
CA ASN D 376 -21.56 -6.96 2.70
C ASN D 376 -21.39 -8.48 2.69
N LEU D 377 -20.16 -8.95 2.92
CA LEU D 377 -19.85 -10.39 3.07
C LEU D 377 -19.63 -10.83 4.52
N TYR D 378 -18.54 -10.40 5.16
CA TYR D 378 -18.18 -10.80 6.54
C TYR D 378 -18.59 -9.81 7.63
N GLY D 379 -19.22 -8.70 7.22
CA GLY D 379 -19.35 -7.49 8.05
C GLY D 379 -20.34 -7.66 9.16
N TYR D 380 -19.89 -8.35 10.19
CA TYR D 380 -20.72 -8.73 11.32
C TYR D 380 -20.88 -7.66 12.46
N PRO D 381 -20.01 -6.63 12.60
CA PRO D 381 -18.59 -6.57 12.17
C PRO D 381 -17.71 -6.21 13.39
N GLU D 382 -17.93 -6.96 14.47
CA GLU D 382 -17.36 -6.67 15.80
C GLU D 382 -15.85 -6.43 15.72
N GLY D 383 -15.13 -7.27 14.97
CA GLY D 383 -13.67 -7.10 14.78
C GLY D 383 -13.30 -7.03 13.31
N LYS D 384 -14.10 -6.34 12.52
CA LYS D 384 -13.91 -6.26 11.07
C LYS D 384 -12.58 -5.60 10.70
N ASP D 385 -12.28 -4.45 11.33
CA ASP D 385 -11.10 -3.63 11.01
C ASP D 385 -9.87 -4.42 10.62
N VAL D 386 -9.57 -5.44 11.43
CA VAL D 386 -8.49 -6.39 11.12
C VAL D 386 -8.74 -7.00 9.77
N LEU D 387 -9.88 -7.68 9.66
CA LEU D 387 -10.24 -8.44 8.48
C LEU D 387 -10.03 -7.64 7.20
N ARG D 388 -10.38 -6.36 7.22
CA ARG D 388 -10.19 -5.52 6.03
C ARG D 388 -8.70 -5.42 5.68
N GLU D 389 -7.93 -4.90 6.62
CA GLU D 389 -6.53 -4.57 6.38
C GLU D 389 -5.64 -5.77 6.19
N THR D 390 -5.98 -6.87 6.85
CA THR D 390 -5.26 -8.09 6.64
C THR D 390 -5.62 -8.72 5.28
N ILE D 391 -6.85 -8.55 4.78
CA ILE D 391 -7.18 -9.05 3.41
C ILE D 391 -6.71 -8.11 2.33
N LYS D 392 -6.66 -6.81 2.62
CA LYS D 392 -5.96 -5.90 1.76
C LYS D 392 -4.55 -6.43 1.56
N PHE D 393 -3.89 -6.72 2.68
CA PHE D 393 -2.47 -7.08 2.66
C PHE D 393 -2.17 -8.20 1.68
N MET D 394 -2.89 -9.30 1.79
CA MET D 394 -2.63 -10.47 0.96
C MET D 394 -2.65 -10.21 -0.54
N TYR D 395 -3.46 -9.24 -0.95
CA TYR D 395 -3.59 -8.93 -2.35
C TYR D 395 -2.82 -7.73 -2.88
N THR D 396 -2.22 -6.91 -2.01
CA THR D 396 -1.40 -5.81 -2.51
C THR D 396 -0.01 -6.34 -2.84
N ASP D 397 0.41 -6.28 -4.11
CA ASP D 397 1.71 -6.83 -4.51
C ASP D 397 2.82 -5.93 -4.05
N TRP D 398 3.60 -6.39 -3.07
CA TRP D 398 4.55 -5.51 -2.41
C TRP D 398 5.81 -5.26 -3.22
N ALA D 399 5.96 -5.97 -4.35
CA ALA D 399 6.99 -5.65 -5.33
C ALA D 399 6.93 -4.18 -5.74
N ASP D 400 5.76 -3.77 -6.26
CA ASP D 400 5.48 -2.37 -6.60
C ASP D 400 4.26 -1.89 -5.80
N ARG D 401 4.59 -1.22 -4.70
CA ARG D 401 3.60 -0.65 -3.81
C ARG D 401 2.76 0.40 -4.56
N ASP D 402 3.41 1.17 -5.44
CA ASP D 402 2.82 2.39 -6.00
C ASP D 402 2.02 2.22 -7.28
N ASN D 403 2.26 1.14 -8.03
CA ASN D 403 1.56 0.91 -9.32
C ASN D 403 0.09 0.57 -9.13
N GLY D 404 -0.77 1.38 -9.72
CA GLY D 404 -2.21 1.16 -9.71
C GLY D 404 -2.61 -0.12 -10.43
N GLU D 405 -1.97 -0.43 -11.56
CA GLU D 405 -2.32 -1.65 -12.31
C GLU D 405 -2.17 -2.90 -11.45
N MET D 406 -1.04 -3.00 -10.77
CA MET D 406 -0.76 -4.17 -9.91
C MET D 406 -1.34 -3.92 -8.49
N ARG D 407 -2.46 -3.19 -8.47
CA ARG D 407 -3.55 -3.39 -7.55
C ARG D 407 -4.74 -3.88 -8.35
N ARG D 408 -5.16 -3.12 -9.36
CA ARG D 408 -6.30 -3.52 -10.19
C ARG D 408 -6.24 -5.01 -10.46
N LYS D 409 -5.14 -5.45 -11.04
CA LYS D 409 -4.88 -6.86 -11.33
C LYS D 409 -5.36 -7.68 -10.17
N THR D 410 -4.81 -7.32 -9.03
CA THR D 410 -4.95 -8.08 -7.81
C THR D 410 -6.37 -8.03 -7.27
N LEU D 411 -6.98 -6.86 -7.35
CA LEU D 411 -8.34 -6.74 -6.92
C LEU D 411 -9.19 -7.72 -7.70
N LEU D 412 -8.94 -7.85 -9.01
CA LEU D 412 -9.65 -8.84 -9.84
C LEU D 412 -9.47 -10.19 -9.22
N ALA D 413 -8.21 -10.55 -9.02
CA ALA D 413 -7.90 -11.78 -8.35
C ALA D 413 -8.67 -11.91 -7.03
N LEU D 414 -8.59 -10.90 -6.17
CA LEU D 414 -9.22 -10.98 -4.84
C LEU D 414 -10.63 -11.47 -5.02
N PHE D 415 -11.38 -10.74 -5.82
CA PHE D 415 -12.77 -11.03 -5.99
C PHE D 415 -12.95 -12.41 -6.62
N THR D 416 -12.22 -12.61 -7.72
CA THR D 416 -12.13 -13.90 -8.37
C THR D 416 -12.00 -15.03 -7.36
N ASP D 417 -10.96 -14.92 -6.53
CA ASP D 417 -10.66 -15.96 -5.60
C ASP D 417 -11.84 -16.28 -4.72
N HIS D 418 -12.39 -15.25 -4.09
CA HIS D 418 -13.43 -15.47 -3.08
C HIS D 418 -14.76 -15.98 -3.63
N GLN D 419 -15.16 -15.50 -4.80
CA GLN D 419 -16.49 -15.78 -5.33
C GLN D 419 -16.58 -16.92 -6.33
N TRP D 420 -15.49 -17.65 -6.52
CA TRP D 420 -15.49 -18.86 -7.36
C TRP D 420 -14.39 -19.83 -6.95
N VAL D 421 -13.16 -19.35 -7.07
CA VAL D 421 -11.98 -20.19 -7.06
C VAL D 421 -11.98 -21.01 -5.82
N ALA D 422 -11.94 -20.34 -4.68
CA ALA D 422 -11.79 -21.04 -3.43
C ALA D 422 -12.97 -21.98 -3.24
N PRO D 423 -14.20 -21.43 -3.11
CA PRO D 423 -15.37 -22.32 -2.99
C PRO D 423 -15.27 -23.59 -3.84
N ALA D 424 -14.98 -23.42 -5.13
CA ALA D 424 -14.89 -24.53 -6.07
C ALA D 424 -13.92 -25.59 -5.58
N VAL D 425 -12.74 -25.18 -5.16
CA VAL D 425 -11.78 -26.13 -4.60
C VAL D 425 -12.51 -26.84 -3.44
N ALA D 426 -12.94 -26.11 -2.42
CA ALA D 426 -13.47 -26.75 -1.21
C ALA D 426 -14.60 -27.73 -1.50
N THR D 427 -15.43 -27.44 -2.51
CA THR D 427 -16.46 -28.41 -2.91
C THR D 427 -15.78 -29.67 -3.41
N ALA D 428 -14.87 -29.52 -4.36
CA ALA D 428 -14.10 -30.65 -4.89
C ALA D 428 -13.52 -31.43 -3.74
N LYS D 429 -12.74 -30.73 -2.91
CA LYS D 429 -12.08 -31.33 -1.74
C LYS D 429 -13.02 -32.27 -1.01
N LEU D 430 -14.26 -31.81 -0.77
CA LEU D 430 -15.24 -32.62 -0.05
C LEU D 430 -15.75 -33.78 -0.91
N HIS D 431 -16.08 -33.51 -2.16
CA HIS D 431 -16.63 -34.55 -3.02
C HIS D 431 -15.60 -35.64 -3.34
N ALA D 432 -14.31 -35.34 -3.18
CA ALA D 432 -13.28 -36.36 -3.29
C ALA D 432 -12.81 -36.90 -1.93
N ASP D 433 -13.02 -36.15 -0.86
CA ASP D 433 -12.86 -36.69 0.50
C ASP D 433 -13.87 -37.83 0.78
N TYR D 434 -15.04 -37.77 0.12
CA TYR D 434 -16.04 -38.86 0.15
C TYR D 434 -16.02 -39.77 -1.09
N GLN D 435 -15.02 -39.57 -1.94
CA GLN D 435 -14.69 -40.51 -2.99
C GLN D 435 -15.79 -40.61 -4.05
N SER D 436 -16.23 -39.44 -4.52
CA SER D 436 -16.73 -39.32 -5.88
C SER D 436 -15.47 -39.09 -6.69
N PRO D 437 -15.31 -39.77 -7.84
CA PRO D 437 -14.20 -39.41 -8.67
C PRO D 437 -14.52 -38.07 -9.30
N VAL D 438 -13.50 -37.22 -9.44
CA VAL D 438 -13.70 -35.84 -9.83
C VAL D 438 -12.44 -35.23 -10.41
N TYR D 439 -12.61 -34.42 -11.45
CA TYR D 439 -11.51 -33.81 -12.17
C TYR D 439 -11.71 -32.32 -12.12
N PHE D 440 -10.61 -31.57 -12.10
CA PHE D 440 -10.61 -30.11 -11.89
C PHE D 440 -9.94 -29.39 -13.05
N TYR D 441 -10.38 -28.16 -13.36
CA TYR D 441 -9.71 -27.35 -14.39
C TYR D 441 -9.62 -25.88 -14.09
N THR D 442 -8.76 -25.23 -14.88
CA THR D 442 -8.66 -23.78 -14.92
C THR D 442 -8.69 -23.38 -16.38
N PHE D 443 -9.50 -22.38 -16.74
CA PHE D 443 -9.60 -21.93 -18.13
C PHE D 443 -8.91 -20.62 -18.34
N TYR D 444 -8.11 -20.55 -19.41
CA TYR D 444 -7.20 -19.43 -19.66
C TYR D 444 -7.25 -18.94 -21.11
N HIS D 445 -8.42 -18.51 -21.59
CA HIS D 445 -8.50 -17.96 -22.95
C HIS D 445 -9.71 -17.08 -23.35
N HIS D 446 -9.40 -15.81 -23.65
CA HIS D 446 -10.32 -14.90 -24.34
C HIS D 446 -10.25 -15.09 -25.88
N CYS D 447 -10.98 -14.26 -26.61
CA CYS D 447 -10.76 -14.09 -28.05
C CYS D 447 -11.31 -12.71 -28.38
N GLN D 448 -10.44 -11.74 -28.65
CA GLN D 448 -10.85 -10.36 -28.40
C GLN D 448 -11.61 -9.72 -29.56
N ALA D 449 -12.73 -9.07 -29.22
CA ALA D 449 -13.32 -7.98 -29.99
C ALA D 449 -13.07 -6.65 -29.23
N GLU D 450 -13.57 -6.57 -27.98
CA GLU D 450 -13.56 -5.32 -27.18
C GLU D 450 -13.52 -5.62 -25.66
N ASP D 457 -6.97 -11.39 -20.45
CA ASP D 457 -7.55 -11.87 -19.23
C ASP D 457 -8.84 -12.61 -19.43
N ALA D 458 -8.84 -13.91 -19.14
CA ALA D 458 -10.01 -14.78 -19.38
C ALA D 458 -11.12 -14.54 -18.36
N ALA D 459 -12.24 -14.00 -18.82
CA ALA D 459 -13.32 -13.59 -17.93
C ALA D 459 -14.37 -14.66 -17.81
N HIS D 460 -15.21 -14.52 -16.78
CA HIS D 460 -16.34 -15.42 -16.53
C HIS D 460 -17.19 -15.51 -17.78
N GLY D 461 -17.48 -16.74 -18.19
CA GLY D 461 -18.30 -16.98 -19.35
C GLY D 461 -17.48 -17.34 -20.57
N ASP D 462 -16.35 -16.66 -20.77
CA ASP D 462 -15.55 -16.87 -21.98
C ASP D 462 -15.21 -18.34 -22.32
N GLU D 463 -15.34 -19.26 -21.37
CA GLU D 463 -15.20 -20.70 -21.66
C GLU D 463 -16.31 -21.29 -22.53
N LEU D 464 -17.49 -20.67 -22.53
CA LEU D 464 -18.66 -21.24 -23.19
C LEU D 464 -18.52 -21.51 -24.68
N PRO D 465 -18.28 -20.47 -25.50
CA PRO D 465 -18.28 -20.69 -26.95
C PRO D 465 -17.36 -21.84 -27.35
N TYR D 466 -16.28 -22.02 -26.61
CA TYR D 466 -15.35 -23.12 -26.84
C TYR D 466 -16.05 -24.43 -26.51
N VAL D 467 -16.76 -24.51 -25.38
CA VAL D 467 -17.53 -25.72 -25.03
C VAL D 467 -18.62 -26.01 -26.06
N PHE D 468 -19.34 -24.97 -26.49
CA PHE D 468 -20.41 -25.13 -27.49
C PHE D 468 -19.95 -24.97 -28.95
N GLY D 469 -18.64 -25.00 -29.18
CA GLY D 469 -18.07 -25.19 -30.50
C GLY D 469 -18.21 -24.04 -31.48
N VAL D 470 -18.53 -22.87 -30.96
CA VAL D 470 -18.84 -21.72 -31.79
C VAL D 470 -17.65 -21.21 -32.63
N PRO D 471 -16.41 -21.54 -32.25
CA PRO D 471 -15.29 -21.26 -33.16
C PRO D 471 -15.32 -22.02 -34.48
N MET D 472 -16.05 -23.12 -34.51
CA MET D 472 -16.07 -23.97 -35.67
C MET D 472 -17.07 -23.50 -36.72
N VAL D 473 -18.08 -22.71 -36.32
CA VAL D 473 -19.08 -22.15 -37.26
C VAL D 473 -18.76 -20.73 -37.77
N GLY D 474 -17.96 -19.98 -37.01
CA GLY D 474 -17.67 -18.57 -37.28
C GLY D 474 -18.41 -17.66 -36.32
N ALA D 475 -18.06 -16.38 -36.33
CA ALA D 475 -18.59 -15.40 -35.37
C ALA D 475 -20.11 -15.28 -35.43
N THR D 476 -20.78 -15.68 -34.33
CA THR D 476 -22.20 -15.41 -34.16
C THR D 476 -22.36 -14.02 -33.53
N ASP D 477 -23.61 -13.58 -33.42
CA ASP D 477 -23.96 -12.22 -32.95
C ASP D 477 -23.46 -11.86 -31.53
N LEU D 478 -23.47 -12.83 -30.63
CA LEU D 478 -23.03 -12.63 -29.24
C LEU D 478 -21.60 -13.18 -28.96
N PHE D 479 -20.85 -13.50 -30.02
CA PHE D 479 -19.44 -13.92 -29.94
C PHE D 479 -18.67 -13.34 -31.13
N PRO D 480 -18.29 -12.05 -31.06
CA PRO D 480 -17.80 -11.42 -32.29
C PRO D 480 -16.35 -11.76 -32.72
N CYS D 481 -15.66 -12.69 -32.05
CA CYS D 481 -14.19 -12.69 -32.08
C CYS D 481 -13.48 -13.19 -33.38
N ASN D 482 -12.29 -12.62 -33.64
CA ASN D 482 -11.27 -13.17 -34.53
C ASN D 482 -10.94 -14.57 -34.02
N PHE D 483 -11.65 -15.58 -34.52
CA PHE D 483 -11.37 -16.97 -34.13
C PHE D 483 -10.11 -17.48 -34.83
N SER D 484 -8.99 -17.53 -34.09
CA SER D 484 -7.72 -17.99 -34.66
C SER D 484 -7.68 -19.50 -34.90
N LYS D 485 -6.88 -19.89 -35.90
CA LYS D 485 -6.47 -21.30 -36.13
C LYS D 485 -6.35 -21.99 -34.78
N ASN D 486 -5.64 -21.36 -33.85
CA ASN D 486 -5.53 -21.84 -32.48
C ASN D 486 -6.90 -21.92 -31.80
N ASP D 487 -7.62 -20.81 -31.76
CA ASP D 487 -8.92 -20.78 -31.09
C ASP D 487 -9.77 -22.01 -31.41
N VAL D 488 -9.67 -22.52 -32.63
CA VAL D 488 -10.35 -23.76 -32.99
C VAL D 488 -9.76 -24.93 -32.21
N MET D 489 -8.47 -25.22 -32.37
CA MET D 489 -7.82 -26.31 -31.63
C MET D 489 -8.38 -26.42 -30.21
N LEU D 490 -8.50 -25.27 -29.55
CA LEU D 490 -9.00 -25.21 -28.19
C LEU D 490 -10.44 -25.68 -28.06
N SER D 491 -11.29 -25.28 -28.99
CA SER D 491 -12.67 -25.74 -29.00
C SER D 491 -12.77 -27.25 -29.12
N ALA D 492 -12.02 -27.82 -30.06
CA ALA D 492 -11.96 -29.27 -30.25
C ALA D 492 -11.60 -29.93 -28.92
N VAL D 493 -10.41 -29.60 -28.42
CA VAL D 493 -9.91 -30.19 -27.18
C VAL D 493 -10.89 -30.12 -26.01
N VAL D 494 -11.53 -28.98 -25.78
CA VAL D 494 -12.49 -28.91 -24.67
C VAL D 494 -13.64 -29.86 -24.93
N MET D 495 -14.17 -29.86 -26.14
CA MET D 495 -15.32 -30.71 -26.44
C MET D 495 -14.96 -32.17 -26.32
N THR D 496 -13.83 -32.56 -26.91
CA THR D 496 -13.35 -33.91 -26.81
C THR D 496 -13.29 -34.32 -25.34
N TYR D 497 -12.69 -33.49 -24.49
CA TYR D 497 -12.62 -33.77 -23.05
C TYR D 497 -14.05 -33.90 -22.51
N TRP D 498 -14.81 -32.82 -22.58
CA TRP D 498 -16.16 -32.74 -21.99
C TRP D 498 -17.07 -33.90 -22.40
N THR D 499 -17.02 -34.28 -23.68
CA THR D 499 -17.89 -35.31 -24.20
C THR D 499 -17.50 -36.65 -23.66
N ASN D 500 -16.25 -37.02 -23.88
CA ASN D 500 -15.68 -38.21 -23.28
C ASN D 500 -16.14 -38.40 -21.85
N PHE D 501 -16.09 -37.32 -21.09
CA PHE D 501 -16.47 -37.33 -19.69
C PHE D 501 -17.89 -37.84 -19.48
N ALA D 502 -18.83 -37.44 -20.32
CA ALA D 502 -20.20 -37.95 -20.25
C ALA D 502 -20.26 -39.45 -20.51
N LYS D 503 -19.43 -39.91 -21.46
CA LYS D 503 -19.44 -41.28 -21.92
C LYS D 503 -18.88 -42.27 -20.87
N THR D 504 -17.81 -41.87 -20.17
CA THR D 504 -17.16 -42.73 -19.16
C THR D 504 -17.15 -42.24 -17.70
N GLY D 505 -17.11 -40.93 -17.51
CA GLY D 505 -16.69 -40.35 -16.25
C GLY D 505 -15.18 -40.29 -16.18
N ASP D 506 -14.55 -40.18 -17.34
CA ASP D 506 -13.13 -39.92 -17.43
C ASP D 506 -12.93 -39.07 -18.68
N PRO D 507 -12.52 -37.81 -18.48
CA PRO D 507 -12.45 -36.92 -19.63
C PRO D 507 -11.36 -37.33 -20.59
N ASN D 508 -10.15 -37.53 -20.09
CA ASN D 508 -9.03 -37.83 -20.98
C ASN D 508 -9.12 -39.19 -21.66
N GLN D 509 -10.07 -40.03 -21.23
CA GLN D 509 -10.29 -41.33 -21.84
C GLN D 509 -11.54 -41.25 -22.75
N PRO D 510 -12.00 -42.37 -23.33
CA PRO D 510 -12.48 -42.54 -24.69
C PRO D 510 -11.67 -41.86 -25.81
N VAL D 511 -12.18 -40.83 -26.48
CA VAL D 511 -11.48 -40.19 -27.59
C VAL D 511 -10.19 -39.50 -27.12
N PRO D 512 -9.02 -39.94 -27.61
CA PRO D 512 -7.80 -39.32 -27.14
C PRO D 512 -7.59 -38.00 -27.81
N GLN D 513 -6.68 -37.22 -27.26
CA GLN D 513 -6.50 -35.84 -27.71
C GLN D 513 -5.83 -35.73 -29.05
N ASP D 514 -6.57 -35.22 -30.03
CA ASP D 514 -6.06 -34.94 -31.37
C ASP D 514 -6.67 -33.65 -31.91
N THR D 515 -5.85 -32.93 -32.69
CA THR D 515 -6.24 -31.67 -33.37
C THR D 515 -5.36 -31.43 -34.64
N LYS D 516 -5.22 -32.47 -35.47
CA LYS D 516 -4.47 -32.46 -36.74
C LYS D 516 -5.37 -32.78 -37.98
N PHE D 517 -6.68 -32.61 -37.84
CA PHE D 517 -7.62 -32.66 -38.97
C PHE D 517 -7.70 -31.30 -39.68
N PRO D 522 1.71 -28.43 -33.33
CA PRO D 522 1.01 -29.71 -33.42
C PRO D 522 -0.22 -29.74 -32.48
N ASN D 523 -0.78 -30.94 -32.30
CA ASN D 523 -1.75 -31.22 -31.20
C ASN D 523 -1.04 -31.02 -29.85
N ARG D 524 -1.30 -29.90 -29.19
CA ARG D 524 -0.52 -29.52 -28.00
C ARG D 524 -0.89 -30.26 -26.71
N PHE D 525 -2.02 -30.98 -26.74
CA PHE D 525 -2.56 -31.71 -25.58
C PHE D 525 -2.26 -33.22 -25.56
N GLU D 526 -1.58 -33.71 -26.62
CA GLU D 526 -1.12 -35.12 -26.77
C GLU D 526 -0.44 -35.71 -25.53
N GLU D 527 0.64 -35.05 -25.06
CA GLU D 527 1.55 -35.57 -24.00
C GLU D 527 1.02 -35.51 -22.53
N VAL D 528 -0.30 -35.26 -22.36
CA VAL D 528 -0.85 -34.78 -21.12
C VAL D 528 -2.10 -35.55 -20.72
N VAL D 529 -2.09 -35.99 -19.48
CA VAL D 529 -3.13 -36.81 -18.93
C VAL D 529 -3.75 -36.06 -17.77
N TRP D 530 -5.07 -35.97 -17.75
CA TRP D 530 -5.78 -35.22 -16.73
C TRP D 530 -5.88 -36.09 -15.51
N SER D 531 -4.93 -35.94 -14.59
CA SER D 531 -4.94 -36.73 -13.37
C SER D 531 -6.23 -36.45 -12.59
N LYS D 532 -6.64 -37.41 -11.78
CA LYS D 532 -7.83 -37.24 -10.93
C LYS D 532 -7.49 -36.22 -9.85
N PHE D 533 -8.47 -35.41 -9.47
CA PHE D 533 -8.36 -34.53 -8.32
C PHE D 533 -8.44 -35.35 -7.04
N ASN D 534 -7.77 -34.87 -5.99
CA ASN D 534 -7.99 -35.40 -4.64
C ASN D 534 -7.77 -34.32 -3.60
N SER D 535 -8.02 -34.65 -2.34
CA SER D 535 -7.87 -33.68 -1.25
C SER D 535 -6.41 -33.27 -1.05
N LYS D 536 -5.48 -34.23 -1.21
CA LYS D 536 -4.05 -33.96 -1.03
C LYS D 536 -3.47 -33.15 -2.20
N GLU D 537 -2.84 -33.79 -3.20
CA GLU D 537 -2.11 -33.04 -4.24
C GLU D 537 -3.17 -32.54 -5.25
N LYS D 538 -3.60 -31.28 -5.10
CA LYS D 538 -4.81 -30.79 -5.80
C LYS D 538 -4.59 -30.70 -7.31
N GLN D 539 -4.41 -31.87 -7.94
CA GLN D 539 -3.98 -31.98 -9.34
C GLN D 539 -5.12 -31.52 -10.24
N TYR D 540 -4.83 -30.58 -11.12
CA TYR D 540 -5.82 -29.99 -12.00
C TYR D 540 -5.24 -29.73 -13.37
N LEU D 541 -6.12 -29.57 -14.36
CA LEU D 541 -5.72 -29.30 -15.73
C LEU D 541 -5.76 -27.80 -16.07
N HIS D 542 -4.62 -27.26 -16.48
CA HIS D 542 -4.51 -25.91 -16.99
C HIS D 542 -5.01 -25.99 -18.41
N ILE D 543 -6.19 -25.45 -18.68
CA ILE D 543 -6.67 -25.32 -20.06
C ILE D 543 -5.91 -24.16 -20.64
N GLY D 544 -5.72 -24.16 -21.96
CA GLY D 544 -5.16 -23.00 -22.64
C GLY D 544 -4.34 -23.38 -23.83
N LEU D 545 -3.56 -22.42 -24.31
CA LEU D 545 -2.62 -22.72 -25.38
C LEU D 545 -1.46 -23.56 -24.84
N LYS D 546 -1.06 -23.27 -23.60
CA LYS D 546 -0.12 -24.08 -22.83
C LYS D 546 -0.82 -25.05 -21.86
N PRO D 547 -1.30 -26.21 -22.34
CA PRO D 547 -1.96 -27.12 -21.38
C PRO D 547 -1.02 -27.99 -20.60
N ARG D 548 -1.40 -28.31 -19.37
CA ARG D 548 -0.68 -29.27 -18.56
C ARG D 548 -1.39 -29.55 -17.24
N VAL D 549 -0.82 -30.47 -16.49
CA VAL D 549 -1.24 -30.75 -15.14
C VAL D 549 -0.43 -29.84 -14.23
N ARG D 550 -1.07 -29.19 -13.25
CA ARG D 550 -0.33 -28.58 -12.13
C ARG D 550 -0.97 -29.02 -10.84
N ASP D 551 -0.35 -28.65 -9.71
CA ASP D 551 -0.81 -29.06 -8.38
C ASP D 551 -1.11 -27.84 -7.49
N ASN D 552 -2.17 -27.96 -6.69
CA ASN D 552 -2.59 -26.95 -5.71
C ASN D 552 -2.86 -25.60 -6.36
N TYR D 553 -4.00 -25.45 -7.05
CA TYR D 553 -4.25 -24.16 -7.73
C TYR D 553 -4.28 -23.08 -6.68
N ARG D 554 -3.41 -22.10 -6.82
CA ARG D 554 -3.49 -20.88 -6.03
C ARG D 554 -3.56 -21.13 -4.53
N ALA D 555 -3.07 -22.29 -4.08
CA ALA D 555 -3.42 -22.76 -2.74
C ALA D 555 -3.19 -21.68 -1.66
N ASN D 556 -2.10 -20.93 -1.75
CA ASN D 556 -1.86 -19.85 -0.81
C ASN D 556 -3.10 -19.04 -0.50
N LYS D 557 -3.75 -18.52 -1.54
CA LYS D 557 -4.93 -17.66 -1.35
C LYS D 557 -6.12 -18.52 -0.95
N VAL D 558 -6.33 -19.62 -1.67
CA VAL D 558 -7.32 -20.62 -1.28
C VAL D 558 -7.43 -20.70 0.22
N ALA D 559 -6.30 -20.93 0.86
CA ALA D 559 -6.25 -21.19 2.29
C ALA D 559 -6.67 -19.98 3.11
N PHE D 560 -6.14 -18.83 2.75
CA PHE D 560 -6.50 -17.60 3.41
C PHE D 560 -7.99 -17.49 3.62
N TRP D 561 -8.73 -17.77 2.56
CA TRP D 561 -10.19 -17.71 2.55
C TRP D 561 -10.88 -18.91 3.17
N LEU D 562 -10.31 -20.09 3.00
CA LEU D 562 -10.90 -21.31 3.53
C LEU D 562 -10.53 -21.61 4.98
N GLU D 563 -9.33 -21.20 5.40
CA GLU D 563 -8.75 -21.69 6.65
C GLU D 563 -8.62 -20.62 7.71
N LEU D 564 -8.09 -19.45 7.35
CA LEU D 564 -7.85 -18.41 8.35
C LEU D 564 -9.04 -17.52 8.58
N VAL D 565 -9.54 -16.91 7.51
CA VAL D 565 -10.42 -15.77 7.64
C VAL D 565 -11.73 -16.02 8.41
N PRO D 566 -12.46 -17.12 8.10
CA PRO D 566 -13.71 -17.25 8.86
C PRO D 566 -13.44 -17.51 10.33
N HIS D 567 -12.27 -18.06 10.65
CA HIS D 567 -11.89 -18.32 12.03
C HIS D 567 -11.43 -17.05 12.79
N LEU D 568 -11.42 -15.87 12.16
CA LEU D 568 -11.12 -14.63 12.90
C LEU D 568 -12.21 -14.31 13.94
N HIS D 569 -13.46 -14.40 13.50
CA HIS D 569 -14.62 -14.23 14.41
C HIS D 569 -15.33 -15.58 14.65
N VAL E 11 57.65 3.13 15.44
CA VAL E 11 57.64 1.69 15.88
C VAL E 11 57.74 0.77 14.64
N ARG E 12 58.02 -0.52 14.86
CA ARG E 12 57.93 -1.52 13.77
C ARG E 12 57.63 -2.95 14.34
N GLY E 13 57.24 -3.89 13.45
CA GLY E 13 56.78 -5.26 13.81
C GLY E 13 57.26 -6.40 12.90
N VAL E 14 56.35 -7.20 12.32
CA VAL E 14 56.70 -8.48 11.61
C VAL E 14 56.01 -8.77 10.24
N ARG E 15 56.58 -9.73 9.49
CA ARG E 15 56.29 -9.97 8.05
C ARG E 15 55.82 -11.43 7.76
N ARG E 16 54.91 -11.59 6.78
CA ARG E 16 54.40 -12.90 6.33
C ARG E 16 54.07 -13.01 4.82
N GLU E 17 53.69 -14.20 4.33
CA GLU E 17 53.43 -14.46 2.88
C GLU E 17 52.84 -15.88 2.61
N LEU E 18 51.79 -15.99 1.78
CA LEU E 18 51.37 -17.30 1.22
C LEU E 18 50.61 -17.12 -0.10
N ILE E 22 50.69 -17.92 -3.57
CA ILE E 22 50.22 -16.96 -4.58
C ILE E 22 50.44 -15.45 -4.55
N LEU E 23 50.38 -14.88 -3.33
CA LEU E 23 50.06 -13.45 -3.13
C LEU E 23 51.19 -12.55 -2.63
N GLY E 24 50.94 -11.24 -2.71
CA GLY E 24 51.92 -10.22 -2.32
C GLY E 24 52.05 -10.15 -0.81
N PRO E 25 53.30 -10.09 -0.29
CA PRO E 25 53.55 -10.15 1.16
C PRO E 25 53.09 -8.94 1.97
N VAL E 26 53.03 -9.15 3.29
CA VAL E 26 52.29 -8.27 4.22
C VAL E 26 52.99 -8.14 5.58
N VAL E 27 52.85 -6.97 6.20
CA VAL E 27 53.36 -6.68 7.54
C VAL E 27 52.20 -6.62 8.52
N GLN E 28 52.39 -7.25 9.68
CA GLN E 28 51.41 -7.26 10.79
C GLN E 28 51.91 -6.36 11.92
N PHE E 29 50.98 -5.81 12.70
CA PHE E 29 51.31 -4.96 13.86
C PHE E 29 50.50 -5.43 15.06
N LEU E 30 50.99 -6.48 15.70
CA LEU E 30 50.24 -7.15 16.75
C LEU E 30 50.60 -6.57 18.12
N GLY E 31 49.58 -6.06 18.82
CA GLY E 31 49.74 -5.54 20.18
C GLY E 31 49.98 -4.06 20.27
N VAL E 32 49.35 -3.29 19.39
CA VAL E 32 49.44 -1.82 19.41
C VAL E 32 48.23 -1.29 20.17
N PRO E 33 48.46 -0.48 21.22
CA PRO E 33 47.35 0.07 21.99
C PRO E 33 46.74 1.32 21.35
N TYR E 34 45.44 1.55 21.60
CA TYR E 34 44.76 2.78 21.18
C TYR E 34 44.26 3.65 22.32
N ALA E 35 44.44 3.20 23.56
CA ALA E 35 44.04 3.96 24.73
C ALA E 35 44.61 3.33 26.00
N THR E 36 44.68 4.14 27.05
CA THR E 36 45.15 3.67 28.37
C THR E 36 44.11 2.72 28.94
N PRO E 37 44.53 1.54 29.43
CA PRO E 37 43.55 0.48 29.67
C PRO E 37 42.66 0.72 30.90
N PRO E 38 41.38 0.32 30.82
CA PRO E 38 40.40 0.62 31.87
C PRO E 38 40.57 -0.30 33.08
N LEU E 39 41.38 0.13 34.05
CA LEU E 39 41.83 -0.74 35.14
C LEU E 39 41.26 -0.39 36.51
N GLY E 40 41.57 0.80 37.00
CA GLY E 40 41.13 1.23 38.32
C GLY E 40 39.71 1.76 38.26
N ALA E 41 39.54 3.02 38.62
CA ALA E 41 38.30 3.74 38.38
C ALA E 41 38.27 4.34 36.98
N ARG E 42 39.15 3.87 36.09
CA ARG E 42 38.96 4.02 34.64
C ARG E 42 38.03 2.93 34.07
N ARG E 43 37.68 1.92 34.90
CA ARG E 43 36.64 0.94 34.55
C ARG E 43 35.27 1.61 34.62
N PHE E 44 34.38 1.23 33.70
CA PHE E 44 33.10 1.93 33.55
C PHE E 44 33.32 3.44 33.42
N GLN E 45 34.30 3.79 32.61
CA GLN E 45 34.61 5.17 32.27
C GLN E 45 35.06 5.22 30.81
N PRO E 46 34.71 6.29 30.08
CA PRO E 46 35.16 6.42 28.70
C PRO E 46 36.67 6.26 28.56
N PRO E 47 37.11 5.66 27.44
CA PRO E 47 38.52 5.46 27.31
C PRO E 47 39.17 6.81 27.10
N GLU E 48 40.21 7.09 27.89
CA GLU E 48 41.10 8.22 27.60
C GLU E 48 42.23 7.71 26.72
N ALA E 49 42.85 8.62 25.99
CA ALA E 49 43.66 8.28 24.83
C ALA E 49 44.98 7.53 25.20
N PRO E 50 45.88 7.24 24.22
CA PRO E 50 46.96 6.30 24.57
C PRO E 50 48.02 6.92 25.50
N ALA E 51 48.47 6.16 26.50
CA ALA E 51 49.62 6.55 27.33
C ALA E 51 50.88 6.58 26.45
N SER E 52 51.73 7.57 26.66
CA SER E 52 52.77 7.92 25.68
C SER E 52 53.88 6.86 25.53
N TRP E 53 54.18 6.46 24.28
CA TRP E 53 55.08 5.32 24.00
C TRP E 53 56.58 5.72 23.98
N PRO E 54 57.39 5.41 25.05
CA PRO E 54 58.79 5.92 25.23
C PRO E 54 59.87 5.28 24.38
N GLY E 55 59.62 4.03 24.00
CA GLY E 55 60.58 3.22 23.25
C GLY E 55 59.93 2.40 22.13
N VAL E 56 60.78 1.87 21.23
CA VAL E 56 60.34 1.15 20.01
C VAL E 56 59.46 -0.05 20.41
N ARG E 57 58.15 0.11 20.26
CA ARG E 57 57.20 -0.83 20.86
C ARG E 57 57.22 -2.21 20.18
N ASN E 58 57.29 -3.27 21.01
CA ASN E 58 57.35 -4.67 20.53
C ASN E 58 55.98 -5.03 19.93
N ALA E 59 55.79 -4.63 18.66
CA ALA E 59 54.52 -4.83 17.95
C ALA E 59 54.57 -6.12 17.17
N THR E 60 54.68 -7.23 17.90
CA THR E 60 55.11 -8.49 17.32
C THR E 60 54.21 -9.71 17.57
N THR E 61 53.54 -9.80 18.72
CA THR E 61 52.64 -10.94 19.02
C THR E 61 51.26 -10.51 19.55
N LEU E 62 50.33 -11.46 19.50
CA LEU E 62 48.90 -11.25 19.77
C LEU E 62 48.59 -10.58 21.12
N PRO E 63 47.82 -9.46 21.12
CA PRO E 63 47.38 -8.88 22.40
C PRO E 63 46.27 -9.72 23.02
N PRO E 64 46.25 -9.83 24.36
CA PRO E 64 45.28 -10.73 24.98
C PRO E 64 43.84 -10.22 24.90
N ALA E 65 42.93 -11.10 25.27
CA ALA E 65 41.50 -10.91 25.08
C ALA E 65 40.86 -10.17 26.23
N CYS E 66 39.67 -9.62 25.99
CA CYS E 66 38.88 -8.95 27.03
C CYS E 66 38.10 -9.96 27.86
N PRO E 67 37.71 -9.58 29.09
CA PRO E 67 36.94 -10.45 29.99
C PRO E 67 35.65 -11.06 29.39
N GLN E 68 35.71 -12.37 29.15
CA GLN E 68 34.59 -13.17 28.66
C GLN E 68 34.65 -14.55 29.32
N ASN E 69 33.49 -15.19 29.45
CA ASN E 69 33.41 -16.59 29.89
C ASN E 69 32.79 -17.40 28.77
N LEU E 70 33.45 -18.48 28.38
CA LEU E 70 32.93 -19.39 27.34
C LEU E 70 32.17 -20.59 27.93
N HIS E 71 32.43 -20.89 29.19
CA HIS E 71 32.09 -22.20 29.74
C HIS E 71 30.72 -22.18 30.44
N GLY E 72 29.69 -21.78 29.71
CA GLY E 72 28.31 -21.75 30.26
C GLY E 72 27.39 -20.69 29.69
N ALA E 73 27.49 -19.47 30.20
CA ALA E 73 26.71 -18.31 29.72
C ALA E 73 27.07 -18.02 28.26
N LEU E 74 26.23 -18.51 27.35
CA LEU E 74 26.53 -18.59 25.90
C LEU E 74 25.24 -18.46 25.04
N PRO E 75 24.83 -17.21 24.69
CA PRO E 75 23.78 -16.95 23.70
C PRO E 75 23.91 -17.70 22.34
N ALA E 76 23.61 -19.01 22.39
CA ALA E 76 23.80 -19.97 21.29
C ALA E 76 23.19 -19.43 20.02
N ILE E 77 21.88 -19.25 20.05
CA ILE E 77 21.08 -18.94 18.88
C ILE E 77 21.68 -17.78 18.07
N MET E 78 22.17 -16.74 18.76
CA MET E 78 22.59 -15.50 18.11
C MET E 78 24.06 -15.44 17.69
N LEU E 79 24.84 -16.47 18.01
CA LEU E 79 26.26 -16.50 17.66
C LEU E 79 26.47 -17.13 16.30
N PRO E 80 27.54 -16.73 15.58
CA PRO E 80 27.97 -17.45 14.38
C PRO E 80 28.06 -18.96 14.56
N VAL E 81 28.00 -19.69 13.45
CA VAL E 81 28.04 -21.15 13.49
C VAL E 81 29.45 -21.63 13.87
N TRP E 82 30.47 -21.24 13.10
CA TRP E 82 31.85 -21.65 13.37
C TRP E 82 32.21 -21.53 14.85
N PHE E 83 31.74 -20.44 15.49
CA PHE E 83 31.89 -20.22 16.94
C PHE E 83 31.39 -21.41 17.75
N THR E 84 30.10 -21.73 17.61
CA THR E 84 29.44 -22.72 18.47
C THR E 84 29.48 -24.15 17.90
N ASP E 85 30.07 -24.34 16.72
CA ASP E 85 30.35 -25.69 16.20
C ASP E 85 31.76 -26.14 16.57
N ASN E 86 32.68 -25.18 16.68
CA ASN E 86 34.08 -25.47 16.94
C ASN E 86 34.60 -24.71 18.19
N LEU E 87 33.84 -24.79 19.29
CA LEU E 87 34.17 -24.12 20.58
C LEU E 87 35.56 -24.43 21.12
N GLU E 88 35.95 -25.68 20.97
CA GLU E 88 37.28 -26.16 21.37
C GLU E 88 38.34 -25.33 20.62
N ALA E 89 38.11 -25.10 19.33
CA ALA E 89 38.98 -24.29 18.51
C ALA E 89 38.83 -22.79 18.79
N ALA E 90 37.61 -22.33 19.06
CA ALA E 90 37.37 -20.92 19.38
C ALA E 90 37.90 -20.53 20.75
N ALA E 91 37.99 -21.52 21.65
CA ALA E 91 38.56 -21.31 22.97
C ALA E 91 40.00 -20.85 22.92
N THR E 92 40.79 -21.46 22.03
CA THR E 92 42.24 -21.27 22.00
C THR E 92 42.69 -19.80 21.91
N TYR E 93 41.90 -18.96 21.23
CA TYR E 93 42.25 -17.54 21.02
C TYR E 93 42.01 -16.69 22.26
N VAL E 94 40.89 -16.93 22.93
CA VAL E 94 40.46 -16.11 24.09
C VAL E 94 40.97 -16.58 25.44
N GLN E 95 41.95 -17.48 25.46
CA GLN E 95 42.44 -18.08 26.71
C GLN E 95 43.29 -17.08 27.51
N ASN E 96 44.23 -16.41 26.84
CA ASN E 96 44.99 -15.31 27.46
C ASN E 96 44.05 -14.10 27.58
N GLN E 97 43.41 -13.97 28.74
CA GLN E 97 42.53 -12.84 29.07
C GLN E 97 43.21 -11.87 30.04
N SER E 98 42.80 -10.61 29.96
CA SER E 98 43.18 -9.58 30.92
C SER E 98 42.23 -8.38 30.76
N GLU E 99 42.13 -7.55 31.79
CA GLU E 99 41.31 -6.35 31.70
C GLU E 99 41.97 -5.33 30.77
N ASP E 100 43.30 -5.28 30.80
CA ASP E 100 44.10 -4.51 29.84
C ASP E 100 44.06 -5.23 28.49
N CYS E 101 43.05 -4.91 27.69
CA CYS E 101 42.81 -5.50 26.37
C CYS E 101 42.61 -4.50 25.22
N LEU E 102 42.73 -3.20 25.50
CA LEU E 102 42.51 -2.16 24.49
C LEU E 102 43.74 -2.05 23.59
N TYR E 103 43.84 -3.03 22.70
CA TYR E 103 44.88 -3.12 21.69
C TYR E 103 44.22 -3.50 20.36
N LEU E 104 44.60 -2.81 19.28
CA LEU E 104 44.19 -3.18 17.93
C LEU E 104 45.34 -3.90 17.22
N ASN E 105 45.02 -4.51 16.09
CA ASN E 105 46.00 -5.08 15.20
C ASN E 105 45.88 -4.38 13.86
N LEU E 106 46.92 -4.49 13.03
CA LEU E 106 46.88 -4.05 11.64
C LEU E 106 47.46 -5.11 10.72
N TYR E 107 47.12 -5.01 9.45
CA TYR E 107 47.67 -5.86 8.41
C TYR E 107 47.84 -4.97 7.19
N VAL E 108 49.10 -4.64 6.83
CA VAL E 108 49.39 -3.74 5.71
C VAL E 108 50.37 -4.44 4.77
N PRO E 109 50.12 -4.41 3.44
CA PRO E 109 50.94 -5.17 2.48
C PRO E 109 52.11 -4.41 1.85
N THR E 110 53.09 -5.15 1.35
CA THR E 110 54.22 -4.57 0.61
C THR E 110 53.75 -4.13 -0.76
N GLU E 111 53.18 -5.08 -1.50
CA GLU E 111 52.82 -4.90 -2.93
C GLU E 111 51.40 -5.41 -3.19
N ASP E 112 50.81 -4.97 -4.32
CA ASP E 112 49.42 -5.32 -4.68
C ASP E 112 49.24 -6.82 -4.98
N GLY E 113 48.24 -7.45 -4.36
CA GLY E 113 48.06 -8.92 -4.42
C GLY E 113 47.23 -9.42 -5.63
N PRO E 114 47.45 -10.72 -6.06
CA PRO E 114 46.82 -11.39 -7.25
C PRO E 114 45.34 -11.88 -7.09
N SER E 134 51.56 4.27 -5.83
CA SER E 134 51.84 4.19 -4.40
C SER E 134 50.91 5.11 -3.55
N GLY E 135 49.73 5.46 -4.08
CA GLY E 135 48.69 6.25 -3.36
C GLY E 135 48.32 5.66 -2.02
N LYS E 136 48.12 6.55 -1.05
CA LYS E 136 47.59 6.23 0.30
C LYS E 136 46.41 5.22 0.35
N LYS E 137 46.71 4.00 0.82
CA LYS E 137 45.75 2.88 0.81
C LYS E 137 44.62 3.05 1.86
N PRO E 138 43.37 2.67 1.51
CA PRO E 138 42.26 2.74 2.48
C PRO E 138 42.31 1.81 3.68
N VAL E 139 41.39 2.06 4.62
CA VAL E 139 41.40 1.45 5.94
C VAL E 139 40.10 0.73 6.23
N MET E 140 40.18 -0.56 6.44
CA MET E 140 39.04 -1.39 6.79
C MET E 140 39.15 -1.91 8.21
N LEU E 141 38.44 -1.27 9.15
CA LEU E 141 38.45 -1.66 10.57
C LEU E 141 37.37 -2.69 10.84
N PHE E 142 37.73 -3.73 11.59
CA PHE E 142 36.80 -4.81 11.86
C PHE E 142 36.28 -4.78 13.29
N LEU E 143 34.98 -4.58 13.41
CA LEU E 143 34.23 -4.87 14.63
C LEU E 143 33.82 -6.32 14.48
N HIS E 144 33.42 -6.99 15.57
CA HIS E 144 33.54 -8.44 15.59
C HIS E 144 32.64 -9.18 16.58
N GLY E 145 32.95 -10.46 16.74
CA GLY E 145 32.45 -11.26 17.83
C GLY E 145 31.22 -11.90 17.26
N GLY E 146 30.10 -11.63 17.92
CA GLY E 146 28.82 -12.28 17.56
C GLY E 146 27.69 -11.94 18.52
N SER E 147 27.96 -12.12 19.82
CA SER E 147 27.19 -11.46 20.87
C SER E 147 28.03 -10.29 21.34
N TYR E 148 27.43 -9.46 22.18
CA TYR E 148 28.16 -8.38 22.81
C TYR E 148 29.15 -8.88 23.85
N MET E 149 29.07 -10.17 24.19
CA MET E 149 29.81 -10.75 25.28
C MET E 149 30.94 -11.71 24.82
N GLU E 150 31.08 -11.96 23.51
CA GLU E 150 31.96 -13.03 22.99
C GLU E 150 32.72 -12.67 21.72
N GLY E 151 34.05 -12.84 21.79
CA GLY E 151 34.96 -12.68 20.64
C GLY E 151 36.21 -11.83 20.87
N THR E 152 37.12 -11.89 19.90
CA THR E 152 38.23 -10.94 19.75
C THR E 152 38.55 -10.78 18.28
N GLY E 153 39.12 -9.63 17.91
CA GLY E 153 39.58 -9.39 16.52
C GLY E 153 40.74 -10.29 16.10
N ASN E 154 41.39 -10.87 17.10
CA ASN E 154 42.45 -11.82 16.89
C ASN E 154 41.96 -13.06 16.15
N MET E 155 40.80 -13.60 16.52
CA MET E 155 40.21 -14.73 15.79
C MET E 155 40.21 -14.52 14.25
N PHE E 156 40.08 -13.27 13.83
CA PHE E 156 39.98 -12.90 12.42
C PHE E 156 41.35 -12.45 11.91
N ASP E 157 42.05 -13.33 11.20
CA ASP E 157 43.33 -12.97 10.58
C ASP E 157 43.07 -12.30 9.25
N GLY E 158 42.87 -10.98 9.32
CA GLY E 158 42.61 -10.17 8.15
C GLY E 158 43.88 -9.80 7.44
N SER E 159 44.63 -10.83 7.04
CA SER E 159 45.90 -10.66 6.39
C SER E 159 45.72 -10.87 4.87
N VAL E 160 45.05 -11.96 4.50
CA VAL E 160 44.82 -12.29 3.09
C VAL E 160 44.14 -11.12 2.44
N LEU E 161 43.05 -10.68 3.07
CA LEU E 161 42.25 -9.58 2.57
C LEU E 161 43.16 -8.42 2.26
N ALA E 162 43.95 -7.99 3.23
CA ALA E 162 44.85 -6.87 3.00
C ALA E 162 45.70 -7.04 1.75
N ALA E 163 46.31 -8.22 1.59
CA ALA E 163 47.20 -8.50 0.47
C ALA E 163 46.46 -8.49 -0.85
N TYR E 164 45.41 -9.31 -0.95
CA TYR E 164 44.60 -9.43 -2.18
C TYR E 164 43.87 -8.14 -2.53
N GLY E 165 43.40 -7.42 -1.51
CA GLY E 165 42.68 -6.16 -1.71
C GLY E 165 43.58 -4.97 -1.92
N ASN E 166 44.76 -5.01 -1.31
CA ASN E 166 45.70 -3.90 -1.28
C ASN E 166 45.14 -2.71 -0.46
N VAL E 167 44.63 -3.03 0.73
CA VAL E 167 44.16 -2.02 1.67
C VAL E 167 44.52 -2.44 3.07
N ILE E 168 44.38 -1.51 4.00
CA ILE E 168 44.78 -1.73 5.38
C ILE E 168 43.60 -2.27 6.18
N VAL E 169 43.76 -3.49 6.69
CA VAL E 169 42.74 -4.18 7.47
C VAL E 169 43.10 -4.10 8.93
N ALA E 170 42.17 -3.62 9.76
CA ALA E 170 42.37 -3.47 11.18
C ALA E 170 41.40 -4.36 11.95
N THR E 171 41.91 -5.16 12.87
CA THR E 171 41.11 -6.03 13.74
C THR E 171 41.41 -5.68 15.19
N LEU E 172 40.39 -5.34 15.98
CA LEU E 172 40.59 -4.81 17.35
C LEU E 172 40.03 -5.68 18.49
N ASN E 173 40.10 -5.16 19.70
CA ASN E 173 39.32 -5.65 20.82
C ASN E 173 38.65 -4.48 21.52
N TYR E 174 37.34 -4.58 21.75
CA TYR E 174 36.59 -3.61 22.55
C TYR E 174 36.19 -4.33 23.82
N ARG E 175 35.77 -3.57 24.83
CA ARG E 175 35.34 -4.13 26.11
C ARG E 175 34.06 -4.95 25.96
N LEU E 176 34.04 -6.15 26.55
CA LEU E 176 32.94 -7.11 26.37
C LEU E 176 32.14 -7.36 27.64
N GLY E 177 30.96 -7.92 27.43
CA GLY E 177 30.13 -8.43 28.50
C GLY E 177 29.79 -7.30 29.41
N VAL E 178 30.00 -7.54 30.70
CA VAL E 178 29.67 -6.54 31.69
C VAL E 178 30.52 -5.30 31.45
N LEU E 179 31.83 -5.47 31.34
CA LEU E 179 32.78 -4.35 31.16
C LEU E 179 32.44 -3.42 30.01
N GLY E 180 31.79 -3.98 28.98
CA GLY E 180 31.42 -3.22 27.80
C GLY E 180 30.23 -2.28 27.95
N PHE E 181 29.18 -2.72 28.65
CA PHE E 181 27.87 -2.00 28.62
C PHE E 181 27.01 -1.98 29.88
N LEU E 182 27.58 -2.29 31.04
CA LEU E 182 26.80 -2.21 32.28
C LEU E 182 26.31 -0.79 32.45
N SER E 183 25.06 -0.66 32.86
CA SER E 183 24.47 0.63 33.01
C SER E 183 23.42 0.69 34.11
N THR E 184 23.32 1.88 34.70
CA THR E 184 22.25 2.26 35.60
C THR E 184 21.19 3.10 34.89
N GLY E 185 21.56 3.73 33.77
CA GLY E 185 20.75 4.79 33.15
C GLY E 185 20.93 6.13 33.83
N ASP E 186 22.01 6.27 34.62
CA ASP E 186 22.34 7.52 35.36
C ASP E 186 23.64 8.14 34.84
N GLN E 187 24.04 9.27 35.41
CA GLN E 187 25.38 9.82 35.20
C GLN E 187 26.43 8.89 35.81
N ALA E 188 26.05 8.15 36.85
CA ALA E 188 26.90 7.17 37.52
C ALA E 188 27.52 6.08 36.63
N ALA E 189 26.73 5.55 35.70
CA ALA E 189 27.20 4.47 34.81
C ALA E 189 26.48 4.51 33.45
N LYS E 190 26.88 5.46 32.61
CA LYS E 190 26.18 5.77 31.35
C LYS E 190 26.08 4.60 30.39
N GLY E 191 27.04 3.68 30.44
CA GLY E 191 27.09 2.55 29.54
C GLY E 191 27.64 2.95 28.18
N ASN E 192 27.54 2.04 27.22
CA ASN E 192 28.09 2.19 25.87
C ASN E 192 29.63 2.39 25.88
N TYR E 193 30.29 1.66 26.77
CA TYR E 193 31.73 1.79 26.92
C TYR E 193 32.41 1.09 25.76
N GLY E 194 31.95 -0.12 25.47
CA GLY E 194 32.49 -0.90 24.35
C GLY E 194 32.52 -0.16 23.02
N LEU E 195 31.45 0.60 22.76
CA LEU E 195 31.40 1.44 21.56
C LEU E 195 32.47 2.51 21.63
N LEU E 196 32.50 3.23 22.74
CA LEU E 196 33.51 4.27 22.91
C LEU E 196 34.94 3.75 22.72
N ASP E 197 35.18 2.49 23.06
CA ASP E 197 36.46 1.83 22.77
C ASP E 197 36.66 1.69 21.26
N GLN E 198 35.61 1.27 20.56
CA GLN E 198 35.66 1.21 19.10
C GLN E 198 35.85 2.60 18.51
N ILE E 199 35.09 3.58 19.02
CA ILE E 199 35.20 4.95 18.55
C ILE E 199 36.63 5.46 18.72
N GLN E 200 37.23 5.27 19.89
CA GLN E 200 38.60 5.73 20.13
C GLN E 200 39.58 5.05 19.17
N ALA E 201 39.57 3.72 19.14
CA ALA E 201 40.39 2.95 18.19
C ALA E 201 40.29 3.49 16.75
N LEU E 202 39.09 3.92 16.39
CA LEU E 202 38.83 4.55 15.09
C LEU E 202 39.51 5.92 15.02
N ARG E 203 39.36 6.69 16.09
CA ARG E 203 40.04 7.98 16.25
C ARG E 203 41.57 7.87 16.17
N TRP E 204 42.10 6.72 16.61
CA TRP E 204 43.53 6.40 16.49
C TRP E 204 43.91 6.35 15.03
N LEU E 205 43.10 5.65 14.24
CA LEU E 205 43.37 5.52 12.82
C LEU E 205 43.27 6.88 12.14
N SER E 206 42.10 7.54 12.22
CA SER E 206 41.83 8.86 11.60
C SER E 206 43.09 9.66 11.15
N GLU E 207 43.83 9.55 13.92
CA GLU E 207 44.85 10.56 13.70
C GLU E 207 46.05 9.97 12.96
N ASN E 208 46.37 8.70 13.25
CA ASN E 208 47.68 8.12 12.90
C ASN E 208 47.79 7.50 11.51
N ILE E 209 46.89 6.56 11.21
CA ILE E 209 47.07 5.55 10.15
C ILE E 209 47.88 5.98 8.92
N ALA E 210 47.75 7.25 8.54
CA ALA E 210 48.62 7.89 7.56
C ALA E 210 50.04 7.32 7.54
N HIS E 211 50.67 7.16 8.74
CA HIS E 211 52.01 6.53 8.83
C HIS E 211 52.00 5.01 8.87
N PHE E 212 51.21 4.39 7.99
CA PHE E 212 51.44 3.00 7.56
C PHE E 212 51.20 2.85 6.04
N GLY E 213 51.22 3.95 5.29
CA GLY E 213 50.67 4.00 3.94
C GLY E 213 49.15 3.97 3.93
N GLY E 214 48.52 4.53 4.98
CA GLY E 214 47.06 4.53 5.16
C GLY E 214 46.42 5.83 4.70
N ASP E 215 45.08 5.86 4.60
CA ASP E 215 44.35 7.05 4.16
C ASP E 215 43.27 7.43 5.17
N PRO E 216 43.32 8.66 5.70
CA PRO E 216 42.35 9.06 6.72
C PRO E 216 40.97 9.48 6.19
N GLU E 217 40.85 9.69 4.89
CA GLU E 217 39.57 10.08 4.26
C GLU E 217 38.87 8.94 3.47
N ARG E 218 39.30 7.70 3.70
CA ARG E 218 38.64 6.53 3.14
C ARG E 218 38.72 5.37 4.16
N ILE E 219 38.26 5.66 5.37
CA ILE E 219 38.25 4.67 6.44
C ILE E 219 36.92 3.97 6.39
N THR E 220 36.93 2.67 6.65
CA THR E 220 35.78 1.83 6.40
C THR E 220 35.56 0.79 7.49
N ILE E 221 34.51 0.96 8.27
CA ILE E 221 34.21 -0.02 9.30
C ILE E 221 33.39 -1.14 8.71
N PHE E 222 33.59 -2.35 9.21
CA PHE E 222 32.80 -3.51 8.77
C PHE E 222 32.62 -4.57 9.85
N GLY E 223 31.44 -5.18 9.91
CA GLY E 223 31.03 -6.02 11.05
C GLY E 223 30.30 -7.32 10.75
N SER E 224 29.97 -8.07 11.80
CA SER E 224 29.21 -9.33 11.73
C SER E 224 28.53 -9.71 13.06
N GLY E 225 27.19 -9.71 13.04
CA GLY E 225 26.34 -10.28 14.10
C GLY E 225 25.93 -9.27 15.16
N ALA E 226 26.92 -8.90 15.97
CA ALA E 226 26.85 -7.80 16.90
C ALA E 226 27.63 -6.66 16.31
N GLY E 227 28.84 -6.95 15.83
CA GLY E 227 29.65 -5.96 15.14
C GLY E 227 28.81 -5.19 14.16
N ALA E 228 28.03 -5.91 13.38
CA ALA E 228 27.04 -5.33 12.49
C ALA E 228 26.16 -4.31 13.22
N SER E 229 25.54 -4.78 14.29
CA SER E 229 24.74 -3.93 15.15
C SER E 229 25.57 -2.69 15.51
N CYS E 230 26.78 -2.91 16.02
CA CYS E 230 27.68 -1.82 16.41
C CYS E 230 27.94 -0.85 15.26
N VAL E 231 28.20 -1.40 14.07
CA VAL E 231 28.46 -0.59 12.89
C VAL E 231 27.32 0.41 12.77
N ASN E 232 26.09 -0.14 12.71
CA ASN E 232 24.87 0.67 12.59
C ASN E 232 24.67 1.70 13.70
N LEU E 233 25.12 1.38 14.91
CA LEU E 233 25.00 2.30 16.07
C LEU E 233 25.97 3.48 16.01
N LEU E 234 27.20 3.21 15.59
CA LEU E 234 28.19 4.26 15.42
C LEU E 234 27.68 5.27 14.42
N ILE E 235 27.17 4.77 13.30
CA ILE E 235 26.57 5.60 12.24
C ILE E 235 25.60 6.64 12.78
N LEU E 236 24.73 6.22 13.68
CA LEU E 236 23.68 7.08 14.19
C LEU E 236 24.22 8.11 15.18
N SER E 237 25.37 7.81 15.77
CA SER E 237 26.04 8.72 16.70
C SER E 237 26.65 9.97 16.09
N HIS E 238 26.96 10.90 16.99
CA HIS E 238 27.71 12.12 16.68
C HIS E 238 29.18 11.87 16.86
N HIS E 239 29.52 11.01 17.82
CA HIS E 239 30.92 10.79 18.21
C HIS E 239 31.81 10.13 17.14
N SER E 240 31.19 9.64 16.06
CA SER E 240 31.93 9.16 14.90
C SER E 240 31.92 10.18 13.74
N GLU E 241 32.26 11.44 14.04
CA GLU E 241 32.18 12.53 13.03
C GLU E 241 33.20 12.35 11.88
N GLY E 242 34.47 12.75 12.09
CA GLY E 242 35.47 12.78 11.02
C GLY E 242 36.32 11.52 10.91
N LEU E 243 35.75 10.40 11.35
CA LEU E 243 36.50 9.18 11.59
C LEU E 243 36.34 8.17 10.48
N PHE E 244 35.15 8.08 9.88
CA PHE E 244 34.96 7.16 8.75
C PHE E 244 33.91 7.63 7.74
N GLN E 245 33.97 7.03 6.56
CA GLN E 245 33.07 7.35 5.43
C GLN E 245 32.18 6.17 4.99
N LYS E 246 32.66 4.94 5.20
CA LYS E 246 32.06 3.74 4.61
C LYS E 246 31.78 2.68 5.69
N ALA E 247 30.68 1.97 5.53
CA ALA E 247 30.17 1.07 6.56
C ALA E 247 29.60 -0.22 5.99
N ILE E 248 29.95 -1.36 6.58
CA ILE E 248 29.50 -2.65 6.07
C ILE E 248 28.91 -3.50 7.18
N ALA E 249 27.59 -3.69 7.12
CA ALA E 249 26.87 -4.47 8.13
C ALA E 249 26.54 -5.90 7.66
N GLN E 250 27.52 -6.79 7.77
CA GLN E 250 27.32 -8.19 7.35
C GLN E 250 26.35 -8.94 8.27
N SER E 251 25.08 -9.01 7.88
CA SER E 251 24.06 -9.82 8.57
C SER E 251 23.76 -9.30 9.96
N GLY E 252 22.96 -8.25 10.05
CA GLY E 252 22.54 -7.70 11.35
C GLY E 252 22.46 -6.19 11.32
N THR E 253 21.81 -5.64 12.35
CA THR E 253 21.57 -4.20 12.43
C THR E 253 21.05 -3.77 13.82
N ALA E 254 20.85 -2.45 13.97
CA ALA E 254 20.64 -1.79 15.26
C ALA E 254 19.22 -1.80 15.81
N ILE E 255 18.24 -2.11 14.97
CA ILE E 255 16.84 -2.07 15.40
C ILE E 255 16.29 -3.44 15.82
N SER E 256 17.10 -4.50 15.64
CA SER E 256 16.71 -5.85 16.05
C SER E 256 16.51 -5.98 17.56
N SER E 257 15.91 -7.09 17.96
CA SER E 257 15.59 -7.37 19.35
C SER E 257 16.80 -7.37 20.29
N TRP E 258 17.93 -7.84 19.76
CA TRP E 258 19.14 -8.12 20.54
C TRP E 258 20.36 -7.29 20.12
N SER E 259 20.10 -6.12 19.60
CA SER E 259 21.15 -5.16 19.25
C SER E 259 21.30 -4.09 20.33
N VAL E 260 20.25 -3.90 21.11
CA VAL E 260 20.11 -2.75 21.96
C VAL E 260 19.30 -3.22 23.17
N ASN E 261 19.76 -2.85 24.36
CA ASN E 261 19.08 -3.20 25.58
C ASN E 261 18.35 -1.97 26.14
N TYR E 262 17.01 -2.05 26.13
CA TYR E 262 16.16 -0.96 26.60
C TYR E 262 15.69 -1.13 28.08
N GLN E 263 16.40 -1.93 28.88
CA GLN E 263 16.08 -2.14 30.33
C GLN E 263 17.38 -2.36 31.14
N PRO E 264 18.31 -1.39 31.11
CA PRO E 264 19.66 -1.60 31.65
C PRO E 264 19.71 -1.93 33.14
N LEU E 265 18.88 -1.24 33.92
CA LEU E 265 18.89 -1.35 35.38
C LEU E 265 18.60 -2.77 35.81
N LYS E 266 17.45 -3.29 35.39
CA LYS E 266 16.92 -4.62 35.78
C LYS E 266 17.97 -5.74 35.80
N TYR E 267 18.86 -5.75 34.81
CA TYR E 267 19.86 -6.81 34.67
C TYR E 267 21.14 -6.49 35.45
N THR E 268 21.53 -5.21 35.48
CA THR E 268 22.62 -4.75 36.35
C THR E 268 22.31 -5.04 37.81
N ARG E 269 21.04 -4.87 38.20
CA ARG E 269 20.55 -5.25 39.55
C ARG E 269 20.85 -6.71 39.86
N LEU E 270 20.49 -7.58 38.93
CA LEU E 270 20.76 -9.02 39.07
C LEU E 270 22.26 -9.32 39.15
N LEU E 271 23.09 -8.56 38.42
CA LEU E 271 24.54 -8.69 38.53
C LEU E 271 25.04 -8.19 39.88
N ALA E 272 24.66 -6.96 40.23
CA ALA E 272 24.98 -6.37 41.52
C ALA E 272 24.54 -7.27 42.68
N ALA E 273 23.42 -7.98 42.49
CA ALA E 273 22.88 -8.92 43.48
C ALA E 273 23.76 -10.15 43.72
N LYS E 274 24.33 -10.71 42.65
CA LYS E 274 25.20 -11.88 42.76
C LYS E 274 26.63 -11.58 43.28
N VAL E 275 26.98 -10.30 43.44
CA VAL E 275 28.24 -9.89 44.09
C VAL E 275 28.03 -8.93 45.28
N GLY E 276 26.81 -8.85 45.81
CA GLY E 276 26.50 -8.03 46.98
C GLY E 276 26.71 -6.52 46.83
N CYS E 277 26.61 -6.01 45.61
CA CYS E 277 26.80 -4.58 45.32
C CYS E 277 25.50 -3.79 45.10
N ASP E 278 24.34 -4.46 45.12
CA ASP E 278 23.09 -3.77 44.78
C ASP E 278 22.61 -2.91 45.94
N ARG E 279 23.10 -1.67 45.95
CA ARG E 279 22.67 -0.66 46.92
C ARG E 279 21.51 0.10 46.30
N GLU E 280 20.74 0.78 47.15
CA GLU E 280 19.57 1.53 46.70
C GLU E 280 19.97 2.74 45.86
N ASP E 281 21.08 3.39 46.25
CA ASP E 281 21.67 4.47 45.45
C ASP E 281 22.27 3.92 44.16
N SER E 282 22.33 4.79 43.14
CA SER E 282 23.06 4.50 41.91
C SER E 282 24.58 4.56 42.13
N THR E 283 25.11 5.77 42.38
CA THR E 283 26.56 6.04 42.32
C THR E 283 27.41 5.14 43.22
N GLU E 284 26.89 4.81 44.39
CA GLU E 284 27.59 3.96 45.35
C GLU E 284 27.67 2.51 44.87
N ALA E 285 26.58 2.02 44.29
CA ALA E 285 26.53 0.65 43.74
C ALA E 285 27.49 0.46 42.56
N VAL E 286 27.74 1.54 41.82
CA VAL E 286 28.69 1.51 40.71
C VAL E 286 30.09 1.41 41.29
N GLU E 287 30.45 2.35 42.15
CA GLU E 287 31.77 2.36 42.81
C GLU E 287 32.07 1.06 43.59
N CYS E 288 31.03 0.34 44.01
CA CYS E 288 31.21 -1.01 44.54
C CYS E 288 31.84 -1.91 43.48
N LEU E 289 31.18 -2.04 42.34
CA LEU E 289 31.59 -2.99 41.32
C LEU E 289 33.07 -2.83 40.94
N ARG E 290 33.56 -1.59 40.92
CA ARG E 290 34.98 -1.30 40.65
C ARG E 290 35.90 -2.28 41.35
N ARG E 291 35.71 -2.43 42.66
CA ARG E 291 36.64 -3.18 43.52
C ARG E 291 36.62 -4.72 43.33
N LYS E 292 35.50 -5.30 42.86
CA LYS E 292 35.48 -6.74 42.56
C LYS E 292 36.35 -7.01 41.36
N SER E 293 37.13 -8.11 41.41
CA SER E 293 38.11 -8.40 40.36
C SER E 293 37.40 -8.79 39.06
N SER E 294 37.97 -8.31 37.94
CA SER E 294 37.40 -8.46 36.60
C SER E 294 37.08 -9.91 36.25
N ARG E 295 38.06 -10.79 36.51
CA ARG E 295 37.88 -12.25 36.47
C ARG E 295 36.53 -12.63 37.09
N GLU E 296 36.28 -12.17 38.32
CA GLU E 296 35.08 -12.49 39.11
C GLU E 296 33.78 -11.91 38.53
N LEU E 297 33.88 -10.76 37.87
CA LEU E 297 32.71 -9.99 37.46
C LEU E 297 32.00 -10.60 36.26
N VAL E 298 32.73 -10.81 35.16
CA VAL E 298 32.10 -11.28 33.89
C VAL E 298 31.57 -12.71 33.92
N ASP E 299 32.34 -13.64 34.50
CA ASP E 299 32.02 -15.08 34.44
C ASP E 299 30.94 -15.47 35.47
N GLN E 300 29.90 -14.65 35.55
CA GLN E 300 28.95 -14.64 36.65
C GLN E 300 27.65 -15.37 36.32
N ASP E 301 27.24 -15.31 35.05
CA ASP E 301 25.94 -15.84 34.55
C ASP E 301 24.72 -14.99 34.98
N VAL E 302 24.24 -14.17 34.05
CA VAL E 302 22.85 -13.71 34.06
C VAL E 302 22.35 -14.02 32.68
N GLN E 303 21.28 -14.83 32.58
CA GLN E 303 20.53 -14.99 31.33
C GLN E 303 19.59 -13.76 31.19
N PRO E 304 19.43 -13.23 29.94
CA PRO E 304 18.50 -12.14 29.67
C PRO E 304 17.12 -12.73 29.39
N ALA E 305 16.25 -11.98 28.71
CA ALA E 305 15.02 -12.55 28.13
C ALA E 305 15.28 -13.35 26.84
N ARG E 306 14.26 -14.06 26.39
CA ARG E 306 14.34 -14.79 25.14
C ARG E 306 14.45 -13.73 24.03
N TYR E 307 15.43 -13.90 23.15
CA TYR E 307 15.64 -13.01 22.00
C TYR E 307 15.89 -11.55 22.45
N HIS E 308 16.63 -11.40 23.53
CA HIS E 308 17.01 -10.10 24.01
C HIS E 308 18.44 -10.19 24.48
N ILE E 309 18.94 -9.10 25.02
CA ILE E 309 20.25 -9.09 25.63
C ILE E 309 20.23 -8.21 26.88
N ALA E 310 21.01 -8.63 27.90
CA ALA E 310 21.10 -7.94 29.20
C ALA E 310 22.20 -6.89 29.24
N PHE E 311 23.34 -7.22 28.67
CA PHE E 311 24.43 -6.29 28.63
C PHE E 311 24.74 -5.94 27.21
N GLY E 312 24.40 -4.70 26.87
CA GLY E 312 24.66 -4.18 25.54
C GLY E 312 24.42 -2.69 25.50
N PRO E 313 24.59 -2.08 24.32
CA PRO E 313 24.42 -0.64 24.16
C PRO E 313 23.05 -0.19 24.58
N VAL E 314 22.97 1.07 24.98
CA VAL E 314 21.76 1.63 25.55
C VAL E 314 21.58 3.02 25.00
N VAL E 315 20.36 3.51 25.03
CA VAL E 315 20.07 4.90 24.75
C VAL E 315 20.57 5.71 25.96
N ASP E 316 21.78 6.25 25.84
CA ASP E 316 22.39 7.11 26.88
C ASP E 316 21.96 8.59 26.75
N GLY E 317 21.96 9.09 25.51
CA GLY E 317 21.82 10.52 25.22
C GLY E 317 23.16 11.19 25.02
N ASP E 318 24.07 10.55 24.26
CA ASP E 318 25.41 11.06 23.92
C ASP E 318 25.97 10.33 22.68
N VAL E 319 26.32 9.04 22.85
CA VAL E 319 26.72 8.15 21.74
C VAL E 319 25.54 7.39 21.10
N VAL E 320 24.37 7.42 21.73
CA VAL E 320 23.13 6.90 21.14
C VAL E 320 22.00 7.89 21.50
N PRO E 321 21.95 9.06 20.82
CA PRO E 321 21.07 10.18 21.14
C PRO E 321 19.61 9.84 21.45
N ASP E 322 19.05 8.88 20.72
CA ASP E 322 17.67 8.44 20.90
C ASP E 322 17.54 6.99 20.40
N ASP E 323 16.44 6.33 20.73
CA ASP E 323 16.07 5.02 20.19
C ASP E 323 16.55 4.89 18.73
N PRO E 324 17.43 3.92 18.43
CA PRO E 324 17.95 3.78 17.07
C PRO E 324 16.87 3.86 15.98
N GLU E 325 15.79 3.09 16.11
CA GLU E 325 14.74 3.09 15.09
C GLU E 325 14.22 4.50 14.86
N ILE E 326 13.84 5.18 15.93
CA ILE E 326 13.37 6.56 15.84
C ILE E 326 14.42 7.47 15.21
N LEU E 327 15.70 7.31 15.56
CA LEU E 327 16.77 8.10 14.92
C LEU E 327 16.79 7.84 13.44
N MET E 328 16.81 6.56 13.07
CA MET E 328 16.81 6.19 11.66
C MET E 328 15.61 6.77 10.91
N GLN E 329 14.43 6.77 11.52
CA GLN E 329 13.23 7.28 10.86
C GLN E 329 13.31 8.76 10.55
N GLN E 330 13.66 9.55 11.55
CA GLN E 330 13.65 11.01 11.42
C GLN E 330 14.86 11.58 10.66
N GLY E 331 15.85 10.74 10.34
CA GLY E 331 17.03 11.19 9.59
C GLY E 331 18.03 11.93 10.45
N GLU E 332 18.34 11.38 11.63
CA GLU E 332 19.17 12.04 12.66
C GLU E 332 20.58 11.41 12.70
N PHE E 333 21.23 11.49 11.54
CA PHE E 333 22.56 10.94 11.27
C PHE E 333 23.09 11.62 10.01
N LEU E 334 24.26 11.20 9.52
CA LEU E 334 24.76 11.66 8.20
C LEU E 334 25.18 10.49 7.28
N ASN E 335 25.39 10.86 6.02
CA ASN E 335 25.26 9.95 4.89
C ASN E 335 26.47 9.05 4.71
N TYR E 336 26.45 7.89 5.35
CA TYR E 336 27.57 6.97 5.23
C TYR E 336 27.26 5.95 4.16
N ASP E 337 28.27 5.66 3.33
CA ASP E 337 28.12 4.71 2.23
C ASP E 337 27.95 3.36 2.88
N MET E 338 26.75 2.79 2.76
CA MET E 338 26.41 1.56 3.45
C MET E 338 26.48 0.36 2.53
N LEU E 339 26.68 -0.80 3.13
CA LEU E 339 26.65 -2.05 2.41
C LEU E 339 26.13 -3.10 3.37
N ILE E 340 24.82 -3.34 3.35
CA ILE E 340 24.20 -4.31 4.23
C ILE E 340 23.89 -5.54 3.44
N GLY E 341 23.96 -6.69 4.09
CA GLY E 341 23.37 -7.88 3.54
C GLY E 341 23.03 -8.93 4.57
N VAL E 342 22.72 -10.12 4.07
CA VAL E 342 21.96 -11.10 4.82
C VAL E 342 22.09 -12.45 4.13
N ASN E 343 22.00 -13.53 4.89
CA ASN E 343 22.25 -14.87 4.39
C ASN E 343 20.96 -15.64 4.34
N GLN E 344 20.89 -16.62 3.45
CA GLN E 344 19.65 -17.35 3.15
C GLN E 344 18.85 -17.73 4.37
N GLY E 345 19.50 -18.48 5.25
CA GLY E 345 18.87 -19.13 6.41
C GLY E 345 19.68 -18.91 7.67
N GLU E 346 19.70 -17.66 8.09
CA GLU E 346 20.56 -17.16 9.16
C GLU E 346 20.49 -17.99 10.42
N GLY E 347 19.35 -17.96 11.10
CA GLY E 347 19.25 -18.51 12.44
C GLY E 347 19.01 -20.00 12.40
N LEU E 348 19.76 -20.72 11.58
CA LEU E 348 19.64 -22.16 11.49
C LEU E 348 19.50 -22.75 12.88
N LYS E 349 20.32 -22.26 13.82
CA LYS E 349 20.24 -22.69 15.21
C LYS E 349 18.80 -22.73 15.76
N PHE E 350 18.01 -21.71 15.46
CA PHE E 350 16.63 -21.66 15.88
C PHE E 350 15.90 -22.98 15.68
N VAL E 351 16.13 -23.62 14.55
CA VAL E 351 15.56 -24.95 14.26
C VAL E 351 16.44 -26.15 14.61
N GLU E 352 17.68 -25.89 15.08
CA GLU E 352 18.43 -26.90 15.81
C GLU E 352 17.73 -27.32 17.14
N ASP E 353 16.56 -26.72 17.46
CA ASP E 353 15.65 -27.15 18.57
C ASP E 353 15.15 -28.63 18.54
N SER E 354 14.56 -29.06 17.41
CA SER E 354 14.27 -30.48 17.17
C SER E 354 14.76 -30.82 15.74
N ALA E 355 16.07 -30.56 15.49
CA ALA E 355 16.72 -30.79 14.19
C ALA E 355 16.90 -32.29 13.96
N GLU E 356 17.64 -32.93 14.86
CA GLU E 356 17.74 -34.39 14.89
C GLU E 356 16.43 -35.04 15.40
N SER E 357 15.49 -35.20 14.47
CA SER E 357 14.24 -35.93 14.68
C SER E 357 13.86 -36.64 13.37
N GLU E 358 13.64 -35.84 12.31
CA GLU E 358 13.41 -36.28 10.91
C GLU E 358 12.31 -37.34 10.64
N ASP E 359 11.24 -37.25 11.43
CA ASP E 359 9.88 -37.34 10.90
C ASP E 359 9.53 -35.92 10.40
N GLY E 360 10.36 -34.94 10.82
CA GLY E 360 10.51 -33.62 10.16
C GLY E 360 10.84 -32.55 11.21
N VAL E 361 9.87 -31.66 11.41
CA VAL E 361 9.68 -30.92 12.64
C VAL E 361 8.20 -31.00 12.91
N SER E 362 7.86 -31.30 14.15
CA SER E 362 6.51 -31.78 14.49
C SER E 362 5.43 -30.75 14.09
N ALA E 363 4.27 -31.27 13.70
CA ALA E 363 3.11 -30.45 13.38
C ALA E 363 2.84 -29.47 14.52
N SER E 364 2.42 -29.97 15.68
CA SER E 364 1.97 -29.11 16.78
C SER E 364 3.12 -28.47 17.57
N ALA E 365 4.35 -28.93 17.39
CA ALA E 365 5.52 -28.22 17.95
C ALA E 365 5.76 -26.91 17.20
N PHE E 366 5.32 -26.86 15.95
CA PHE E 366 5.36 -25.65 15.17
C PHE E 366 4.55 -24.55 15.85
N ASP E 367 3.31 -24.88 16.17
CA ASP E 367 2.45 -24.01 16.97
C ASP E 367 3.24 -23.53 18.18
N PHE E 368 3.75 -24.48 18.95
CA PHE E 368 4.36 -24.20 20.24
C PHE E 368 5.44 -23.12 20.09
N THR E 369 6.49 -23.44 19.34
CA THR E 369 7.65 -22.55 19.25
C THR E 369 7.29 -21.16 18.72
N VAL E 370 6.23 -21.09 17.91
CA VAL E 370 5.70 -19.82 17.46
C VAL E 370 5.05 -19.10 18.63
N SER E 371 4.31 -19.81 19.47
CA SER E 371 3.64 -19.17 20.60
C SER E 371 4.64 -18.44 21.45
N ASN E 372 5.77 -19.08 21.71
CA ASN E 372 6.86 -18.41 22.41
C ASN E 372 7.53 -17.33 21.55
N PHE E 373 7.51 -17.48 20.23
CA PHE E 373 7.98 -16.41 19.35
C PHE E 373 7.18 -15.14 19.64
N VAL E 374 5.86 -15.22 19.44
CA VAL E 374 5.02 -14.03 19.62
C VAL E 374 5.09 -13.46 21.02
N ASP E 375 5.20 -14.31 22.03
CA ASP E 375 5.12 -13.83 23.41
C ASP E 375 6.36 -13.00 23.84
N ASN E 376 7.57 -13.53 23.63
CA ASN E 376 8.77 -12.82 24.09
C ASN E 376 9.15 -11.63 23.20
N LEU E 377 8.52 -11.53 22.02
CA LEU E 377 8.67 -10.40 21.10
C LEU E 377 7.51 -9.41 21.13
N TYR E 378 6.34 -9.81 20.63
CA TYR E 378 5.15 -8.92 20.55
C TYR E 378 4.16 -9.07 21.70
N GLY E 379 4.46 -9.97 22.64
CA GLY E 379 3.48 -10.49 23.60
C GLY E 379 3.10 -9.49 24.65
N TYR E 380 2.24 -8.57 24.22
CA TYR E 380 1.80 -7.45 25.04
C TYR E 380 0.61 -7.72 26.02
N PRO E 381 -0.23 -8.77 25.86
CA PRO E 381 -0.56 -9.49 24.61
C PRO E 381 -2.10 -9.47 24.42
N GLU E 382 -2.66 -8.27 24.54
CA GLU E 382 -4.12 -8.05 24.60
C GLU E 382 -4.84 -8.77 23.45
N GLY E 383 -4.29 -8.68 22.23
CA GLY E 383 -4.85 -9.36 21.05
C GLY E 383 -3.85 -10.25 20.36
N LYS E 384 -3.02 -10.94 21.15
CA LYS E 384 -1.96 -11.81 20.62
C LYS E 384 -2.53 -12.96 19.79
N ASP E 385 -3.54 -13.65 20.31
CA ASP E 385 -4.08 -14.89 19.67
C ASP E 385 -4.13 -14.83 18.17
N VAL E 386 -4.63 -13.72 17.64
CA VAL E 386 -4.63 -13.45 16.20
C VAL E 386 -3.19 -13.53 15.68
N LEU E 387 -2.37 -12.67 16.24
CA LEU E 387 -0.99 -12.51 15.79
C LEU E 387 -0.28 -13.85 15.66
N ARG E 388 -0.51 -14.77 16.59
CA ARG E 388 0.12 -16.08 16.52
C ARG E 388 -0.34 -16.82 15.26
N GLU E 389 -1.64 -17.03 15.16
CA GLU E 389 -2.23 -17.86 14.11
C GLU E 389 -2.12 -17.27 12.72
N THR E 390 -2.16 -15.94 12.65
CA THR E 390 -1.95 -15.28 11.39
C THR E 390 -0.47 -15.33 10.97
N ILE E 391 0.49 -15.33 11.93
CA ILE E 391 1.92 -15.49 11.55
C ILE E 391 2.30 -16.93 11.32
N LYS E 392 1.64 -17.85 12.01
CA LYS E 392 1.71 -19.25 11.64
C LYS E 392 1.38 -19.36 10.16
N PHE E 393 0.23 -18.79 9.80
CA PHE E 393 -0.32 -18.96 8.45
C PHE E 393 0.69 -18.63 7.37
N MET E 394 1.29 -17.45 7.45
CA MET E 394 2.23 -16.99 6.41
C MET E 394 3.38 -17.93 6.14
N TYR E 395 3.79 -18.67 7.16
CA TYR E 395 4.92 -19.56 7.01
C TYR E 395 4.60 -21.05 6.83
N THR E 396 3.35 -21.47 6.99
CA THR E 396 3.02 -22.88 6.72
C THR E 396 2.79 -23.03 5.22
N ASP E 397 3.61 -23.83 4.54
CA ASP E 397 3.52 -23.92 3.06
C ASP E 397 2.35 -24.79 2.68
N TRP E 398 1.34 -24.18 2.11
CA TRP E 398 0.06 -24.87 1.91
C TRP E 398 0.09 -25.84 0.73
N ALA E 399 1.18 -25.83 -0.05
CA ALA E 399 1.43 -26.86 -1.05
C ALA E 399 1.34 -28.25 -0.43
N ASP E 400 2.18 -28.48 0.58
CA ASP E 400 2.17 -29.73 1.38
C ASP E 400 1.92 -29.38 2.85
N ARG E 401 0.66 -29.51 3.22
CA ARG E 401 0.20 -29.21 4.57
C ARG E 401 0.90 -30.13 5.57
N ASP E 402 1.10 -31.40 5.18
CA ASP E 402 1.46 -32.46 6.10
C ASP E 402 2.96 -32.68 6.30
N ASN E 403 3.80 -32.25 5.36
CA ASN E 403 5.25 -32.46 5.43
C ASN E 403 5.92 -31.64 6.53
N GLY E 404 6.57 -32.34 7.46
CA GLY E 404 7.33 -31.72 8.52
C GLY E 404 8.50 -30.88 8.02
N GLU E 405 9.21 -31.37 7.01
CA GLU E 405 10.38 -30.65 6.47
C GLU E 405 9.99 -29.24 6.01
N MET E 406 8.92 -29.17 5.23
CA MET E 406 8.41 -27.91 4.69
C MET E 406 7.47 -27.22 5.71
N ARG E 407 7.76 -27.48 6.98
CA ARG E 407 7.57 -26.53 8.07
C ARG E 407 8.94 -26.15 8.57
N ARG E 408 9.76 -27.12 8.98
CA ARG E 408 11.10 -26.84 9.47
C ARG E 408 11.74 -25.75 8.64
N LYS E 409 11.83 -26.02 7.33
CA LYS E 409 12.37 -25.07 6.36
C LYS E 409 11.88 -23.69 6.71
N THR E 410 10.57 -23.60 6.78
CA THR E 410 9.85 -22.37 6.91
C THR E 410 10.07 -21.72 8.26
N LEU E 411 10.09 -22.52 9.29
CA LEU E 411 10.33 -21.98 10.60
C LEU E 411 11.69 -21.28 10.58
N LEU E 412 12.69 -21.88 9.92
CA LEU E 412 14.01 -21.25 9.77
C LEU E 412 13.82 -19.90 9.15
N ALA E 413 13.16 -19.91 8.01
CA ALA E 413 12.82 -18.67 7.35
C ALA E 413 12.13 -17.70 8.30
N LEU E 414 11.07 -18.14 8.98
CA LEU E 414 10.31 -17.24 9.86
C LEU E 414 11.27 -16.47 10.71
N PHE E 415 12.08 -17.22 11.44
CA PHE E 415 12.97 -16.60 12.39
C PHE E 415 13.98 -15.72 11.66
N THR E 416 14.60 -16.30 10.63
CA THR E 416 15.48 -15.59 9.74
C THR E 416 14.90 -14.24 9.36
N ASP E 417 13.70 -14.26 8.82
CA ASP E 417 13.07 -13.06 8.32
C ASP E 417 13.02 -12.02 9.38
N HIS E 418 12.46 -12.36 10.53
CA HIS E 418 12.19 -11.37 11.55
C HIS E 418 13.43 -10.77 12.22
N GLN E 419 14.45 -11.60 12.45
CA GLN E 419 15.61 -11.19 13.24
C GLN E 419 16.82 -10.71 12.45
N TRP E 420 16.67 -10.55 11.13
CA TRP E 420 17.72 -9.97 10.30
C TRP E 420 17.15 -9.35 9.04
N VAL E 421 16.49 -10.19 8.24
CA VAL E 421 16.18 -9.87 6.86
C VAL E 421 15.40 -8.61 6.83
N ALA E 422 14.25 -8.62 7.47
CA ALA E 422 13.34 -7.50 7.39
C ALA E 422 14.03 -6.25 7.92
N PRO E 423 14.37 -6.24 9.23
CA PRO E 423 15.08 -5.09 9.77
C PRO E 423 16.11 -4.48 8.80
N ALA E 424 16.98 -5.34 8.27
CA ALA E 424 18.04 -4.91 7.36
C ALA E 424 17.47 -4.11 6.20
N VAL E 425 16.43 -4.63 5.57
CA VAL E 425 15.79 -3.89 4.48
C VAL E 425 15.41 -2.52 5.06
N ALA E 426 14.55 -2.49 6.07
CA ALA E 426 13.99 -1.22 6.54
C ALA E 426 15.06 -0.19 6.90
N THR E 427 16.20 -0.64 7.42
CA THR E 427 17.31 0.29 7.66
C THR E 427 17.77 0.87 6.34
N ALA E 428 18.07 -0.01 5.38
CA ALA E 428 18.49 0.43 4.05
C ALA E 428 17.47 1.42 3.53
N LYS E 429 16.21 0.99 3.49
CA LYS E 429 15.10 1.82 3.00
C LYS E 429 15.22 3.24 3.52
N LEU E 430 15.48 3.40 4.81
CA LEU E 430 15.62 4.72 5.43
C LEU E 430 16.90 5.43 5.01
N HIS E 431 18.01 4.70 5.04
CA HIS E 431 19.29 5.31 4.70
C HIS E 431 19.37 5.73 3.23
N ALA E 432 18.54 5.13 2.38
CA ALA E 432 18.43 5.57 1.00
C ALA E 432 17.25 6.51 0.75
N ASP E 433 16.23 6.48 1.62
CA ASP E 433 15.19 7.52 1.62
C ASP E 433 15.79 8.91 1.96
N TYR E 434 16.87 8.93 2.73
CA TYR E 434 17.66 10.16 3.00
C TYR E 434 18.93 10.30 2.15
N GLN E 435 19.09 9.41 1.19
CA GLN E 435 20.08 9.54 0.16
C GLN E 435 21.51 9.49 0.67
N SER E 436 21.77 8.46 1.48
CA SER E 436 23.09 7.87 1.54
C SER E 436 23.09 6.88 0.40
N PRO E 437 24.17 6.83 -0.40
CA PRO E 437 24.22 5.77 -1.37
C PRO E 437 24.48 4.47 -0.62
N VAL E 438 23.85 3.40 -1.09
CA VAL E 438 23.87 2.14 -0.35
C VAL E 438 23.56 0.96 -1.26
N TYR E 439 24.26 -0.14 -1.03
CA TYR E 439 24.14 -1.34 -1.82
C TYR E 439 23.75 -2.48 -0.91
N PHE E 440 22.97 -3.45 -1.42
CA PHE E 440 22.39 -4.53 -0.63
C PHE E 440 22.84 -5.90 -1.15
N TYR E 441 22.92 -6.92 -0.28
CA TYR E 441 23.22 -8.29 -0.73
C TYR E 441 22.49 -9.38 0.02
N THR E 442 22.53 -10.57 -0.59
CA THR E 442 22.12 -11.81 0.04
C THR E 442 23.22 -12.82 -0.17
N PHE E 443 23.62 -13.54 0.88
CA PHE E 443 24.68 -14.53 0.77
C PHE E 443 24.13 -15.94 0.79
N TYR E 444 24.61 -16.77 -0.13
CA TYR E 444 24.06 -18.11 -0.39
C TYR E 444 25.13 -19.18 -0.53
N HIS E 445 25.97 -19.38 0.49
CA HIS E 445 26.97 -20.44 0.41
C HIS E 445 27.63 -20.96 1.70
N HIS E 446 27.37 -22.24 1.99
CA HIS E 446 28.13 -23.03 2.97
C HIS E 446 29.42 -23.61 2.34
N CYS E 447 30.13 -24.42 3.11
CA CYS E 447 31.17 -25.31 2.57
C CYS E 447 31.30 -26.43 3.58
N GLN E 448 30.83 -27.63 3.26
CA GLN E 448 30.41 -28.54 4.33
C GLN E 448 31.57 -29.38 4.87
N ALA E 449 31.64 -29.44 6.21
CA ALA E 449 32.24 -30.56 6.95
C ALA E 449 31.11 -31.40 7.58
N GLU E 450 30.29 -30.77 8.44
CA GLU E 450 29.20 -31.41 9.18
C GLU E 450 28.11 -30.43 9.59
N ASP E 457 22.50 -25.10 3.14
CA ASP E 457 21.66 -24.02 3.71
C ASP E 457 22.60 -23.01 4.46
N ALA E 458 22.74 -21.81 3.90
CA ALA E 458 23.78 -20.88 4.33
C ALA E 458 23.42 -20.19 5.64
N ALA E 459 24.19 -20.49 6.68
CA ALA E 459 23.87 -20.06 8.03
C ALA E 459 24.59 -18.78 8.40
N HIS E 460 24.11 -18.14 9.47
CA HIS E 460 24.70 -16.90 9.99
C HIS E 460 26.17 -17.15 10.26
N GLY E 461 27.02 -16.26 9.75
CA GLY E 461 28.44 -16.35 9.95
C GLY E 461 29.15 -16.90 8.74
N ASP E 462 28.57 -17.93 8.11
CA ASP E 462 29.25 -18.60 6.99
C ASP E 462 29.80 -17.66 5.88
N GLU E 463 29.34 -16.40 5.81
CA GLU E 463 29.92 -15.42 4.88
C GLU E 463 31.35 -14.99 5.23
N LEU E 464 31.73 -15.10 6.49
CA LEU E 464 33.01 -14.55 6.95
C LEU E 464 34.26 -15.09 6.25
N PRO E 465 34.52 -16.41 6.33
CA PRO E 465 35.79 -16.90 5.78
C PRO E 465 36.00 -16.46 4.34
N TYR E 466 34.92 -16.34 3.60
CA TYR E 466 34.97 -15.85 2.22
C TYR E 466 35.42 -14.39 2.22
N VAL E 467 34.84 -13.56 3.09
CA VAL E 467 35.27 -12.16 3.21
C VAL E 467 36.73 -12.04 3.66
N PHE E 468 37.13 -12.86 4.63
CA PHE E 468 38.53 -12.84 5.12
C PHE E 468 39.48 -13.82 4.39
N GLY E 469 39.04 -14.33 3.24
CA GLY E 469 39.91 -15.01 2.28
C GLY E 469 40.45 -16.37 2.69
N VAL E 470 39.84 -16.96 3.70
CA VAL E 470 40.35 -18.18 4.28
C VAL E 470 40.30 -19.41 3.32
N PRO E 471 39.49 -19.36 2.26
CA PRO E 471 39.62 -20.40 1.22
C PRO E 471 40.94 -20.39 0.47
N MET E 472 41.63 -19.27 0.49
CA MET E 472 42.85 -19.14 -0.27
C MET E 472 44.07 -19.70 0.48
N VAL E 473 43.99 -19.81 1.81
CA VAL E 473 45.09 -20.39 2.62
C VAL E 473 44.94 -21.89 2.91
N GLY E 474 43.70 -22.40 2.88
CA GLY E 474 43.37 -23.78 3.26
C GLY E 474 42.70 -23.81 4.62
N ALA E 475 42.17 -24.99 4.97
CA ALA E 475 41.35 -25.16 6.17
C ALA E 475 42.09 -24.79 7.45
N THR E 476 41.63 -23.74 8.12
CA THR E 476 42.08 -23.42 9.48
C THR E 476 41.22 -24.21 10.47
N ASP E 477 41.61 -24.13 11.75
CA ASP E 477 40.98 -24.90 12.85
C ASP E 477 39.46 -24.68 13.03
N LEU E 478 39.01 -23.45 12.83
CA LEU E 478 37.59 -23.09 12.98
C LEU E 478 36.84 -22.96 11.64
N PHE E 479 37.44 -23.46 10.54
CA PHE E 479 36.82 -23.52 9.22
C PHE E 479 37.26 -24.81 8.52
N PRO E 480 36.62 -25.94 8.85
CA PRO E 480 37.20 -27.22 8.41
C PRO E 480 37.01 -27.61 6.93
N CYS E 481 36.41 -26.76 6.09
CA CYS E 481 35.76 -27.25 4.87
C CYS E 481 36.65 -27.69 3.67
N ASN E 482 36.16 -28.69 2.91
CA ASN E 482 36.59 -28.97 1.53
C ASN E 482 36.37 -27.69 0.73
N PHE E 483 37.39 -26.85 0.66
CA PHE E 483 37.32 -25.62 -0.13
C PHE E 483 37.44 -25.94 -1.62
N SER E 484 36.32 -25.93 -2.33
CA SER E 484 36.31 -26.23 -3.77
C SER E 484 36.92 -25.13 -4.63
N LYS E 485 37.47 -25.54 -5.77
CA LYS E 485 37.87 -24.64 -6.86
C LYS E 485 36.90 -23.47 -6.93
N ASN E 486 35.59 -23.79 -6.92
CA ASN E 486 34.55 -22.77 -6.84
C ASN E 486 34.67 -21.94 -5.57
N ASP E 487 34.65 -22.59 -4.41
CA ASP E 487 34.70 -21.87 -3.14
C ASP E 487 35.73 -20.73 -3.15
N VAL E 488 36.85 -20.94 -3.85
CA VAL E 488 37.83 -19.87 -4.03
C VAL E 488 37.24 -18.73 -4.86
N MET E 489 36.83 -19.00 -6.10
CA MET E 489 36.22 -17.97 -6.96
C MET E 489 35.35 -17.02 -6.13
N LEU E 490 34.53 -17.61 -5.26
CA LEU E 490 33.64 -16.85 -4.41
C LEU E 490 34.36 -15.92 -3.44
N SER E 491 35.41 -16.43 -2.82
CA SER E 491 36.23 -15.60 -1.93
C SER E 491 36.81 -14.40 -2.65
N ALA E 492 37.39 -14.64 -3.83
CA ALA E 492 37.95 -13.55 -4.65
C ALA E 492 36.87 -12.50 -4.87
N VAL E 493 35.79 -12.92 -5.52
CA VAL E 493 34.70 -11.99 -5.88
C VAL E 493 34.18 -11.18 -4.68
N VAL E 494 33.96 -11.79 -3.52
CA VAL E 494 33.49 -11.01 -2.37
C VAL E 494 34.53 -9.98 -1.98
N MET E 495 35.79 -10.38 -1.92
CA MET E 495 36.85 -9.48 -1.50
C MET E 495 36.99 -8.33 -2.48
N THR E 496 37.06 -8.67 -3.76
CA THR E 496 37.13 -7.67 -4.80
C THR E 496 36.01 -6.65 -4.63
N TYR E 497 34.77 -7.12 -4.45
CA TYR E 497 33.63 -6.22 -4.19
C TYR E 497 33.91 -5.38 -2.95
N TRP E 498 34.02 -6.07 -1.80
CA TRP E 498 34.16 -5.41 -0.49
C TRP E 498 35.28 -4.36 -0.46
N THR E 499 36.42 -4.68 -1.07
CA THR E 499 37.58 -3.81 -1.03
C THR E 499 37.33 -2.57 -1.86
N ASN E 500 37.01 -2.78 -3.11
CA ASN E 500 36.59 -1.71 -4.00
C ASN E 500 35.69 -0.72 -3.29
N PHE E 501 34.73 -1.26 -2.56
CA PHE E 501 33.76 -0.45 -1.84
C PHE E 501 34.42 0.53 -0.88
N ALA E 502 35.45 0.09 -0.16
CA ALA E 502 36.21 1.01 0.71
C ALA E 502 36.88 2.11 -0.07
N LYS E 503 37.39 1.77 -1.26
CA LYS E 503 38.18 2.68 -2.08
C LYS E 503 37.33 3.80 -2.70
N THR E 504 36.12 3.47 -3.16
CA THR E 504 35.22 4.44 -3.83
C THR E 504 33.88 4.73 -3.15
N GLY E 505 33.32 3.74 -2.47
CA GLY E 505 31.90 3.74 -2.13
C GLY E 505 31.10 3.23 -3.31
N ASP E 506 31.72 2.38 -4.12
CA ASP E 506 31.04 1.65 -5.16
C ASP E 506 31.72 0.30 -5.27
N PRO E 507 31.00 -0.78 -4.93
CA PRO E 507 31.66 -2.07 -4.88
C PRO E 507 32.04 -2.54 -6.28
N ASN E 508 31.11 -2.53 -7.20
CA ASN E 508 31.39 -3.07 -8.53
C ASN E 508 32.38 -2.24 -9.34
N GLN E 509 32.74 -1.06 -8.86
CA GLN E 509 33.73 -0.20 -9.51
C GLN E 509 35.06 -0.31 -8.73
N PRO E 510 36.09 0.48 -9.09
CA PRO E 510 37.49 0.12 -9.18
C PRO E 510 37.85 -1.23 -9.84
N VAL E 511 38.34 -2.21 -9.09
CA VAL E 511 38.74 -3.51 -9.68
C VAL E 511 37.53 -4.26 -10.25
N PRO E 512 37.50 -4.51 -11.56
CA PRO E 512 36.33 -5.17 -12.11
C PRO E 512 36.39 -6.64 -11.83
N GLN E 513 35.26 -7.32 -12.02
CA GLN E 513 35.15 -8.71 -11.61
C GLN E 513 35.91 -9.65 -12.52
N ASP E 514 36.92 -10.31 -11.94
CA ASP E 514 37.70 -11.35 -12.63
C ASP E 514 38.07 -12.45 -11.64
N THR E 515 38.10 -13.69 -12.16
CA THR E 515 38.47 -14.91 -11.42
C THR E 515 39.03 -16.00 -12.36
N LYS E 516 40.02 -15.60 -13.20
CA LYS E 516 40.67 -16.53 -14.18
C LYS E 516 42.20 -16.71 -13.93
N PHE E 517 42.65 -16.43 -12.72
CA PHE E 517 44.09 -16.52 -12.35
C PHE E 517 44.39 -17.93 -11.85
N PRO E 522 33.88 -20.11 -16.28
CA PRO E 522 34.64 -18.87 -16.38
C PRO E 522 34.39 -17.95 -15.16
N ASN E 523 34.83 -16.70 -15.27
CA ASN E 523 34.44 -15.64 -14.32
C ASN E 523 32.92 -15.40 -14.41
N ARG E 524 32.16 -15.94 -13.44
CA ARG E 524 30.69 -15.95 -13.52
C ARG E 524 30.03 -14.60 -13.17
N PHE E 525 30.79 -13.67 -12.62
CA PHE E 525 30.30 -12.36 -12.19
C PHE E 525 30.59 -11.21 -13.18
N GLU E 526 31.26 -11.52 -14.29
CA GLU E 526 31.54 -10.61 -15.43
C GLU E 526 30.30 -9.79 -15.90
N GLU E 527 29.23 -10.48 -16.28
CA GLU E 527 28.01 -9.89 -16.91
C GLU E 527 27.03 -9.06 -15.99
N VAL E 528 27.49 -8.72 -14.79
CA VAL E 528 26.62 -8.33 -13.70
C VAL E 528 27.12 -7.09 -12.98
N VAL E 529 26.21 -6.15 -12.78
CA VAL E 529 26.51 -4.88 -12.15
C VAL E 529 25.67 -4.77 -10.91
N TRP E 530 26.30 -4.40 -9.79
CA TRP E 530 25.59 -4.25 -8.53
C TRP E 530 24.85 -2.93 -8.53
N SER E 531 23.61 -2.93 -8.96
CA SER E 531 22.84 -1.70 -8.99
C SER E 531 22.71 -1.13 -7.58
N LYS E 532 22.51 0.18 -7.49
CA LYS E 532 22.34 0.82 -6.18
C LYS E 532 20.99 0.40 -5.62
N PHE E 533 20.93 0.25 -4.30
CA PHE E 533 19.66 0.04 -3.62
C PHE E 533 18.89 1.35 -3.56
N ASN E 534 17.57 1.26 -3.53
CA ASN E 534 16.71 2.41 -3.22
C ASN E 534 15.44 1.94 -2.55
N SER E 535 14.60 2.89 -2.15
CA SER E 535 13.34 2.56 -1.47
C SER E 535 12.36 1.84 -2.40
N LYS E 536 12.33 2.24 -3.67
CA LYS E 536 11.42 1.63 -4.67
C LYS E 536 11.90 0.22 -5.08
N GLU E 537 12.62 0.07 -6.21
CA GLU E 537 12.95 -1.28 -6.73
C GLU E 537 14.11 -1.81 -5.88
N LYS E 538 13.83 -2.62 -4.86
CA LYS E 538 14.82 -2.97 -3.84
C LYS E 538 15.95 -3.85 -4.41
N GLN E 539 16.72 -3.27 -5.34
CA GLN E 539 17.69 -3.98 -6.15
C GLN E 539 18.85 -4.40 -5.28
N TYR E 540 19.15 -5.71 -5.31
CA TYR E 540 20.17 -6.28 -4.47
C TYR E 540 20.96 -7.33 -5.23
N LEU E 541 22.15 -7.64 -4.72
CA LEU E 541 23.01 -8.65 -5.32
C LEU E 541 22.87 -10.02 -4.65
N HIS E 542 22.51 -11.03 -5.45
CA HIS E 542 22.49 -12.42 -5.01
C HIS E 542 23.94 -12.87 -5.06
N ILE E 543 24.56 -13.04 -3.91
CA ILE E 543 25.89 -13.65 -3.86
C ILE E 543 25.65 -15.13 -4.09
N GLY E 544 26.66 -15.82 -4.62
CA GLY E 544 26.60 -17.26 -4.75
C GLY E 544 27.29 -17.74 -5.99
N LEU E 545 27.09 -19.00 -6.32
CA LEU E 545 27.65 -19.55 -7.53
C LEU E 545 26.90 -19.00 -8.75
N LYS E 546 25.59 -18.81 -8.57
CA LYS E 546 24.72 -18.09 -9.52
C LYS E 546 24.53 -16.62 -9.09
N PRO E 547 25.48 -15.71 -9.41
CA PRO E 547 25.27 -14.31 -9.02
C PRO E 547 24.40 -13.53 -9.98
N ARG E 548 23.66 -12.58 -9.45
CA ARG E 548 22.89 -11.65 -10.26
C ARG E 548 22.24 -10.56 -9.44
N VAL E 549 21.60 -9.64 -10.13
CA VAL E 549 20.76 -8.63 -9.52
C VAL E 549 19.37 -9.21 -9.44
N ARG E 550 18.69 -9.08 -8.30
CA ARG E 550 17.22 -9.27 -8.27
C ARG E 550 16.59 -8.09 -7.58
N ASP E 551 15.25 -8.03 -7.58
CA ASP E 551 14.52 -6.91 -6.97
C ASP E 551 13.56 -7.36 -5.89
N ASN E 552 13.45 -6.56 -4.83
CA ASN E 552 12.54 -6.78 -3.69
C ASN E 552 12.78 -8.14 -3.03
N TYR E 553 13.87 -8.25 -2.25
CA TYR E 553 14.16 -9.56 -1.62
C TYR E 553 12.99 -9.91 -0.75
N ARG E 554 12.39 -11.07 -1.02
CA ARG E 554 11.42 -11.65 -0.11
C ARG E 554 10.29 -10.70 0.26
N ALA E 555 10.02 -9.71 -0.58
CA ALA E 555 9.21 -8.56 -0.13
C ALA E 555 7.91 -8.99 0.55
N ASN E 556 7.23 -9.99 0.01
CA ASN E 556 6.01 -10.48 0.64
C ASN E 556 6.14 -10.59 2.15
N LYS E 557 7.14 -11.31 2.62
CA LYS E 557 7.30 -11.53 4.06
C LYS E 557 7.82 -10.25 4.73
N VAL E 558 8.84 -9.65 4.12
CA VAL E 558 9.32 -8.33 4.54
C VAL E 558 8.16 -7.50 5.04
N ALA E 559 7.15 -7.36 4.19
CA ALA E 559 6.03 -6.45 4.45
C ALA E 559 5.20 -6.91 5.63
N PHE E 560 4.89 -8.19 5.67
CA PHE E 560 4.14 -8.75 6.76
C PHE E 560 4.65 -8.25 8.10
N TRP E 561 5.98 -8.30 8.25
CA TRP E 561 6.64 -7.89 9.47
C TRP E 561 6.83 -6.40 9.63
N LEU E 562 7.05 -5.70 8.52
CA LEU E 562 7.25 -4.27 8.54
C LEU E 562 5.97 -3.45 8.53
N GLU E 563 4.93 -3.95 7.86
CA GLU E 563 3.77 -3.14 7.49
C GLU E 563 2.50 -3.54 8.20
N LEU E 564 2.19 -4.83 8.23
CA LEU E 564 0.96 -5.28 8.84
C LEU E 564 1.06 -5.51 10.35
N VAL E 565 2.01 -6.34 10.75
CA VAL E 565 1.96 -6.93 12.09
C VAL E 565 2.01 -5.92 13.25
N PRO E 566 2.94 -4.94 13.23
CA PRO E 566 2.92 -4.07 14.40
C PRO E 566 1.64 -3.24 14.46
N HIS E 567 1.02 -3.01 13.32
CA HIS E 567 -0.23 -2.27 13.27
C HIS E 567 -1.47 -3.08 13.73
N LEU E 568 -1.31 -4.36 14.12
CA LEU E 568 -2.44 -5.11 14.68
C LEU E 568 -2.91 -4.52 16.03
N HIS E 569 -1.93 -4.26 16.89
CA HIS E 569 -2.16 -3.58 18.17
C HIS E 569 -1.65 -2.14 18.18
N VAL F 11 -59.26 54.79 30.36
CA VAL F 11 -60.25 53.70 30.10
C VAL F 11 -61.04 53.42 31.40
N ARG F 12 -62.14 52.66 31.31
CA ARG F 12 -62.87 52.18 32.50
C ARG F 12 -63.59 50.82 32.26
N GLY F 13 -63.97 50.13 33.35
CA GLY F 13 -64.52 48.73 33.32
C GLY F 13 -65.69 48.48 34.29
N VAL F 14 -65.58 47.44 35.15
CA VAL F 14 -66.73 46.95 35.99
C VAL F 14 -66.44 46.64 37.50
N ARG F 15 -67.53 46.55 38.28
CA ARG F 15 -67.51 46.58 39.77
C ARG F 15 -68.21 45.35 40.42
N ARG F 16 -67.70 44.89 41.57
CA ARG F 16 -68.25 43.71 42.30
C ARG F 16 -68.14 43.84 43.86
N GLU F 17 -68.78 42.91 44.60
CA GLU F 17 -68.74 42.90 46.09
C GLU F 17 -69.27 41.59 46.72
N LEU F 18 -68.55 41.02 47.70
CA LEU F 18 -69.09 39.91 48.53
C LEU F 18 -68.40 39.89 49.90
N ILE F 22 -68.89 40.05 53.42
CA ILE F 22 -67.94 40.72 54.30
C ILE F 22 -67.06 41.93 53.96
N LEU F 23 -66.60 41.96 52.70
CA LEU F 23 -65.39 42.70 52.29
C LEU F 23 -65.61 43.93 51.41
N GLY F 24 -64.58 44.74 51.31
CA GLY F 24 -64.63 46.03 50.65
C GLY F 24 -64.64 45.88 49.14
N PRO F 25 -65.53 46.61 48.43
CA PRO F 25 -65.77 46.39 47.00
C PRO F 25 -64.61 46.75 46.06
N VAL F 26 -64.68 46.22 44.83
CA VAL F 26 -63.52 46.12 43.93
C VAL F 26 -63.92 46.29 42.46
N VAL F 27 -63.00 46.89 41.69
CA VAL F 27 -63.16 47.08 40.24
C VAL F 27 -62.24 46.11 39.52
N GLN F 28 -62.77 45.48 38.47
CA GLN F 28 -62.03 44.56 37.59
C GLN F 28 -61.76 45.24 36.25
N PHE F 29 -60.67 44.84 35.58
CA PHE F 29 -60.32 45.37 34.26
C PHE F 29 -60.00 44.22 33.32
N LEU F 30 -61.05 43.61 32.80
CA LEU F 30 -60.91 42.38 32.04
C LEU F 30 -60.75 42.68 30.55
N GLY F 31 -59.64 42.22 29.97
CA GLY F 31 -59.37 42.36 28.54
C GLY F 31 -58.56 43.58 28.17
N VAL F 32 -57.59 43.94 29.01
CA VAL F 32 -56.68 45.06 28.72
C VAL F 32 -55.41 44.49 28.11
N PRO F 33 -55.02 44.96 26.92
CA PRO F 33 -53.80 44.46 26.28
C PRO F 33 -52.53 45.12 26.80
N TYR F 34 -51.41 44.39 26.76
CA TYR F 34 -50.09 44.94 27.09
C TYR F 34 -49.11 44.95 25.92
N ALA F 35 -49.53 44.43 24.77
CA ALA F 35 -48.70 44.43 23.58
C ALA F 35 -49.51 44.04 22.35
N THR F 36 -48.98 44.38 21.18
CA THR F 36 -49.61 44.02 19.90
C THR F 36 -49.47 42.51 19.71
N PRO F 37 -50.56 41.82 19.35
CA PRO F 37 -50.54 40.36 19.50
C PRO F 37 -49.70 39.64 18.42
N PRO F 38 -49.00 38.56 18.81
CA PRO F 38 -48.06 37.88 17.93
C PRO F 38 -48.77 37.01 16.89
N LEU F 39 -49.07 37.59 15.72
CA LEU F 39 -49.97 36.96 14.75
C LEU F 39 -49.28 36.53 13.47
N GLY F 40 -48.73 37.48 12.71
CA GLY F 40 -48.08 37.16 11.44
C GLY F 40 -46.68 36.66 11.67
N ALA F 41 -45.69 37.38 11.13
CA ALA F 41 -44.30 37.15 11.47
C ALA F 41 -43.90 37.93 12.72
N ARG F 42 -44.89 38.38 13.50
CA ARG F 42 -44.68 38.73 14.92
C ARG F 42 -44.72 37.48 15.83
N ARG F 43 -45.10 36.32 15.26
CA ARG F 43 -44.99 35.03 15.97
C ARG F 43 -43.52 34.62 16.04
N PHE F 44 -43.12 34.01 17.15
CA PHE F 44 -41.71 33.73 17.43
C PHE F 44 -40.88 35.00 17.23
N GLN F 45 -41.40 36.10 17.77
CA GLN F 45 -40.71 37.38 17.80
C GLN F 45 -41.05 38.08 19.11
N PRO F 46 -40.08 38.81 19.69
CA PRO F 46 -40.34 39.56 20.91
C PRO F 46 -41.60 40.42 20.82
N PRO F 47 -42.34 40.54 21.93
CA PRO F 47 -43.53 41.34 21.84
C PRO F 47 -43.11 42.80 21.69
N GLU F 48 -43.68 43.47 20.70
CA GLU F 48 -43.59 44.93 20.63
C GLU F 48 -44.78 45.49 21.37
N ALA F 49 -44.66 46.73 21.80
CA ALA F 49 -45.54 47.31 22.82
C ALA F 49 -47.00 47.51 22.33
N PRO F 50 -47.90 48.12 23.16
CA PRO F 50 -49.32 48.03 22.77
C PRO F 50 -49.69 48.90 21.57
N ALA F 51 -50.50 48.36 20.65
CA ALA F 51 -51.08 49.16 19.55
C ALA F 51 -52.03 50.20 20.15
N SER F 52 -52.01 51.40 19.60
CA SER F 52 -52.54 52.59 20.29
C SER F 52 -54.08 52.57 20.46
N TRP F 53 -54.55 52.82 21.69
CA TRP F 53 -55.97 52.66 22.07
C TRP F 53 -56.84 53.92 21.70
N PRO F 54 -57.66 53.87 20.60
CA PRO F 54 -58.33 55.09 20.01
C PRO F 54 -59.54 55.61 20.74
N GLY F 55 -60.23 54.71 21.42
CA GLY F 55 -61.45 55.00 22.19
C GLY F 55 -61.48 54.28 23.55
N VAL F 56 -62.43 54.70 24.40
CA VAL F 56 -62.58 54.17 25.78
C VAL F 56 -62.79 52.65 25.73
N ARG F 57 -61.72 51.90 26.03
CA ARG F 57 -61.68 50.47 25.75
C ARG F 57 -62.64 49.65 26.62
N ASN F 58 -63.42 48.76 25.99
CA ASN F 58 -64.40 47.89 26.68
C ASN F 58 -63.66 46.87 27.54
N ALA F 59 -63.24 47.32 28.73
CA ALA F 59 -62.47 46.51 29.68
C ALA F 59 -63.42 45.81 30.64
N THR F 60 -64.22 44.91 30.08
CA THR F 60 -65.41 44.42 30.78
C THR F 60 -65.55 42.89 30.94
N THR F 61 -65.08 42.09 29.97
CA THR F 61 -65.17 40.62 30.07
C THR F 61 -63.86 39.91 29.73
N LEU F 62 -63.79 38.63 30.14
CA LEU F 62 -62.59 37.80 30.11
C LEU F 62 -61.88 37.72 28.73
N PRO F 63 -60.56 38.04 28.66
CA PRO F 63 -59.83 37.85 27.40
C PRO F 63 -59.56 36.38 27.16
N PRO F 64 -59.58 35.94 25.90
CA PRO F 64 -59.44 34.51 25.64
C PRO F 64 -58.02 33.99 25.88
N ALA F 65 -57.92 32.67 25.86
CA ALA F 65 -56.72 31.95 26.28
C ALA F 65 -55.70 31.80 25.16
N CYS F 66 -54.46 31.50 25.54
CA CYS F 66 -53.40 31.22 24.55
C CYS F 66 -53.46 29.78 24.07
N PRO F 67 -52.88 29.50 22.89
CA PRO F 67 -52.87 28.15 22.31
C PRO F 67 -52.33 27.04 23.24
N GLN F 68 -53.25 26.18 23.69
CA GLN F 68 -52.95 25.00 24.52
C GLN F 68 -53.89 23.87 24.10
N ASN F 69 -53.45 22.63 24.29
CA ASN F 69 -54.31 21.47 24.15
C ASN F 69 -54.42 20.78 25.49
N LEU F 70 -55.66 20.55 25.93
CA LEU F 70 -55.93 19.81 27.18
C LEU F 70 -56.20 18.33 26.95
N HIS F 71 -56.57 17.98 25.73
CA HIS F 71 -57.23 16.70 25.47
C HIS F 71 -56.21 15.62 25.06
N GLY F 72 -55.20 15.38 25.91
CA GLY F 72 -54.18 14.37 25.68
C GLY F 72 -52.81 14.70 26.29
N ALA F 73 -52.01 15.46 25.55
CA ALA F 73 -50.65 15.85 25.95
C ALA F 73 -50.71 16.70 27.23
N LEU F 74 -50.46 16.05 28.37
CA LEU F 74 -50.73 16.60 29.71
C LEU F 74 -49.72 16.09 30.77
N PRO F 75 -48.57 16.80 30.94
CA PRO F 75 -47.64 16.56 32.05
C PRO F 75 -48.25 16.47 33.48
N ALA F 76 -48.90 15.32 33.73
CA ALA F 76 -49.68 15.03 34.95
C ALA F 76 -48.87 15.36 36.18
N ILE F 77 -47.78 14.65 36.33
CA ILE F 77 -46.99 14.65 37.56
C ILE F 77 -46.68 16.09 38.02
N MET F 78 -46.35 16.97 37.07
CA MET F 78 -45.84 18.30 37.38
C MET F 78 -46.90 19.40 37.52
N LEU F 79 -48.17 19.08 37.25
CA LEU F 79 -49.24 20.07 37.33
C LEU F 79 -49.85 20.09 38.73
N PRO F 80 -50.39 21.24 39.16
CA PRO F 80 -51.19 21.29 40.38
C PRO F 80 -52.28 20.25 40.46
N VAL F 81 -52.75 19.95 41.66
CA VAL F 81 -53.77 18.92 41.86
C VAL F 81 -55.13 19.37 41.31
N TRP F 82 -55.63 20.52 41.81
CA TRP F 82 -56.94 21.04 41.35
C TRP F 82 -57.08 20.97 39.82
N PHE F 83 -56.00 21.29 39.10
CA PHE F 83 -55.92 21.18 37.64
C PHE F 83 -56.34 19.78 37.16
N THR F 84 -55.60 18.77 37.60
CA THR F 84 -55.76 17.41 37.07
C THR F 84 -56.75 16.54 37.87
N ASP F 85 -57.35 17.10 38.92
CA ASP F 85 -58.47 16.45 39.62
C ASP F 85 -59.80 16.93 39.07
N ASN F 86 -59.84 18.18 38.61
CA ASN F 86 -61.07 18.82 38.15
C ASN F 86 -60.93 19.37 36.70
N LEU F 87 -60.40 18.53 35.80
CA LEU F 87 -60.18 18.86 34.37
C LEU F 87 -61.41 19.39 33.65
N GLU F 88 -62.55 18.77 33.95
CA GLU F 88 -63.84 19.17 33.39
C GLU F 88 -64.10 20.65 33.75
N ALA F 89 -63.80 21.00 35.01
CA ALA F 89 -63.92 22.36 35.48
C ALA F 89 -62.80 23.27 34.96
N ALA F 90 -61.58 22.76 34.86
CA ALA F 90 -60.45 23.54 34.32
C ALA F 90 -60.56 23.79 32.82
N ALA F 91 -61.27 22.91 32.13
CA ALA F 91 -61.53 23.07 30.70
C ALA F 91 -62.29 24.35 30.40
N THR F 92 -63.30 24.64 31.22
CA THR F 92 -64.25 25.72 30.93
C THR F 92 -63.59 27.09 30.67
N TYR F 93 -62.47 27.37 31.33
CA TYR F 93 -61.80 28.68 31.21
C TYR F 93 -61.01 28.81 29.90
N VAL F 94 -60.32 27.74 29.51
CA VAL F 94 -59.41 27.77 28.35
C VAL F 94 -60.09 27.39 27.01
N GLN F 95 -61.41 27.37 26.96
CA GLN F 95 -62.12 26.93 25.76
C GLN F 95 -62.08 27.96 24.65
N ASN F 96 -62.38 29.21 24.99
CA ASN F 96 -62.19 30.35 24.07
C ASN F 96 -60.69 30.60 23.94
N GLN F 97 -60.10 30.00 22.90
CA GLN F 97 -58.68 30.19 22.56
C GLN F 97 -58.52 31.09 21.33
N SER F 98 -57.38 31.79 21.29
CA SER F 98 -56.95 32.55 20.10
C SER F 98 -55.45 32.83 20.22
N GLU F 99 -54.81 33.11 19.10
CA GLU F 99 -53.39 33.49 19.14
C GLU F 99 -53.22 34.87 19.73
N ASP F 100 -54.18 35.76 19.45
CA ASP F 100 -54.28 37.07 20.10
C ASP F 100 -54.77 36.86 21.54
N CYS F 101 -53.80 36.64 22.43
CA CYS F 101 -54.06 36.40 23.87
C CYS F 101 -53.26 37.28 24.84
N LEU F 102 -52.47 38.22 24.33
CA LEU F 102 -51.64 39.08 25.17
C LEU F 102 -52.50 40.19 25.78
N TYR F 103 -53.26 39.78 26.79
CA TYR F 103 -54.11 40.63 27.59
C TYR F 103 -53.90 40.27 29.06
N LEU F 104 -53.74 41.28 29.91
CA LEU F 104 -53.73 41.08 31.36
C LEU F 104 -55.08 41.47 31.96
N ASN F 105 -55.27 41.10 33.22
CA ASN F 105 -56.43 41.55 33.98
C ASN F 105 -55.89 42.31 35.18
N LEU F 106 -56.76 43.11 35.81
CA LEU F 106 -56.46 43.75 37.09
C LEU F 106 -57.64 43.58 38.04
N TYR F 107 -57.34 43.76 39.33
CA TYR F 107 -58.36 43.76 40.37
C TYR F 107 -57.92 44.84 41.37
N VAL F 108 -58.65 45.96 41.39
CA VAL F 108 -58.30 47.09 42.26
C VAL F 108 -59.50 47.47 43.09
N PRO F 109 -59.33 47.68 44.42
CA PRO F 109 -60.48 47.92 45.31
C PRO F 109 -60.84 49.39 45.54
N THR F 110 -62.08 49.64 45.94
CA THR F 110 -62.53 50.98 46.32
C THR F 110 -61.92 51.34 47.66
N GLU F 111 -62.20 50.50 48.67
CA GLU F 111 -61.87 50.76 50.07
C GLU F 111 -61.17 49.52 50.70
N ASP F 112 -60.48 49.75 51.82
CA ASP F 112 -59.68 48.73 52.53
C ASP F 112 -60.53 47.59 53.11
N GLY F 113 -60.17 46.34 52.80
CA GLY F 113 -60.99 45.16 53.18
C GLY F 113 -60.73 44.55 54.54
N PRO F 114 -61.72 43.77 55.12
CA PRO F 114 -61.74 43.19 56.52
C PRO F 114 -60.91 41.93 56.77
N SER F 134 -56.42 57.12 49.14
CA SER F 134 -56.04 56.52 47.86
C SER F 134 -54.49 56.36 47.68
N GLY F 135 -53.71 56.54 48.76
CA GLY F 135 -52.24 56.53 48.72
C GLY F 135 -51.64 55.27 48.06
N LYS F 136 -50.64 55.46 47.20
CA LYS F 136 -50.40 54.54 46.06
C LYS F 136 -50.22 53.05 46.42
N LYS F 137 -51.23 52.23 46.13
CA LYS F 137 -51.28 50.81 46.54
C LYS F 137 -50.29 49.94 45.71
N PRO F 138 -49.61 48.96 46.35
CA PRO F 138 -48.72 48.06 45.61
C PRO F 138 -49.34 47.09 44.60
N VAL F 139 -48.47 46.45 43.83
CA VAL F 139 -48.85 45.68 42.66
C VAL F 139 -48.35 44.25 42.77
N MET F 140 -49.28 43.31 42.77
CA MET F 140 -48.96 41.89 42.80
C MET F 140 -49.36 41.22 41.49
N LEU F 141 -48.38 41.00 40.61
CA LEU F 141 -48.61 40.36 39.31
C LEU F 141 -48.48 38.86 39.42
N PHE F 142 -49.42 38.14 38.82
CA PHE F 142 -49.45 36.70 38.91
C PHE F 142 -49.01 36.04 37.62
N LEU F 143 -47.91 35.31 37.71
CA LEU F 143 -47.52 34.31 36.73
C LEU F 143 -48.18 33.02 37.20
N HIS F 144 -48.31 32.02 36.35
CA HIS F 144 -49.36 31.03 36.56
C HIS F 144 -49.17 29.68 35.89
N GLY F 145 -50.25 28.90 35.90
CA GLY F 145 -50.38 27.73 35.09
C GLY F 145 -49.89 26.62 35.97
N GLY F 146 -48.85 25.94 35.49
CA GLY F 146 -48.33 24.76 36.19
C GLY F 146 -47.24 24.03 35.41
N SER F 147 -47.54 23.74 34.13
CA SER F 147 -46.51 23.46 33.14
C SER F 147 -46.32 24.72 32.33
N TYR F 148 -45.30 24.71 31.48
CA TYR F 148 -45.12 25.82 30.54
C TYR F 148 -46.18 25.82 29.44
N MET F 149 -46.96 24.74 29.36
CA MET F 149 -47.88 24.52 28.26
C MET F 149 -49.37 24.66 28.66
N GLU F 150 -49.67 24.91 29.95
CA GLU F 150 -51.06 24.83 30.46
C GLU F 150 -51.42 25.89 31.48
N GLY F 151 -52.52 26.60 31.20
CA GLY F 151 -53.12 27.60 32.12
C GLY F 151 -53.47 28.96 31.51
N THR F 152 -54.21 29.75 32.29
CA THR F 152 -54.41 31.19 32.06
C THR F 152 -54.58 31.88 33.39
N GLY F 153 -54.24 33.17 33.45
CA GLY F 153 -54.47 33.99 34.67
C GLY F 153 -55.94 34.19 35.00
N ASN F 154 -56.78 33.93 34.00
CA ASN F 154 -58.21 33.99 34.18
C ASN F 154 -58.70 32.96 35.21
N MET F 155 -58.18 31.74 35.17
CA MET F 155 -58.52 30.72 36.19
C MET F 155 -58.42 31.27 37.62
N PHE F 156 -57.50 32.20 37.85
CA PHE F 156 -57.23 32.77 39.17
C PHE F 156 -57.97 34.09 39.31
N ASP F 157 -59.10 34.07 40.03
CA ASP F 157 -59.83 35.31 40.34
C ASP F 157 -59.22 35.95 41.56
N GLY F 158 -58.19 36.77 41.30
CA GLY F 158 -57.47 37.47 42.34
C GLY F 158 -58.19 38.74 42.72
N SER F 159 -59.44 38.59 43.15
CA SER F 159 -60.28 39.69 43.52
C SER F 159 -60.31 39.81 45.05
N VAL F 160 -60.55 38.69 45.73
CA VAL F 160 -60.62 38.67 47.20
C VAL F 160 -59.35 39.25 47.75
N LEU F 161 -58.24 38.71 47.26
CA LEU F 161 -56.92 39.11 47.68
C LEU F 161 -56.83 40.63 47.62
N ALA F 162 -57.11 41.18 46.45
CA ALA F 162 -57.03 42.64 46.29
C ALA F 162 -57.80 43.38 47.39
N ALA F 163 -59.04 42.96 47.64
CA ALA F 163 -59.92 43.62 48.62
C ALA F 163 -59.38 43.48 50.03
N TYR F 164 -59.16 42.24 50.46
CA TYR F 164 -58.66 41.94 51.80
C TYR F 164 -57.25 42.48 52.06
N GLY F 165 -56.40 42.45 51.03
CA GLY F 165 -55.03 42.95 51.13
C GLY F 165 -54.91 44.45 50.96
N ASN F 166 -55.81 45.02 50.17
CA ASN F 166 -55.78 46.43 49.75
C ASN F 166 -54.56 46.72 48.88
N VAL F 167 -54.36 45.87 47.88
CA VAL F 167 -53.32 46.04 46.87
C VAL F 167 -53.83 45.61 45.53
N ILE F 168 -53.10 45.95 44.49
CA ILE F 168 -53.50 45.69 43.13
C ILE F 168 -52.97 44.33 42.67
N VAL F 169 -53.89 43.42 42.36
CA VAL F 169 -53.57 42.07 41.92
C VAL F 169 -53.75 41.97 40.43
N ALA F 170 -52.71 41.51 39.73
CA ALA F 170 -52.74 41.41 38.28
C ALA F 170 -52.57 39.95 37.88
N THR F 171 -53.48 39.46 37.03
CA THR F 171 -53.42 38.10 36.50
C THR F 171 -53.39 38.18 34.96
N LEU F 172 -52.38 37.57 34.34
CA LEU F 172 -52.13 37.74 32.88
C LEU F 172 -52.27 36.47 32.04
N ASN F 173 -51.94 36.59 30.75
CA ASN F 173 -51.66 35.44 29.92
C ASN F 173 -50.36 35.69 29.15
N TYR F 174 -49.46 34.72 29.19
CA TYR F 174 -48.23 34.72 28.39
C TYR F 174 -48.38 33.64 27.37
N ARG F 175 -47.53 33.66 26.34
CA ARG F 175 -47.56 32.66 25.28
C ARG F 175 -47.16 31.28 25.81
N LEU F 176 -47.93 30.25 25.44
CA LEU F 176 -47.77 28.90 25.99
C LEU F 176 -47.29 27.88 24.95
N GLY F 177 -46.80 26.76 25.47
CA GLY F 177 -46.51 25.59 24.67
C GLY F 177 -45.48 25.97 23.65
N VAL F 178 -45.76 25.62 22.41
CA VAL F 178 -44.84 25.88 21.34
C VAL F 178 -44.64 27.38 21.19
N LEU F 179 -45.74 28.14 21.09
CA LEU F 179 -45.69 29.60 20.90
C LEU F 179 -44.84 30.34 21.93
N GLY F 180 -44.75 29.78 23.14
CA GLY F 180 -43.99 30.38 24.21
C GLY F 180 -42.48 30.26 24.12
N PHE F 181 -41.98 29.09 23.72
CA PHE F 181 -40.53 28.77 23.87
C PHE F 181 -39.84 27.92 22.80
N LEU F 182 -40.44 27.79 21.61
CA LEU F 182 -39.79 27.05 20.54
C LEU F 182 -38.46 27.72 20.23
N SER F 183 -37.44 26.91 20.04
CA SER F 183 -36.13 27.43 19.78
C SER F 183 -35.29 26.52 18.90
N THR F 184 -34.41 27.16 18.15
CA THR F 184 -33.35 26.53 17.39
C THR F 184 -32.00 26.65 18.13
N GLY F 185 -31.88 27.63 19.03
CA GLY F 185 -30.60 28.03 19.59
C GLY F 185 -29.79 28.92 18.65
N ASP F 186 -30.49 29.54 17.67
CA ASP F 186 -29.91 30.46 16.68
C ASP F 186 -30.49 31.87 16.84
N GLN F 187 -30.02 32.81 16.02
CA GLN F 187 -30.67 34.12 15.90
C GLN F 187 -32.06 33.97 15.27
N ALA F 188 -32.24 32.93 14.45
CA ALA F 188 -33.51 32.59 13.82
C ALA F 188 -34.72 32.41 14.75
N ALA F 189 -34.50 31.76 15.90
CA ALA F 189 -35.59 31.51 16.86
C ALA F 189 -35.06 31.42 18.29
N LYS F 190 -34.73 32.57 18.87
CA LYS F 190 -34.03 32.67 20.16
C LYS F 190 -34.75 31.99 21.32
N GLY F 191 -36.08 31.94 21.24
CA GLY F 191 -36.89 31.37 22.32
C GLY F 191 -37.05 32.35 23.46
N ASN F 192 -37.60 31.85 24.57
CA ASN F 192 -37.96 32.66 25.75
C ASN F 192 -38.96 33.78 25.43
N TYR F 193 -39.92 33.45 24.56
CA TYR F 193 -40.91 34.43 24.12
C TYR F 193 -41.90 34.65 25.24
N GLY F 194 -42.39 33.55 25.82
CA GLY F 194 -43.33 33.60 26.93
C GLY F 194 -42.88 34.50 28.09
N LEU F 195 -41.59 34.43 28.41
CA LEU F 195 -41.02 35.30 29.43
C LEU F 195 -41.11 36.76 28.97
N LEU F 196 -40.62 37.02 27.77
CA LEU F 196 -40.67 38.37 27.24
C LEU F 196 -42.08 38.96 27.25
N ASP F 197 -43.10 38.11 27.09
CA ASP F 197 -44.50 38.53 27.26
C ASP F 197 -44.77 38.94 28.69
N GLN F 198 -44.29 38.15 29.64
CA GLN F 198 -44.41 38.50 31.06
C GLN F 198 -43.63 39.77 31.35
N ILE F 199 -42.41 39.87 30.83
CA ILE F 199 -41.57 41.05 31.02
C ILE F 199 -42.29 42.30 30.50
N GLN F 200 -42.83 42.25 29.29
CA GLN F 200 -43.55 43.40 28.73
C GLN F 200 -44.74 43.77 29.59
N ALA F 201 -45.63 42.81 29.85
CA ALA F 201 -46.78 43.03 30.76
C ALA F 201 -46.38 43.71 32.06
N LEU F 202 -45.21 43.35 32.57
CA LEU F 202 -44.62 43.97 33.76
C LEU F 202 -44.21 45.41 33.48
N ARG F 203 -43.56 45.60 32.33
CA ARG F 203 -43.19 46.93 31.84
C ARG F 203 -44.40 47.85 31.62
N TRP F 204 -45.56 47.25 31.29
CA TRP F 204 -46.83 47.98 31.20
C TRP F 204 -47.19 48.54 32.55
N LEU F 205 -47.08 47.73 33.58
CA LEU F 205 -47.41 48.15 34.92
C LEU F 205 -46.44 49.25 35.36
N SER F 206 -45.14 48.95 35.39
CA SER F 206 -44.06 49.90 35.83
C SER F 206 -44.47 51.39 35.88
N GLU F 207 -45.02 51.08 33.09
CA GLU F 207 -45.10 52.52 32.94
C GLU F 207 -46.41 53.06 33.52
N ASN F 208 -47.50 52.28 33.40
CA ASN F 208 -48.86 52.78 33.59
C ASN F 208 -49.40 52.75 35.02
N ILE F 209 -49.37 51.57 35.64
CA ILE F 209 -50.22 51.21 36.80
C ILE F 209 -50.57 52.35 37.76
N ALA F 210 -49.62 53.28 37.95
CA ALA F 210 -49.87 54.55 38.63
C ALA F 210 -51.31 55.05 38.46
N HIS F 211 -51.85 55.03 37.23
CA HIS F 211 -53.26 55.41 36.96
C HIS F 211 -54.27 54.29 37.19
N PHE F 212 -54.14 53.57 38.31
CA PHE F 212 -55.24 52.83 38.91
C PHE F 212 -55.23 52.95 40.45
N GLY F 213 -54.51 53.94 40.98
CA GLY F 213 -54.11 53.97 42.38
C GLY F 213 -52.99 52.97 42.68
N GLY F 214 -52.13 52.70 41.70
CA GLY F 214 -51.04 51.72 41.80
C GLY F 214 -49.70 52.37 42.14
N ASP F 215 -48.70 51.55 42.49
CA ASP F 215 -47.36 52.04 42.84
C ASP F 215 -46.29 51.37 42.00
N PRO F 216 -45.50 52.16 41.24
CA PRO F 216 -44.49 51.59 40.36
C PRO F 216 -43.20 51.14 41.05
N GLU F 217 -42.98 51.54 42.30
CA GLU F 217 -41.78 51.18 43.05
C GLU F 217 -42.02 50.12 44.16
N ARG F 218 -43.16 49.43 44.08
CA ARG F 218 -43.47 48.30 44.97
C ARG F 218 -44.27 47.26 44.19
N ILE F 219 -43.72 46.86 43.05
CA ILE F 219 -44.35 45.86 42.20
C ILE F 219 -43.81 44.52 42.63
N THR F 220 -44.68 43.51 42.61
CA THR F 220 -44.38 42.23 43.21
C THR F 220 -44.89 41.07 42.39
N ILE F 221 -43.98 40.32 41.80
CA ILE F 221 -44.38 39.15 41.02
C ILE F 221 -44.53 37.97 41.95
N PHE F 222 -45.48 37.09 41.65
CA PHE F 222 -45.67 35.87 42.43
C PHE F 222 -46.22 34.71 41.60
N GLY F 223 -45.74 33.50 41.87
CA GLY F 223 -45.98 32.34 40.97
C GLY F 223 -46.29 31.02 41.64
N SER F 224 -46.51 30.00 40.80
CA SER F 224 -46.80 28.62 41.24
C SER F 224 -46.51 27.56 40.16
N GLY F 225 -45.51 26.71 40.43
CA GLY F 225 -45.22 25.49 39.65
C GLY F 225 -44.23 25.70 38.52
N ALA F 226 -44.71 26.38 37.49
CA ALA F 226 -43.89 26.91 36.40
C ALA F 226 -43.74 28.39 36.63
N GLY F 227 -44.85 29.06 36.93
CA GLY F 227 -44.81 30.47 37.27
C GLY F 227 -43.67 30.73 38.23
N ALA F 228 -43.60 29.91 39.27
CA ALA F 228 -42.49 29.91 40.21
C ALA F 228 -41.14 29.91 39.49
N SER F 229 -40.97 28.89 38.66
CA SER F 229 -39.78 28.78 37.83
C SER F 229 -39.56 30.13 37.11
N CYS F 230 -40.60 30.61 36.43
CA CYS F 230 -40.53 31.88 35.70
C CYS F 230 -40.10 33.04 36.59
N VAL F 231 -40.70 33.12 37.79
CA VAL F 231 -40.37 34.16 38.74
C VAL F 231 -38.86 34.17 38.89
N ASN F 232 -38.32 33.02 39.26
CA ASN F 232 -36.88 32.85 39.48
C ASN F 232 -36.01 33.19 38.27
N LEU F 233 -36.53 32.93 37.06
CA LEU F 233 -35.79 33.22 35.81
C LEU F 233 -35.73 34.71 35.48
N LEU F 234 -36.83 35.42 35.71
CA LEU F 234 -36.88 36.86 35.50
C LEU F 234 -35.85 37.52 36.39
N ILE F 235 -35.82 37.12 37.66
CA ILE F 235 -34.85 37.60 38.65
C ILE F 235 -33.43 37.60 38.12
N LEU F 236 -33.04 36.50 37.49
CA LEU F 236 -31.66 36.33 37.04
C LEU F 236 -31.35 37.18 35.82
N SER F 237 -32.40 37.54 35.07
CA SER F 237 -32.26 38.39 33.88
C SER F 237 -31.91 39.85 34.14
N HIS F 238 -31.49 40.49 33.06
CA HIS F 238 -31.24 41.93 33.01
C HIS F 238 -32.51 42.64 32.60
N HIS F 239 -33.31 42.00 31.75
CA HIS F 239 -34.49 42.64 31.14
C HIS F 239 -35.61 42.99 32.12
N SER F 240 -35.52 42.53 33.37
CA SER F 240 -36.43 42.95 34.42
C SER F 240 -35.77 43.96 35.37
N GLU F 241 -35.18 45.03 34.80
CA GLU F 241 -34.42 46.02 35.60
C GLU F 241 -35.33 46.83 36.57
N GLY F 242 -36.00 47.88 36.07
CA GLY F 242 -36.78 48.81 36.92
C GLY F 242 -38.24 48.45 37.08
N LEU F 243 -38.55 47.16 36.93
CA LEU F 243 -39.91 46.69 36.75
C LEU F 243 -40.50 46.10 38.01
N PHE F 244 -39.70 45.44 38.83
CA PHE F 244 -40.19 44.95 40.12
C PHE F 244 -39.10 44.88 41.20
N GLN F 245 -39.57 44.79 42.45
CA GLN F 245 -38.71 44.76 43.64
C GLN F 245 -38.84 43.45 44.46
N LYS F 246 -40.02 42.81 44.40
CA LYS F 246 -40.37 41.71 45.29
C LYS F 246 -40.85 40.49 44.49
N ALA F 247 -40.51 39.30 44.97
CA ALA F 247 -40.70 38.07 44.23
C ALA F 247 -41.15 36.91 45.12
N ILE F 248 -42.15 36.16 44.69
CA ILE F 248 -42.67 35.07 45.49
C ILE F 248 -42.78 33.79 44.68
N ALA F 249 -41.92 32.83 45.01
CA ALA F 249 -41.88 31.54 44.32
C ALA F 249 -42.61 30.43 45.08
N GLN F 250 -43.94 30.38 44.97
CA GLN F 250 -44.71 29.35 45.66
C GLN F 250 -44.47 27.96 45.07
N SER F 251 -43.57 27.19 45.70
CA SER F 251 -43.34 25.77 45.36
C SER F 251 -42.75 25.60 43.97
N GLY F 252 -41.45 25.82 43.85
CA GLY F 252 -40.74 25.63 42.59
C GLY F 252 -39.68 26.66 42.36
N THR F 253 -38.81 26.36 41.39
CA THR F 253 -37.66 27.23 41.08
C THR F 253 -36.96 26.86 39.78
N ALA F 254 -35.93 27.65 39.44
CA ALA F 254 -35.30 27.66 38.12
C ALA F 254 -34.25 26.60 37.84
N ILE F 255 -33.74 25.96 38.90
CA ILE F 255 -32.67 24.97 38.74
C ILE F 255 -33.17 23.53 38.67
N SER F 256 -34.48 23.33 38.87
CA SER F 256 -35.09 22.00 38.78
C SER F 256 -34.99 21.40 37.38
N SER F 257 -35.27 20.11 37.30
CA SER F 257 -35.19 19.36 36.06
C SER F 257 -36.06 19.90 34.93
N TRP F 258 -37.23 20.42 35.30
CA TRP F 258 -38.31 20.78 34.35
C TRP F 258 -38.66 22.28 34.39
N SER F 259 -37.69 23.09 34.74
CA SER F 259 -37.84 24.54 34.72
C SER F 259 -37.21 25.15 33.47
N VAL F 260 -36.27 24.41 32.88
CA VAL F 260 -35.37 24.94 31.88
C VAL F 260 -35.06 23.78 30.95
N ASN F 261 -35.13 24.04 29.65
CA ASN F 261 -34.82 23.05 28.65
C ASN F 261 -33.47 23.33 28.03
N TYR F 262 -32.51 22.43 28.29
CA TYR F 262 -31.15 22.56 27.79
C TYR F 262 -30.88 21.74 26.47
N GLN F 263 -31.94 21.43 25.71
CA GLN F 263 -31.81 20.71 24.40
C GLN F 263 -32.91 21.19 23.42
N PRO F 264 -32.95 22.50 23.11
CA PRO F 264 -34.09 23.07 22.38
C PRO F 264 -34.30 22.49 20.98
N LEU F 265 -33.20 22.26 20.26
CA LEU F 265 -33.26 21.83 18.88
C LEU F 265 -33.98 20.50 18.75
N LYS F 266 -33.47 19.49 19.47
CA LYS F 266 -33.95 18.09 19.41
C LYS F 266 -35.49 17.95 19.38
N TYR F 267 -36.18 18.75 20.19
CA TYR F 267 -37.64 18.66 20.33
C TYR F 267 -38.36 19.52 19.28
N THR F 268 -37.80 20.68 18.95
CA THR F 268 -38.28 21.50 17.83
C THR F 268 -38.21 20.72 16.52
N ARG F 269 -37.14 19.94 16.35
CA ARG F 269 -37.00 19.02 15.20
C ARG F 269 -38.18 18.07 15.10
N LEU F 270 -38.52 17.43 16.21
CA LEU F 270 -39.66 16.51 16.26
C LEU F 270 -40.99 17.24 15.97
N LEU F 271 -41.12 18.49 16.40
CA LEU F 271 -42.29 19.30 16.04
C LEU F 271 -42.30 19.64 14.56
N ALA F 272 -41.20 20.21 14.08
CA ALA F 272 -41.02 20.51 12.66
C ALA F 272 -41.26 19.29 11.78
N ALA F 273 -40.89 18.11 12.29
CA ALA F 273 -41.08 16.83 11.59
C ALA F 273 -42.55 16.44 11.41
N LYS F 274 -43.38 16.67 12.43
CA LYS F 274 -44.81 16.34 12.36
C LYS F 274 -45.66 17.35 11.56
N VAL F 275 -45.06 18.46 11.12
CA VAL F 275 -45.72 19.39 10.18
C VAL F 275 -44.91 19.66 8.90
N GLY F 276 -43.94 18.79 8.60
CA GLY F 276 -43.13 18.90 7.38
C GLY F 276 -42.28 20.16 7.22
N CYS F 277 -41.89 20.77 8.34
CA CYS F 277 -41.10 22.01 8.34
C CYS F 277 -39.61 21.81 8.66
N ASP F 278 -39.18 20.58 8.96
CA ASP F 278 -37.81 20.37 9.40
C ASP F 278 -36.85 20.41 8.22
N ARG F 279 -36.39 21.61 7.90
CA ARG F 279 -35.39 21.82 6.86
C ARG F 279 -34.02 21.78 7.52
N GLU F 280 -32.99 21.58 6.70
CA GLU F 280 -31.61 21.50 7.17
C GLU F 280 -31.14 22.85 7.70
N ASP F 281 -31.55 23.94 7.04
CA ASP F 281 -31.27 25.29 7.54
C ASP F 281 -32.09 25.59 8.79
N SER F 282 -31.58 26.50 9.63
CA SER F 282 -32.34 27.06 10.72
C SER F 282 -33.43 28.04 10.24
N THR F 283 -33.02 29.19 9.69
CA THR F 283 -33.93 30.33 9.44
C THR F 283 -35.14 29.99 8.57
N GLU F 284 -34.95 29.12 7.59
CA GLU F 284 -36.00 28.70 6.67
C GLU F 284 -37.04 27.82 7.38
N ALA F 285 -36.57 26.92 8.24
CA ALA F 285 -37.46 26.04 9.01
C ALA F 285 -38.32 26.81 10.00
N VAL F 286 -37.81 27.94 10.49
CA VAL F 286 -38.56 28.81 11.38
C VAL F 286 -39.67 29.49 10.58
N GLU F 287 -39.28 30.18 9.50
CA GLU F 287 -40.24 30.86 8.62
C GLU F 287 -41.31 29.92 8.04
N CYS F 288 -41.02 28.62 7.96
CA CYS F 288 -42.04 27.62 7.65
C CYS F 288 -43.13 27.64 8.71
N LEU F 289 -42.75 27.41 9.95
CA LEU F 289 -43.71 27.24 11.03
C LEU F 289 -44.72 28.39 11.10
N ARG F 290 -44.26 29.62 10.80
CA ARG F 290 -45.12 30.81 10.76
C ARG F 290 -46.46 30.51 10.09
N ARG F 291 -46.38 29.94 8.88
CA ARG F 291 -47.56 29.79 8.01
C ARG F 291 -48.58 28.72 8.47
N LYS F 292 -48.15 27.70 9.23
CA LYS F 292 -49.11 26.71 9.77
C LYS F 292 -49.97 27.39 10.82
N SER F 293 -51.26 27.08 10.82
CA SER F 293 -52.21 27.75 11.71
C SER F 293 -51.97 27.34 13.16
N SER F 294 -52.10 28.33 14.06
CA SER F 294 -51.80 28.18 15.48
C SER F 294 -52.55 27.03 16.13
N ARG F 295 -53.85 26.95 15.84
CA ARG F 295 -54.69 25.79 16.16
C ARG F 295 -53.92 24.49 15.90
N GLU F 296 -53.39 24.36 14.68
CA GLU F 296 -52.70 23.14 14.20
C GLU F 296 -51.36 22.88 14.88
N LEU F 297 -50.68 23.96 15.31
CA LEU F 297 -49.30 23.87 15.78
C LEU F 297 -49.20 23.27 17.18
N VAL F 298 -49.90 23.85 18.15
CA VAL F 298 -49.77 23.43 19.57
C VAL F 298 -50.33 22.04 19.89
N ASP F 299 -51.51 21.73 19.36
CA ASP F 299 -52.23 20.48 19.72
C ASP F 299 -51.65 19.25 18.98
N GLN F 300 -50.33 19.17 18.96
CA GLN F 300 -49.60 18.28 18.07
C GLN F 300 -49.12 17.01 18.76
N ASP F 301 -48.80 17.09 20.05
CA ASP F 301 -48.16 16.01 20.85
C ASP F 301 -46.67 15.79 20.50
N VAL F 302 -45.80 16.33 21.35
CA VAL F 302 -44.42 15.80 21.49
C VAL F 302 -44.25 15.56 22.96
N GLN F 303 -43.97 14.31 23.34
CA GLN F 303 -43.58 13.99 24.75
C GLN F 303 -42.08 14.32 24.90
N PRO F 304 -41.66 14.90 26.04
CA PRO F 304 -40.24 15.16 26.31
C PRO F 304 -39.61 13.92 26.94
N ALA F 305 -38.49 14.08 27.64
CA ALA F 305 -37.98 13.04 28.55
C ALA F 305 -38.76 12.97 29.88
N ARG F 306 -38.50 11.90 30.63
CA ARG F 306 -39.10 11.74 31.95
C ARG F 306 -38.50 12.86 32.82
N TYR F 307 -39.37 13.60 33.52
CA TYR F 307 -38.94 14.67 34.43
C TYR F 307 -38.14 15.76 33.72
N HIS F 308 -38.55 16.07 32.51
CA HIS F 308 -37.95 17.13 31.74
C HIS F 308 -39.06 17.86 31.04
N ILE F 309 -38.69 18.84 30.22
CA ILE F 309 -39.64 19.52 29.39
C ILE F 309 -39.02 19.84 28.03
N ALA F 310 -39.85 19.78 26.97
CA ALA F 310 -39.43 19.99 25.57
C ALA F 310 -39.55 21.45 25.15
N PHE F 311 -40.63 22.09 25.56
CA PHE F 311 -40.82 23.47 25.23
C PHE F 311 -40.85 24.28 26.49
N GLY F 312 -39.78 25.04 26.68
CA GLY F 312 -39.66 25.92 27.82
C GLY F 312 -38.49 26.86 27.64
N PRO F 313 -38.24 27.71 28.65
CA PRO F 313 -37.15 28.69 28.59
C PRO F 313 -35.81 28.03 28.35
N VAL F 314 -34.91 28.79 27.75
CA VAL F 314 -33.63 28.28 27.35
C VAL F 314 -32.57 29.31 27.68
N VAL F 315 -31.34 28.85 27.80
CA VAL F 315 -30.20 29.75 27.88
C VAL F 315 -29.99 30.35 26.49
N ASP F 316 -30.54 31.55 26.28
CA ASP F 316 -30.37 32.29 25.00
C ASP F 316 -29.08 33.12 24.95
N GLY F 317 -28.79 33.81 26.06
CA GLY F 317 -27.73 34.82 26.13
C GLY F 317 -28.29 36.23 25.94
N ASP F 318 -29.41 36.53 26.62
CA ASP F 318 -30.07 37.86 26.59
C ASP F 318 -31.01 37.99 27.82
N VAL F 319 -32.12 37.24 27.82
CA VAL F 319 -33.03 37.14 28.97
C VAL F 319 -32.69 36.00 29.94
N VAL F 320 -31.78 35.11 29.55
CA VAL F 320 -31.22 34.09 30.44
C VAL F 320 -29.72 33.99 30.14
N PRO F 321 -28.92 34.98 30.60
CA PRO F 321 -27.49 35.14 30.25
C PRO F 321 -26.63 33.89 30.30
N ASP F 322 -26.88 33.03 31.29
CA ASP F 322 -26.14 31.77 31.45
C ASP F 322 -27.02 30.77 32.22
N ASP F 323 -26.62 29.50 32.21
CA ASP F 323 -27.26 28.45 33.02
C ASP F 323 -27.73 29.03 34.36
N PRO F 324 -29.03 28.96 34.65
CA PRO F 324 -29.54 29.51 35.91
C PRO F 324 -28.71 29.16 37.14
N GLU F 325 -28.42 27.87 37.35
CA GLU F 325 -27.65 27.44 38.53
C GLU F 325 -26.34 28.20 38.59
N ILE F 326 -25.57 28.21 37.49
CA ILE F 326 -24.30 28.93 37.45
C ILE F 326 -24.50 30.42 37.73
N LEU F 327 -25.56 31.03 37.18
CA LEU F 327 -25.85 32.43 37.47
C LEU F 327 -26.08 32.62 38.94
N MET F 328 -26.95 31.80 39.51
CA MET F 328 -27.23 31.89 40.93
C MET F 328 -25.98 31.72 41.79
N GLN F 329 -25.08 30.81 41.41
CA GLN F 329 -23.86 30.57 42.20
C GLN F 329 -22.96 31.78 42.23
N GLN F 330 -22.66 32.32 41.06
CA GLN F 330 -21.67 33.40 40.95
C GLN F 330 -22.20 34.78 41.35
N GLY F 331 -23.50 34.90 41.62
CA GLY F 331 -24.09 36.18 42.04
C GLY F 331 -24.32 37.15 40.89
N GLU F 332 -24.89 36.64 39.79
CA GLU F 332 -25.03 37.40 38.53
C GLU F 332 -26.49 37.84 38.33
N PHE F 333 -26.93 38.61 39.30
CA PHE F 333 -28.30 39.13 39.40
C PHE F 333 -28.28 40.30 40.40
N LEU F 334 -29.44 40.88 40.71
CA LEU F 334 -29.55 41.87 41.80
C LEU F 334 -30.66 41.54 42.81
N ASN F 335 -30.61 42.26 43.93
CA ASN F 335 -31.14 41.79 45.21
C ASN F 335 -32.64 41.96 45.30
N TYR F 336 -33.39 40.95 44.89
CA TYR F 336 -34.85 41.04 44.96
C TYR F 336 -35.32 40.36 46.24
N ASP F 337 -36.29 41.00 46.90
CA ASP F 337 -36.84 40.49 48.16
C ASP F 337 -37.59 39.24 47.80
N MET F 338 -37.08 38.10 48.25
CA MET F 338 -37.62 36.80 47.85
C MET F 338 -38.50 36.23 48.94
N LEU F 339 -39.40 35.36 48.53
CA LEU F 339 -40.24 34.62 49.45
C LEU F 339 -40.52 33.28 48.80
N ILE F 340 -39.70 32.27 49.12
CA ILE F 340 -39.85 30.95 48.56
C ILE F 340 -40.46 30.06 49.61
N GLY F 341 -41.26 29.12 49.16
CA GLY F 341 -41.64 28.01 50.02
C GLY F 341 -42.06 26.79 49.27
N VAL F 342 -42.62 25.86 50.02
CA VAL F 342 -42.69 24.47 49.62
C VAL F 342 -43.71 23.75 50.50
N ASN F 343 -44.34 22.71 49.96
CA ASN F 343 -45.42 22.02 50.64
C ASN F 343 -44.96 20.65 51.06
N GLN F 344 -45.59 20.11 52.10
CA GLN F 344 -45.14 18.88 52.76
C GLN F 344 -44.78 17.78 51.79
N GLY F 345 -45.76 17.43 50.95
CA GLY F 345 -45.70 16.26 50.07
C GLY F 345 -46.13 16.64 48.66
N GLU F 346 -45.29 17.45 48.02
CA GLU F 346 -45.59 18.09 46.75
C GLU F 346 -46.06 17.13 45.69
N GLY F 347 -45.18 16.25 45.23
CA GLY F 347 -45.45 15.43 44.05
C GLY F 347 -46.26 14.22 44.39
N LEU F 348 -47.33 14.40 45.17
CA LEU F 348 -48.21 13.30 45.53
C LEU F 348 -48.48 12.44 44.32
N LYS F 349 -48.74 13.10 43.19
CA LYS F 349 -48.93 12.39 41.92
C LYS F 349 -47.88 11.31 41.63
N PHE F 350 -46.63 11.60 41.89
CA PHE F 350 -45.56 10.62 41.74
C PHE F 350 -45.90 9.25 42.29
N VAL F 351 -46.54 9.22 43.45
CA VAL F 351 -47.01 7.96 44.06
C VAL F 351 -48.47 7.60 43.77
N GLU F 352 -49.20 8.47 43.06
CA GLU F 352 -50.44 8.07 42.37
C GLU F 352 -50.20 7.00 41.29
N ASP F 353 -48.92 6.58 41.09
CA ASP F 353 -48.53 5.40 40.24
C ASP F 353 -49.19 4.02 40.63
N SER F 354 -49.08 3.61 41.89
CA SER F 354 -49.88 2.50 42.44
C SER F 354 -50.49 2.94 43.79
N ALA F 355 -51.23 4.04 43.75
CA ALA F 355 -51.87 4.66 44.97
C ALA F 355 -53.02 3.80 45.43
N GLU F 356 -54.02 3.61 44.56
CA GLU F 356 -55.12 2.67 44.85
C GLU F 356 -54.64 1.21 44.66
N SER F 357 -54.04 0.71 45.73
CA SER F 357 -53.64 -0.71 45.87
C SER F 357 -53.84 -1.12 47.34
N GLU F 358 -53.11 -0.44 48.24
CA GLU F 358 -53.23 -0.56 49.72
C GLU F 358 -53.12 -1.98 50.35
N ASP F 359 -52.29 -2.82 49.72
CA ASP F 359 -51.33 -3.65 50.42
C ASP F 359 -50.10 -2.74 50.70
N GLY F 360 -50.06 -1.58 50.01
CA GLY F 360 -49.29 -0.39 50.39
C GLY F 360 -48.82 0.37 49.15
N VAL F 361 -47.50 0.33 48.95
CA VAL F 361 -46.87 0.42 47.63
C VAL F 361 -45.86 -0.70 47.64
N SER F 362 -45.83 -1.43 46.54
CA SER F 362 -45.19 -2.74 46.49
C SER F 362 -43.70 -2.67 46.89
N ALA F 363 -43.23 -3.73 47.53
CA ALA F 363 -41.84 -3.87 47.93
C ALA F 363 -40.93 -3.61 46.73
N SER F 364 -40.95 -4.52 45.76
CA SER F 364 -40.01 -4.47 44.64
C SER F 364 -40.36 -3.44 43.58
N ALA F 365 -41.58 -2.89 43.60
CA ALA F 365 -41.92 -1.75 42.74
C ALA F 365 -41.22 -0.47 43.21
N PHE F 366 -40.90 -0.43 44.51
CA PHE F 366 -40.12 0.64 45.09
C PHE F 366 -38.77 0.73 44.40
N ASP F 367 -38.07 -0.41 44.36
CA ASP F 367 -36.82 -0.53 43.61
C ASP F 367 -37.04 0.05 42.21
N PHE F 368 -38.03 -0.49 41.52
CA PHE F 368 -38.26 -0.18 40.11
C PHE F 368 -38.30 1.33 39.90
N THR F 369 -39.31 1.96 40.48
CA THR F 369 -39.57 3.39 40.23
C THR F 369 -38.36 4.27 40.59
N VAL F 370 -37.56 3.83 41.56
CA VAL F 370 -36.31 4.49 41.88
C VAL F 370 -35.31 4.29 40.74
N SER F 371 -35.24 3.08 40.19
CA SER F 371 -34.30 2.83 39.09
C SER F 371 -34.53 3.79 37.95
N ASN F 372 -35.79 4.01 37.62
CA ASN F 372 -36.12 5.01 36.62
C ASN F 372 -35.90 6.44 37.13
N PHE F 373 -35.99 6.66 38.45
CA PHE F 373 -35.63 7.95 39.02
C PHE F 373 -34.18 8.25 38.68
N VAL F 374 -33.27 7.38 39.12
CA VAL F 374 -31.85 7.64 38.89
C VAL F 374 -31.48 7.72 37.43
N ASP F 375 -32.12 6.94 36.58
CA ASP F 375 -31.73 6.88 35.17
C ASP F 375 -32.06 8.17 34.38
N ASN F 376 -33.30 8.64 34.45
CA ASN F 376 -33.69 9.81 33.65
C ASN F 376 -33.19 11.13 34.24
N LEU F 377 -32.68 11.08 35.47
CA LEU F 377 -32.03 12.22 36.14
C LEU F 377 -30.50 12.16 36.15
N TYR F 378 -29.93 11.23 36.92
CA TYR F 378 -28.46 11.10 37.08
C TYR F 378 -27.80 10.04 36.19
N GLY F 379 -28.62 9.36 35.37
CA GLY F 379 -28.24 8.09 34.73
C GLY F 379 -27.26 8.26 33.61
N TYR F 380 -26.02 8.46 34.02
CA TYR F 380 -24.93 8.78 33.11
C TYR F 380 -24.22 7.55 32.40
N PRO F 381 -24.33 6.29 32.89
CA PRO F 381 -24.59 5.87 34.28
C PRO F 381 -23.45 4.92 34.75
N GLU F 382 -22.22 5.37 34.51
CA GLU F 382 -21.01 4.56 34.70
C GLU F 382 -20.98 3.85 36.07
N GLY F 383 -21.34 4.58 37.13
CA GLY F 383 -21.41 4.03 38.49
C GLY F 383 -22.77 4.28 39.13
N LYS F 384 -23.83 4.13 38.34
CA LYS F 384 -25.20 4.38 38.81
C LYS F 384 -25.58 3.42 39.94
N ASP F 385 -25.32 2.13 39.75
CA ASP F 385 -25.75 1.07 40.69
C ASP F 385 -25.70 1.48 42.15
N VAL F 386 -24.59 2.08 42.55
CA VAL F 386 -24.45 2.65 43.89
C VAL F 386 -25.55 3.66 44.13
N LEU F 387 -25.57 4.67 43.28
CA LEU F 387 -26.47 5.80 43.42
C LEU F 387 -27.90 5.35 43.66
N ARG F 388 -28.35 4.30 42.96
CA ARG F 388 -29.71 3.80 43.17
C ARG F 388 -29.89 3.30 44.59
N GLU F 389 -29.09 2.33 44.97
CA GLU F 389 -29.24 1.62 46.25
C GLU F 389 -28.93 2.47 47.45
N THR F 390 -28.01 3.40 47.29
CA THR F 390 -27.72 4.32 48.36
C THR F 390 -28.82 5.37 48.49
N ILE F 391 -29.51 5.76 47.41
CA ILE F 391 -30.68 6.68 47.54
C ILE F 391 -31.94 5.96 47.95
N LYS F 392 -32.08 4.69 47.56
CA LYS F 392 -33.08 3.85 48.15
C LYS F 392 -32.93 3.93 49.65
N PHE F 393 -31.71 3.66 50.12
CA PHE F 393 -31.44 3.51 51.55
C PHE F 393 -31.95 4.67 52.36
N MET F 394 -31.59 5.89 51.97
CA MET F 394 -31.96 7.08 52.74
C MET F 394 -33.45 7.24 52.97
N TYR F 395 -34.25 6.74 52.04
CA TYR F 395 -35.68 6.89 52.13
C TYR F 395 -36.46 5.67 52.63
N THR F 396 -35.85 4.51 52.77
CA THR F 396 -36.58 3.36 53.31
C THR F 396 -36.53 3.44 54.83
N ASP F 397 -37.68 3.57 55.49
CA ASP F 397 -37.72 3.69 56.95
C ASP F 397 -37.45 2.37 57.60
N TRP F 398 -36.29 2.24 58.22
CA TRP F 398 -35.83 0.94 58.69
C TRP F 398 -36.53 0.47 59.98
N ALA F 399 -37.32 1.36 60.58
CA ALA F 399 -38.20 0.97 61.68
C ALA F 399 -39.09 -0.20 61.27
N ASP F 400 -39.85 0.00 60.20
CA ASP F 400 -40.68 -1.07 59.59
C ASP F 400 -40.25 -1.29 58.13
N ARG F 401 -39.39 -2.30 57.98
CA ARG F 401 -38.88 -2.71 56.70
C ARG F 401 -40.04 -3.15 55.79
N ASP F 402 -41.02 -3.83 56.37
CA ASP F 402 -42.03 -4.57 55.60
C ASP F 402 -43.28 -3.80 55.24
N ASN F 403 -43.60 -2.71 55.94
CA ASN F 403 -44.81 -1.91 55.66
C ASN F 403 -44.69 -1.14 54.35
N GLY F 404 -45.62 -1.41 53.44
CA GLY F 404 -45.68 -0.71 52.17
C GLY F 404 -45.99 0.77 52.32
N GLU F 405 -46.87 1.14 53.26
CA GLU F 405 -47.21 2.56 53.46
C GLU F 405 -45.97 3.39 53.75
N MET F 406 -45.16 2.92 54.68
CA MET F 406 -43.95 3.63 55.08
C MET F 406 -42.76 3.22 54.14
N ARG F 407 -43.13 2.93 52.90
CA ARG F 407 -42.33 3.24 51.73
C ARG F 407 -43.07 4.29 50.93
N ARG F 408 -44.33 4.03 50.55
CA ARG F 408 -45.11 5.00 49.79
C ARG F 408 -44.85 6.39 50.31
N LYS F 409 -45.13 6.58 51.60
CA LYS F 409 -44.92 7.86 52.28
C LYS F 409 -43.61 8.44 51.80
N THR F 410 -42.58 7.62 51.97
CA THR F 410 -41.22 8.01 51.78
C THR F 410 -40.89 8.29 50.33
N LEU F 411 -41.43 7.46 49.45
CA LEU F 411 -41.21 7.68 48.05
C LEU F 411 -41.73 9.07 47.69
N LEU F 412 -42.90 9.45 48.24
CA LEU F 412 -43.44 10.80 48.03
C LEU F 412 -42.41 11.80 48.45
N ALA F 413 -41.95 11.65 49.68
CA ALA F 413 -40.88 12.48 50.17
C ALA F 413 -39.70 12.51 49.21
N LEU F 414 -39.20 11.34 48.81
CA LEU F 414 -38.02 11.26 47.96
C LEU F 414 -38.19 12.23 46.82
N PHE F 415 -39.27 12.03 46.09
CA PHE F 415 -39.51 12.81 44.90
C PHE F 415 -39.69 14.28 45.26
N THR F 416 -40.56 14.51 46.24
CA THR F 416 -40.75 15.82 46.83
C THR F 416 -39.44 16.52 47.06
N ASP F 417 -38.56 15.86 47.81
CA ASP F 417 -37.30 16.46 48.18
C ASP F 417 -36.54 16.91 46.97
N HIS F 418 -36.33 16.01 46.03
CA HIS F 418 -35.45 16.29 44.91
C HIS F 418 -35.97 17.35 43.93
N GLN F 419 -37.27 17.35 43.68
CA GLN F 419 -37.84 18.19 42.63
C GLN F 419 -38.44 19.52 43.09
N TRP F 420 -38.24 19.87 44.36
CA TRP F 420 -38.65 21.18 44.88
C TRP F 420 -37.83 21.57 46.09
N VAL F 421 -37.94 20.75 47.13
CA VAL F 421 -37.51 21.11 48.47
C VAL F 421 -36.09 21.53 48.44
N ALA F 422 -35.23 20.62 48.02
CA ALA F 422 -33.80 20.88 48.09
C ALA F 422 -33.48 22.09 47.22
N PRO F 423 -33.69 21.98 45.88
CA PRO F 423 -33.44 23.14 45.03
C PRO F 423 -33.83 24.49 45.68
N ALA F 424 -35.06 24.55 46.18
CA ALA F 424 -35.58 25.77 46.80
C ALA F 424 -34.67 26.27 47.89
N VAL F 425 -34.25 25.38 48.79
CA VAL F 425 -33.30 25.79 49.82
C VAL F 425 -32.09 26.40 49.09
N ALA F 426 -31.41 25.61 48.26
CA ALA F 426 -30.13 26.07 47.68
C ALA F 426 -30.25 27.40 46.98
N THR F 427 -31.39 27.68 46.33
CA THR F 427 -31.60 29.01 45.74
C THR F 427 -31.59 30.05 46.85
N ALA F 428 -32.41 29.84 47.87
CA ALA F 428 -32.45 30.75 49.01
C ALA F 428 -31.06 30.96 49.53
N LYS F 429 -30.40 29.85 49.88
CA LYS F 429 -29.02 29.88 50.41
C LYS F 429 -28.17 30.87 49.63
N LEU F 430 -28.23 30.81 48.31
CA LEU F 430 -27.43 31.69 47.46
C LEU F 430 -27.94 33.13 47.49
N HIS F 431 -29.25 33.31 47.39
CA HIS F 431 -29.80 34.66 47.37
C HIS F 431 -29.63 35.38 48.69
N ALA F 432 -29.42 34.64 49.78
CA ALA F 432 -29.07 35.25 51.06
C ALA F 432 -27.57 35.24 51.37
N ASP F 433 -26.82 34.36 50.71
CA ASP F 433 -25.35 34.44 50.73
C ASP F 433 -24.85 35.74 50.05
N TYR F 434 -25.64 36.25 49.08
CA TYR F 434 -25.39 37.57 48.45
C TYR F 434 -26.28 38.70 48.99
N GLN F 435 -27.01 38.41 50.05
CA GLN F 435 -27.67 39.42 50.85
C GLN F 435 -28.77 40.14 50.07
N SER F 436 -29.63 39.36 49.43
CA SER F 436 -31.01 39.77 49.23
C SER F 436 -31.69 39.35 50.52
N PRO F 437 -32.53 40.21 51.10
CA PRO F 437 -33.30 39.71 52.22
C PRO F 437 -34.35 38.76 51.67
N VAL F 438 -34.61 37.68 52.41
CA VAL F 438 -35.43 36.60 51.91
C VAL F 438 -36.00 35.75 53.05
N TYR F 439 -37.25 35.34 52.89
CA TYR F 439 -37.99 34.61 53.90
C TYR F 439 -38.43 33.30 53.29
N PHE F 440 -38.49 32.25 54.11
CA PHE F 440 -38.76 30.88 53.64
C PHE F 440 -40.00 30.31 54.32
N TYR F 441 -40.72 29.41 53.63
CA TYR F 441 -41.87 28.73 54.26
C TYR F 441 -42.03 27.27 53.86
N THR F 442 -42.87 26.59 54.64
CA THR F 442 -43.36 25.26 54.33
C THR F 442 -44.86 25.28 54.52
N PHE F 443 -45.62 24.75 53.56
CA PHE F 443 -47.08 24.74 53.64
C PHE F 443 -47.60 23.36 53.96
N TYR F 444 -48.53 23.30 54.92
CA TYR F 444 -49.00 22.04 55.50
C TYR F 444 -50.53 21.99 55.63
N HIS F 445 -51.27 22.14 54.53
CA HIS F 445 -52.73 22.04 54.61
C HIS F 445 -53.55 21.75 53.34
N HIS F 446 -54.20 20.58 53.34
CA HIS F 446 -55.24 20.23 52.36
C HIS F 446 -56.61 20.80 52.83
N CYS F 447 -57.66 20.48 52.08
CA CYS F 447 -59.04 20.62 52.56
C CYS F 447 -59.86 19.64 51.72
N GLN F 448 -60.31 18.55 52.32
CA GLN F 448 -60.55 17.35 51.50
C GLN F 448 -61.96 17.35 50.87
N ALA F 449 -61.99 17.03 49.57
CA ALA F 449 -63.14 16.43 48.89
C ALA F 449 -62.83 14.94 48.59
N GLU F 450 -61.75 14.70 47.84
CA GLU F 450 -61.36 13.35 47.36
C GLU F 450 -59.82 13.26 47.13
N ASP F 457 -52.46 15.21 53.74
CA ASP F 457 -51.14 15.38 53.12
C ASP F 457 -51.16 16.44 52.02
N ALA F 458 -50.45 17.54 52.29
CA ALA F 458 -50.57 18.76 51.48
C ALA F 458 -49.82 18.63 50.16
N ALA F 459 -50.57 18.61 49.05
CA ALA F 459 -50.02 18.39 47.73
C ALA F 459 -49.68 19.70 47.02
N HIS F 460 -48.86 19.58 45.97
CA HIS F 460 -48.48 20.71 45.13
C HIS F 460 -49.73 21.40 44.63
N GLY F 461 -49.78 22.72 44.81
CA GLY F 461 -50.91 23.51 44.36
C GLY F 461 -51.83 23.85 45.51
N ASP F 462 -52.09 22.92 46.41
CA ASP F 462 -53.06 23.14 47.49
C ASP F 462 -52.87 24.46 48.30
N GLU F 463 -51.70 25.09 48.23
CA GLU F 463 -51.50 26.42 48.83
C GLU F 463 -52.27 27.55 48.15
N LEU F 464 -52.62 27.39 46.88
CA LEU F 464 -53.21 28.47 46.10
C LEU F 464 -54.52 29.06 46.64
N PRO F 465 -55.58 28.24 46.75
CA PRO F 465 -56.87 28.83 47.13
C PRO F 465 -56.77 29.67 48.41
N TYR F 466 -55.87 29.26 49.31
CA TYR F 466 -55.63 30.00 50.52
C TYR F 466 -55.00 31.35 50.18
N VAL F 467 -54.00 31.36 49.29
CA VAL F 467 -53.39 32.62 48.84
C VAL F 467 -54.40 33.52 48.12
N PHE F 468 -55.22 32.94 47.25
CA PHE F 468 -56.24 33.70 46.52
C PHE F 468 -57.60 33.78 47.23
N GLY F 469 -57.64 33.43 48.51
CA GLY F 469 -58.75 33.75 49.40
C GLY F 469 -60.04 33.01 49.16
N VAL F 470 -59.97 31.93 48.42
CA VAL F 470 -61.16 31.21 47.98
C VAL F 470 -61.96 30.58 49.15
N PRO F 471 -61.33 30.35 50.33
CA PRO F 471 -62.13 29.96 51.48
C PRO F 471 -63.12 30.99 51.97
N MET F 472 -62.90 32.25 51.61
CA MET F 472 -63.72 33.33 52.11
C MET F 472 -65.00 33.51 51.29
N VAL F 473 -65.00 33.03 50.03
CA VAL F 473 -66.20 33.10 49.16
C VAL F 473 -67.08 31.84 49.18
N GLY F 474 -66.49 30.68 49.51
CA GLY F 474 -67.16 29.38 49.43
C GLY F 474 -66.65 28.58 48.25
N ALA F 475 -67.02 27.30 48.21
CA ALA F 475 -66.49 26.36 47.21
C ALA F 475 -66.78 26.79 45.77
N THR F 476 -65.73 27.09 45.02
CA THR F 476 -65.83 27.31 43.58
C THR F 476 -65.69 25.94 42.88
N ASP F 477 -65.90 25.95 41.56
CA ASP F 477 -65.91 24.72 40.73
C ASP F 477 -64.63 23.86 40.77
N LEU F 478 -63.47 24.52 40.85
CA LEU F 478 -62.17 23.83 40.89
C LEU F 478 -61.56 23.77 42.32
N PHE F 479 -62.36 24.06 43.35
CA PHE F 479 -61.96 23.95 44.76
C PHE F 479 -63.15 23.46 45.59
N PRO F 480 -63.42 22.15 45.58
CA PRO F 480 -64.69 21.68 46.14
C PRO F 480 -64.82 21.64 47.68
N CYS F 481 -63.82 22.08 48.44
CA CYS F 481 -63.69 21.60 49.84
C CYS F 481 -64.68 22.14 50.92
N ASN F 482 -64.97 21.29 51.92
CA ASN F 482 -65.53 21.70 53.22
C ASN F 482 -64.56 22.71 53.82
N PHE F 483 -64.78 23.99 53.56
CA PHE F 483 -63.94 25.03 54.13
C PHE F 483 -64.28 25.26 55.60
N SER F 484 -63.45 24.73 56.50
CA SER F 484 -63.67 24.88 57.94
C SER F 484 -63.40 26.29 58.46
N LYS F 485 -64.11 26.65 59.54
CA LYS F 485 -63.83 27.83 60.36
C LYS F 485 -62.31 28.06 60.39
N ASN F 486 -61.56 27.01 60.68
CA ASN F 486 -60.10 27.05 60.61
C ASN F 486 -59.61 27.40 59.21
N ASP F 487 -60.01 26.62 58.21
CA ASP F 487 -59.55 26.85 56.85
C ASP F 487 -59.57 28.33 56.47
N VAL F 488 -60.56 29.09 56.97
CA VAL F 488 -60.57 30.52 56.77
C VAL F 488 -59.39 31.19 57.47
N MET F 489 -59.29 31.05 58.79
CA MET F 489 -58.17 31.62 59.55
C MET F 489 -56.87 31.54 58.75
N LEU F 490 -56.63 30.38 58.17
CA LEU F 490 -55.43 30.13 57.38
C LEU F 490 -55.34 31.01 56.14
N SER F 491 -56.45 31.17 55.44
CA SER F 491 -56.50 32.05 54.27
C SER F 491 -56.15 33.49 54.64
N ALA F 492 -56.76 33.98 55.72
CA ALA F 492 -56.47 35.34 56.21
C ALA F 492 -54.97 35.47 56.43
N VAL F 493 -54.45 34.64 57.33
CA VAL F 493 -53.03 34.69 57.70
C VAL F 493 -52.08 34.64 56.50
N VAL F 494 -52.31 33.77 55.53
CA VAL F 494 -51.41 33.73 54.37
C VAL F 494 -51.49 35.04 53.62
N MET F 495 -52.70 35.54 53.39
CA MET F 495 -52.87 36.77 52.63
C MET F 495 -52.24 37.95 53.35
N THR F 496 -52.54 38.07 54.63
CA THR F 496 -51.95 39.12 55.45
C THR F 496 -50.43 39.08 55.30
N TYR F 497 -49.82 37.90 55.44
CA TYR F 497 -48.37 37.76 55.25
C TYR F 497 -48.00 38.22 53.84
N TRP F 498 -48.51 37.51 52.83
CA TRP F 498 -48.16 37.74 51.43
C TRP F 498 -48.29 39.21 51.00
N THR F 499 -49.36 39.86 51.45
CA THR F 499 -49.65 41.22 51.03
C THR F 499 -48.65 42.18 51.65
N ASN F 500 -48.59 42.14 52.97
CA ASN F 500 -47.58 42.88 53.72
C ASN F 500 -46.23 42.83 53.03
N PHE F 501 -45.86 41.64 52.58
CA PHE F 501 -44.58 41.42 51.93
C PHE F 501 -44.39 42.31 50.71
N ALA F 502 -45.45 42.46 49.91
CA ALA F 502 -45.38 43.39 48.76
C ALA F 502 -45.16 44.82 49.20
N LYS F 503 -45.79 45.20 50.30
CA LYS F 503 -45.79 46.57 50.80
C LYS F 503 -44.43 47.00 51.36
N THR F 504 -43.75 46.10 52.09
CA THR F 504 -42.46 46.39 52.72
C THR F 504 -41.24 45.57 52.27
N GLY F 505 -41.47 44.32 51.88
CA GLY F 505 -40.41 43.33 51.82
C GLY F 505 -40.17 42.75 53.21
N ASP F 506 -41.22 42.74 54.02
CA ASP F 506 -41.21 42.04 55.28
C ASP F 506 -42.63 41.52 55.49
N PRO F 507 -42.80 40.19 55.48
CA PRO F 507 -44.15 39.66 55.55
C PRO F 507 -44.78 39.92 56.90
N ASN F 508 -44.10 39.56 57.97
CA ASN F 508 -44.69 39.70 59.30
C ASN F 508 -44.91 41.13 59.75
N GLN F 509 -44.36 42.10 59.01
CA GLN F 509 -44.55 43.51 59.31
C GLN F 509 -45.59 44.10 58.32
N PRO F 510 -45.85 45.42 58.35
CA PRO F 510 -47.14 46.09 58.24
C PRO F 510 -48.29 45.50 59.05
N VAL F 511 -49.31 44.91 58.41
CA VAL F 511 -50.48 44.37 59.14
C VAL F 511 -50.09 43.20 60.04
N PRO F 512 -50.27 43.33 61.36
CA PRO F 512 -49.85 42.25 62.23
C PRO F 512 -50.86 41.15 62.21
N GLN F 513 -50.47 39.99 62.72
CA GLN F 513 -51.29 38.81 62.58
C GLN F 513 -52.51 38.82 63.48
N ASP F 514 -53.68 38.85 62.84
CA ASP F 514 -54.96 38.80 63.56
C ASP F 514 -55.98 37.99 62.76
N THR F 515 -56.84 37.28 63.52
CA THR F 515 -57.94 36.46 62.98
C THR F 515 -59.07 36.32 64.04
N LYS F 516 -59.53 37.46 64.56
CA LYS F 516 -60.64 37.55 65.54
C LYS F 516 -61.86 38.36 65.04
N PHE F 517 -61.95 38.56 63.72
CA PHE F 517 -63.10 39.27 63.10
C PHE F 517 -64.22 38.28 62.80
N PRO F 522 -58.07 30.99 69.47
CA PRO F 522 -57.77 32.37 69.15
C PRO F 522 -56.95 32.51 67.86
N ASN F 523 -56.45 33.71 67.61
CA ASN F 523 -55.45 33.98 66.55
C ASN F 523 -54.16 33.21 66.85
N ARG F 524 -53.94 32.09 66.14
CA ARG F 524 -52.85 31.17 66.47
C ARG F 524 -51.45 31.62 66.03
N PHE F 525 -51.39 32.66 65.20
CA PHE F 525 -50.12 33.19 64.65
C PHE F 525 -49.59 34.44 65.34
N GLU F 526 -50.33 34.94 66.35
CA GLU F 526 -49.97 36.12 67.19
C GLU F 526 -48.52 36.10 67.72
N GLU F 527 -48.17 35.02 68.46
CA GLU F 527 -46.91 34.88 69.21
C GLU F 527 -45.61 34.59 68.38
N VAL F 528 -45.68 34.78 67.06
CA VAL F 528 -44.74 34.19 66.12
C VAL F 528 -44.27 35.22 65.10
N VAL F 529 -42.96 35.28 64.95
CA VAL F 529 -42.32 36.24 64.08
C VAL F 529 -41.57 35.46 63.01
N TRP F 530 -41.78 35.83 61.75
CA TRP F 530 -41.14 35.13 60.64
C TRP F 530 -39.71 35.63 60.52
N SER F 531 -38.78 34.93 61.17
CA SER F 531 -37.39 35.36 61.11
C SER F 531 -36.91 35.34 59.67
N LYS F 532 -35.88 36.13 59.39
CA LYS F 532 -35.30 36.15 58.05
C LYS F 532 -34.54 34.84 57.84
N PHE F 533 -34.58 34.35 56.60
CA PHE F 533 -33.75 33.21 56.23
C PHE F 533 -32.29 33.65 56.10
N ASN F 534 -31.37 32.73 56.35
CA ASN F 534 -29.95 32.94 56.00
C ASN F 534 -29.29 31.61 55.68
N SER F 535 -28.04 31.66 55.26
CA SER F 535 -27.28 30.46 54.95
C SER F 535 -27.03 29.58 56.15
N LYS F 536 -26.78 30.20 57.31
CA LYS F 536 -26.52 29.45 58.56
C LYS F 536 -27.82 28.83 59.13
N GLU F 537 -28.48 29.48 60.09
CA GLU F 537 -29.63 28.84 60.79
C GLU F 537 -30.84 28.95 59.84
N LYS F 538 -31.14 27.89 59.09
CA LYS F 538 -32.09 28.02 57.95
C LYS F 538 -33.53 28.24 58.46
N GLN F 539 -33.75 29.39 59.09
CA GLN F 539 -34.97 29.69 59.82
C GLN F 539 -36.10 29.90 58.82
N TYR F 540 -37.18 29.15 59.01
CA TYR F 540 -38.31 29.19 58.11
C TYR F 540 -39.62 29.11 58.87
N LEU F 541 -40.70 29.52 58.21
CA LEU F 541 -42.03 29.48 58.82
C LEU F 541 -42.82 28.23 58.42
N HIS F 542 -43.23 27.46 59.43
CA HIS F 542 -44.13 26.32 59.26
C HIS F 542 -45.51 26.94 59.12
N ILE F 543 -46.08 26.91 57.93
CA ILE F 543 -47.47 27.31 57.75
C ILE F 543 -48.29 26.14 58.27
N GLY F 544 -49.50 26.42 58.72
CA GLY F 544 -50.45 25.37 59.06
C GLY F 544 -51.33 25.75 60.21
N LEU F 545 -51.99 24.75 60.79
CA LEU F 545 -52.78 25.00 61.98
C LEU F 545 -51.88 25.24 63.18
N LYS F 546 -50.74 24.51 63.20
CA LYS F 546 -49.65 24.73 64.14
C LYS F 546 -48.52 25.58 63.53
N PRO F 547 -48.66 26.93 63.50
CA PRO F 547 -47.56 27.72 62.93
C PRO F 547 -46.43 27.98 63.89
N ARG F 548 -45.22 28.08 63.36
CA ARG F 548 -44.06 28.47 64.14
C ARG F 548 -42.82 28.63 63.27
N VAL F 549 -41.75 29.06 63.91
CA VAL F 549 -40.45 29.11 63.29
C VAL F 549 -39.79 27.76 63.58
N ARG F 550 -39.16 27.15 62.58
CA ARG F 550 -38.20 26.06 62.85
C ARG F 550 -36.92 26.34 62.09
N ASP F 551 -35.90 25.52 62.32
CA ASP F 551 -34.57 25.70 61.71
C ASP F 551 -34.15 24.48 60.88
N ASN F 552 -33.48 24.75 59.76
CA ASN F 552 -32.92 23.74 58.85
C ASN F 552 -33.98 22.76 58.34
N TYR F 553 -34.84 23.18 57.41
CA TYR F 553 -35.92 22.27 56.96
C TYR F 553 -35.27 21.03 56.39
N ARG F 554 -35.60 19.89 56.96
CA ARG F 554 -35.24 18.60 56.37
C ARG F 554 -33.77 18.48 56.04
N ALA F 555 -32.91 19.24 56.72
CA ALA F 555 -31.54 19.44 56.25
C ALA F 555 -30.84 18.11 55.89
N ASN F 556 -31.02 17.08 56.74
CA ASN F 556 -30.44 15.78 56.44
C ASN F 556 -30.57 15.39 54.98
N LYS F 557 -31.79 15.39 54.46
CA LYS F 557 -32.04 14.98 53.08
C LYS F 557 -31.55 16.06 52.12
N VAL F 558 -31.89 17.30 52.39
CA VAL F 558 -31.34 18.45 51.67
C VAL F 558 -29.93 18.17 51.25
N ALA F 559 -29.10 17.82 52.22
CA ALA F 559 -27.67 17.66 52.02
C ALA F 559 -27.35 16.50 51.10
N PHE F 560 -27.98 15.38 51.36
CA PHE F 560 -27.80 14.20 50.54
C PHE F 560 -27.83 14.55 49.06
N TRP F 561 -28.83 15.33 48.69
CA TRP F 561 -29.04 15.75 47.30
C TRP F 561 -28.16 16.91 46.85
N LEU F 562 -27.87 17.83 47.76
CA LEU F 562 -27.05 18.98 47.44
C LEU F 562 -25.53 18.72 47.53
N GLU F 563 -25.12 17.86 48.46
CA GLU F 563 -23.72 17.77 48.87
C GLU F 563 -23.06 16.48 48.48
N LEU F 564 -23.70 15.35 48.73
CA LEU F 564 -23.09 14.06 48.45
C LEU F 564 -23.30 13.60 47.02
N VAL F 565 -24.56 13.52 46.60
CA VAL F 565 -24.92 12.73 45.42
C VAL F 565 -24.26 13.19 44.12
N PRO F 566 -24.28 14.49 43.79
CA PRO F 566 -23.66 14.82 42.50
C PRO F 566 -22.16 14.56 42.52
N HIS F 567 -21.56 14.61 43.70
CA HIS F 567 -20.13 14.34 43.85
C HIS F 567 -19.77 12.83 43.76
N LEU F 568 -20.74 11.93 43.58
CA LEU F 568 -20.40 10.52 43.38
C LEU F 568 -19.65 10.29 42.05
N HIS F 569 -20.18 10.90 40.98
CA HIS F 569 -19.52 10.89 39.67
C HIS F 569 -18.93 12.26 39.32
N VAL G 11 -14.22 -29.31 101.57
CA VAL G 11 -13.32 -28.13 101.86
C VAL G 11 -14.15 -27.00 102.49
N ARG G 12 -13.49 -25.98 103.05
CA ARG G 12 -14.18 -24.77 103.54
C ARG G 12 -13.24 -23.52 103.48
N GLY G 13 -13.86 -22.31 103.61
CA GLY G 13 -13.16 -21.01 103.43
C GLY G 13 -13.54 -19.91 104.44
N VAL G 14 -13.94 -18.71 103.95
CA VAL G 14 -14.13 -17.49 104.80
C VAL G 14 -15.42 -16.64 104.58
N ARG G 15 -15.71 -15.78 105.58
CA ARG G 15 -17.00 -15.06 105.74
C ARG G 15 -16.85 -13.52 105.80
N ARG G 16 -17.83 -12.78 105.26
CA ARG G 16 -17.82 -11.28 105.22
C ARG G 16 -19.25 -10.66 105.33
N GLU G 17 -19.33 -9.32 105.45
CA GLU G 17 -20.63 -8.58 105.59
C GLU G 17 -20.49 -7.04 105.47
N LEU G 18 -21.36 -6.40 104.69
CA LEU G 18 -21.45 -4.92 104.64
C LEU G 18 -22.80 -4.49 104.06
N ILE G 22 -25.65 -2.76 105.30
CA ILE G 22 -27.03 -3.14 104.92
C ILE G 22 -27.51 -4.58 104.74
N LEU G 23 -26.62 -5.45 104.24
CA LEU G 23 -27.00 -6.68 103.52
C LEU G 23 -26.71 -7.99 104.23
N GLY G 24 -27.29 -9.06 103.69
CA GLY G 24 -27.16 -10.41 104.24
C GLY G 24 -25.77 -10.99 103.97
N PRO G 25 -25.13 -11.59 105.00
CA PRO G 25 -23.72 -12.00 104.91
C PRO G 25 -23.43 -13.17 103.96
N VAL G 26 -22.15 -13.33 103.63
CA VAL G 26 -21.70 -14.13 102.47
C VAL G 26 -20.38 -14.85 102.74
N VAL G 27 -20.24 -16.03 102.14
CA VAL G 27 -19.02 -16.84 102.21
C VAL G 27 -18.30 -16.77 100.87
N GLN G 28 -16.97 -16.57 100.93
CA GLN G 28 -16.09 -16.55 99.76
C GLN G 28 -15.27 -17.84 99.69
N PHE G 29 -14.88 -18.24 98.48
CA PHE G 29 -14.02 -19.42 98.29
C PHE G 29 -12.87 -19.06 97.36
N LEU G 30 -11.85 -18.44 97.95
CA LEU G 30 -10.77 -17.88 97.16
C LEU G 30 -9.63 -18.90 96.99
N GLY G 31 -9.31 -19.21 95.74
CA GLY G 31 -8.21 -20.12 95.42
C GLY G 31 -8.61 -21.56 95.23
N VAL G 32 -9.78 -21.79 94.65
CA VAL G 32 -10.25 -23.16 94.33
C VAL G 32 -9.90 -23.45 92.88
N PRO G 33 -9.17 -24.54 92.62
CA PRO G 33 -8.81 -24.89 91.23
C PRO G 33 -9.92 -25.63 90.49
N TYR G 34 -9.96 -25.47 89.16
CA TYR G 34 -10.86 -26.23 88.30
C TYR G 34 -10.17 -27.16 87.31
N ALA G 35 -8.83 -27.14 87.31
CA ALA G 35 -8.06 -28.02 86.44
C ALA G 35 -6.59 -28.01 86.84
N THR G 36 -5.86 -29.04 86.40
CA THR G 36 -4.43 -29.15 86.63
C THR G 36 -3.73 -28.09 85.78
N PRO G 37 -2.81 -27.32 86.38
CA PRO G 37 -2.36 -26.10 85.70
C PRO G 37 -1.42 -26.38 84.50
N PRO G 38 -1.55 -25.57 83.42
CA PRO G 38 -0.83 -25.82 82.18
C PRO G 38 0.64 -25.39 82.28
N LEU G 39 1.51 -26.31 82.68
CA LEU G 39 2.88 -25.97 83.08
C LEU G 39 3.96 -26.48 82.12
N GLY G 40 4.07 -27.79 81.97
CA GLY G 40 5.09 -28.37 81.11
C GLY G 40 4.64 -28.34 79.66
N ALA G 41 4.53 -29.53 79.07
CA ALA G 41 3.88 -29.68 77.77
C ALA G 41 2.36 -29.84 77.94
N ARG G 42 1.82 -29.47 79.10
CA ARG G 42 0.40 -29.13 79.23
C ARG G 42 0.11 -27.68 78.80
N ARG G 43 1.15 -26.90 78.55
CA ARG G 43 1.01 -25.57 77.92
C ARG G 43 0.64 -25.74 76.44
N PHE G 44 -0.21 -24.85 75.94
CA PHE G 44 -0.79 -25.02 74.60
C PHE G 44 -1.37 -26.41 74.44
N GLN G 45 -2.11 -26.83 75.47
CA GLN G 45 -2.84 -28.09 75.47
C GLN G 45 -4.14 -27.88 76.24
N PRO G 46 -5.23 -28.54 75.80
CA PRO G 46 -6.49 -28.43 76.52
C PRO G 46 -6.35 -28.72 78.01
N PRO G 47 -7.12 -28.02 78.85
CA PRO G 47 -6.97 -28.28 80.25
C PRO G 47 -7.52 -29.65 80.55
N GLU G 48 -6.73 -30.46 81.26
CA GLU G 48 -7.27 -31.68 81.86
C GLU G 48 -7.76 -31.34 83.25
N ALA G 49 -8.66 -32.15 83.75
CA ALA G 49 -9.50 -31.82 84.91
C ALA G 49 -8.70 -31.69 86.23
N PRO G 50 -9.38 -31.45 87.40
CA PRO G 50 -8.57 -31.06 88.57
C PRO G 50 -7.74 -32.20 89.16
N ALA G 51 -6.49 -31.93 89.53
CA ALA G 51 -5.66 -32.89 90.29
C ALA G 51 -6.29 -33.10 91.66
N SER G 52 -6.28 -34.35 92.14
CA SER G 52 -7.09 -34.74 93.30
C SER G 52 -6.63 -34.09 94.63
N TRP G 53 -7.59 -33.52 95.37
CA TRP G 53 -7.30 -32.67 96.55
C TRP G 53 -7.09 -33.49 97.86
N PRO G 54 -5.80 -33.67 98.33
CA PRO G 54 -5.44 -34.61 99.44
C PRO G 54 -5.79 -34.18 100.84
N GLY G 55 -5.83 -32.87 101.05
CA GLY G 55 -6.12 -32.27 102.35
C GLY G 55 -7.10 -31.08 102.29
N VAL G 56 -7.61 -30.68 103.44
CA VAL G 56 -8.62 -29.61 103.58
C VAL G 56 -8.08 -28.31 102.96
N ARG G 57 -8.54 -27.99 101.75
CA ARG G 57 -7.84 -26.97 100.94
C ARG G 57 -8.03 -25.55 101.49
N ASN G 58 -6.91 -24.81 101.63
CA ASN G 58 -6.92 -23.44 102.19
C ASN G 58 -7.59 -22.52 101.15
N ALA G 59 -8.93 -22.51 101.16
CA ALA G 59 -9.73 -21.73 100.21
C ALA G 59 -10.05 -20.37 100.81
N THR G 60 -8.99 -19.59 101.03
CA THR G 60 -9.06 -18.43 101.91
C THR G 60 -8.55 -17.10 101.33
N THR G 61 -7.55 -17.11 100.46
CA THR G 61 -7.03 -15.87 99.85
C THR G 61 -6.87 -15.95 98.33
N LEU G 62 -6.75 -14.77 97.72
CA LEU G 62 -6.78 -14.57 96.26
C LEU G 62 -5.80 -15.44 95.46
N PRO G 63 -6.29 -16.20 94.44
CA PRO G 63 -5.36 -16.93 93.57
C PRO G 63 -4.66 -15.99 92.62
N PRO G 64 -3.39 -16.26 92.29
CA PRO G 64 -2.66 -15.29 91.49
C PRO G 64 -3.11 -15.26 90.03
N ALA G 65 -2.60 -14.26 89.32
CA ALA G 65 -3.06 -13.91 87.97
C ALA G 65 -2.33 -14.70 86.90
N CYS G 66 -2.92 -14.72 85.71
CA CYS G 66 -2.28 -15.36 84.55
C CYS G 66 -1.29 -14.43 83.88
N PRO G 67 -0.33 -14.99 83.12
CA PRO G 67 0.69 -14.20 82.41
C PRO G 67 0.15 -13.06 81.52
N GLN G 68 0.36 -11.83 81.98
CA GLN G 68 0.02 -10.60 81.26
C GLN G 68 1.11 -9.55 81.52
N ASN G 69 1.28 -8.63 80.58
CA ASN G 69 2.14 -7.47 80.76
C ASN G 69 1.29 -6.23 80.69
N LEU G 70 1.39 -5.37 81.69
CA LEU G 70 0.69 -4.07 81.72
C LEU G 70 1.56 -2.91 81.20
N HIS G 71 2.87 -3.10 81.23
CA HIS G 71 3.80 -1.98 81.14
C HIS G 71 4.25 -1.72 79.70
N GLY G 72 3.28 -1.49 78.81
CA GLY G 72 3.56 -1.18 77.40
C GLY G 72 2.48 -1.63 76.42
N ALA G 73 2.55 -2.91 76.03
CA ALA G 73 1.58 -3.52 75.10
C ALA G 73 0.18 -3.51 75.74
N LEU G 74 -0.62 -2.53 75.34
CA LEU G 74 -1.90 -2.17 76.01
C LEU G 74 -2.95 -1.62 75.01
N PRO G 75 -3.74 -2.51 74.37
CA PRO G 75 -4.91 -2.14 73.55
C PRO G 75 -5.90 -1.12 74.17
N ALA G 76 -5.45 0.15 74.23
CA ALA G 76 -6.14 1.26 74.91
C ALA G 76 -7.59 1.31 74.52
N ILE G 77 -7.80 1.56 73.24
CA ILE G 77 -9.13 1.88 72.70
C ILE G 77 -10.17 0.85 73.14
N MET G 78 -9.80 -0.43 73.15
CA MET G 78 -10.76 -1.51 73.36
C MET G 78 -10.95 -1.96 74.82
N LEU G 79 -10.19 -1.37 75.74
CA LEU G 79 -10.30 -1.73 77.16
C LEU G 79 -11.33 -0.86 77.85
N PRO G 80 -11.99 -1.38 78.92
CA PRO G 80 -12.81 -0.54 79.78
C PRO G 80 -12.13 0.73 80.25
N VAL G 81 -12.92 1.71 80.66
CA VAL G 81 -12.38 3.00 81.09
C VAL G 81 -11.67 2.88 82.44
N TRP G 82 -12.36 2.39 83.46
CA TRP G 82 -11.76 2.21 84.80
C TRP G 82 -10.36 1.58 84.73
N PHE G 83 -10.21 0.59 83.85
CA PHE G 83 -8.91 -0.05 83.56
C PHE G 83 -7.84 0.98 83.21
N THR G 84 -8.06 1.74 82.15
CA THR G 84 -7.03 2.64 81.60
C THR G 84 -7.08 4.06 82.16
N ASP G 85 -8.02 4.33 83.07
CA ASP G 85 -8.02 5.58 83.84
C ASP G 85 -7.30 5.42 85.17
N ASN G 86 -7.37 4.21 85.72
CA ASN G 86 -6.83 3.91 87.05
C ASN G 86 -5.84 2.71 87.00
N LEU G 87 -4.90 2.76 86.05
CA LEU G 87 -3.87 1.70 85.85
C LEU G 87 -3.07 1.36 87.10
N GLU G 88 -2.71 2.40 87.86
CA GLU G 88 -2.01 2.24 89.12
C GLU G 88 -2.81 1.35 90.06
N ALA G 89 -4.12 1.59 90.09
CA ALA G 89 -5.05 0.77 90.88
C ALA G 89 -5.30 -0.61 90.24
N ALA G 90 -5.39 -0.67 88.91
CA ALA G 90 -5.59 -1.96 88.22
C ALA G 90 -4.37 -2.84 88.28
N ALA G 91 -3.19 -2.24 88.42
CA ALA G 91 -1.94 -2.97 88.56
C ALA G 91 -1.93 -3.86 89.79
N THR G 92 -2.44 -3.34 90.90
CA THR G 92 -2.32 -3.99 92.21
C THR G 92 -2.83 -5.45 92.24
N TYR G 93 -3.86 -5.75 91.45
CA TYR G 93 -4.49 -7.09 91.44
C TYR G 93 -3.65 -8.12 90.68
N VAL G 94 -3.10 -7.71 89.54
CA VAL G 94 -2.37 -8.61 88.64
C VAL G 94 -0.87 -8.72 88.91
N GLN G 95 -0.41 -8.25 90.06
CA GLN G 95 1.03 -8.21 90.37
C GLN G 95 1.56 -9.62 90.69
N ASN G 96 0.86 -10.34 91.57
CA ASN G 96 1.17 -11.76 91.83
C ASN G 96 0.72 -12.57 90.61
N GLN G 97 1.68 -12.80 89.69
CA GLN G 97 1.46 -13.63 88.50
C GLN G 97 2.14 -15.00 88.65
N SER G 98 1.57 -15.98 87.95
CA SER G 98 2.16 -17.31 87.78
C SER G 98 1.48 -18.01 86.61
N GLU G 99 2.14 -19.02 86.05
CA GLU G 99 1.53 -19.80 84.97
C GLU G 99 0.41 -20.68 85.54
N ASP G 100 0.62 -21.18 86.76
CA ASP G 100 -0.43 -21.86 87.54
C ASP G 100 -1.43 -20.83 88.02
N CYS G 101 -2.44 -20.56 87.17
CA CYS G 101 -3.50 -19.57 87.45
C CYS G 101 -4.94 -20.09 87.28
N LEU G 102 -5.10 -21.38 86.95
CA LEU G 102 -6.43 -21.95 86.72
C LEU G 102 -7.13 -22.22 88.05
N TYR G 103 -7.60 -21.12 88.63
CA TYR G 103 -8.36 -21.11 89.87
C TYR G 103 -9.56 -20.18 89.69
N LEU G 104 -10.74 -20.63 90.11
CA LEU G 104 -11.93 -19.78 90.17
C LEU G 104 -12.18 -19.31 91.60
N ASN G 105 -13.08 -18.34 91.74
CA ASN G 105 -13.56 -17.90 93.05
C ASN G 105 -15.06 -18.12 93.07
N LEU G 106 -15.63 -18.15 94.28
CA LEU G 106 -17.08 -18.14 94.46
C LEU G 106 -17.49 -17.11 95.51
N TYR G 107 -18.76 -16.75 95.48
CA TYR G 107 -19.35 -15.87 96.48
C TYR G 107 -20.76 -16.40 96.70
N VAL G 108 -21.01 -17.02 97.86
CA VAL G 108 -22.31 -17.61 98.17
C VAL G 108 -22.79 -17.07 99.51
N PRO G 109 -24.07 -16.63 99.60
CA PRO G 109 -24.57 -15.97 100.81
C PRO G 109 -25.24 -16.88 101.85
N THR G 110 -25.30 -16.42 103.09
CA THR G 110 -26.03 -17.11 104.16
C THR G 110 -27.51 -16.95 103.94
N GLU G 111 -27.96 -15.70 103.87
CA GLU G 111 -29.40 -15.35 103.84
C GLU G 111 -29.69 -14.34 102.71
N ASP G 112 -30.96 -14.24 102.33
CA ASP G 112 -31.40 -13.37 101.22
C ASP G 112 -31.21 -11.86 101.54
N GLY G 113 -30.57 -11.12 100.63
CA GLY G 113 -30.15 -9.73 100.87
C GLY G 113 -31.20 -8.66 100.52
N PRO G 114 -31.08 -7.42 101.12
CA PRO G 114 -32.08 -6.28 101.05
C PRO G 114 -32.03 -5.41 99.77
N SER G 134 -34.05 -22.56 101.51
CA SER G 134 -32.75 -23.14 101.10
C SER G 134 -32.76 -23.73 99.68
N GLY G 135 -33.84 -23.52 98.88
CA GLY G 135 -33.94 -24.03 97.50
C GLY G 135 -32.76 -23.65 96.61
N LYS G 136 -32.30 -24.62 95.81
CA LYS G 136 -31.00 -24.54 95.10
C LYS G 136 -30.78 -23.24 94.27
N LYS G 137 -29.90 -22.37 94.76
CA LYS G 137 -29.68 -21.04 94.17
C LYS G 137 -28.93 -21.11 92.82
N PRO G 138 -29.30 -20.25 91.84
CA PRO G 138 -28.59 -20.21 90.55
C PRO G 138 -27.14 -19.71 90.55
N VAL G 139 -26.50 -19.89 89.40
CA VAL G 139 -25.06 -19.72 89.25
C VAL G 139 -24.74 -18.73 88.17
N MET G 140 -24.08 -17.64 88.54
CA MET G 140 -23.66 -16.61 87.60
C MET G 140 -22.13 -16.57 87.51
N LEU G 141 -21.60 -17.17 86.45
CA LEU G 141 -20.14 -17.21 86.21
C LEU G 141 -19.70 -16.01 85.42
N PHE G 142 -18.60 -15.39 85.84
CA PHE G 142 -18.11 -14.19 85.21
C PHE G 142 -16.87 -14.43 84.38
N LEU G 143 -17.01 -14.22 83.08
CA LEU G 143 -15.89 -14.04 82.16
C LEU G 143 -15.60 -12.55 82.20
N HIS G 144 -14.43 -12.12 81.75
CA HIS G 144 -13.91 -10.84 82.24
C HIS G 144 -12.85 -10.15 81.36
N GLY G 145 -12.22 -9.14 81.95
CA GLY G 145 -11.02 -8.56 81.44
C GLY G 145 -11.49 -7.42 80.61
N GLY G 146 -11.15 -7.47 79.32
CA GLY G 146 -11.45 -6.37 78.40
C GLY G 146 -10.84 -6.56 77.01
N SER G 147 -9.53 -6.84 76.99
CA SER G 147 -8.89 -7.48 75.85
C SER G 147 -8.73 -8.94 76.19
N TYR G 148 -8.32 -9.72 75.20
CA TYR G 148 -8.00 -11.11 75.44
C TYR G 148 -6.70 -11.28 76.24
N MET G 149 -5.96 -10.18 76.42
CA MET G 149 -4.63 -10.21 77.01
C MET G 149 -4.57 -9.59 78.43
N GLU G 150 -5.69 -9.05 78.94
CA GLU G 150 -5.68 -8.24 80.17
C GLU G 150 -6.86 -8.46 81.10
N GLY G 151 -6.56 -8.77 82.37
CA GLY G 151 -7.54 -8.91 83.46
C GLY G 151 -7.44 -10.15 84.34
N THR G 152 -8.18 -10.13 85.44
CA THR G 152 -8.49 -11.31 86.25
C THR G 152 -9.86 -11.16 86.87
N GLY G 153 -10.52 -12.28 87.18
CA GLY G 153 -11.82 -12.26 87.89
C GLY G 153 -11.73 -11.73 89.30
N ASN G 154 -10.51 -11.70 89.82
CA ASN G 154 -10.23 -11.13 91.13
C ASN G 154 -10.57 -9.65 91.19
N MET G 155 -10.22 -8.88 90.15
CA MET G 155 -10.61 -7.46 90.09
C MET G 155 -12.10 -7.23 90.41
N PHE G 156 -12.94 -8.20 90.06
CA PHE G 156 -14.39 -8.11 90.22
C PHE G 156 -14.81 -8.82 91.49
N ASP G 157 -15.08 -8.06 92.55
CA ASP G 157 -15.59 -8.62 93.80
C ASP G 157 -17.10 -8.77 93.69
N GLY G 158 -17.50 -9.92 93.14
CA GLY G 158 -18.90 -10.25 92.98
C GLY G 158 -19.51 -10.80 94.23
N SER G 159 -19.42 -10.01 95.29
CA SER G 159 -19.90 -10.41 96.60
C SER G 159 -21.26 -9.74 96.86
N VAL G 160 -21.33 -8.43 96.62
CA VAL G 160 -22.57 -7.68 96.85
C VAL G 160 -23.67 -8.32 96.06
N LEU G 161 -23.38 -8.53 94.78
CA LEU G 161 -24.34 -9.13 93.86
C LEU G 161 -24.89 -10.39 94.48
N ALA G 162 -24.01 -11.31 94.86
CA ALA G 162 -24.46 -12.57 95.45
C ALA G 162 -25.45 -12.34 96.59
N ALA G 163 -25.10 -11.44 97.51
CA ALA G 163 -25.92 -11.16 98.70
C ALA G 163 -27.27 -10.57 98.33
N TYR G 164 -27.25 -9.46 97.60
CA TYR G 164 -28.46 -8.74 97.19
C TYR G 164 -29.34 -9.56 96.24
N GLY G 165 -28.69 -10.33 95.35
CA GLY G 165 -29.40 -11.16 94.38
C GLY G 165 -29.88 -12.50 94.95
N ASN G 166 -29.12 -13.02 95.92
CA ASN G 166 -29.32 -14.34 96.49
C ASN G 166 -29.06 -15.44 95.45
N VAL G 167 -27.92 -15.32 94.77
CA VAL G 167 -27.46 -16.34 93.82
C VAL G 167 -25.96 -16.46 93.93
N ILE G 168 -25.43 -17.50 93.32
CA ILE G 168 -24.01 -17.81 93.41
C ILE G 168 -23.25 -17.15 92.26
N VAL G 169 -22.34 -16.24 92.61
CA VAL G 169 -21.54 -15.50 91.65
C VAL G 169 -20.15 -16.09 91.60
N ALA G 170 -19.68 -16.44 90.41
CA ALA G 170 -18.38 -17.04 90.22
C ALA G 170 -17.52 -16.13 89.35
N THR G 171 -16.30 -15.84 89.82
CA THR G 171 -15.33 -15.02 89.08
C THR G 171 -14.05 -15.84 88.92
N LEU G 172 -13.57 -16.02 87.68
CA LEU G 172 -12.45 -16.96 87.39
C LEU G 172 -11.18 -16.31 86.82
N ASN G 173 -10.21 -17.15 86.45
CA ASN G 173 -9.12 -16.74 85.59
C ASN G 173 -8.96 -17.77 84.48
N TYR G 174 -8.91 -17.30 83.22
CA TYR G 174 -8.60 -18.14 82.06
C TYR G 174 -7.25 -17.72 81.58
N ARG G 175 -6.64 -18.54 80.73
CA ARG G 175 -5.31 -18.25 80.16
C ARG G 175 -5.36 -17.03 79.22
N LEU G 176 -4.41 -16.11 79.39
CA LEU G 176 -4.40 -14.83 78.67
C LEU G 176 -3.26 -14.70 77.67
N GLY G 177 -3.44 -13.73 76.78
CA GLY G 177 -2.38 -13.29 75.90
C GLY G 177 -1.96 -14.45 75.04
N VAL G 178 -0.67 -14.67 74.99
CA VAL G 178 -0.13 -15.73 74.17
C VAL G 178 -0.65 -17.07 74.67
N LEU G 179 -0.51 -17.33 75.98
CA LEU G 179 -0.91 -18.60 76.59
C LEU G 179 -2.36 -19.00 76.31
N GLY G 180 -3.22 -18.00 76.12
CA GLY G 180 -4.63 -18.22 75.85
C GLY G 180 -4.98 -18.72 74.46
N PHE G 181 -4.34 -18.17 73.42
CA PHE G 181 -4.80 -18.34 72.03
C PHE G 181 -3.77 -18.43 70.90
N LEU G 182 -2.50 -18.68 71.23
CA LEU G 182 -1.50 -18.83 70.18
C LEU G 182 -1.91 -19.98 69.29
N SER G 183 -1.75 -19.78 67.98
CA SER G 183 -2.16 -20.80 67.05
C SER G 183 -1.31 -20.79 65.79
N THR G 184 -1.18 -21.99 65.22
CA THR G 184 -0.63 -22.23 63.91
C THR G 184 -1.74 -22.43 62.87
N GLY G 185 -2.94 -22.82 63.32
CA GLY G 185 -3.99 -23.31 62.44
C GLY G 185 -3.80 -24.77 62.06
N ASP G 186 -2.96 -25.48 62.83
CA ASP G 186 -2.65 -26.92 62.63
C ASP G 186 -3.15 -27.77 63.80
N GLN G 187 -2.96 -29.08 63.73
CA GLN G 187 -3.15 -29.95 64.89
C GLN G 187 -2.10 -29.66 65.96
N ALA G 188 -0.94 -29.16 65.54
CA ALA G 188 0.16 -28.76 66.42
C ALA G 188 -0.19 -27.74 67.51
N ALA G 189 -0.99 -26.72 67.15
CA ALA G 189 -1.38 -25.68 68.11
C ALA G 189 -2.76 -25.09 67.78
N LYS G 190 -3.81 -25.86 68.10
CA LYS G 190 -5.19 -25.54 67.68
C LYS G 190 -5.68 -24.17 68.13
N GLY G 191 -5.17 -23.70 69.27
CA GLY G 191 -5.62 -22.43 69.85
C GLY G 191 -6.93 -22.62 70.59
N ASN G 192 -7.53 -21.50 70.97
CA ASN G 192 -8.76 -21.44 71.78
C ASN G 192 -8.59 -22.13 73.15
N TYR G 193 -7.41 -21.97 73.74
CA TYR G 193 -7.11 -22.60 75.01
C TYR G 193 -7.83 -21.87 76.12
N GLY G 194 -7.76 -20.55 76.10
CA GLY G 194 -8.45 -19.71 77.08
C GLY G 194 -9.93 -20.02 77.23
N LEU G 195 -10.60 -20.28 76.10
CA LEU G 195 -12.01 -20.68 76.11
C LEU G 195 -12.14 -22.02 76.81
N LEU G 196 -11.36 -22.99 76.37
CA LEU G 196 -11.41 -24.31 76.98
C LEU G 196 -11.20 -24.27 78.50
N ASP G 197 -10.41 -23.31 78.97
CA ASP G 197 -10.27 -23.05 80.42
C ASP G 197 -11.59 -22.58 81.01
N GLN G 198 -12.26 -21.65 80.33
CA GLN G 198 -13.58 -21.21 80.74
C GLN G 198 -14.58 -22.36 80.69
N ILE G 199 -14.55 -23.12 79.60
CA ILE G 199 -15.44 -24.28 79.45
C ILE G 199 -15.25 -25.26 80.60
N GLN G 200 -14.00 -25.61 80.92
CA GLN G 200 -13.74 -26.55 82.01
C GLN G 200 -14.25 -25.99 83.34
N ALA G 201 -13.83 -24.78 83.71
CA ALA G 201 -14.34 -24.09 84.91
C ALA G 201 -15.86 -24.15 85.02
N LEU G 202 -16.53 -24.05 83.88
CA LEU G 202 -17.98 -24.17 83.78
C LEU G 202 -18.42 -25.61 84.06
N ARG G 203 -17.71 -26.55 83.45
CA ARG G 203 -17.90 -27.99 83.69
C ARG G 203 -17.70 -28.38 85.17
N TRP G 204 -16.82 -27.65 85.87
CA TRP G 204 -16.62 -27.80 87.31
C TRP G 204 -17.90 -27.47 88.05
N LEU G 205 -18.52 -26.35 87.67
CA LEU G 205 -19.75 -25.93 88.30
C LEU G 205 -20.86 -26.94 88.01
N SER G 206 -21.17 -27.16 86.73
CA SER G 206 -22.24 -28.09 86.27
C SER G 206 -22.75 -29.10 87.34
N GLU G 207 -20.03 -30.02 87.37
CA GLU G 207 -20.43 -31.21 88.09
C GLU G 207 -20.74 -30.88 89.56
N ASN G 208 -19.99 -29.93 90.14
CA ASN G 208 -19.93 -29.73 91.59
C ASN G 208 -20.99 -28.83 92.20
N ILE G 209 -21.08 -27.61 91.70
CA ILE G 209 -21.68 -26.45 92.40
C ILE G 209 -22.85 -26.77 93.34
N ALA G 210 -23.67 -27.75 92.96
CA ALA G 210 -24.67 -28.35 93.84
C ALA G 210 -24.28 -28.32 95.32
N HIS G 211 -23.03 -28.70 95.66
CA HIS G 211 -22.53 -28.62 97.05
C HIS G 211 -21.97 -27.25 97.45
N PHE G 212 -22.70 -26.20 97.10
CA PHE G 212 -22.59 -24.90 97.81
C PHE G 212 -23.99 -24.24 97.98
N GLY G 213 -25.05 -25.05 97.88
CA GLY G 213 -26.40 -24.54 97.69
C GLY G 213 -26.63 -24.00 96.29
N GLY G 214 -25.93 -24.58 95.29
CA GLY G 214 -25.98 -24.14 93.89
C GLY G 214 -26.95 -24.99 93.05
N ASP G 215 -27.25 -24.54 91.83
CA ASP G 215 -28.16 -25.25 90.93
C ASP G 215 -27.52 -25.52 89.58
N PRO G 216 -27.42 -26.80 89.16
CA PRO G 216 -26.76 -27.12 87.91
C PRO G 216 -27.59 -26.89 86.64
N GLU G 217 -28.89 -26.68 86.79
CA GLU G 217 -29.79 -26.45 85.65
C GLU G 217 -30.24 -24.97 85.49
N ARG G 218 -29.55 -24.06 86.17
CA ARG G 218 -29.77 -22.62 86.00
C ARG G 218 -28.43 -21.88 86.14
N ILE G 219 -27.46 -22.33 85.34
CA ILE G 219 -26.14 -21.72 85.34
C ILE G 219 -26.15 -20.64 84.30
N THR G 220 -25.46 -19.54 84.59
CA THR G 220 -25.58 -18.33 83.80
C THR G 220 -24.25 -17.62 83.61
N ILE G 221 -23.73 -17.64 82.39
CA ILE G 221 -22.48 -16.95 82.12
C ILE G 221 -22.78 -15.48 81.80
N PHE G 222 -21.88 -14.60 82.21
CA PHE G 222 -22.01 -13.17 81.88
C PHE G 222 -20.67 -12.46 81.75
N GLY G 223 -20.59 -11.53 80.79
CA GLY G 223 -19.30 -10.96 80.36
C GLY G 223 -19.25 -9.46 80.13
N SER G 224 -18.05 -8.98 79.76
CA SER G 224 -17.81 -7.57 79.41
C SER G 224 -16.54 -7.35 78.55
N GLY G 225 -16.77 -6.90 77.31
CA GLY G 225 -15.71 -6.40 76.41
C GLY G 225 -15.13 -7.45 75.49
N ALA G 226 -14.35 -8.33 76.12
CA ALA G 226 -13.87 -9.57 75.52
C ALA G 226 -14.69 -10.70 76.09
N GLY G 227 -14.87 -10.71 77.41
CA GLY G 227 -15.72 -11.67 78.07
C GLY G 227 -17.02 -11.82 77.31
N ALA G 228 -17.61 -10.69 76.96
CA ALA G 228 -18.78 -10.63 76.10
C ALA G 228 -18.58 -11.46 74.83
N SER G 229 -17.51 -11.12 74.12
CA SER G 229 -17.12 -11.85 72.93
C SER G 229 -17.08 -13.35 73.29
N CYS G 230 -16.36 -13.70 74.34
CA CYS G 230 -16.23 -15.10 74.79
C CYS G 230 -17.60 -15.73 75.04
N VAL G 231 -18.47 -15.01 75.73
CA VAL G 231 -19.81 -15.50 76.04
C VAL G 231 -20.43 -15.98 74.73
N ASN G 232 -20.47 -15.06 73.75
CA ASN G 232 -21.04 -15.35 72.44
C ASN G 232 -20.37 -16.51 71.69
N LEU G 233 -19.07 -16.71 71.90
CA LEU G 233 -18.34 -17.81 71.25
C LEU G 233 -18.63 -19.18 71.85
N LEU G 234 -18.75 -19.24 73.17
CA LEU G 234 -19.12 -20.48 73.85
C LEU G 234 -20.46 -20.94 73.35
N ILE G 235 -21.41 -20.01 73.29
CA ILE G 235 -22.76 -20.27 72.76
C ILE G 235 -22.75 -21.04 71.44
N LEU G 236 -21.90 -20.60 70.52
CA LEU G 236 -21.87 -21.17 69.19
C LEU G 236 -21.23 -22.55 69.17
N SER G 237 -20.41 -22.83 70.18
CA SER G 237 -19.75 -24.13 70.33
C SER G 237 -20.64 -25.30 70.70
N HIS G 238 -20.06 -26.48 70.52
CA HIS G 238 -20.64 -27.76 70.96
C HIS G 238 -20.17 -28.06 72.36
N HIS G 239 -18.94 -27.66 72.67
CA HIS G 239 -18.29 -28.02 73.94
C HIS G 239 -18.95 -27.44 75.20
N SER G 240 -19.88 -26.51 75.04
CA SER G 240 -20.69 -26.01 76.15
C SER G 240 -22.10 -26.62 76.14
N GLU G 241 -22.19 -27.95 76.04
CA GLU G 241 -23.50 -28.65 75.92
C GLU G 241 -24.36 -28.52 77.19
N GLY G 242 -24.12 -29.34 78.22
CA GLY G 242 -24.99 -29.41 79.41
C GLY G 242 -24.57 -28.50 80.55
N LEU G 243 -23.86 -27.42 80.23
CA LEU G 243 -23.12 -26.64 81.20
C LEU G 243 -23.83 -25.37 81.62
N PHE G 244 -24.54 -24.73 80.68
CA PHE G 244 -25.31 -23.53 81.03
C PHE G 244 -26.56 -23.32 80.17
N GLN G 245 -27.44 -22.47 80.67
CA GLN G 245 -28.73 -22.16 80.02
C GLN G 245 -28.87 -20.68 79.61
N LYS G 246 -28.19 -19.78 80.35
CA LYS G 246 -28.43 -18.34 80.25
C LYS G 246 -27.11 -17.59 80.01
N ALA G 247 -27.17 -16.53 79.21
CA ALA G 247 -25.98 -15.83 78.72
C ALA G 247 -26.17 -14.32 78.68
N ILE G 248 -25.18 -13.57 79.17
CA ILE G 248 -25.29 -12.13 79.22
C ILE G 248 -24.07 -11.45 78.63
N ALA G 249 -24.25 -10.83 77.47
CA ALA G 249 -23.16 -10.16 76.76
C ALA G 249 -23.15 -8.63 76.97
N GLN G 250 -22.61 -8.19 78.11
CA GLN G 250 -22.55 -6.75 78.40
C GLN G 250 -21.58 -6.01 77.48
N SER G 251 -22.11 -5.42 76.42
CA SER G 251 -21.34 -4.53 75.51
C SER G 251 -20.26 -5.29 74.76
N GLY G 252 -20.66 -5.97 73.70
CA GLY G 252 -19.71 -6.70 72.84
C GLY G 252 -20.26 -8.02 72.36
N THR G 253 -19.59 -8.58 71.36
CA THR G 253 -20.03 -9.81 70.72
C THR G 253 -18.96 -10.41 69.78
N ALA G 254 -19.29 -11.56 69.20
CA ALA G 254 -18.34 -12.44 68.50
C ALA G 254 -18.03 -12.08 67.04
N ILE G 255 -18.86 -11.24 66.43
CA ILE G 255 -18.68 -10.91 65.01
C ILE G 255 -17.91 -9.60 64.79
N SER G 256 -17.61 -8.89 65.88
CA SER G 256 -16.81 -7.65 65.79
C SER G 256 -15.40 -7.88 65.26
N SER G 257 -14.74 -6.79 64.91
CA SER G 257 -13.40 -6.82 64.34
C SER G 257 -12.35 -7.50 65.22
N TRP G 258 -12.51 -7.31 66.54
CA TRP G 258 -11.50 -7.68 67.55
C TRP G 258 -12.01 -8.72 68.55
N SER G 259 -12.93 -9.55 68.12
CA SER G 259 -13.42 -10.66 68.92
C SER G 259 -12.76 -11.98 68.50
N VAL G 260 -12.26 -12.01 67.27
CA VAL G 260 -11.88 -13.24 66.63
C VAL G 260 -10.71 -12.88 65.70
N ASN G 261 -9.66 -13.69 65.74
CA ASN G 261 -8.53 -13.51 64.88
C ASN G 261 -8.55 -14.52 63.75
N TYR G 262 -8.72 -14.01 62.52
CA TYR G 262 -8.78 -14.84 61.32
C TYR G 262 -7.41 -14.94 60.57
N GLN G 263 -6.29 -14.68 61.24
CA GLN G 263 -4.93 -14.78 60.64
C GLN G 263 -3.91 -15.25 61.71
N PRO G 264 -4.12 -16.42 62.31
CA PRO G 264 -3.35 -16.83 63.50
C PRO G 264 -1.84 -16.96 63.26
N LEU G 265 -1.47 -17.51 62.11
CA LEU G 265 -0.09 -17.82 61.81
C LEU G 265 0.75 -16.56 61.81
N LYS G 266 0.37 -15.59 60.97
CA LYS G 266 1.11 -14.33 60.75
C LYS G 266 1.66 -13.67 62.02
N TYR G 267 0.87 -13.68 63.09
CA TYR G 267 1.25 -13.03 64.36
C TYR G 267 2.05 -13.95 65.27
N THR G 268 1.71 -15.25 65.28
CA THR G 268 2.52 -16.26 65.96
C THR G 268 3.93 -16.30 65.38
N ARG G 269 4.04 -16.14 64.06
CA ARG G 269 5.35 -16.00 63.38
C ARG G 269 6.17 -14.86 63.98
N LEU G 270 5.55 -13.69 64.10
CA LEU G 270 6.22 -12.53 64.70
C LEU G 270 6.62 -12.78 66.17
N LEU G 271 5.80 -13.54 66.91
CA LEU G 271 6.16 -13.93 68.28
C LEU G 271 7.32 -14.93 68.27
N ALA G 272 7.17 -16.00 67.50
CA ALA G 272 8.22 -17.00 67.33
C ALA G 272 9.53 -16.36 66.87
N ALA G 273 9.43 -15.31 66.06
CA ALA G 273 10.60 -14.55 65.56
C ALA G 273 11.37 -13.80 66.65
N LYS G 274 10.65 -13.20 67.60
CA LYS G 274 11.29 -12.45 68.70
C LYS G 274 11.88 -13.35 69.81
N VAL G 275 11.63 -14.67 69.76
CA VAL G 275 12.29 -15.63 70.66
C VAL G 275 13.04 -16.77 69.92
N GLY G 276 13.32 -16.56 68.62
CA GLY G 276 14.08 -17.54 67.83
C GLY G 276 13.46 -18.92 67.66
N CYS G 277 12.13 -19.00 67.72
CA CYS G 277 11.40 -20.26 67.60
C CYS G 277 10.74 -20.48 66.23
N ASP G 278 10.82 -19.51 65.32
CA ASP G 278 10.09 -19.61 64.06
C ASP G 278 10.80 -20.56 63.10
N ARG G 279 10.45 -21.84 63.22
CA ARG G 279 10.94 -22.87 62.31
C ARG G 279 9.93 -22.99 61.17
N GLU G 280 10.36 -23.58 60.05
CA GLU G 280 9.50 -23.69 58.87
C GLU G 280 8.34 -24.67 59.11
N ASP G 281 8.64 -25.75 59.83
CA ASP G 281 7.63 -26.70 60.30
C ASP G 281 6.72 -26.07 61.35
N SER G 282 5.49 -26.58 61.43
CA SER G 282 4.57 -26.24 62.49
C SER G 282 4.98 -26.87 63.84
N THR G 283 4.89 -28.20 63.93
CA THR G 283 4.97 -28.92 65.22
C THR G 283 6.24 -28.64 66.04
N GLU G 284 7.36 -28.47 65.34
CA GLU G 284 8.65 -28.22 65.98
C GLU G 284 8.69 -26.81 66.57
N ALA G 285 8.15 -25.83 65.85
CA ALA G 285 8.08 -24.44 66.32
C ALA G 285 7.21 -24.27 67.55
N VAL G 286 6.19 -25.12 67.67
CA VAL G 286 5.31 -25.12 68.83
C VAL G 286 6.10 -25.65 70.03
N GLU G 287 6.65 -26.87 69.88
CA GLU G 287 7.45 -27.50 70.94
C GLU G 287 8.65 -26.64 71.38
N CYS G 288 9.14 -25.75 70.51
CA CYS G 288 10.11 -24.74 70.92
C CYS G 288 9.54 -23.85 72.02
N LEU G 289 8.42 -23.20 71.71
CA LEU G 289 7.87 -22.21 72.61
C LEU G 289 7.68 -22.74 74.03
N ARG G 290 7.31 -24.02 74.16
CA ARG G 290 7.16 -24.68 75.46
C ARG G 290 8.28 -24.30 76.42
N ARG G 291 9.52 -24.46 75.96
CA ARG G 291 10.71 -24.35 76.81
C ARG G 291 11.06 -22.92 77.28
N LYS G 292 10.66 -21.88 76.53
CA LYS G 292 10.88 -20.50 76.96
C LYS G 292 9.99 -20.21 78.17
N SER G 293 10.53 -19.52 79.16
CA SER G 293 9.81 -19.30 80.43
C SER G 293 8.63 -18.34 80.21
N SER G 294 7.52 -18.64 80.88
CA SER G 294 6.24 -17.93 80.72
C SER G 294 6.38 -16.42 80.91
N ARG G 295 7.06 -16.04 81.98
CA ARG G 295 7.49 -14.65 82.22
C ARG G 295 7.99 -14.02 80.91
N GLU G 296 8.94 -14.70 80.26
CA GLU G 296 9.60 -14.23 79.03
C GLU G 296 8.69 -14.17 77.80
N LEU G 297 7.69 -15.05 77.75
CA LEU G 297 6.89 -15.25 76.56
C LEU G 297 5.87 -14.13 76.35
N VAL G 298 5.03 -13.88 77.35
CA VAL G 298 3.91 -12.90 77.19
C VAL G 298 4.34 -11.44 77.08
N ASP G 299 5.30 -11.02 77.90
CA ASP G 299 5.69 -9.60 77.99
C ASP G 299 6.61 -9.16 76.84
N GLN G 300 6.25 -9.58 75.64
CA GLN G 300 7.13 -9.56 74.48
C GLN G 300 6.86 -8.36 73.55
N ASP G 301 5.60 -7.93 73.46
CA ASP G 301 5.13 -6.91 72.50
C ASP G 301 5.04 -7.41 71.04
N VAL G 302 3.82 -7.74 70.61
CA VAL G 302 3.48 -7.73 69.19
C VAL G 302 2.23 -6.88 69.10
N GLN G 303 2.29 -5.79 68.33
CA GLN G 303 1.08 -5.02 67.97
C GLN G 303 0.38 -5.80 66.81
N PRO G 304 -0.98 -5.83 66.83
CA PRO G 304 -1.76 -6.42 65.75
C PRO G 304 -2.01 -5.36 64.69
N ALA G 305 -3.05 -5.53 63.86
CA ALA G 305 -3.56 -4.43 63.03
C ALA G 305 -4.44 -3.44 63.84
N ARG G 306 -4.75 -2.31 63.22
CA ARG G 306 -5.65 -1.34 63.81
C ARG G 306 -7.02 -2.02 63.89
N TYR G 307 -7.65 -1.96 65.07
CA TYR G 307 -8.99 -2.51 65.28
C TYR G 307 -9.04 -4.03 65.01
N HIS G 308 -7.98 -4.71 65.37
CA HIS G 308 -7.92 -6.16 65.24
C HIS G 308 -7.25 -6.69 66.47
N ILE G 309 -7.05 -8.00 66.50
CA ILE G 309 -6.30 -8.62 67.57
C ILE G 309 -5.43 -9.76 67.00
N ALA G 310 -4.24 -9.92 67.59
CA ALA G 310 -3.25 -10.92 67.17
C ALA G 310 -3.40 -12.24 67.90
N PHE G 311 -3.66 -12.16 69.20
CA PHE G 311 -3.85 -13.36 69.97
C PHE G 311 -5.23 -13.37 70.52
N GLY G 312 -6.03 -14.27 69.96
CA GLY G 312 -7.40 -14.46 70.39
C GLY G 312 -7.97 -15.72 69.77
N PRO G 313 -9.25 -16.00 70.05
CA PRO G 313 -9.91 -17.20 69.54
C PRO G 313 -9.87 -17.26 68.04
N VAL G 314 -9.92 -18.48 67.52
CA VAL G 314 -9.77 -18.72 66.11
C VAL G 314 -10.77 -19.77 65.69
N VAL G 315 -11.07 -19.78 64.39
CA VAL G 315 -11.85 -20.86 63.82
C VAL G 315 -10.94 -22.10 63.74
N ASP G 316 -11.04 -22.96 64.76
CA ASP G 316 -10.29 -24.22 64.82
C ASP G 316 -10.96 -25.38 64.06
N GLY G 317 -12.28 -25.49 64.22
CA GLY G 317 -13.06 -26.65 63.79
C GLY G 317 -13.25 -27.67 64.90
N ASP G 318 -13.62 -27.17 66.10
CA ASP G 318 -13.90 -28.01 67.29
C ASP G 318 -14.73 -27.19 68.33
N VAL G 319 -14.10 -26.19 68.95
CA VAL G 319 -14.77 -25.22 69.84
C VAL G 319 -15.29 -23.97 69.12
N VAL G 320 -14.89 -23.78 67.86
CA VAL G 320 -15.43 -22.74 67.00
C VAL G 320 -15.60 -23.34 65.59
N PRO G 321 -16.62 -24.18 65.39
CA PRO G 321 -16.83 -24.97 64.17
C PRO G 321 -16.66 -24.26 62.83
N ASP G 322 -17.10 -23.00 62.77
CA ASP G 322 -16.99 -22.18 61.56
C ASP G 322 -16.99 -20.70 61.97
N ASP G 323 -16.62 -19.82 61.03
CA ASP G 323 -16.73 -18.36 61.20
C ASP G 323 -17.98 -18.03 62.03
N PRO G 324 -17.81 -17.36 63.18
CA PRO G 324 -18.96 -17.02 64.03
C PRO G 324 -20.16 -16.46 63.26
N GLU G 325 -19.94 -15.44 62.42
CA GLU G 325 -21.05 -14.82 61.70
C GLU G 325 -21.80 -15.88 60.88
N ILE G 326 -21.07 -16.66 60.10
CA ILE G 326 -21.69 -17.73 59.31
C ILE G 326 -22.43 -18.73 60.21
N LEU G 327 -21.86 -19.09 61.36
CA LEU G 327 -22.55 -19.97 62.30
C LEU G 327 -23.85 -19.35 62.75
N MET G 328 -23.77 -18.10 63.20
CA MET G 328 -24.95 -17.39 63.63
C MET G 328 -26.03 -17.31 62.53
N GLN G 329 -25.62 -17.09 61.29
CA GLN G 329 -26.59 -16.99 60.18
C GLN G 329 -27.35 -18.26 59.96
N GLN G 330 -26.63 -19.37 59.82
CA GLN G 330 -27.24 -20.65 59.47
C GLN G 330 -27.96 -21.35 60.62
N GLY G 331 -27.83 -20.83 61.85
CA GLY G 331 -28.50 -21.42 63.01
C GLY G 331 -27.80 -22.66 63.54
N GLU G 332 -26.47 -22.58 63.67
CA GLU G 332 -25.63 -23.72 64.03
C GLU G 332 -25.16 -23.64 65.51
N PHE G 333 -26.17 -23.62 66.36
CA PHE G 333 -26.05 -23.47 67.81
C PHE G 333 -27.37 -23.94 68.44
N LEU G 334 -27.50 -23.82 69.76
CA LEU G 334 -28.80 -24.04 70.42
C LEU G 334 -29.20 -22.89 71.36
N ASN G 335 -30.47 -22.95 71.77
CA ASN G 335 -31.24 -21.77 72.16
C ASN G 335 -30.92 -21.31 73.57
N TYR G 336 -29.95 -20.42 73.71
CA TYR G 336 -29.58 -19.93 75.04
C TYR G 336 -30.28 -18.61 75.28
N ASP G 337 -30.81 -18.45 76.49
CA ASP G 337 -31.54 -17.25 76.88
C ASP G 337 -30.50 -16.15 76.93
N MET G 338 -30.60 -15.20 76.00
CA MET G 338 -29.60 -14.17 75.84
C MET G 338 -30.04 -12.86 76.45
N LEU G 339 -29.06 -12.05 76.81
CA LEU G 339 -29.32 -10.71 77.29
C LEU G 339 -28.15 -9.86 76.86
N ILE G 340 -28.28 -9.19 75.71
CA ILE G 340 -27.22 -8.36 75.18
C ILE G 340 -27.58 -6.92 75.41
N GLY G 341 -26.58 -6.10 75.63
CA GLY G 341 -26.76 -4.67 75.55
C GLY G 341 -25.51 -3.90 75.27
N VAL G 342 -25.62 -2.59 75.42
CA VAL G 342 -24.71 -1.65 74.80
C VAL G 342 -24.86 -0.29 75.46
N ASN G 343 -23.81 0.49 75.48
CA ASN G 343 -23.80 1.77 76.19
C ASN G 343 -23.78 2.91 75.20
N GLN G 344 -24.28 4.06 75.62
CA GLN G 344 -24.51 5.22 74.74
C GLN G 344 -23.35 5.48 73.80
N GLY G 345 -22.18 5.71 74.41
CA GLY G 345 -20.98 6.19 73.73
C GLY G 345 -19.77 5.36 74.12
N GLU G 346 -19.79 4.11 73.69
CA GLU G 346 -18.84 3.09 74.10
C GLU G 346 -17.39 3.51 73.95
N GLY G 347 -16.94 3.68 72.72
CA GLY G 347 -15.53 3.85 72.46
C GLY G 347 -15.10 5.28 72.65
N LEU G 348 -15.52 5.89 73.74
CA LEU G 348 -15.13 7.26 74.06
C LEU G 348 -13.66 7.47 73.75
N LYS G 349 -12.84 6.49 74.14
CA LYS G 349 -11.40 6.54 73.84
C LYS G 349 -11.09 6.91 72.38
N PHE G 350 -11.82 6.35 71.44
CA PHE G 350 -11.66 6.68 70.04
C PHE G 350 -11.52 8.17 69.77
N VAL G 351 -12.33 8.97 70.46
CA VAL G 351 -12.24 10.44 70.38
C VAL G 351 -11.40 11.12 71.46
N GLU G 352 -10.87 10.34 72.40
CA GLU G 352 -9.72 10.78 73.22
C GLU G 352 -8.45 11.05 72.35
N ASP G 353 -8.54 10.84 71.02
CA ASP G 353 -7.50 11.26 70.02
C ASP G 353 -7.11 12.78 70.01
N SER G 354 -8.09 13.68 69.89
CA SER G 354 -7.89 15.11 70.11
C SER G 354 -9.04 15.62 71.02
N ALA G 355 -9.15 14.97 72.20
CA ALA G 355 -10.19 15.28 73.21
C ALA G 355 -9.90 16.63 73.87
N GLU G 356 -8.75 16.73 74.51
CA GLU G 356 -8.25 18.01 75.03
C GLU G 356 -7.76 18.94 73.89
N SER G 357 -8.72 19.64 73.30
CA SER G 357 -8.48 20.68 72.31
C SER G 357 -9.54 21.79 72.47
N GLU G 358 -10.82 21.40 72.29
CA GLU G 358 -12.01 22.22 72.56
C GLU G 358 -12.11 23.63 71.91
N ASP G 359 -11.55 23.74 70.70
CA ASP G 359 -12.26 24.44 69.60
C ASP G 359 -13.23 23.38 69.01
N GLY G 360 -12.98 22.11 69.36
CA GLY G 360 -13.97 21.01 69.27
C GLY G 360 -13.28 19.68 69.00
N VAL G 361 -13.49 19.16 67.80
CA VAL G 361 -12.59 18.23 67.13
C VAL G 361 -12.51 18.76 65.71
N SER G 362 -11.28 18.82 65.20
CA SER G 362 -10.97 19.60 64.02
C SER G 362 -11.82 19.15 62.81
N ALA G 363 -12.15 20.13 61.96
CA ALA G 363 -12.89 19.89 60.73
C ALA G 363 -12.17 18.79 59.93
N SER G 364 -10.97 19.08 59.42
CA SER G 364 -10.29 18.17 58.52
C SER G 364 -9.64 16.96 59.19
N ALA G 365 -9.49 16.98 60.52
CA ALA G 365 -9.06 15.79 61.26
C ALA G 365 -10.17 14.73 61.28
N PHE G 366 -11.41 15.19 61.15
CA PHE G 366 -12.55 14.30 61.02
C PHE G 366 -12.39 13.41 59.79
N ASP G 367 -12.14 14.05 58.66
CA ASP G 367 -11.79 13.34 57.42
C ASP G 367 -10.73 12.30 57.73
N PHE G 368 -9.62 12.78 58.29
CA PHE G 368 -8.43 11.94 58.47
C PHE G 368 -8.80 10.65 59.19
N THR G 369 -9.26 10.78 60.43
CA THR G 369 -9.48 9.61 61.29
C THR G 369 -10.50 8.63 60.66
N VAL G 370 -11.42 9.15 59.87
CA VAL G 370 -12.33 8.32 59.10
C VAL G 370 -11.57 7.58 58.01
N SER G 371 -10.64 8.25 57.33
CA SER G 371 -9.89 7.59 56.27
C SER G 371 -9.20 6.36 56.79
N ASN G 372 -8.59 6.47 57.97
CA ASN G 372 -8.02 5.30 58.61
C ASN G 372 -9.09 4.34 59.13
N PHE G 373 -10.28 4.83 59.45
CA PHE G 373 -11.39 3.94 59.78
C PHE G 373 -11.65 3.01 58.61
N VAL G 374 -11.98 3.59 57.46
CA VAL G 374 -12.32 2.76 56.29
C VAL G 374 -11.19 1.85 55.86
N ASP G 375 -9.94 2.30 55.97
CA ASP G 375 -8.83 1.52 55.45
C ASP G 375 -8.53 0.24 56.26
N ASN G 376 -8.39 0.35 57.57
CA ASN G 376 -8.04 -0.84 58.37
C ASN G 376 -9.21 -1.80 58.59
N LEU G 377 -10.42 -1.34 58.25
CA LEU G 377 -11.64 -2.17 58.30
C LEU G 377 -12.10 -2.67 56.92
N TYR G 378 -12.59 -1.76 56.06
CA TYR G 378 -13.12 -2.12 54.73
C TYR G 378 -12.12 -1.94 53.57
N GLY G 379 -10.91 -1.50 53.89
CA GLY G 379 -9.96 -0.94 52.91
C GLY G 379 -9.36 -1.99 52.02
N TYR G 380 -10.16 -2.40 51.06
CA TYR G 380 -9.81 -3.49 50.15
C TYR G 380 -8.97 -3.09 48.88
N PRO G 381 -8.89 -1.80 48.44
CA PRO G 381 -9.87 -0.71 48.64
C PRO G 381 -10.27 -0.15 47.25
N GLU G 382 -10.62 -1.06 46.36
CA GLU G 382 -10.85 -0.77 44.93
C GLU G 382 -11.79 0.42 44.73
N GLY G 383 -12.88 0.48 45.50
CA GLY G 383 -13.82 1.60 45.45
C GLY G 383 -14.03 2.27 46.80
N LYS G 384 -12.96 2.38 47.57
CA LYS G 384 -13.03 2.93 48.94
C LYS G 384 -13.52 4.38 48.95
N ASP G 385 -12.93 5.23 48.10
CA ASP G 385 -13.21 6.68 48.10
C ASP G 385 -14.65 7.04 48.40
N VAL G 386 -15.57 6.36 47.74
CA VAL G 386 -17.00 6.49 48.02
C VAL G 386 -17.25 6.20 49.48
N LEU G 387 -16.90 4.99 49.87
CA LEU G 387 -17.18 4.48 51.21
C LEU G 387 -16.77 5.47 52.29
N ARG G 388 -15.64 6.13 52.11
CA ARG G 388 -15.19 7.12 53.11
C ARG G 388 -16.19 8.27 53.19
N GLU G 389 -16.39 8.94 52.07
CA GLU G 389 -17.19 10.17 52.01
C GLU G 389 -18.66 9.96 52.27
N THR G 390 -19.16 8.81 51.86
CA THR G 390 -20.54 8.47 52.15
C THR G 390 -20.71 8.10 53.64
N ILE G 391 -19.69 7.52 54.30
CA ILE G 391 -19.80 7.26 55.76
C ILE G 391 -19.49 8.49 56.58
N LYS G 392 -18.63 9.36 56.07
CA LYS G 392 -18.52 10.69 56.64
C LYS G 392 -19.90 11.30 56.70
N PHE G 393 -20.59 11.28 55.56
CA PHE G 393 -21.86 11.98 55.41
C PHE G 393 -22.85 11.62 56.50
N MET G 394 -23.08 10.33 56.70
CA MET G 394 -24.08 9.88 57.65
C MET G 394 -23.89 10.39 59.06
N TYR G 395 -22.64 10.63 59.43
CA TYR G 395 -22.33 11.08 60.77
C TYR G 395 -22.06 12.58 60.94
N THR G 396 -21.94 13.36 59.88
CA THR G 396 -21.77 14.79 60.05
C THR G 396 -23.15 15.42 60.23
N ASP G 397 -23.40 16.03 61.39
CA ASP G 397 -24.74 16.59 61.68
C ASP G 397 -24.95 17.87 60.90
N TRP G 398 -25.83 17.82 59.91
CA TRP G 398 -25.93 18.93 58.97
C TRP G 398 -26.70 20.13 59.53
N ALA G 399 -27.28 19.97 60.72
CA ALA G 399 -27.85 21.09 61.47
C ALA G 399 -26.80 22.20 61.65
N ASP G 400 -25.68 21.83 62.27
CA ASP G 400 -24.51 22.73 62.43
C ASP G 400 -23.29 22.10 61.76
N ARG G 401 -23.06 22.54 60.53
CA ARG G 401 -21.95 22.10 59.72
C ARG G 401 -20.62 22.45 60.43
N ASP G 402 -20.57 23.62 61.06
CA ASP G 402 -19.33 24.23 61.51
C ASP G 402 -18.87 23.86 62.92
N ASN G 403 -19.79 23.42 63.78
CA ASN G 403 -19.45 23.07 65.18
C ASN G 403 -18.60 21.80 65.28
N GLY G 404 -17.42 21.95 65.87
CA GLY G 404 -16.52 20.85 66.11
C GLY G 404 -17.10 19.81 67.08
N GLU G 405 -17.78 20.27 68.13
CA GLU G 405 -18.35 19.34 69.11
C GLU G 405 -19.31 18.35 68.45
N MET G 406 -20.21 18.86 67.63
CA MET G 406 -21.20 18.03 66.94
C MET G 406 -20.60 17.51 65.60
N ARG G 407 -19.29 17.28 65.64
CA ARG G 407 -18.62 16.21 64.93
C ARG G 407 -18.08 15.25 65.98
N ARG G 408 -17.27 15.74 66.92
CA ARG G 408 -16.71 14.88 67.96
C ARG G 408 -17.76 13.91 68.45
N LYS G 409 -18.87 14.47 68.92
CA LYS G 409 -20.01 13.68 69.41
C LYS G 409 -20.23 12.52 68.48
N THR G 410 -20.38 12.89 67.21
CA THR G 410 -20.79 11.98 66.17
C THR G 410 -19.72 10.96 65.85
N LEU G 411 -18.48 11.40 65.84
CA LEU G 411 -17.40 10.49 65.59
C LEU G 411 -17.45 9.39 66.65
N LEU G 412 -17.71 9.76 67.92
CA LEU G 412 -17.87 8.78 69.00
C LEU G 412 -18.94 7.81 68.60
N ALA G 413 -20.09 8.34 68.26
CA ALA G 413 -21.17 7.52 67.77
C ALA G 413 -20.70 6.62 66.62
N LEU G 414 -20.07 7.19 65.60
CA LEU G 414 -19.66 6.42 64.43
C LEU G 414 -18.99 5.16 64.89
N PHE G 415 -17.94 5.36 65.68
CA PHE G 415 -17.13 4.24 66.11
C PHE G 415 -17.95 3.31 66.98
N THR G 416 -18.63 3.89 67.96
CA THR G 416 -19.58 3.21 68.80
C THR G 416 -20.46 2.28 67.99
N ASP G 417 -21.13 2.86 67.01
CA ASP G 417 -22.08 2.12 66.21
C ASP G 417 -21.46 0.90 65.61
N HIS G 418 -20.34 1.10 64.90
CA HIS G 418 -19.75 0.01 64.13
C HIS G 418 -19.16 -1.13 64.96
N GLN G 419 -18.53 -0.78 66.09
CA GLN G 419 -17.76 -1.75 66.87
C GLN G 419 -18.49 -2.39 68.05
N TRP G 420 -19.79 -2.12 68.18
CA TRP G 420 -20.62 -2.77 69.21
C TRP G 420 -22.09 -2.80 68.79
N VAL G 421 -22.64 -1.60 68.62
CA VAL G 421 -24.06 -1.40 68.56
C VAL G 421 -24.63 -2.27 67.49
N ALA G 422 -24.19 -2.05 66.26
CA ALA G 422 -24.79 -2.74 65.14
C ALA G 422 -24.60 -4.24 65.32
N PRO G 423 -23.34 -4.72 65.31
CA PRO G 423 -23.12 -6.14 65.54
C PRO G 423 -24.08 -6.76 66.55
N ALA G 424 -24.17 -6.14 67.73
CA ALA G 424 -25.01 -6.63 68.81
C ALA G 424 -26.45 -6.84 68.35
N VAL G 425 -27.01 -5.85 67.66
CA VAL G 425 -28.34 -6.00 67.13
C VAL G 425 -28.34 -7.27 66.25
N ALA G 426 -27.51 -7.30 65.21
CA ALA G 426 -27.59 -8.39 64.23
C ALA G 426 -27.46 -9.76 64.86
N THR G 427 -26.65 -9.88 65.93
CA THR G 427 -26.59 -11.15 66.65
C THR G 427 -27.95 -11.47 67.24
N ALA G 428 -28.51 -10.51 67.99
CA ALA G 428 -29.83 -10.67 68.57
C ALA G 428 -30.80 -11.09 67.50
N LYS G 429 -30.87 -10.27 66.45
CA LYS G 429 -31.77 -10.52 65.31
C LYS G 429 -31.75 -12.00 64.92
N LEU G 430 -30.55 -12.57 64.81
CA LEU G 430 -30.42 -13.98 64.44
C LEU G 430 -30.85 -14.93 65.54
N HIS G 431 -30.42 -14.65 66.76
CA HIS G 431 -30.74 -15.53 67.87
C HIS G 431 -32.24 -15.53 68.19
N ALA G 432 -32.95 -14.49 67.79
CA ALA G 432 -34.41 -14.47 67.92
C ALA G 432 -35.13 -14.86 66.62
N ASP G 433 -34.46 -14.74 65.48
CA ASP G 433 -34.98 -15.33 64.22
C ASP G 433 -35.03 -16.86 64.32
N TYR G 434 -34.15 -17.47 65.14
CA TYR G 434 -34.19 -18.91 65.47
C TYR G 434 -34.84 -19.22 66.82
N GLN G 435 -35.41 -18.21 67.46
CA GLN G 435 -36.28 -18.37 68.59
C GLN G 435 -35.55 -18.94 69.81
N SER G 436 -34.43 -18.33 70.13
CA SER G 436 -33.97 -18.25 71.51
C SER G 436 -34.70 -17.04 72.05
N PRO G 437 -35.28 -17.14 73.26
CA PRO G 437 -35.82 -15.93 73.82
C PRO G 437 -34.65 -15.05 74.24
N VAL G 438 -34.80 -13.74 74.05
CA VAL G 438 -33.69 -12.82 74.22
C VAL G 438 -34.19 -11.39 74.47
N TYR G 439 -33.51 -10.69 75.36
CA TYR G 439 -33.86 -9.35 75.76
C TYR G 439 -32.68 -8.45 75.49
N PHE G 440 -32.95 -7.18 75.16
CA PHE G 440 -31.92 -6.22 74.72
C PHE G 440 -31.88 -4.99 75.63
N TYR G 441 -30.72 -4.35 75.77
CA TYR G 441 -30.64 -3.09 76.53
C TYR G 441 -29.67 -2.06 75.96
N THR G 442 -29.83 -0.84 76.47
CA THR G 442 -28.88 0.25 76.27
C THR G 442 -28.58 0.84 77.63
N PHE G 443 -27.31 1.07 77.94
CA PHE G 443 -26.92 1.66 79.23
C PHE G 443 -26.52 3.10 79.09
N TYR G 444 -27.03 3.95 79.97
CA TYR G 444 -26.90 5.41 79.88
C TYR G 444 -26.52 6.06 81.22
N HIS G 445 -25.38 5.67 81.80
CA HIS G 445 -24.95 6.32 83.05
C HIS G 445 -23.48 6.21 83.49
N HIS G 446 -22.80 7.36 83.51
CA HIS G 446 -21.52 7.58 84.20
C HIS G 446 -21.74 7.87 85.70
N CYS G 447 -20.67 8.17 86.41
CA CYS G 447 -20.72 8.79 87.75
C CYS G 447 -19.35 9.46 87.92
N GLN G 448 -19.30 10.78 87.90
CA GLN G 448 -18.07 11.42 87.42
C GLN G 448 -17.01 11.60 88.53
N ALA G 449 -15.78 11.22 88.17
CA ALA G 449 -14.55 11.71 88.78
C ALA G 449 -13.86 12.68 87.77
N GLU G 450 -13.54 12.19 86.58
CA GLU G 450 -12.80 12.94 85.54
C GLU G 450 -13.09 12.45 84.12
N ASP G 457 -21.47 11.29 79.42
CA ASP G 457 -21.43 10.38 78.24
C ASP G 457 -20.96 8.97 78.70
N ALA G 458 -21.87 8.00 78.64
CA ALA G 458 -21.64 6.69 79.27
C ALA G 458 -20.70 5.83 78.45
N ALA G 459 -19.51 5.56 78.99
CA ALA G 459 -18.45 4.90 78.25
C ALA G 459 -18.43 3.40 78.47
N HIS G 460 -17.73 2.69 77.59
CA HIS G 460 -17.57 1.24 77.68
C HIS G 460 -17.01 0.89 79.05
N GLY G 461 -17.67 -0.05 79.71
CA GLY G 461 -17.23 -0.50 81.02
C GLY G 461 -18.06 0.11 82.12
N ASP G 462 -18.39 1.39 82.02
CA ASP G 462 -19.11 2.08 83.10
C ASP G 462 -20.39 1.37 83.61
N GLU G 463 -20.95 0.40 82.87
CA GLU G 463 -22.05 -0.42 83.37
C GLU G 463 -21.68 -1.38 84.50
N LEU G 464 -20.40 -1.76 84.58
CA LEU G 464 -19.97 -2.79 85.52
C LEU G 464 -20.25 -2.52 87.00
N PRO G 465 -19.70 -1.43 87.57
CA PRO G 465 -19.86 -1.25 89.01
C PRO G 465 -21.32 -1.33 89.45
N TYR G 466 -22.22 -0.89 88.58
CA TYR G 466 -23.64 -0.98 88.83
C TYR G 466 -24.07 -2.43 88.86
N VAL G 467 -23.61 -3.23 87.89
CA VAL G 467 -23.91 -4.67 87.88
C VAL G 467 -23.33 -5.38 89.11
N PHE G 468 -22.09 -5.05 89.47
CA PHE G 468 -21.44 -5.64 90.65
C PHE G 468 -21.65 -4.87 91.96
N GLY G 469 -22.62 -3.95 91.97
CA GLY G 469 -23.15 -3.36 93.20
C GLY G 469 -22.26 -2.43 93.96
N VAL G 470 -21.20 -1.96 93.31
CA VAL G 470 -20.17 -1.18 93.97
C VAL G 470 -20.66 0.19 94.49
N PRO G 471 -21.78 0.71 93.97
CA PRO G 471 -22.38 1.89 94.61
C PRO G 471 -22.89 1.67 96.03
N MET G 472 -23.15 0.42 96.37
CA MET G 472 -23.73 0.11 97.66
C MET G 472 -22.67 0.02 98.76
N VAL G 473 -21.41 -0.22 98.40
CA VAL G 473 -20.30 -0.27 99.39
C VAL G 473 -19.53 1.06 99.57
N GLY G 474 -19.58 1.92 98.55
CA GLY G 474 -18.81 3.17 98.52
C GLY G 474 -17.62 3.04 97.57
N ALA G 475 -16.97 4.18 97.30
CA ALA G 475 -15.91 4.26 96.28
C ALA G 475 -14.74 3.32 96.58
N THR G 476 -14.53 2.34 95.70
CA THR G 476 -13.33 1.52 95.72
C THR G 476 -12.24 2.21 94.90
N ASP G 477 -11.03 1.65 94.93
CA ASP G 477 -9.84 2.25 94.28
C ASP G 477 -9.95 2.50 92.77
N LEU G 478 -10.63 1.60 92.06
CA LEU G 478 -10.81 1.71 90.60
C LEU G 478 -12.22 2.22 90.19
N PHE G 479 -12.97 2.77 91.16
CA PHE G 479 -14.27 3.40 90.92
C PHE G 479 -14.42 4.63 91.84
N PRO G 480 -13.81 5.77 91.46
CA PRO G 480 -13.72 6.86 92.43
C PRO G 480 -15.00 7.68 92.71
N CYS G 481 -16.15 7.33 92.12
CA CYS G 481 -17.21 8.33 91.92
C CYS G 481 -18.06 8.78 93.16
N ASN G 482 -18.51 10.04 93.12
CA ASN G 482 -19.63 10.54 93.94
C ASN G 482 -20.84 9.68 93.61
N PHE G 483 -21.05 8.61 94.36
CA PHE G 483 -22.20 7.74 94.17
C PHE G 483 -23.47 8.40 94.73
N SER G 484 -24.30 8.96 93.86
CA SER G 484 -25.54 9.63 94.28
C SER G 484 -26.62 8.66 94.77
N LYS G 485 -27.46 9.17 95.67
CA LYS G 485 -28.72 8.53 96.07
C LYS G 485 -29.32 7.81 94.87
N ASN G 486 -29.40 8.52 93.73
CA ASN G 486 -29.82 7.92 92.48
C ASN G 486 -28.90 6.77 92.05
N ASP G 487 -27.60 7.05 91.93
CA ASP G 487 -26.66 6.03 91.48
C ASP G 487 -26.90 4.68 92.15
N VAL G 488 -27.32 4.68 93.41
CA VAL G 488 -27.70 3.45 94.08
C VAL G 488 -28.94 2.83 93.43
N MET G 489 -30.07 3.55 93.43
CA MET G 489 -31.30 3.05 92.78
C MET G 489 -30.97 2.27 91.52
N LEU G 490 -30.08 2.83 90.70
CA LEU G 490 -29.68 2.20 89.46
C LEU G 490 -28.98 0.86 89.64
N SER G 491 -28.08 0.79 90.63
CA SER G 491 -27.41 -0.46 90.94
C SER G 491 -28.40 -1.55 91.34
N ALA G 492 -29.33 -1.20 92.23
CA ALA G 492 -30.38 -2.13 92.66
C ALA G 492 -31.10 -2.67 91.42
N VAL G 493 -31.72 -1.76 90.68
CA VAL G 493 -32.52 -2.14 89.50
C VAL G 493 -31.75 -3.03 88.51
N VAL G 494 -30.50 -2.72 88.20
CA VAL G 494 -29.76 -3.58 87.26
C VAL G 494 -29.59 -4.97 87.86
N MET G 495 -29.22 -5.03 89.13
CA MET G 495 -28.97 -6.32 89.77
C MET G 495 -30.26 -7.14 89.83
N THR G 496 -31.33 -6.49 90.30
CA THR G 496 -32.62 -7.14 90.34
C THR G 496 -32.96 -7.74 88.97
N TYR G 497 -32.81 -6.94 87.90
CA TYR G 497 -33.04 -7.45 86.53
C TYR G 497 -32.11 -8.64 86.27
N TRP G 498 -30.80 -8.37 86.29
CA TRP G 498 -29.78 -9.37 85.93
C TRP G 498 -29.95 -10.70 86.67
N THR G 499 -30.24 -10.62 87.96
CA THR G 499 -30.33 -11.81 88.80
C THR G 499 -31.55 -12.61 88.43
N ASN G 500 -32.70 -11.97 88.49
CA ASN G 500 -33.94 -12.56 88.03
C ASN G 500 -33.75 -13.34 86.74
N PHE G 501 -33.02 -12.73 85.82
CA PHE G 501 -32.77 -13.34 84.52
C PHE G 501 -32.10 -14.71 84.64
N ALA G 502 -31.14 -14.85 85.54
CA ALA G 502 -30.52 -16.16 85.80
C ALA G 502 -31.53 -17.19 86.32
N LYS G 503 -32.44 -16.71 87.17
CA LYS G 503 -33.41 -17.55 87.86
C LYS G 503 -34.49 -18.11 86.92
N THR G 504 -34.97 -17.29 85.98
CA THR G 504 -36.05 -17.68 85.04
C THR G 504 -35.72 -17.69 83.55
N GLY G 505 -34.82 -16.80 83.14
CA GLY G 505 -34.72 -16.43 81.72
C GLY G 505 -35.76 -15.39 81.39
N ASP G 506 -36.13 -14.60 82.40
CA ASP G 506 -36.95 -13.42 82.21
C ASP G 506 -36.50 -12.40 83.24
N PRO G 507 -35.92 -11.29 82.78
CA PRO G 507 -35.35 -10.34 83.72
C PRO G 507 -36.42 -9.67 84.55
N ASN G 508 -37.44 -9.11 83.89
CA ASN G 508 -38.45 -8.35 84.62
C ASN G 508 -39.34 -9.21 85.52
N GLN G 509 -39.23 -10.53 85.42
CA GLN G 509 -39.99 -11.45 86.27
C GLN G 509 -39.04 -12.02 87.35
N PRO G 510 -39.49 -12.97 88.18
CA PRO G 510 -39.24 -13.09 89.61
C PRO G 510 -39.36 -11.81 90.46
N VAL G 511 -38.27 -11.28 91.00
CA VAL G 511 -38.32 -10.09 91.86
C VAL G 511 -38.77 -8.86 91.07
N PRO G 512 -39.92 -8.25 91.42
CA PRO G 512 -40.38 -7.12 90.64
C PRO G 512 -39.61 -5.89 91.04
N GLN G 513 -39.72 -4.85 90.23
CA GLN G 513 -38.90 -3.67 90.40
C GLN G 513 -39.30 -2.83 91.58
N ASP G 514 -38.42 -2.72 92.56
CA ASP G 514 -38.59 -1.86 93.73
C ASP G 514 -37.25 -1.24 94.14
N THR G 515 -37.31 0.01 94.60
CA THR G 515 -36.17 0.81 95.08
C THR G 515 -36.65 1.90 96.09
N LYS G 516 -37.42 1.47 97.10
CA LYS G 516 -37.90 2.35 98.20
C LYS G 516 -37.37 1.96 99.60
N PHE G 517 -36.29 1.16 99.65
CA PHE G 517 -35.69 0.73 100.94
C PHE G 517 -34.70 1.79 101.47
N PRO G 522 -39.98 8.31 93.14
CA PRO G 522 -40.28 6.97 93.63
C PRO G 522 -39.34 5.93 93.02
N ASN G 523 -39.69 4.64 93.14
CA ASN G 523 -39.18 3.57 92.26
C ASN G 523 -39.58 3.88 90.79
N ARG G 524 -38.59 4.36 90.02
CA ARG G 524 -38.86 4.87 88.66
C ARG G 524 -39.09 3.78 87.59
N PHE G 525 -38.79 2.53 87.91
CA PHE G 525 -38.89 1.39 86.99
C PHE G 525 -40.17 0.53 87.18
N GLU G 526 -41.00 0.90 88.16
CA GLU G 526 -42.32 0.27 88.46
C GLU G 526 -43.22 0.04 87.22
N GLU G 527 -43.52 1.12 86.50
CA GLU G 527 -44.51 1.15 85.38
C GLU G 527 -44.07 0.49 84.02
N VAL G 528 -42.98 -0.29 84.04
CA VAL G 528 -42.24 -0.63 82.84
C VAL G 528 -41.90 -2.09 82.79
N VAL G 529 -42.16 -2.70 81.64
CA VAL G 529 -41.96 -4.12 81.44
C VAL G 529 -40.96 -4.30 80.31
N TRP G 530 -39.95 -5.12 80.53
CA TRP G 530 -38.91 -5.37 79.53
C TRP G 530 -39.46 -6.32 78.49
N SER G 531 -40.03 -5.79 77.43
CA SER G 531 -40.59 -6.64 76.38
C SER G 531 -39.47 -7.50 75.78
N LYS G 532 -39.86 -8.64 75.21
CA LYS G 532 -38.89 -9.51 74.57
C LYS G 532 -38.42 -8.85 73.28
N PHE G 533 -37.15 -9.04 72.94
CA PHE G 533 -36.63 -8.62 71.65
C PHE G 533 -37.15 -9.55 70.57
N ASN G 534 -37.30 -9.01 69.36
CA ASN G 534 -37.54 -9.83 68.17
C ASN G 534 -36.95 -9.17 66.94
N SER G 535 -37.01 -9.86 65.81
CA SER G 535 -36.46 -9.33 64.55
C SER G 535 -37.21 -8.10 64.07
N LYS G 536 -38.54 -8.09 64.25
CA LYS G 536 -39.39 -6.97 63.80
C LYS G 536 -39.22 -5.74 64.72
N GLU G 537 -40.11 -5.52 65.70
CA GLU G 537 -40.07 -4.27 66.49
C GLU G 537 -38.96 -4.42 67.52
N LYS G 538 -37.77 -3.91 67.24
CA LYS G 538 -36.55 -4.23 68.02
C LYS G 538 -36.62 -3.66 69.44
N GLN G 539 -37.57 -4.19 70.22
CA GLN G 539 -37.94 -3.65 71.52
C GLN G 539 -36.81 -3.89 72.51
N TYR G 540 -36.34 -2.82 73.14
CA TYR G 540 -35.22 -2.86 74.05
C TYR G 540 -35.46 -1.97 75.25
N LEU G 541 -34.72 -2.22 76.32
CA LEU G 541 -34.81 -1.42 77.54
C LEU G 541 -33.74 -0.32 77.62
N HIS G 542 -34.19 0.92 77.74
CA HIS G 542 -33.32 2.07 77.97
C HIS G 542 -33.02 2.00 79.46
N ILE G 543 -31.79 1.64 79.82
CA ILE G 543 -31.36 1.73 81.21
C ILE G 543 -31.09 3.21 81.44
N GLY G 544 -31.21 3.65 82.68
CA GLY G 544 -30.83 5.00 83.06
C GLY G 544 -31.71 5.54 84.15
N LEU G 545 -31.62 6.84 84.36
CA LEU G 545 -32.49 7.48 85.33
C LEU G 545 -33.91 7.55 84.78
N LYS G 546 -34.01 7.75 83.46
CA LYS G 546 -35.29 7.69 82.71
C LYS G 546 -35.41 6.31 82.01
N PRO G 547 -35.86 5.25 82.74
CA PRO G 547 -36.00 3.96 82.07
C PRO G 547 -37.28 3.79 81.28
N ARG G 548 -37.22 3.03 80.20
CA ARG G 548 -38.40 2.68 79.43
C ARG G 548 -38.10 1.68 78.34
N VAL G 549 -39.15 1.27 77.66
CA VAL G 549 -39.04 0.46 76.47
C VAL G 549 -38.97 1.43 75.30
N ARG G 550 -38.07 1.23 74.35
CA ARG G 550 -38.18 1.87 73.03
C ARG G 550 -38.03 0.82 71.95
N ASP G 551 -38.23 1.22 70.69
CA ASP G 551 -38.17 0.30 69.56
C ASP G 551 -37.13 0.73 68.53
N ASN G 552 -36.45 -0.26 67.95
CA ASN G 552 -35.45 -0.08 66.89
C ASN G 552 -34.31 0.83 67.31
N TYR G 553 -33.39 0.36 68.16
CA TYR G 553 -32.32 1.26 68.64
C TYR G 553 -31.56 1.74 67.42
N ARG G 554 -31.52 3.06 67.24
CA ARG G 554 -30.62 3.66 66.27
C ARG G 554 -30.75 3.08 64.87
N ALA G 555 -31.90 2.49 64.55
CA ALA G 555 -31.98 1.59 63.39
C ALA G 555 -31.39 2.22 62.11
N ASN G 556 -31.67 3.51 61.88
CA ASN G 556 -31.09 4.18 60.72
C ASN G 556 -29.62 3.85 60.51
N LYS G 557 -28.80 4.04 61.54
CA LYS G 557 -27.36 3.80 61.42
C LYS G 557 -27.08 2.30 61.40
N VAL G 558 -27.70 1.56 62.31
CA VAL G 558 -27.67 0.11 62.28
C VAL G 558 -27.63 -0.39 60.86
N ALA G 559 -28.61 0.05 60.07
CA ALA G 559 -28.82 -0.45 58.73
C ALA G 559 -27.68 -0.07 57.80
N PHE G 560 -27.27 1.18 57.86
CA PHE G 560 -26.17 1.66 57.06
C PHE G 560 -25.01 0.68 57.08
N TRP G 561 -24.67 0.23 58.29
CA TRP G 561 -23.57 -0.70 58.49
C TRP G 561 -23.90 -2.16 58.21
N LEU G 562 -25.13 -2.56 58.49
CA LEU G 562 -25.55 -3.93 58.28
C LEU G 562 -26.03 -4.22 56.84
N GLU G 563 -26.62 -3.24 56.18
CA GLU G 563 -27.37 -3.47 54.94
C GLU G 563 -26.74 -2.87 53.72
N LEU G 564 -26.32 -1.60 53.80
CA LEU G 564 -25.78 -0.92 52.62
C LEU G 564 -24.30 -1.14 52.41
N VAL G 565 -23.52 -0.82 53.44
CA VAL G 565 -22.08 -0.65 53.24
C VAL G 565 -21.33 -1.89 52.73
N PRO G 566 -21.55 -3.09 53.31
CA PRO G 566 -20.76 -4.19 52.77
C PRO G 566 -21.15 -4.50 51.33
N HIS G 567 -22.37 -4.16 50.94
CA HIS G 567 -22.83 -4.38 49.57
C HIS G 567 -22.27 -3.35 48.56
N LEU G 568 -21.47 -2.37 48.99
CA LEU G 568 -20.83 -1.45 48.03
C LEU G 568 -19.82 -2.19 47.13
N HIS G 569 -18.98 -2.99 47.76
CA HIS G 569 -18.04 -3.86 47.05
C HIS G 569 -18.44 -5.33 47.10
N PRO H 5 54.46 -38.18 -87.04
CA PRO H 5 54.42 -36.77 -86.68
C PRO H 5 55.28 -35.81 -87.55
N ALA H 6 54.81 -34.55 -87.68
CA ALA H 6 55.54 -33.42 -88.32
C ALA H 6 55.70 -32.27 -87.31
N GLN H 7 56.92 -32.11 -86.77
CA GLN H 7 57.17 -31.29 -85.55
C GLN H 7 57.71 -29.86 -85.85
N ALA H 8 57.77 -29.06 -84.78
CA ALA H 8 58.46 -27.77 -84.75
C ALA H 8 58.78 -27.36 -83.31
N GLN H 9 59.87 -26.62 -83.13
CA GLN H 9 60.32 -26.17 -81.81
C GLN H 9 61.28 -24.97 -81.93
N ILE H 10 60.88 -23.86 -81.28
CA ILE H 10 61.55 -22.55 -81.51
C ILE H 10 62.73 -22.35 -80.54
N VAL H 11 63.80 -21.74 -81.06
CA VAL H 11 64.90 -21.22 -80.24
C VAL H 11 65.19 -19.77 -80.66
N HIS H 12 65.52 -18.93 -79.68
CA HIS H 12 65.88 -17.51 -79.91
C HIS H 12 67.23 -17.29 -80.61
N ALA H 13 67.37 -16.11 -81.20
CA ALA H 13 68.66 -15.57 -81.58
C ALA H 13 68.52 -14.04 -81.56
N GLY H 14 69.39 -13.31 -82.27
CA GLY H 14 69.28 -11.85 -82.32
C GLY H 14 69.83 -11.19 -81.06
N GLN H 15 68.96 -10.51 -80.31
CA GLN H 15 69.39 -9.77 -79.10
C GLN H 15 68.37 -9.86 -77.94
N ALA H 16 68.35 -11.01 -77.25
CA ALA H 16 67.59 -11.19 -75.99
C ALA H 16 68.32 -10.53 -74.83
N CYS H 17 67.76 -10.62 -73.63
CA CYS H 17 68.31 -9.84 -72.50
C CYS H 17 68.48 -10.59 -71.15
N VAL H 18 67.40 -11.00 -70.50
CA VAL H 18 67.48 -11.81 -69.24
C VAL H 18 66.37 -12.89 -69.23
N VAL H 19 66.61 -13.98 -69.98
CA VAL H 19 65.56 -14.94 -70.48
C VAL H 19 64.74 -15.77 -69.40
N LYS H 20 63.43 -15.91 -69.64
CA LYS H 20 62.43 -16.63 -68.79
C LYS H 20 61.25 -17.17 -69.64
N GLU H 21 60.75 -18.34 -69.24
CA GLU H 21 59.93 -19.16 -70.13
C GLU H 21 59.05 -20.11 -69.28
N ASP H 22 58.52 -21.18 -69.89
CA ASP H 22 57.66 -22.17 -69.21
C ASP H 22 57.87 -23.63 -69.73
N ASN H 23 56.99 -24.55 -69.31
CA ASN H 23 57.03 -26.02 -69.62
C ASN H 23 57.16 -26.47 -71.12
N ILE H 24 56.72 -25.65 -72.09
CA ILE H 24 56.70 -26.04 -73.53
C ILE H 24 57.95 -25.52 -74.31
N SER H 25 58.04 -24.20 -74.57
CA SER H 25 59.28 -23.55 -75.07
C SER H 25 59.32 -22.07 -74.56
N GLU H 26 60.15 -21.20 -75.17
CA GLU H 26 60.21 -19.76 -74.80
C GLU H 26 58.86 -19.03 -74.92
N ARG H 27 58.22 -18.80 -73.79
CA ARG H 27 57.02 -17.96 -73.76
C ARG H 27 57.35 -16.56 -74.27
N VAL H 28 58.43 -15.99 -73.76
CA VAL H 28 58.83 -14.60 -73.97
C VAL H 28 60.08 -14.50 -74.83
N TYR H 29 60.07 -13.55 -75.77
CA TYR H 29 61.28 -13.10 -76.45
C TYR H 29 61.34 -11.59 -76.31
N THR H 30 62.06 -11.16 -75.29
CA THR H 30 62.24 -9.74 -75.02
C THR H 30 63.29 -9.19 -75.98
N ILE H 31 63.05 -8.00 -76.50
CA ILE H 31 64.00 -7.29 -77.37
C ILE H 31 63.86 -5.77 -77.22
N ARG H 32 64.96 -5.05 -77.39
CA ARG H 32 64.96 -3.59 -77.31
C ARG H 32 64.64 -2.97 -78.68
N GLU H 33 64.16 -1.72 -78.68
CA GLU H 33 63.86 -0.99 -79.92
C GLU H 33 65.14 -0.43 -80.52
N GLY H 34 65.34 -0.70 -81.82
CA GLY H 34 66.59 -0.35 -82.53
C GLY H 34 67.54 -1.51 -82.82
N ASP H 35 67.34 -2.63 -82.12
CA ASP H 35 68.16 -3.86 -82.26
C ASP H 35 67.72 -4.69 -83.48
N THR H 36 68.23 -5.92 -83.58
CA THR H 36 67.83 -6.88 -84.60
C THR H 36 67.23 -8.12 -83.95
N LEU H 37 66.20 -8.69 -84.60
CA LEU H 37 65.52 -9.90 -84.16
C LEU H 37 65.90 -11.08 -85.04
N MET H 38 66.04 -12.27 -84.44
CA MET H 38 66.15 -13.54 -85.19
C MET H 38 65.56 -14.72 -84.40
N LEU H 39 64.49 -15.31 -84.92
CA LEU H 39 63.83 -16.47 -84.29
C LEU H 39 63.88 -17.68 -85.24
N GLN H 40 64.68 -18.68 -84.87
CA GLN H 40 64.91 -19.87 -85.70
C GLN H 40 63.95 -20.99 -85.28
N CYS H 41 63.17 -21.48 -86.25
CA CYS H 41 62.12 -22.47 -85.96
C CYS H 41 62.46 -23.84 -86.54
N LEU H 42 62.83 -24.78 -85.67
CA LEU H 42 63.30 -26.12 -86.10
C LEU H 42 62.19 -27.00 -86.69
N VAL H 43 62.58 -28.12 -87.30
CA VAL H 43 61.66 -29.06 -87.97
C VAL H 43 62.08 -30.53 -87.85
N THR H 44 61.08 -31.44 -87.86
CA THR H 44 61.28 -32.90 -88.07
C THR H 44 60.15 -33.47 -89.03
N GLY H 45 60.51 -34.42 -89.91
CA GLY H 45 59.56 -34.99 -90.89
C GLY H 45 60.17 -35.85 -91.98
N ARG H 48 60.85 -33.84 -95.15
CA ARG H 48 60.95 -32.64 -94.32
C ARG H 48 59.75 -31.72 -94.52
N PRO H 49 59.43 -30.89 -93.49
CA PRO H 49 58.35 -29.88 -93.59
C PRO H 49 58.76 -28.50 -94.16
N GLN H 50 57.75 -27.64 -94.34
CA GLN H 50 57.89 -26.25 -94.84
C GLN H 50 57.45 -25.20 -93.78
N VAL H 51 58.43 -24.47 -93.24
CA VAL H 51 58.24 -23.54 -92.10
C VAL H 51 57.37 -22.31 -92.47
N ARG H 52 56.63 -21.77 -91.49
CA ARG H 52 55.61 -20.71 -91.69
C ARG H 52 55.45 -19.70 -90.54
N TRP H 53 56.12 -18.55 -90.65
CA TRP H 53 55.97 -17.43 -89.68
C TRP H 53 54.77 -16.53 -90.02
N THR H 54 54.04 -16.04 -89.03
CA THR H 54 52.71 -15.41 -89.26
C THR H 54 52.11 -14.62 -88.05
N LYS H 55 51.46 -13.48 -88.32
CA LYS H 55 50.51 -12.82 -87.38
C LYS H 55 49.51 -11.94 -88.17
N GLU H 66 50.05 -12.84 -94.09
CA GLU H 66 50.03 -13.55 -95.36
C GLU H 66 50.97 -14.79 -95.40
N THR H 67 51.21 -15.37 -94.20
CA THR H 67 52.16 -16.51 -93.92
C THR H 67 53.57 -16.47 -94.63
N SER H 68 54.56 -15.81 -94.00
CA SER H 68 55.98 -15.74 -94.50
C SER H 68 56.67 -17.12 -94.45
N VAL H 69 57.15 -17.62 -95.60
CA VAL H 69 57.80 -18.97 -95.70
C VAL H 69 59.36 -18.89 -95.54
N PHE H 70 59.83 -17.97 -94.69
CA PHE H 70 61.21 -17.92 -94.16
C PHE H 70 61.37 -19.08 -93.20
N GLU H 72 63.63 -20.72 -92.83
CA GLU H 72 63.28 -21.27 -91.53
C GLU H 72 63.23 -20.22 -90.41
N THR H 73 63.95 -19.10 -90.62
CA THR H 73 64.30 -18.12 -89.58
C THR H 73 63.69 -16.73 -89.87
N LEU H 74 62.90 -16.21 -88.91
CA LEU H 74 62.37 -14.84 -89.00
C LEU H 74 63.45 -13.82 -88.67
N ARG H 75 63.34 -12.63 -89.24
CA ARG H 75 64.34 -11.60 -89.05
C ARG H 75 63.77 -10.20 -89.31
N ILE H 76 64.01 -9.27 -88.38
CA ILE H 76 63.64 -7.85 -88.57
C ILE H 76 64.77 -6.93 -88.06
N GLU H 77 65.31 -6.11 -88.97
CA GLU H 77 66.33 -5.10 -88.62
C GLU H 77 65.66 -3.88 -88.00
N ARG H 78 66.30 -3.29 -86.99
CA ARG H 78 65.82 -2.07 -86.33
C ARG H 78 64.37 -2.20 -85.84
N ILE H 79 64.12 -3.18 -84.99
CA ILE H 79 62.75 -3.52 -84.60
C ILE H 79 62.04 -2.37 -83.86
N ALA H 80 60.81 -2.09 -84.28
CA ALA H 80 60.00 -0.99 -83.73
C ALA H 80 58.91 -1.51 -82.77
N ARG H 81 58.39 -0.59 -81.95
CA ARG H 81 57.28 -0.87 -81.02
C ARG H 81 56.05 -1.52 -81.68
N THR H 82 55.74 -1.05 -82.89
CA THR H 82 54.60 -1.51 -83.67
C THR H 82 54.75 -2.92 -84.29
N GLN H 83 55.98 -3.44 -84.31
CA GLN H 83 56.25 -4.79 -84.82
C GLN H 83 56.08 -5.89 -83.73
N GLY H 84 56.02 -5.50 -82.46
CA GLY H 84 55.82 -6.46 -81.35
C GLY H 84 54.46 -7.14 -81.39
N GLY H 85 54.38 -8.33 -80.79
CA GLY H 85 53.17 -9.17 -80.81
C GLY H 85 53.45 -10.67 -80.71
N ARG H 86 52.41 -11.47 -80.95
CA ARG H 86 52.52 -12.93 -80.97
C ARG H 86 52.69 -13.44 -82.40
N TYR H 87 53.81 -14.12 -82.65
CA TYR H 87 54.05 -14.83 -83.91
C TYR H 87 54.10 -16.36 -83.70
N TYR H 88 53.49 -17.12 -84.63
CA TYR H 88 53.55 -18.62 -84.61
C TYR H 88 54.36 -19.23 -85.75
N CYS H 89 54.75 -20.49 -85.56
CA CYS H 89 55.49 -21.27 -86.56
C CYS H 89 54.71 -22.54 -86.94
N LYS H 90 54.14 -22.53 -88.15
CA LYS H 90 53.21 -23.55 -88.63
C LYS H 90 53.93 -24.48 -89.63
N ALA H 91 54.89 -25.27 -89.16
CA ALA H 91 55.68 -26.18 -90.03
C ALA H 91 54.86 -27.43 -90.40
N GLU H 92 54.87 -27.80 -91.70
CA GLU H 92 53.98 -28.86 -92.25
C GLU H 92 54.45 -29.58 -93.54
N ASN H 93 54.48 -30.92 -93.49
CA ASN H 93 54.43 -31.76 -94.71
C ASN H 93 53.11 -32.56 -94.78
N GLY H 94 52.17 -32.28 -93.87
CA GLY H 94 50.91 -33.03 -93.78
C GLY H 94 51.03 -34.46 -93.26
N VAL H 95 52.05 -34.70 -92.41
CA VAL H 95 52.21 -35.98 -91.66
C VAL H 95 51.56 -35.76 -90.28
N GLY H 96 50.27 -36.09 -90.17
CA GLY H 96 49.45 -35.70 -89.00
C GLY H 96 49.17 -34.21 -88.96
N VAL H 97 48.80 -33.68 -87.78
CA VAL H 97 48.54 -32.23 -87.60
C VAL H 97 49.85 -31.40 -87.67
N PRO H 98 49.89 -30.35 -88.54
CA PRO H 98 50.96 -29.35 -88.45
C PRO H 98 51.20 -28.82 -87.03
N ALA H 99 52.43 -28.99 -86.56
CA ALA H 99 52.83 -28.50 -85.25
C ALA H 99 52.95 -26.97 -85.28
N ILE H 100 52.46 -26.33 -84.22
CA ILE H 100 52.37 -24.86 -84.13
C ILE H 100 52.90 -24.35 -82.78
N LYS H 101 54.16 -23.94 -82.75
CA LYS H 101 54.79 -23.31 -81.57
C LYS H 101 54.87 -21.80 -81.80
N SER H 102 54.44 -21.02 -80.82
CA SER H 102 54.28 -19.56 -80.94
C SER H 102 54.92 -18.80 -79.80
N ILE H 103 55.22 -17.53 -80.03
CA ILE H 103 56.13 -16.78 -79.17
C ILE H 103 55.79 -15.29 -79.09
N ARG H 104 56.03 -14.72 -77.90
CA ARG H 104 55.78 -13.32 -77.61
C ARG H 104 56.98 -12.46 -77.98
N VAL H 105 56.73 -11.35 -78.67
CA VAL H 105 57.76 -10.36 -79.01
C VAL H 105 57.48 -9.05 -78.26
N ASP H 106 57.97 -9.01 -77.02
CA ASP H 106 57.74 -7.88 -76.11
C ASP H 106 58.79 -6.83 -76.38
N VAL H 107 58.54 -5.96 -77.37
CA VAL H 107 59.49 -4.91 -77.75
C VAL H 107 59.53 -3.89 -76.62
N GLN H 108 60.72 -3.45 -76.22
CA GLN H 108 60.89 -2.58 -75.05
C GLN H 108 61.49 -1.23 -75.37
N TYR H 109 61.06 -0.21 -74.60
CA TYR H 109 61.55 1.16 -74.75
C TYR H 109 61.16 2.07 -73.57
N LEU H 110 61.79 3.24 -73.54
CA LEU H 110 61.45 4.32 -72.60
C LEU H 110 61.75 5.68 -73.25
N ASP H 111 60.70 6.40 -73.61
CA ASP H 111 60.79 7.71 -74.28
C ASP H 111 61.44 8.82 -73.45
N GLU H 112 61.53 10.00 -74.06
CA GLU H 112 61.71 11.26 -73.33
C GLU H 112 60.38 11.47 -72.54
N PRO H 113 60.46 11.55 -71.20
CA PRO H 113 59.24 11.86 -70.41
C PRO H 113 58.86 13.33 -70.50
N MET H 114 57.59 13.64 -70.28
CA MET H 114 57.02 14.99 -70.53
C MET H 114 56.37 15.51 -69.22
N LEU H 115 56.50 16.83 -68.98
CA LEU H 115 56.14 17.46 -67.70
C LEU H 115 55.40 18.83 -67.82
N THR H 116 54.08 18.81 -67.55
CA THR H 116 53.24 20.02 -67.45
C THR H 116 53.03 20.37 -65.96
N VAL H 117 52.14 21.30 -65.64
CA VAL H 117 52.01 21.80 -64.27
C VAL H 117 50.59 22.38 -64.07
N HIS H 118 50.31 23.01 -62.93
CA HIS H 118 49.16 23.96 -62.73
C HIS H 118 49.13 24.58 -61.29
N GLN H 119 48.51 25.76 -61.13
CA GLN H 119 48.64 26.62 -59.92
C GLN H 119 47.30 27.22 -59.35
N THR H 120 47.19 27.32 -58.01
CA THR H 120 46.17 28.18 -57.26
C THR H 120 46.41 28.20 -55.66
N VAL H 121 45.54 28.88 -54.84
CA VAL H 121 45.69 29.08 -53.31
C VAL H 121 45.35 27.84 -52.48
N LYS H 132 48.08 27.35 -51.09
CA LYS H 132 48.69 27.40 -52.41
C LYS H 132 49.06 26.01 -52.95
N THR H 133 48.27 25.50 -53.89
CA THR H 133 48.43 24.17 -54.46
C THR H 133 49.07 24.19 -55.84
N VAL H 134 50.07 23.32 -56.03
CA VAL H 134 50.75 23.17 -57.31
C VAL H 134 50.85 21.70 -57.68
N PHE H 135 50.45 21.41 -58.91
CA PHE H 135 50.42 20.07 -59.43
C PHE H 135 51.56 19.95 -60.40
N LEU H 136 52.22 18.78 -60.45
CA LEU H 136 53.17 18.43 -61.52
C LEU H 136 52.75 17.11 -62.17
N ARG H 137 52.26 17.18 -63.41
CA ARG H 137 51.81 16.02 -64.15
C ARG H 137 52.97 15.49 -64.97
N CYS H 138 53.24 14.19 -64.87
CA CYS H 138 54.36 13.52 -65.57
C CYS H 138 53.91 12.26 -66.32
N THR H 139 53.92 12.34 -67.64
CA THR H 139 53.64 11.23 -68.53
C THR H 139 54.95 10.65 -69.06
N VAL H 140 54.83 9.43 -69.58
CA VAL H 140 55.80 8.88 -70.51
C VAL H 140 55.21 7.64 -71.16
N ASN H 141 55.40 7.50 -72.47
CA ASN H 141 55.10 6.24 -73.15
C ASN H 141 56.28 5.30 -72.90
N SER H 142 56.00 4.10 -72.39
CA SER H 142 57.03 3.07 -72.18
C SER H 142 56.48 1.68 -72.45
N ASN H 143 57.39 0.73 -72.54
CA ASN H 143 57.07 -0.67 -72.52
C ASN H 143 58.32 -1.38 -71.99
N PRO H 144 58.26 -2.05 -70.84
CA PRO H 144 57.08 -2.22 -70.01
C PRO H 144 56.61 -0.93 -69.36
N PRO H 145 55.49 -0.96 -68.62
CA PRO H 145 55.02 0.19 -67.82
C PRO H 145 56.10 0.72 -66.88
N ALA H 146 56.40 2.02 -66.99
CA ALA H 146 57.50 2.64 -66.25
C ALA H 146 57.17 2.87 -64.78
N ARG H 147 58.21 3.08 -63.99
CA ARG H 147 58.11 3.36 -62.56
C ARG H 147 58.57 4.79 -62.31
N PHE H 148 57.73 5.56 -61.65
CA PHE H 148 57.92 7.01 -61.47
C PHE H 148 58.43 7.33 -60.09
N ILE H 149 59.47 8.17 -60.06
CA ILE H 149 60.12 8.62 -58.84
C ILE H 149 60.22 10.15 -58.88
N TRP H 150 59.96 10.78 -57.74
CA TRP H 150 59.91 12.25 -57.61
C TRP H 150 60.95 12.75 -56.61
N LYS H 151 61.66 13.82 -56.98
CA LYS H 151 62.77 14.31 -56.18
C LYS H 151 62.70 15.79 -55.86
N ARG H 152 63.61 16.21 -54.99
CA ARG H 152 63.82 17.60 -54.67
C ARG H 152 65.25 17.74 -54.09
N GLY H 153 66.23 17.18 -54.80
CA GLY H 153 67.59 16.98 -54.25
C GLY H 153 67.79 15.56 -53.76
N SER H 154 66.90 15.11 -52.87
CA SER H 154 66.70 13.67 -52.55
C SER H 154 65.20 13.30 -52.64
N ASP H 155 64.90 12.01 -52.86
CA ASP H 155 63.53 11.52 -53.27
C ASP H 155 62.35 11.72 -52.26
N THR H 156 61.13 11.89 -52.80
CA THR H 156 59.95 12.29 -52.00
C THR H 156 58.81 11.24 -51.92
N LEU H 157 58.19 11.11 -50.74
CA LEU H 157 56.95 10.32 -50.45
C LEU H 157 56.39 10.76 -49.04
N SER H 158 55.07 10.61 -48.81
CA SER H 158 54.39 11.04 -47.58
C SER H 158 55.18 10.93 -46.28
N ASN H 163 55.31 15.28 -46.11
CA ASN H 163 54.28 15.16 -45.06
C ASN H 163 52.92 15.67 -45.57
N GLY H 164 52.79 16.98 -45.82
CA GLY H 164 51.61 17.56 -46.46
C GLY H 164 51.88 17.65 -47.96
N VAL H 165 52.18 16.49 -48.57
CA VAL H 165 52.62 16.43 -49.98
C VAL H 165 52.14 15.10 -50.57
N ASP H 166 51.40 15.12 -51.69
CA ASP H 166 50.77 13.88 -52.26
C ASP H 166 51.31 13.50 -53.64
N ILE H 167 51.34 12.19 -53.93
CA ILE H 167 51.57 11.64 -55.28
C ILE H 167 50.45 10.69 -55.62
N TYR H 168 50.09 10.58 -56.91
CA TYR H 168 49.09 9.58 -57.35
C TYR H 168 49.10 9.22 -58.85
N GLU H 169 48.41 8.12 -59.19
CA GLU H 169 48.08 7.72 -60.55
C GLU H 169 46.59 8.10 -60.76
N PRO H 170 46.13 8.32 -62.01
CA PRO H 170 44.72 8.56 -62.31
C PRO H 170 44.01 7.40 -63.08
N LEU H 171 42.75 7.60 -63.45
CA LEU H 171 41.97 6.61 -64.25
C LEU H 171 42.32 6.67 -65.74
N TYR H 172 42.47 7.88 -66.25
CA TYR H 172 42.73 8.19 -67.65
C TYR H 172 44.25 8.11 -67.86
N THR H 173 44.79 6.89 -67.75
CA THR H 173 46.24 6.66 -67.85
C THR H 173 46.67 6.60 -69.31
N GLN H 174 46.76 7.79 -69.92
CA GLN H 174 47.21 7.96 -71.31
C GLN H 174 48.74 7.72 -71.49
N GLY H 175 49.47 7.66 -70.37
CA GLY H 175 50.88 7.28 -70.32
C GLY H 175 51.14 5.79 -70.08
N GLU H 176 51.05 5.29 -68.85
CA GLU H 176 50.44 5.92 -67.67
C GLU H 176 51.26 7.08 -67.11
N THR H 177 50.61 7.84 -66.24
CA THR H 177 51.13 9.13 -65.77
C THR H 177 51.33 9.10 -64.26
N LYS H 178 52.05 10.07 -63.76
CA LYS H 178 52.14 10.28 -62.31
C LYS H 178 52.14 11.75 -62.00
N VAL H 179 51.53 12.07 -60.87
CA VAL H 179 51.22 13.43 -60.47
C VAL H 179 51.77 13.67 -59.09
N LEU H 180 52.49 14.77 -58.92
CA LEU H 180 52.95 15.22 -57.63
C LEU H 180 52.18 16.48 -57.31
N LYS H 181 51.40 16.43 -56.23
CA LYS H 181 50.67 17.58 -55.72
C LYS H 181 51.37 18.14 -54.49
N LEU H 182 51.55 19.47 -54.45
CA LEU H 182 51.95 20.18 -53.25
C LEU H 182 50.69 20.78 -52.69
N LYS H 183 50.38 20.46 -51.44
CA LYS H 183 49.12 20.88 -50.84
C LYS H 183 49.11 22.39 -50.65
N ASN H 184 49.79 22.92 -49.63
CA ASN H 184 49.95 24.37 -49.40
C ASN H 184 51.44 24.73 -49.45
N LEU H 185 51.83 25.58 -50.40
CA LEU H 185 53.22 26.03 -50.51
C LEU H 185 53.72 26.61 -49.17
N ARG H 186 54.48 25.79 -48.44
CA ARG H 186 55.20 26.21 -47.24
C ARG H 186 56.54 26.85 -47.68
N PRO H 187 57.02 27.90 -46.97
CA PRO H 187 58.26 28.58 -47.35
C PRO H 187 59.25 27.74 -48.16
N GLN H 188 59.72 26.62 -47.62
CA GLN H 188 60.78 25.85 -48.26
C GLN H 188 60.34 24.48 -48.81
N ASP H 189 59.25 24.48 -49.56
CA ASP H 189 59.06 23.50 -50.63
C ASP H 189 58.90 24.25 -51.97
N TYR H 190 59.69 25.31 -52.13
CA TYR H 190 59.72 26.13 -53.34
C TYR H 190 60.88 25.75 -54.25
N ALA H 191 61.62 24.69 -53.92
CA ALA H 191 62.80 24.27 -54.71
C ALA H 191 62.41 23.58 -56.05
N SER H 192 63.39 22.97 -56.73
CA SER H 192 63.19 22.33 -58.04
C SER H 192 63.07 20.82 -57.92
N TYR H 193 62.26 20.24 -58.80
CA TYR H 193 61.86 18.85 -58.70
C TYR H 193 62.28 18.08 -59.92
N THR H 194 62.36 16.75 -59.77
CA THR H 194 62.68 15.84 -60.87
C THR H 194 61.75 14.63 -60.89
N CYS H 195 61.32 14.25 -62.09
CA CYS H 195 60.44 13.08 -62.31
C CYS H 195 61.28 11.96 -62.89
N GLN H 196 61.98 11.25 -62.01
CA GLN H 196 62.84 10.12 -62.40
C GLN H 196 61.95 8.96 -62.83
N VAL H 197 61.94 8.69 -64.15
CA VAL H 197 61.32 7.46 -64.68
C VAL H 197 62.35 6.38 -64.92
N SER H 198 61.90 5.14 -64.82
CA SER H 198 62.78 3.99 -64.82
C SER H 198 61.97 2.85 -65.41
N VAL H 199 62.65 1.93 -66.08
CA VAL H 199 62.03 0.64 -66.47
C VAL H 199 62.72 -0.51 -65.75
N ARG H 200 63.29 -0.21 -64.58
CA ARG H 200 64.11 -1.14 -63.80
C ARG H 200 65.37 -1.61 -64.56
N ASN H 201 65.91 -0.73 -65.41
CA ASN H 201 67.09 -0.98 -66.23
C ASN H 201 67.02 -2.22 -67.15
N VAL H 202 65.81 -2.71 -67.43
CA VAL H 202 65.63 -4.00 -68.11
C VAL H 202 65.90 -3.94 -69.60
N CYS H 203 66.51 -4.99 -70.11
CA CYS H 203 66.99 -5.07 -71.48
C CYS H 203 67.93 -3.90 -71.88
N GLY H 204 68.79 -3.52 -70.94
CA GLY H 204 69.86 -2.54 -71.18
C GLY H 204 69.41 -1.11 -71.41
N ILE H 205 68.26 -0.72 -70.87
CA ILE H 205 67.62 0.56 -71.18
C ILE H 205 67.84 1.57 -70.05
N PRO H 206 68.46 2.73 -70.37
CA PRO H 206 68.83 3.66 -69.30
C PRO H 206 67.62 4.32 -68.67
N ASP H 207 67.77 4.73 -67.40
CA ASP H 207 66.77 5.58 -66.75
C ASP H 207 66.87 7.00 -67.31
N LYS H 208 65.72 7.56 -67.68
CA LYS H 208 65.60 8.99 -68.04
C LYS H 208 64.78 9.70 -66.99
N ALA H 209 64.89 11.03 -66.94
CA ALA H 209 64.21 11.85 -65.94
C ALA H 209 63.94 13.24 -66.51
N ILE H 210 63.26 14.10 -65.72
CA ILE H 210 62.97 15.47 -66.16
C ILE H 210 62.78 16.42 -64.98
N THR H 211 63.26 17.65 -65.15
CA THR H 211 63.36 18.68 -64.11
C THR H 211 62.40 19.85 -64.38
N PHE H 212 61.87 20.43 -63.31
CA PHE H 212 61.16 21.70 -63.39
C PHE H 212 61.36 22.52 -62.11
N ARG H 213 61.48 23.83 -62.29
CA ARG H 213 61.84 24.76 -61.20
C ARG H 213 60.56 25.41 -60.64
N LEU H 214 60.70 26.10 -59.52
CA LEU H 214 59.56 26.72 -58.84
C LEU H 214 59.94 28.06 -58.16
N THR H 215 59.03 29.04 -58.22
CA THR H 215 59.21 30.34 -57.53
C THR H 215 57.85 30.92 -57.06
N PRO I 5 -35.03 49.97 15.81
CA PRO I 5 -34.17 49.41 16.86
C PRO I 5 -33.05 50.33 17.41
N ALA I 6 -32.71 50.16 18.69
CA ALA I 6 -31.54 50.78 19.37
C ALA I 6 -30.62 49.67 19.93
N GLN I 7 -29.48 49.45 19.25
CA GLN I 7 -28.63 48.27 19.46
C GLN I 7 -27.41 48.47 20.40
N ALA I 8 -26.77 47.34 20.72
CA ALA I 8 -25.47 47.28 21.37
C ALA I 8 -24.82 45.92 21.13
N GLN I 9 -23.48 45.90 21.10
CA GLN I 9 -22.74 44.67 20.91
C GLN I 9 -21.27 44.83 21.35
N ILE I 10 -20.84 43.99 22.31
CA ILE I 10 -19.55 44.17 22.99
C ILE I 10 -18.41 43.47 22.26
N VAL I 11 -17.24 44.12 22.26
CA VAL I 11 -15.98 43.52 21.84
C VAL I 11 -14.92 43.78 22.93
N HIS I 12 -14.04 42.79 23.12
CA HIS I 12 -12.96 42.85 24.12
C HIS I 12 -11.82 43.83 23.79
N ALA I 13 -11.08 44.21 24.83
CA ALA I 13 -9.77 44.83 24.69
C ALA I 13 -8.99 44.53 25.97
N GLY I 14 -7.95 45.30 26.28
CA GLY I 14 -7.20 45.09 27.51
C GLY I 14 -6.23 43.93 27.39
N GLN I 15 -6.43 42.86 28.18
CA GLN I 15 -5.53 41.70 28.18
C GLN I 15 -6.25 40.34 28.30
N ALA I 16 -6.84 39.89 27.17
CA ALA I 16 -7.38 38.52 27.06
C ALA I 16 -6.24 37.53 26.81
N CYS I 17 -6.56 36.25 26.67
CA CYS I 17 -5.52 35.21 26.71
C CYS I 17 -5.66 34.06 25.67
N VAL I 18 -6.68 33.21 25.76
CA VAL I 18 -6.92 32.12 24.78
C VAL I 18 -8.45 31.96 24.55
N VAL I 19 -9.04 32.88 23.77
CA VAL I 19 -10.50 33.22 23.81
C VAL I 19 -11.51 32.10 23.32
N LYS I 20 -12.66 32.00 24.02
CA LYS I 20 -13.86 31.19 23.61
C LYS I 20 -15.21 31.83 24.00
N GLU I 21 -16.23 31.56 23.20
CA GLU I 21 -17.48 32.31 23.22
C GLU I 21 -18.62 31.41 22.68
N ASP I 22 -19.75 32.01 22.28
CA ASP I 22 -20.94 31.27 21.76
C ASP I 22 -21.70 32.04 20.63
N ASN I 23 -22.89 31.55 20.27
CA ASN I 23 -23.75 32.05 19.16
C ASN I 23 -24.11 33.56 19.11
N ILE I 24 -24.11 34.28 20.25
CA ILE I 24 -24.52 35.72 20.31
C ILE I 24 -23.30 36.70 20.26
N SER I 25 -22.52 36.78 21.35
CA SER I 25 -21.22 37.50 21.37
C SER I 25 -20.26 36.82 22.40
N GLU I 26 -19.19 37.49 22.84
CA GLU I 26 -18.27 36.93 23.87
C GLU I 26 -18.96 36.58 25.19
N ARG I 27 -19.20 35.29 25.41
CA ARG I 27 -19.70 34.83 26.72
C ARG I 27 -18.66 35.17 27.79
N VAL I 28 -17.39 34.85 27.50
CA VAL I 28 -16.30 34.93 28.46
C VAL I 28 -15.33 36.05 28.12
N TYR I 29 -14.90 36.79 29.14
CA TYR I 29 -13.74 37.67 29.04
C TYR I 29 -12.77 37.28 30.16
N THR I 30 -11.82 36.43 29.80
CA THR I 30 -10.82 35.96 30.74
C THR I 30 -9.77 37.06 30.91
N ILE I 31 -9.33 37.26 32.15
CA ILE I 31 -8.25 38.21 32.47
C ILE I 31 -7.49 37.74 33.70
N ARG I 32 -6.19 38.07 33.74
CA ARG I 32 -5.33 37.72 34.86
C ARG I 32 -5.38 38.81 35.94
N GLU I 33 -5.04 38.45 37.19
CA GLU I 33 -5.00 39.42 38.31
C GLU I 33 -3.71 40.23 38.24
N GLY I 34 -3.84 41.55 38.32
CA GLY I 34 -2.72 42.49 38.14
C GLY I 34 -2.68 43.24 36.81
N ASP I 35 -3.42 42.72 35.81
CA ASP I 35 -3.48 43.30 34.46
C ASP I 35 -4.47 44.48 34.39
N THR I 36 -4.77 44.94 33.17
CA THR I 36 -5.77 45.97 32.94
C THR I 36 -6.90 45.43 32.06
N LEU I 37 -8.12 45.89 32.33
CA LEU I 37 -9.32 45.50 31.59
C LEU I 37 -9.79 46.66 30.69
N MET I 38 -10.30 46.32 29.51
CA MET I 38 -11.02 47.29 28.64
C MET I 38 -12.10 46.59 27.79
N LEU I 39 -13.36 46.92 28.04
CA LEU I 39 -14.49 46.35 27.29
C LEU I 39 -15.26 47.47 26.57
N GLN I 40 -15.15 47.49 25.24
CA GLN I 40 -15.76 48.54 24.40
C GLN I 40 -17.12 48.08 23.90
N CYS I 41 -18.16 48.86 24.19
CA CYS I 41 -19.55 48.49 23.90
C CYS I 41 -20.16 49.35 22.78
N LEU I 42 -20.32 48.75 21.60
CA LEU I 42 -20.80 49.48 20.42
C LEU I 42 -22.28 49.93 20.50
N VAL I 43 -22.68 50.80 19.56
CA VAL I 43 -24.04 51.37 19.50
C VAL I 43 -24.56 51.59 18.06
N THR I 44 -25.88 51.49 17.87
CA THR I 44 -26.60 51.95 16.65
C THR I 44 -27.96 52.63 17.03
N GLY I 45 -28.36 53.71 16.32
CA GLY I 45 -29.63 54.42 16.59
C GLY I 45 -29.80 55.74 15.86
N ARG I 48 -28.66 58.66 18.05
CA ARG I 48 -27.66 57.74 18.65
C ARG I 48 -27.94 57.52 20.13
N PRO I 49 -27.56 56.33 20.67
CA PRO I 49 -27.85 55.99 22.10
C PRO I 49 -26.76 56.43 23.13
N GLN I 50 -27.09 56.20 24.41
CA GLN I 50 -26.22 56.49 25.56
C GLN I 50 -25.82 55.22 26.35
N VAL I 51 -24.54 54.84 26.26
CA VAL I 51 -23.99 53.58 26.81
C VAL I 51 -24.04 53.52 28.36
N ARG I 52 -24.21 52.30 28.92
CA ARG I 52 -24.44 52.08 30.36
C ARG I 52 -23.83 50.78 30.94
N TRP I 53 -22.64 50.87 31.52
CA TRP I 53 -21.98 49.75 32.23
C TRP I 53 -22.45 49.64 33.69
N THR I 54 -22.62 48.41 34.20
CA THR I 54 -23.32 48.18 35.49
C THR I 54 -23.20 46.74 36.08
N LYS I 55 -23.10 46.63 37.42
CA LYS I 55 -23.42 45.37 38.17
C LYS I 55 -23.90 45.67 39.60
N GLU I 66 -24.37 51.84 40.24
CA GLU I 66 -24.98 53.17 40.07
C GLU I 66 -25.06 53.63 38.58
N THR I 67 -25.11 52.64 37.67
CA THR I 67 -25.00 52.76 36.17
C THR I 67 -23.92 53.77 35.62
N SER I 68 -22.65 53.30 35.44
CA SER I 68 -21.55 54.11 34.86
C SER I 68 -21.80 54.44 33.36
N VAL I 69 -21.82 55.73 33.02
CA VAL I 69 -22.08 56.22 31.62
C VAL I 69 -20.78 56.42 30.79
N PHE I 70 -19.80 55.56 31.01
CA PHE I 70 -18.53 55.45 30.23
C PHE I 70 -18.94 54.79 28.92
N GLU I 72 -18.00 55.17 26.31
CA GLU I 72 -18.51 53.91 25.73
C GLU I 72 -17.81 52.66 26.33
N THR I 73 -16.61 52.86 26.89
CA THR I 73 -15.64 51.80 27.21
C THR I 73 -15.36 51.68 28.72
N LEU I 74 -15.59 50.49 29.29
CA LEU I 74 -15.25 50.21 30.70
C LEU I 74 -13.75 49.98 30.84
N ARG I 75 -13.22 50.30 32.01
CA ARG I 75 -11.78 50.16 32.28
C ARG I 75 -11.49 50.02 33.78
N ILE I 76 -10.67 49.01 34.14
CA ILE I 76 -10.19 48.84 35.52
C ILE I 76 -8.69 48.49 35.51
N GLU I 77 -7.87 49.32 36.17
CA GLU I 77 -6.44 49.06 36.34
C GLU I 77 -6.20 48.07 37.46
N ARG I 78 -5.23 47.19 37.27
CA ARG I 78 -4.78 46.23 38.32
C ARG I 78 -5.94 45.39 38.86
N ILE I 79 -6.62 44.69 37.96
CA ILE I 79 -7.88 44.01 38.31
C ILE I 79 -7.69 42.93 39.39
N ALA I 80 -8.56 42.95 40.40
CA ALA I 80 -8.53 42.02 41.53
C ALA I 80 -9.59 40.91 41.39
N ARG I 81 -9.41 39.82 42.15
CA ARG I 81 -10.36 38.70 42.22
C ARG I 81 -11.80 39.10 42.56
N THR I 82 -11.92 40.08 43.47
CA THR I 82 -13.20 40.59 43.95
C THR I 82 -13.94 41.50 42.94
N GLN I 83 -13.26 41.95 41.90
CA GLN I 83 -13.86 42.77 40.84
C GLN I 83 -14.53 41.91 39.72
N GLY I 84 -14.20 40.61 39.66
CA GLY I 84 -14.80 39.71 38.67
C GLY I 84 -16.29 39.50 38.87
N GLY I 85 -16.98 39.13 37.79
CA GLY I 85 -18.44 38.98 37.76
C GLY I 85 -19.09 39.30 36.42
N ARG I 86 -20.42 39.45 36.43
CA ARG I 86 -21.17 39.73 35.21
C ARG I 86 -21.49 41.22 35.10
N TYR I 87 -20.99 41.87 34.04
CA TYR I 87 -21.35 43.26 33.72
C TYR I 87 -22.17 43.35 32.42
N TYR I 88 -23.21 44.20 32.41
CA TYR I 88 -24.04 44.45 31.21
C TYR I 88 -23.87 45.85 30.60
N CYS I 89 -24.28 45.98 29.34
CA CYS I 89 -24.25 47.24 28.60
C CYS I 89 -25.65 47.60 28.10
N LYS I 90 -26.26 48.61 28.75
CA LYS I 90 -27.66 48.98 28.57
C LYS I 90 -27.77 50.27 27.72
N ALA I 91 -27.38 50.19 26.44
CA ALA I 91 -27.40 51.35 25.53
C ALA I 91 -28.83 51.69 25.07
N GLU I 92 -29.19 52.98 25.13
CA GLU I 92 -30.58 53.45 24.92
C GLU I 92 -30.78 54.91 24.43
N ASN I 93 -31.55 55.06 23.34
CA ASN I 93 -32.23 56.33 23.01
C ASN I 93 -33.76 56.18 23.11
N GLY I 94 -34.24 55.03 23.60
CA GLY I 94 -35.68 54.74 23.65
C GLY I 94 -36.35 54.49 22.30
N VAL I 95 -35.57 53.96 21.33
CA VAL I 95 -36.09 53.47 20.03
C VAL I 95 -36.34 51.96 20.18
N GLY I 96 -37.56 51.58 20.59
CA GLY I 96 -37.85 50.19 21.01
C GLY I 96 -37.20 49.88 22.36
N VAL I 97 -37.04 48.58 22.67
CA VAL I 97 -36.36 48.14 23.92
C VAL I 97 -34.84 48.43 23.88
N PRO I 98 -34.29 49.12 24.91
CA PRO I 98 -32.84 49.17 25.11
C PRO I 98 -32.17 47.78 25.02
N ALA I 99 -31.22 47.66 24.09
CA ALA I 99 -30.47 46.43 23.90
C ALA I 99 -29.47 46.28 25.05
N ILE I 100 -29.35 45.04 25.54
CA ILE I 100 -28.56 44.71 26.73
C ILE I 100 -27.70 43.46 26.45
N LYS I 101 -26.42 43.70 26.07
CA LYS I 101 -25.41 42.64 25.95
C LYS I 101 -24.53 42.64 27.19
N SER I 102 -24.30 41.45 27.76
CA SER I 102 -23.63 41.28 29.04
C SER I 102 -22.55 40.21 28.95
N ILE I 103 -21.59 40.30 29.86
CA ILE I 103 -20.33 39.57 29.70
C ILE I 103 -19.71 39.14 31.03
N ARG I 104 -19.07 37.97 31.01
CA ARG I 104 -18.42 37.38 32.17
C ARG I 104 -16.98 37.91 32.30
N VAL I 105 -16.61 38.31 33.52
CA VAL I 105 -15.24 38.72 33.84
C VAL I 105 -14.62 37.68 34.80
N ASP I 106 -14.06 36.64 34.20
CA ASP I 106 -13.51 35.49 34.92
C ASP I 106 -12.06 35.83 35.29
N VAL I 107 -11.88 36.54 36.40
CA VAL I 107 -10.54 36.93 36.86
C VAL I 107 -9.80 35.69 37.30
N GLN I 108 -8.54 35.55 36.90
CA GLN I 108 -7.79 34.31 37.14
C GLN I 108 -6.54 34.51 37.99
N TYR I 109 -6.19 33.49 38.79
CA TYR I 109 -5.02 33.52 39.66
C TYR I 109 -4.67 32.14 40.23
N LEU I 110 -3.47 32.07 40.82
CA LEU I 110 -3.01 30.91 41.57
C LEU I 110 -2.07 31.36 42.70
N ASP I 111 -2.54 31.29 43.93
CA ASP I 111 -1.79 31.73 45.13
C ASP I 111 -0.51 30.90 45.40
N GLU I 112 0.19 31.30 46.46
CA GLU I 112 1.13 30.43 47.16
C GLU I 112 0.29 29.31 47.81
N PRO I 113 0.54 28.02 47.44
CA PRO I 113 -0.15 26.91 48.11
C PRO I 113 0.40 26.65 49.51
N MET I 114 -0.43 26.05 50.37
CA MET I 114 -0.14 25.89 51.80
C MET I 114 -0.20 24.41 52.21
N LEU I 115 0.65 23.99 53.14
CA LEU I 115 0.91 22.57 53.45
C LEU I 115 1.08 22.23 54.96
N THR I 116 0.05 21.61 55.55
CA THR I 116 0.09 21.05 56.92
C THR I 116 0.36 19.53 56.84
N VAL I 117 0.29 18.82 57.97
CA VAL I 117 0.68 17.41 58.01
C VAL I 117 -0.03 16.74 59.22
N HIS I 118 0.28 15.47 59.48
CA HIS I 118 0.12 14.81 60.83
C HIS I 118 0.54 13.31 60.82
N GLN I 119 1.03 12.82 61.99
CA GLN I 119 1.74 11.51 62.12
C GLN I 119 1.28 10.57 63.27
N THR I 120 1.20 9.25 63.02
CA THR I 120 1.07 8.16 64.08
C THR I 120 1.21 6.67 63.47
N VAL I 121 1.12 5.58 64.28
CA VAL I 121 1.49 4.12 63.91
C VAL I 121 0.52 3.41 62.93
N LYS I 132 2.41 2.87 60.52
CA LYS I 132 2.79 4.28 60.62
C LYS I 132 2.22 5.15 59.50
N THR I 133 1.15 5.89 59.81
CA THR I 133 0.41 6.71 58.83
C THR I 133 0.75 8.19 58.93
N VAL I 134 0.99 8.81 57.78
CA VAL I 134 1.29 10.23 57.69
C VAL I 134 0.48 10.87 56.58
N PHE I 135 -0.17 11.98 56.92
CA PHE I 135 -1.04 12.70 56.02
C PHE I 135 -0.31 13.97 55.63
N LEU I 136 -0.47 14.39 54.37
CA LEU I 136 -0.07 15.73 53.91
C LEU I 136 -1.27 16.44 53.28
N ARG I 137 -1.79 17.46 53.96
CA ARG I 137 -2.93 18.24 53.48
C ARG I 137 -2.41 19.44 52.70
N CYS I 138 -2.94 19.63 51.49
CA CYS I 138 -2.51 20.73 50.59
C CYS I 138 -3.70 21.53 50.04
N THR I 139 -3.81 22.78 50.51
CA THR I 139 -4.79 23.73 50.01
C THR I 139 -4.14 24.69 49.03
N VAL I 140 -5.00 25.37 48.26
CA VAL I 140 -4.65 26.61 47.61
C VAL I 140 -5.93 27.28 47.11
N ASN I 141 -6.03 28.59 47.29
CA ASN I 141 -7.08 29.36 46.62
C ASN I 141 -6.66 29.61 45.18
N SER I 142 -7.52 29.25 44.22
CA SER I 142 -7.26 29.53 42.80
C SER I 142 -8.53 29.87 42.05
N ASN I 143 -8.34 30.37 40.84
CA ASN I 143 -9.42 30.52 39.87
C ASN I 143 -8.74 30.48 38.51
N PRO I 144 -9.04 29.49 37.65
CA PRO I 144 -10.00 28.42 37.88
C PRO I 144 -9.53 27.43 38.96
N PRO I 145 -10.36 26.41 39.26
CA PRO I 145 -9.98 25.33 40.18
C PRO I 145 -8.66 24.65 39.79
N ALA I 146 -7.71 24.62 40.72
CA ALA I 146 -6.38 24.10 40.46
C ALA I 146 -6.32 22.58 40.38
N ARG I 147 -5.24 22.08 39.78
CA ARG I 147 -4.97 20.64 39.62
C ARG I 147 -3.74 20.30 40.44
N PHE I 148 -3.88 19.32 41.32
CA PHE I 148 -2.85 18.98 42.31
C PHE I 148 -2.04 17.76 41.89
N ILE I 149 -0.71 17.89 42.01
CA ILE I 149 0.24 16.84 41.66
C ILE I 149 1.21 16.66 42.84
N TRP I 150 1.54 15.40 43.13
CA TRP I 150 2.36 15.03 44.30
C TRP I 150 3.64 14.31 43.88
N LYS I 151 4.76 14.69 44.49
CA LYS I 151 6.06 14.19 44.07
C LYS I 151 6.88 13.61 45.20
N ARG I 152 7.97 12.98 44.82
CA ARG I 152 9.00 12.50 45.72
C ARG I 152 10.31 12.37 44.93
N GLY I 153 10.69 13.46 44.25
CA GLY I 153 11.74 13.45 43.21
C GLY I 153 11.12 13.40 41.83
N SER I 154 10.32 12.35 41.58
CA SER I 154 9.40 12.26 40.43
C SER I 154 7.97 11.87 40.91
N ASP I 155 6.96 12.20 40.11
CA ASP I 155 5.52 12.20 40.52
C ASP I 155 4.86 10.86 40.97
N THR I 156 3.89 10.94 41.90
CA THR I 156 3.31 9.75 42.58
C THR I 156 1.79 9.49 42.28
N LEU I 157 1.43 8.22 42.11
CA LEU I 157 0.02 7.70 42.10
C LEU I 157 0.05 6.14 42.26
N SER I 158 -1.00 5.54 42.82
CA SER I 158 -1.09 4.08 43.11
C SER I 158 -0.42 3.16 42.11
N ASN I 163 1.82 2.43 45.59
CA ASN I 163 1.05 1.19 45.68
C ASN I 163 0.20 1.15 46.96
N GLY I 164 0.83 1.05 48.13
CA GLY I 164 0.14 1.19 49.43
C GLY I 164 0.27 2.63 49.87
N VAL I 165 -0.24 3.53 49.03
CA VAL I 165 -0.11 4.99 49.18
C VAL I 165 -1.34 5.64 48.52
N ASP I 166 -2.07 6.51 49.23
CA ASP I 166 -3.34 7.09 48.73
C ASP I 166 -3.31 8.61 48.54
N ILE I 167 -4.06 9.10 47.55
CA ILE I 167 -4.35 10.53 47.39
C ILE I 167 -5.87 10.70 47.30
N TYR I 168 -6.40 11.83 47.77
CA TYR I 168 -7.85 12.11 47.60
C TYR I 168 -8.28 13.59 47.74
N GLU I 169 -9.51 13.87 47.30
CA GLU I 169 -10.20 15.13 47.56
C GLU I 169 -11.23 14.85 48.67
N PRO I 170 -11.64 15.86 49.46
CA PRO I 170 -12.72 15.72 50.46
C PRO I 170 -14.03 16.45 50.11
N LEU I 171 -15.01 16.43 51.03
CA LEU I 171 -16.31 17.11 50.86
C LEU I 171 -16.20 18.61 51.17
N TYR I 172 -15.47 18.94 52.22
CA TYR I 172 -15.33 20.31 52.73
C TYR I 172 -14.18 20.96 51.96
N THR I 173 -14.39 21.18 50.65
CA THR I 173 -13.35 21.72 49.78
C THR I 173 -13.31 23.24 49.88
N GLN I 174 -12.70 23.71 50.98
CA GLN I 174 -12.51 25.15 51.26
C GLN I 174 -11.39 25.77 50.36
N GLY I 175 -10.61 24.90 49.68
CA GLY I 175 -9.66 25.33 48.66
C GLY I 175 -10.20 25.38 47.21
N GLU I 176 -10.34 24.26 46.50
CA GLU I 176 -10.30 22.88 47.03
C GLU I 176 -8.89 22.43 47.43
N THR I 177 -8.84 21.31 48.14
CA THR I 177 -7.66 20.80 48.76
C THR I 177 -7.30 19.43 48.19
N LYS I 178 -6.09 18.96 48.46
CA LYS I 178 -5.72 17.58 48.14
C LYS I 178 -4.83 17.03 49.23
N VAL I 179 -4.97 15.73 49.45
CA VAL I 179 -4.38 15.03 50.58
C VAL I 179 -3.60 13.84 50.07
N LEU I 180 -2.37 13.71 50.54
CA LEU I 180 -1.55 12.55 50.28
C LEU I 180 -1.41 11.81 51.59
N LYS I 181 -1.92 10.58 51.63
CA LYS I 181 -1.78 9.70 52.78
C LYS I 181 -0.72 8.63 52.49
N LEU I 182 0.18 8.42 53.45
CA LEU I 182 1.08 7.26 53.45
C LEU I 182 0.47 6.26 54.40
N LYS I 183 0.21 5.06 53.93
CA LYS I 183 -0.48 4.07 54.74
C LYS I 183 0.43 3.62 55.89
N ASN I 184 1.43 2.77 55.63
CA ASN I 184 2.42 2.34 56.65
C ASN I 184 3.83 2.72 56.17
N LEU I 185 4.51 3.59 56.92
CA LEU I 185 5.88 4.00 56.60
C LEU I 185 6.79 2.79 56.37
N ARG I 186 7.02 2.49 55.08
CA ARG I 186 8.03 1.50 54.64
C ARG I 186 9.41 2.20 54.61
N PRO I 187 10.50 1.48 54.96
CA PRO I 187 11.84 2.06 54.94
C PRO I 187 12.03 3.28 54.03
N GLN I 188 11.80 3.13 52.72
CA GLN I 188 12.13 4.20 51.78
C GLN I 188 10.90 4.84 51.12
N ASP I 189 9.92 5.22 51.94
CA ASP I 189 9.06 6.35 51.61
C ASP I 189 9.19 7.42 52.72
N TYR I 190 10.43 7.61 53.19
CA TYR I 190 10.75 8.58 54.23
C TYR I 190 11.29 9.90 53.63
N ALA I 191 11.33 9.99 52.29
CA ALA I 191 11.96 11.15 51.62
C ALA I 191 11.09 12.43 51.67
N SER I 192 11.44 13.44 50.87
CA SER I 192 10.74 14.73 50.84
C SER I 192 9.79 14.85 49.66
N TYR I 193 8.67 15.55 49.88
CA TYR I 193 7.57 15.57 48.93
C TYR I 193 7.30 16.97 48.44
N THR I 194 6.63 17.05 47.29
CA THR I 194 6.22 18.32 46.71
C THR I 194 4.78 18.28 46.23
N CYS I 195 4.04 19.37 46.50
CA CYS I 195 2.64 19.50 46.11
C CYS I 195 2.55 20.47 44.93
N GLN I 196 2.82 19.94 43.74
CA GLN I 196 2.79 20.73 42.52
C GLN I 196 1.35 21.07 42.17
N VAL I 197 0.98 22.35 42.34
CA VAL I 197 -0.30 22.87 41.83
C VAL I 197 -0.11 23.57 40.49
N SER I 198 -1.18 23.53 39.70
CA SER I 198 -1.15 23.98 38.33
C SER I 198 -2.54 24.50 38.02
N VAL I 199 -2.64 25.46 37.12
CA VAL I 199 -3.94 25.88 36.56
C VAL I 199 -4.01 25.56 35.06
N ARG I 200 -3.22 24.55 34.65
CA ARG I 200 -3.02 24.20 33.24
C ARG I 200 -2.38 25.35 32.43
N ASN I 201 -1.54 26.15 33.11
CA ASN I 201 -0.83 27.29 32.52
C ASN I 201 -1.72 28.36 31.84
N VAL I 202 -3.01 28.37 32.18
CA VAL I 202 -4.00 29.20 31.43
C VAL I 202 -3.92 30.68 31.78
N CYS I 203 -4.11 31.51 30.77
CA CYS I 203 -3.94 32.95 30.88
C CYS I 203 -2.54 33.38 31.39
N GLY I 204 -1.52 32.64 30.95
CA GLY I 204 -0.12 32.98 31.21
C GLY I 204 0.34 32.85 32.65
N ILE I 205 -0.30 31.96 33.42
CA ILE I 205 -0.09 31.87 34.87
C ILE I 205 0.83 30.70 35.22
N PRO I 206 1.97 30.98 35.89
CA PRO I 206 2.95 29.91 36.13
C PRO I 206 2.45 28.88 37.14
N ASP I 207 2.95 27.66 37.02
CA ASP I 207 2.72 26.63 38.04
C ASP I 207 3.56 26.96 39.29
N LYS I 208 2.92 26.91 40.46
CA LYS I 208 3.58 27.01 41.76
C LYS I 208 3.46 25.67 42.48
N ALA I 209 4.35 25.44 43.44
CA ALA I 209 4.42 24.17 44.19
C ALA I 209 4.94 24.41 45.59
N ILE I 210 5.01 23.35 46.41
CA ILE I 210 5.54 23.48 47.77
C ILE I 210 6.11 22.15 48.29
N THR I 211 7.21 22.26 49.05
CA THR I 211 8.02 21.13 49.51
C THR I 211 7.94 20.97 51.03
N PHE I 212 7.99 19.71 51.50
CA PHE I 212 8.15 19.42 52.92
C PHE I 212 8.89 18.09 53.11
N ARG I 213 9.69 18.01 54.17
CA ARG I 213 10.59 16.89 54.42
C ARG I 213 9.95 15.91 55.42
N LEU I 214 10.57 14.76 55.61
CA LEU I 214 10.02 13.68 56.44
C LEU I 214 11.11 12.88 57.16
N THR I 215 10.85 12.45 58.41
CA THR I 215 11.81 11.66 59.22
C THR I 215 11.11 10.66 60.13
N PRO J 5 -6.46 -40.31 76.44
CA PRO J 5 -7.45 -39.73 75.55
C PRO J 5 -8.58 -40.67 75.05
N ALA J 6 -9.77 -40.11 74.80
CA ALA J 6 -10.94 -40.78 74.17
C ALA J 6 -11.36 -40.00 72.89
N GLN J 7 -11.02 -40.56 71.73
CA GLN J 7 -11.06 -39.81 70.44
C GLN J 7 -12.33 -40.04 69.59
N ALA J 8 -12.44 -39.24 68.53
CA ALA J 8 -13.37 -39.44 67.42
C ALA J 8 -12.85 -38.74 66.16
N GLN J 9 -13.25 -39.25 64.99
CA GLN J 9 -12.90 -38.64 63.70
C GLN J 9 -13.84 -39.14 62.60
N ILE J 10 -14.53 -38.20 61.94
CA ILE J 10 -15.61 -38.53 60.99
C ILE J 10 -15.07 -38.74 59.56
N VAL J 11 -15.67 -39.72 58.88
CA VAL J 11 -15.49 -39.92 57.44
C VAL J 11 -16.87 -40.04 56.77
N HIS J 12 -16.97 -39.51 55.55
CA HIS J 12 -18.21 -39.53 54.76
C HIS J 12 -18.62 -40.90 54.22
N ALA J 13 -19.90 -41.02 53.88
CA ALA J 13 -20.40 -42.08 53.02
C ALA J 13 -21.67 -41.53 52.34
N GLY J 14 -22.54 -42.40 51.85
CA GLY J 14 -23.80 -41.94 51.23
C GLY J 14 -23.56 -41.43 49.81
N GLN J 15 -23.81 -40.14 49.57
CA GLN J 15 -23.67 -39.56 48.21
C GLN J 15 -23.06 -38.15 48.20
N ALA J 16 -21.72 -38.07 48.37
CA ALA J 16 -20.95 -36.82 48.17
C ALA J 16 -20.75 -36.57 46.67
N CYS J 17 -20.06 -35.49 46.31
CA CYS J 17 -20.04 -35.04 44.90
C CYS J 17 -18.67 -34.56 44.36
N VAL J 18 -18.11 -33.45 44.86
CA VAL J 18 -16.77 -32.96 44.43
C VAL J 18 -15.99 -32.39 45.66
N VAL J 19 -15.46 -33.30 46.49
CA VAL J 19 -15.12 -33.05 47.93
C VAL J 19 -13.96 -32.00 48.25
N LYS J 20 -14.16 -31.18 49.31
CA LYS J 20 -13.15 -30.28 49.92
C LYS J 20 -13.33 -30.09 51.44
N GLU J 21 -12.23 -29.86 52.14
CA GLU J 21 -12.18 -29.94 53.60
C GLU J 21 -11.03 -29.03 54.12
N ASP J 22 -10.57 -29.26 55.36
CA ASP J 22 -9.46 -28.49 55.98
C ASP J 22 -8.53 -29.35 56.88
N ASN J 23 -7.64 -28.69 57.62
CA ASN J 23 -6.60 -29.30 58.51
C ASN J 23 -7.03 -30.38 59.56
N ILE J 24 -8.30 -30.37 60.02
CA ILE J 24 -8.78 -31.29 61.10
C ILE J 24 -9.49 -32.57 60.53
N SER J 25 -10.71 -32.41 59.98
CA SER J 25 -11.37 -33.48 59.16
C SER J 25 -12.30 -32.79 58.11
N GLU J 26 -13.28 -33.52 57.54
CA GLU J 26 -14.24 -32.95 56.57
C GLU J 26 -15.05 -31.76 57.13
N ARG J 27 -14.68 -30.54 56.75
CA ARG J 27 -15.49 -29.37 57.07
C ARG J 27 -16.87 -29.52 56.43
N VAL J 28 -16.87 -29.89 55.14
CA VAL J 28 -18.09 -29.92 54.32
C VAL J 28 -18.52 -31.33 53.99
N TYR J 29 -19.82 -31.60 54.09
CA TYR J 29 -20.42 -32.78 53.49
C TYR J 29 -21.56 -32.32 52.58
N THR J 30 -21.23 -32.17 51.31
CA THR J 30 -22.20 -31.76 50.31
C THR J 30 -23.07 -32.95 49.94
N ILE J 31 -24.36 -32.70 49.80
CA ILE J 31 -25.33 -33.73 49.36
C ILE J 31 -26.49 -33.07 48.59
N ARG J 32 -27.04 -33.81 47.64
CA ARG J 32 -28.17 -33.33 46.84
C ARG J 32 -29.50 -33.69 47.52
N GLU J 33 -30.57 -32.96 47.19
CA GLU J 33 -31.91 -33.22 47.74
C GLU J 33 -32.55 -34.40 47.00
N GLY J 34 -33.06 -35.37 47.76
CA GLY J 34 -33.59 -36.63 47.22
C GLY J 34 -32.71 -37.86 47.44
N ASP J 35 -31.42 -37.63 47.72
CA ASP J 35 -30.41 -38.71 47.90
C ASP J 35 -30.46 -39.32 49.32
N THR J 36 -29.47 -40.12 49.67
CA THR J 36 -29.32 -40.67 51.02
C THR J 36 -28.00 -40.22 51.64
N LEU J 37 -28.01 -39.99 52.94
CA LEU J 37 -26.84 -39.58 53.73
C LEU J 37 -26.33 -40.73 54.59
N MET J 38 -25.01 -40.82 54.75
CA MET J 38 -24.37 -41.71 55.75
C MET J 38 -23.04 -41.13 56.23
N LEU J 39 -22.97 -40.79 57.52
CA LEU J 39 -21.77 -40.25 58.15
C LEU J 39 -21.28 -41.18 59.27
N GLN J 40 -20.14 -41.85 59.04
CA GLN J 40 -19.59 -42.84 59.97
C GLN J 40 -18.55 -42.17 60.87
N CYS J 41 -18.76 -42.25 62.19
CA CYS J 41 -17.91 -41.56 63.17
C CYS J 41 -17.04 -42.51 63.98
N LEU J 42 -15.75 -42.52 63.70
CA LEU J 42 -14.80 -43.48 64.30
C LEU J 42 -14.56 -43.21 65.81
N VAL J 43 -13.90 -44.17 66.47
CA VAL J 43 -13.61 -44.11 67.92
C VAL J 43 -12.25 -44.75 68.30
N THR J 44 -11.63 -44.22 69.37
CA THR J 44 -10.46 -44.84 70.06
C THR J 44 -10.61 -44.70 71.61
N GLY J 45 -10.22 -45.73 72.39
CA GLY J 45 -10.40 -45.75 73.86
C GLY J 45 -10.19 -47.09 74.53
N ARG J 48 -13.46 -49.04 74.89
CA ARG J 48 -14.01 -48.27 73.81
C ARG J 48 -15.05 -47.24 74.28
N PRO J 49 -15.25 -46.16 73.49
CA PRO J 49 -16.30 -45.16 73.74
C PRO J 49 -17.70 -45.46 73.13
N GLN J 50 -18.66 -44.59 73.46
CA GLN J 50 -20.07 -44.65 73.00
C GLN J 50 -20.45 -43.41 72.13
N VAL J 51 -20.65 -43.64 70.83
CA VAL J 51 -20.86 -42.58 69.82
C VAL J 51 -22.19 -41.81 70.02
N ARG J 52 -22.20 -40.51 69.63
CA ARG J 52 -23.34 -39.60 69.90
C ARG J 52 -23.59 -38.52 68.82
N TRP J 53 -24.52 -38.78 67.89
CA TRP J 53 -24.94 -37.79 66.87
C TRP J 53 -26.05 -36.86 67.39
N THR J 54 -26.02 -35.59 66.99
CA THR J 54 -26.86 -34.55 67.61
C THR J 54 -26.92 -33.17 66.86
N LYS J 55 -28.10 -32.52 66.85
CA LYS J 55 -28.22 -31.06 66.59
C LYS J 55 -29.43 -30.45 67.32
N GLU J 66 -32.05 -34.96 71.11
CA GLU J 66 -31.95 -35.72 72.37
C GLU J 66 -30.83 -36.80 72.33
N THR J 67 -29.71 -36.39 71.70
CA THR J 67 -28.45 -37.21 71.43
C THR J 67 -28.66 -38.70 70.95
N SER J 68 -28.78 -38.89 69.63
CA SER J 68 -28.92 -40.24 68.98
C SER J 68 -27.65 -41.09 69.12
N VAL J 69 -27.77 -42.28 69.75
CA VAL J 69 -26.64 -43.21 70.01
C VAL J 69 -26.42 -44.25 68.87
N PHE J 70 -26.69 -43.85 67.61
CA PHE J 70 -26.24 -44.55 66.41
C PHE J 70 -24.73 -44.41 66.30
N GLU J 72 -22.89 -46.35 65.39
CA GLU J 72 -21.78 -45.43 65.11
C GLU J 72 -22.08 -44.45 63.96
N THR J 73 -23.03 -44.82 63.11
CA THR J 73 -23.25 -44.19 61.78
C THR J 73 -24.63 -43.50 61.66
N LEU J 74 -24.64 -42.20 61.34
CA LEU J 74 -25.88 -41.47 61.07
C LEU J 74 -26.40 -41.79 59.68
N ARG J 75 -27.70 -41.68 59.50
CA ARG J 75 -28.34 -41.99 58.21
C ARG J 75 -29.69 -41.28 58.05
N ILE J 76 -29.90 -40.65 56.89
CA ILE J 76 -31.20 -40.05 56.53
C ILE J 76 -31.55 -40.35 55.06
N GLU J 77 -32.69 -41.00 54.86
CA GLU J 77 -33.22 -41.27 53.50
C GLU J 77 -33.89 -40.03 52.94
N ARG J 78 -33.73 -39.82 51.63
CA ARG J 78 -34.46 -38.78 50.87
C ARG J 78 -34.27 -37.39 51.50
N ILE J 79 -33.01 -36.97 51.64
CA ILE J 79 -32.67 -35.79 52.45
C ILE J 79 -33.29 -34.51 51.89
N ALA J 80 -33.90 -33.72 52.78
CA ALA J 80 -34.56 -32.45 52.42
C ALA J 80 -33.69 -31.22 52.79
N ARG J 81 -34.02 -30.08 52.19
CA ARG J 81 -33.37 -28.79 52.49
C ARG J 81 -33.37 -28.41 53.98
N THR J 82 -34.48 -28.71 54.65
CA THR J 82 -34.69 -28.41 56.06
C THR J 82 -33.92 -29.33 57.03
N GLN J 83 -33.39 -30.43 56.54
CA GLN J 83 -32.56 -31.35 57.34
C GLN J 83 -31.07 -30.95 57.40
N GLY J 84 -30.64 -30.07 56.48
CA GLY J 84 -29.26 -29.57 56.46
C GLY J 84 -28.91 -28.72 57.67
N GLY J 85 -27.61 -28.66 57.98
CA GLY J 85 -27.10 -28.01 59.20
C GLY J 85 -25.83 -28.65 59.76
N ARG J 86 -25.49 -28.25 60.97
CA ARG J 86 -24.29 -28.74 61.65
C ARG J 86 -24.64 -29.87 62.62
N TYR J 87 -24.08 -31.06 62.38
CA TYR J 87 -24.18 -32.19 63.32
C TYR J 87 -22.80 -32.53 63.92
N TYR J 88 -22.77 -32.82 65.24
CA TYR J 88 -21.54 -33.24 65.96
C TYR J 88 -21.55 -34.70 66.42
N CYS J 89 -20.34 -35.21 66.70
CA CYS J 89 -20.14 -36.57 67.19
C CYS J 89 -19.39 -36.54 68.53
N LYS J 90 -20.12 -36.82 69.62
CA LYS J 90 -19.65 -36.67 71.00
C LYS J 90 -19.31 -38.05 71.61
N ALA J 91 -18.28 -38.72 71.08
CA ALA J 91 -17.87 -40.05 71.55
C ALA J 91 -17.15 -39.98 72.90
N GLU J 92 -17.53 -40.86 73.85
CA GLU J 92 -17.07 -40.80 75.26
C GLU J 92 -17.09 -42.13 76.07
N ASN J 93 -15.94 -42.46 76.67
CA ASN J 93 -15.90 -43.38 77.82
C ASN J 93 -15.46 -42.64 79.12
N GLY J 94 -15.35 -41.30 79.05
CA GLY J 94 -14.88 -40.49 80.16
C GLY J 94 -13.39 -40.62 80.46
N VAL J 95 -12.58 -40.93 79.43
CA VAL J 95 -11.10 -40.91 79.52
C VAL J 95 -10.64 -39.53 79.02
N GLY J 96 -10.50 -38.57 79.95
CA GLY J 96 -10.31 -37.15 79.59
C GLY J 96 -11.59 -36.54 79.01
N VAL J 97 -11.45 -35.40 78.30
CA VAL J 97 -12.60 -34.74 77.64
C VAL J 97 -13.12 -35.56 76.42
N PRO J 98 -14.45 -35.85 76.39
CA PRO J 98 -15.07 -36.37 75.17
C PRO J 98 -14.72 -35.56 73.92
N ALA J 99 -14.14 -36.25 72.94
CA ALA J 99 -13.77 -35.63 71.67
C ALA J 99 -15.03 -35.39 70.85
N ILE J 100 -15.09 -34.22 70.21
CA ILE J 100 -16.27 -33.72 69.49
C ILE J 100 -15.84 -33.20 68.10
N LYS J 101 -15.99 -34.05 67.08
CA LYS J 101 -15.80 -33.66 65.67
C LYS J 101 -17.20 -33.45 65.04
N SER J 102 -17.34 -32.31 64.33
CA SER J 102 -18.63 -31.85 63.82
C SER J 102 -18.51 -31.45 62.36
N ILE J 103 -19.65 -31.48 61.66
CA ILE J 103 -19.64 -31.46 60.21
C ILE J 103 -20.86 -30.74 59.61
N ARG J 104 -20.61 -30.06 58.50
CA ARG J 104 -21.62 -29.29 57.78
C ARG J 104 -22.35 -30.21 56.78
N VAL J 105 -23.69 -30.12 56.79
CA VAL J 105 -24.54 -30.82 55.83
C VAL J 105 -25.21 -29.78 54.90
N ASP J 106 -24.48 -29.43 53.84
CA ASP J 106 -24.86 -28.40 52.89
C ASP J 106 -25.74 -29.04 51.84
N VAL J 107 -27.05 -29.15 52.14
CA VAL J 107 -28.00 -29.79 51.23
C VAL J 107 -28.16 -28.86 50.03
N GLN J 108 -28.15 -29.41 48.81
CA GLN J 108 -28.15 -28.59 47.60
C GLN J 108 -29.36 -28.83 46.71
N TYR J 109 -29.78 -27.76 46.01
CA TYR J 109 -30.92 -27.82 45.11
C TYR J 109 -31.02 -26.57 44.21
N LEU J 110 -31.88 -26.68 43.19
CA LEU J 110 -32.27 -25.57 42.33
C LEU J 110 -33.70 -25.77 41.84
N ASP J 111 -34.62 -24.95 42.38
CA ASP J 111 -36.06 -25.04 42.06
C ASP J 111 -36.40 -24.73 40.58
N GLU J 112 -37.69 -24.81 40.29
CA GLU J 112 -38.29 -24.15 39.14
C GLU J 112 -38.19 -22.62 39.41
N PRO J 113 -37.47 -21.86 38.54
CA PRO J 113 -37.44 -20.40 38.71
C PRO J 113 -38.75 -19.75 38.27
N MET J 114 -39.01 -18.56 38.81
CA MET J 114 -40.32 -17.88 38.68
C MET J 114 -40.12 -16.48 38.09
N LEU J 115 -41.09 -16.04 37.27
CA LEU J 115 -40.92 -14.85 36.38
C LEU J 115 -42.18 -13.96 36.25
N THR J 116 -42.15 -12.80 36.91
CA THR J 116 -43.18 -11.73 36.77
C THR J 116 -42.65 -10.66 35.78
N VAL J 117 -43.39 -9.56 35.63
CA VAL J 117 -43.05 -8.56 34.60
C VAL J 117 -43.64 -7.20 35.04
N HIS J 118 -43.51 -6.17 34.20
CA HIS J 118 -44.40 -4.96 34.19
C HIS J 118 -44.02 -3.94 33.06
N GLN J 119 -45.03 -3.20 32.55
CA GLN J 119 -44.91 -2.36 31.32
C GLN J 119 -45.46 -0.92 31.41
N THR J 120 -44.74 0.08 30.84
CA THR J 120 -45.27 1.46 30.51
C THR J 120 -44.23 2.35 29.66
N VAL J 121 -44.53 3.65 29.33
CA VAL J 121 -43.76 4.55 28.32
C VAL J 121 -42.34 5.00 28.74
N LYS J 132 -40.65 3.66 26.49
CA LYS J 132 -41.36 2.41 26.82
C LYS J 132 -40.50 1.42 27.59
N THR J 133 -40.71 1.33 28.90
CA THR J 133 -39.90 0.49 29.80
C THR J 133 -40.62 -0.79 30.20
N VAL J 134 -39.91 -1.92 30.12
CA VAL J 134 -40.42 -3.22 30.54
C VAL J 134 -39.41 -3.92 31.42
N PHE J 135 -39.89 -4.40 32.57
CA PHE J 135 -39.06 -5.04 33.55
C PHE J 135 -39.40 -6.52 33.50
N LEU J 136 -38.39 -7.38 33.70
CA LEU J 136 -38.59 -8.81 33.95
C LEU J 136 -37.91 -9.20 35.26
N ARG J 137 -38.70 -9.51 36.29
CA ARG J 137 -38.18 -9.91 37.59
C ARG J 137 -38.08 -11.42 37.64
N CYS J 138 -36.92 -11.94 38.03
CA CYS J 138 -36.66 -13.41 38.08
C CYS J 138 -36.07 -13.85 39.43
N THR J 139 -36.88 -14.59 40.18
CA THR J 139 -36.47 -15.21 41.44
C THR J 139 -36.16 -16.68 41.21
N VAL J 140 -35.46 -17.26 42.17
CA VAL J 140 -35.43 -18.70 42.39
C VAL J 140 -34.83 -18.97 43.75
N ASN J 141 -35.44 -19.90 44.49
CA ASN J 141 -34.83 -20.43 45.71
C ASN J 141 -33.80 -21.47 45.30
N SER J 142 -32.56 -21.32 45.77
CA SER J 142 -31.51 -22.30 45.50
C SER J 142 -30.57 -22.45 46.69
N ASN J 143 -29.75 -23.48 46.63
CA ASN J 143 -28.62 -23.64 47.52
C ASN J 143 -27.63 -24.52 46.76
N PRO J 144 -26.43 -24.01 46.46
CA PRO J 144 -25.93 -22.70 46.80
C PRO J 144 -26.66 -21.58 46.05
N PRO J 145 -26.28 -20.31 46.32
CA PRO J 145 -26.81 -19.16 45.58
C PRO J 145 -26.65 -19.28 44.06
N ALA J 146 -27.74 -19.17 43.32
CA ALA J 146 -27.74 -19.39 41.88
C ALA J 146 -27.13 -18.23 41.10
N ARG J 147 -26.77 -18.51 39.84
CA ARG J 147 -26.20 -17.53 38.92
C ARG J 147 -27.20 -17.34 37.77
N PHE J 148 -27.56 -16.08 37.52
CA PHE J 148 -28.62 -15.74 36.57
C PHE J 148 -28.05 -15.27 35.24
N ILE J 149 -28.63 -15.80 34.16
CA ILE J 149 -28.26 -15.48 32.79
C ILE J 149 -29.54 -15.15 32.01
N TRP J 150 -29.46 -14.12 31.16
CA TRP J 150 -30.60 -13.59 30.40
C TRP J 150 -30.37 -13.71 28.90
N LYS J 151 -31.40 -14.15 28.17
CA LYS J 151 -31.28 -14.42 26.75
C LYS J 151 -32.31 -13.75 25.89
N ARG J 152 -32.09 -13.86 24.60
CA ARG J 152 -33.04 -13.44 23.57
C ARG J 152 -32.71 -14.23 22.29
N GLY J 153 -32.65 -15.56 22.41
CA GLY J 153 -32.09 -16.45 21.39
C GLY J 153 -30.67 -16.86 21.76
N SER J 154 -29.80 -15.84 21.91
CA SER J 154 -28.47 -15.97 22.55
C SER J 154 -28.28 -14.87 23.63
N ASP J 155 -27.38 -15.13 24.59
CA ASP J 155 -27.27 -14.35 25.87
C ASP J 155 -26.95 -12.83 25.83
N THR J 156 -27.48 -12.08 26.81
CA THR J 156 -27.43 -10.60 26.81
C THR J 156 -26.59 -9.97 27.96
N LEU J 157 -25.85 -8.88 27.64
CA LEU J 157 -25.14 -8.01 28.64
C LEU J 157 -24.90 -6.60 28.05
N SER J 158 -24.86 -5.58 28.91
CA SER J 158 -24.75 -4.14 28.50
C SER J 158 -23.83 -3.89 27.31
N ASN J 163 -27.20 -2.60 24.77
CA ASN J 163 -26.61 -1.25 24.88
C ASN J 163 -27.44 -0.36 25.82
N GLY J 164 -28.65 0.02 25.41
CA GLY J 164 -29.61 0.73 26.27
C GLY J 164 -30.52 -0.29 26.91
N VAL J 165 -29.91 -1.25 27.63
CA VAL J 165 -30.61 -2.40 28.20
C VAL J 165 -29.86 -2.81 29.49
N ASP J 166 -30.56 -2.87 30.63
CA ASP J 166 -29.91 -3.05 31.96
C ASP J 166 -30.32 -4.36 32.67
N ILE J 167 -29.38 -4.91 33.44
CA ILE J 167 -29.66 -6.02 34.37
C ILE J 167 -29.16 -5.60 35.75
N TYR J 168 -29.81 -6.07 36.83
CA TYR J 168 -29.31 -5.84 38.20
C TYR J 168 -29.82 -6.79 39.29
N GLU J 169 -29.14 -6.76 40.44
CA GLU J 169 -29.57 -7.42 41.69
C GLU J 169 -30.12 -6.26 42.58
N PRO J 170 -31.02 -6.54 43.55
CA PRO J 170 -31.45 -5.55 44.55
C PRO J 170 -30.92 -5.82 45.98
N LEU J 171 -31.37 -5.00 46.94
CA LEU J 171 -31.04 -5.17 48.39
C LEU J 171 -31.91 -6.26 49.03
N TYR J 172 -33.19 -6.26 48.69
CA TYR J 172 -34.18 -7.17 49.27
C TYR J 172 -34.16 -8.47 48.45
N THR J 173 -33.05 -9.19 48.56
CA THR J 173 -32.83 -10.43 47.79
C THR J 173 -33.54 -11.60 48.46
N GLN J 174 -34.86 -11.67 48.24
CA GLN J 174 -35.71 -12.75 48.77
C GLN J 174 -35.51 -14.11 48.07
N GLY J 175 -34.83 -14.07 46.93
CA GLY J 175 -34.37 -15.27 46.21
C GLY J 175 -32.96 -15.77 46.56
N GLU J 176 -31.87 -15.16 46.06
CA GLU J 176 -31.85 -13.84 45.41
C GLU J 176 -32.47 -13.80 44.02
N THR J 177 -32.69 -12.58 43.56
CA THR J 177 -33.45 -12.30 42.35
C THR J 177 -32.56 -11.60 41.32
N LYS J 178 -33.03 -11.58 40.08
CA LYS J 178 -32.37 -10.79 39.04
C LYS J 178 -33.42 -10.18 38.14
N VAL J 179 -33.10 -8.98 37.66
CA VAL J 179 -34.04 -8.13 36.95
C VAL J 179 -33.42 -7.72 35.64
N LEU J 180 -34.18 -7.86 34.56
CA LEU J 180 -33.80 -7.35 33.25
C LEU J 180 -34.74 -6.21 32.93
N LYS J 181 -34.17 -5.02 32.78
CA LYS J 181 -34.93 -3.83 32.38
C LYS J 181 -34.62 -3.52 30.91
N LEU J 182 -35.68 -3.24 30.14
CA LEU J 182 -35.54 -2.66 28.81
C LEU J 182 -35.86 -1.20 28.98
N LYS J 183 -34.93 -0.33 28.60
CA LYS J 183 -35.09 1.09 28.83
C LYS J 183 -36.24 1.65 27.98
N ASN J 184 -36.01 1.87 26.68
CA ASN J 184 -37.06 2.30 25.73
C ASN J 184 -37.22 1.24 24.63
N LEU J 185 -38.41 0.63 24.53
CA LEU J 185 -38.67 -0.38 23.51
C LEU J 185 -38.33 0.14 22.10
N ARG J 186 -37.17 -0.27 21.60
CA ARG J 186 -36.75 -0.04 20.21
C ARG J 186 -37.39 -1.13 19.32
N PRO J 187 -37.78 -0.78 18.07
CA PRO J 187 -38.40 -1.77 17.18
C PRO J 187 -38.07 -3.24 17.46
N GLN J 188 -36.79 -3.60 17.42
CA GLN J 188 -36.38 -5.00 17.51
C GLN J 188 -35.64 -5.38 18.80
N ASP J 189 -36.22 -4.98 19.94
CA ASP J 189 -36.03 -5.73 21.18
C ASP J 189 -37.41 -6.17 21.69
N TYR J 190 -38.27 -6.60 20.74
CA TYR J 190 -39.64 -7.03 21.07
C TYR J 190 -39.75 -8.56 21.19
N ALA J 191 -38.63 -9.27 21.05
CA ALA J 191 -38.65 -10.75 20.99
C ALA J 191 -38.90 -11.43 22.36
N SER J 192 -38.68 -12.75 22.45
CA SER J 192 -38.89 -13.51 23.70
C SER J 192 -37.58 -13.78 24.45
N TYR J 193 -37.67 -13.80 25.77
CA TYR J 193 -36.50 -13.83 26.64
C TYR J 193 -36.50 -15.07 27.50
N THR J 194 -35.31 -15.42 28.00
CA THR J 194 -35.14 -16.56 28.89
C THR J 194 -34.23 -16.22 30.08
N CYS J 195 -34.62 -16.68 31.26
CA CYS J 195 -33.87 -16.44 32.50
C CYS J 195 -33.16 -17.72 32.90
N GLN J 196 -32.01 -17.96 32.27
CA GLN J 196 -31.21 -19.16 32.52
C GLN J 196 -30.58 -19.06 33.90
N VAL J 197 -31.07 -19.87 34.84
CA VAL J 197 -30.42 -20.04 36.15
C VAL J 197 -29.54 -21.29 36.17
N SER J 198 -28.51 -21.23 36.99
CA SER J 198 -27.48 -22.25 37.02
C SER J 198 -26.94 -22.29 38.44
N VAL J 199 -26.49 -23.46 38.88
CA VAL J 199 -25.74 -23.57 40.15
C VAL J 199 -24.31 -24.03 39.87
N ARG J 200 -23.83 -23.72 38.66
CA ARG J 200 -22.54 -24.18 38.15
C ARG J 200 -22.44 -25.72 38.05
N ASN J 201 -23.59 -26.36 37.79
CA ASN J 201 -23.71 -27.82 37.65
C ASN J 201 -23.23 -28.64 38.87
N VAL J 202 -23.13 -28.01 40.05
CA VAL J 202 -22.46 -28.64 41.21
C VAL J 202 -23.35 -29.68 41.89
N CYS J 203 -22.71 -30.76 42.35
CA CYS J 203 -23.40 -31.92 42.88
C CYS J 203 -24.44 -32.55 41.93
N GLY J 204 -24.11 -32.55 40.64
CA GLY J 204 -24.92 -33.22 39.61
C GLY J 204 -26.27 -32.59 39.32
N ILE J 205 -26.41 -31.28 39.53
CA ILE J 205 -27.71 -30.60 39.48
C ILE J 205 -27.87 -29.83 38.17
N PRO J 206 -28.93 -30.16 37.40
CA PRO J 206 -29.06 -29.55 36.08
C PRO J 206 -29.38 -28.07 36.14
N ASP J 207 -28.98 -27.34 35.10
CA ASP J 207 -29.43 -25.96 34.92
C ASP J 207 -30.91 -25.94 34.48
N LYS J 208 -31.71 -25.12 35.14
CA LYS J 208 -33.09 -24.83 34.74
C LYS J 208 -33.19 -23.38 34.28
N ALA J 209 -34.23 -23.09 33.51
CA ALA J 209 -34.45 -21.74 32.94
C ALA J 209 -35.94 -21.47 32.78
N ILE J 210 -36.29 -20.27 32.32
CA ILE J 210 -37.70 -19.92 32.09
C ILE J 210 -37.86 -18.82 31.03
N THR J 211 -38.92 -18.96 30.23
CA THR J 211 -39.19 -18.14 29.04
C THR J 211 -40.41 -17.24 29.23
N PHE J 212 -40.37 -16.05 28.63
CA PHE J 212 -41.57 -15.21 28.49
C PHE J 212 -41.48 -14.37 27.21
N ARG J 213 -42.63 -14.15 26.58
CA ARG J 213 -42.75 -13.50 25.29
C ARG J 213 -43.10 -12.04 25.44
N LEU J 214 -43.05 -11.29 24.34
CA LEU J 214 -43.24 -9.83 24.37
C LEU J 214 -43.90 -9.32 23.08
N THR J 215 -44.80 -8.32 23.20
CA THR J 215 -45.48 -7.69 22.04
C THR J 215 -45.75 -6.20 22.31
N PRO K 5 39.22 17.99 31.41
CA PRO K 5 38.02 18.01 30.56
C PRO K 5 37.67 19.37 29.89
N ALA K 6 37.07 19.31 28.70
CA ALA K 6 36.48 20.44 27.94
C ALA K 6 34.98 20.17 27.67
N GLN K 7 34.11 20.85 28.43
CA GLN K 7 32.68 20.50 28.55
C GLN K 7 31.71 21.30 27.65
N ALA K 8 30.45 20.85 27.63
CA ALA K 8 29.32 21.62 27.07
C ALA K 8 27.99 21.12 27.65
N GLN K 9 26.99 22.00 27.70
CA GLN K 9 25.66 21.66 28.20
C GLN K 9 24.62 22.70 27.76
N ILE K 10 23.59 22.25 27.04
CA ILE K 10 22.64 23.13 26.35
C ILE K 10 21.46 23.52 27.26
N VAL K 11 21.03 24.77 27.12
CA VAL K 11 19.77 25.26 27.69
C VAL K 11 18.96 25.99 26.60
N HIS K 12 17.63 25.84 26.66
CA HIS K 12 16.70 26.47 25.70
C HIS K 12 16.58 28.00 25.82
N ALA K 13 16.11 28.61 24.74
CA ALA K 13 15.57 29.97 24.77
C ALA K 13 14.57 30.08 23.61
N GLY K 14 14.26 31.28 23.15
CA GLY K 14 13.34 31.44 22.01
C GLY K 14 11.89 31.27 22.43
N GLN K 15 11.21 30.25 21.90
CA GLN K 15 9.78 30.03 22.20
C GLN K 15 9.40 28.54 22.38
N ALA K 16 9.73 27.99 23.56
CA ALA K 16 9.27 26.66 23.99
C ALA K 16 7.81 26.73 24.47
N CYS K 17 7.25 25.61 24.90
CA CYS K 17 5.79 25.55 25.15
C CYS K 17 5.35 24.81 26.44
N VAL K 18 5.52 23.49 26.54
CA VAL K 18 5.18 22.73 27.78
C VAL K 18 6.23 21.60 28.01
N VAL K 19 7.41 21.99 28.50
CA VAL K 19 8.70 21.21 28.37
C VAL K 19 8.79 19.81 29.10
N LYS K 20 9.46 18.84 28.43
CA LYS K 20 9.90 17.52 29.00
C LYS K 20 11.27 17.06 28.43
N GLU K 21 12.00 16.30 29.22
CA GLU K 21 13.41 15.98 28.97
C GLU K 21 13.78 14.64 29.63
N ASP K 22 15.08 14.37 29.85
CA ASP K 22 15.58 13.13 30.49
C ASP K 22 16.85 13.35 31.38
N ASN K 23 17.47 12.25 31.81
CA ASN K 23 18.64 12.20 32.73
C ASN K 23 19.89 13.07 32.42
N ILE K 24 20.14 13.41 31.14
CA ILE K 24 21.37 14.16 30.72
C ILE K 24 21.12 15.70 30.58
N SER K 25 20.39 16.14 29.56
CA SER K 25 19.87 17.54 29.43
C SER K 25 18.54 17.51 28.62
N GLU K 26 18.10 18.65 28.07
CA GLU K 26 16.86 18.70 27.23
C GLU K 26 16.89 17.77 26.02
N ARG K 27 16.21 16.63 26.10
CA ARG K 27 16.00 15.77 24.94
C ARG K 27 15.26 16.54 23.85
N VAL K 28 14.18 17.21 24.25
CA VAL K 28 13.24 17.84 23.32
C VAL K 28 13.31 19.36 23.40
N TYR K 29 13.30 20.01 22.23
CA TYR K 29 13.04 21.43 22.14
C TYR K 29 11.88 21.63 21.16
N THR K 30 10.69 21.72 21.73
CA THR K 30 9.47 21.93 20.96
C THR K 30 9.39 23.39 20.56
N ILE K 31 8.98 23.64 19.32
CA ILE K 31 8.77 25.00 18.79
C ILE K 31 7.69 25.00 17.71
N ARG K 32 6.95 26.10 17.61
CA ARG K 32 5.91 26.25 16.60
C ARG K 32 6.49 26.82 15.29
N GLU K 33 5.79 26.59 14.17
CA GLU K 33 6.20 27.12 12.87
C GLU K 33 5.80 28.59 12.75
N GLY K 34 6.75 29.43 12.35
CA GLY K 34 6.57 30.90 12.31
C GLY K 34 7.24 31.68 13.45
N ASP K 35 7.61 30.98 14.53
CA ASP K 35 8.27 31.57 15.71
C ASP K 35 9.78 31.77 15.48
N THR K 36 10.52 32.08 16.56
CA THR K 36 11.95 32.19 16.54
C THR K 36 12.57 31.18 17.51
N LEU K 37 13.72 30.63 17.11
CA LEU K 37 14.48 29.66 17.89
C LEU K 37 15.74 30.31 18.49
N MET K 38 16.10 29.93 19.71
CA MET K 38 17.40 30.26 20.31
C MET K 38 17.88 29.17 21.28
N LEU K 39 18.98 28.51 20.93
CA LEU K 39 19.58 27.45 21.75
C LEU K 39 20.99 27.83 22.18
N GLN K 40 21.16 28.13 23.48
CA GLN K 40 22.43 28.61 24.04
C GLN K 40 23.22 27.44 24.60
N CYS K 41 24.45 27.26 24.12
CA CYS K 41 25.28 26.10 24.46
C CYS K 41 26.47 26.48 25.33
N LEU K 42 26.42 26.13 26.62
CA LEU K 42 27.43 26.55 27.59
C LEU K 42 28.79 25.85 27.39
N VAL K 43 29.83 26.35 28.10
CA VAL K 43 31.22 25.84 27.98
C VAL K 43 31.98 25.87 29.33
N THR K 44 32.93 24.93 29.47
CA THR K 44 34.00 24.96 30.53
C THR K 44 35.38 24.52 29.93
N GLY K 45 36.48 25.15 30.37
CA GLY K 45 37.85 24.77 29.92
C GLY K 45 38.95 25.73 30.32
N ARG K 48 39.54 28.32 27.58
CA ARG K 48 38.14 28.19 27.21
C ARG K 48 37.93 27.65 25.78
N PRO K 49 36.80 26.95 25.53
CA PRO K 49 36.55 26.31 24.22
C PRO K 49 35.84 27.17 23.15
N GLN K 50 35.73 26.60 21.95
CA GLN K 50 35.08 27.22 20.77
C GLN K 50 33.84 26.41 20.31
N VAL K 51 32.64 27.00 20.52
CA VAL K 51 31.33 26.34 20.31
C VAL K 51 31.05 26.03 18.82
N ARG K 52 30.30 24.95 18.55
CA ARG K 52 30.06 24.41 17.19
C ARG K 52 28.68 23.75 16.96
N TRP K 53 27.75 24.52 16.39
CA TRP K 53 26.40 24.01 15.99
C TRP K 53 26.42 23.37 14.59
N THR K 54 25.68 22.28 14.40
CA THR K 54 25.83 21.44 13.19
C THR K 54 24.72 20.36 12.96
N LYS K 55 24.34 20.12 11.69
CA LYS K 55 23.62 18.86 11.28
C LYS K 55 23.97 18.39 9.87
N GLU K 66 28.06 22.98 7.66
CA GLU K 66 29.51 23.21 7.51
C GLU K 66 30.16 23.69 8.85
N THR K 67 29.67 23.08 9.94
CA THR K 67 29.90 23.50 11.39
C THR K 67 29.86 25.05 11.71
N SER K 68 28.66 25.58 12.00
CA SER K 68 28.44 27.01 12.38
C SER K 68 29.07 27.35 13.75
N VAL K 69 30.00 28.33 13.78
CA VAL K 69 30.75 28.72 15.01
C VAL K 69 30.07 29.88 15.79
N PHE K 70 28.72 29.93 15.76
CA PHE K 70 27.93 30.75 16.70
C PHE K 70 28.02 30.10 18.09
N GLU K 72 28.10 31.52 20.54
CA GLU K 72 27.72 30.40 21.40
C GLU K 72 26.28 29.88 21.17
N THR K 73 25.45 30.75 20.59
CA THR K 73 23.98 30.60 20.54
C THR K 73 23.44 30.45 19.10
N LEU K 74 22.73 29.35 18.82
CA LEU K 74 22.05 29.16 17.53
C LEU K 74 20.78 29.98 17.48
N ARG K 75 20.39 30.38 16.27
CA ARG K 75 19.21 31.24 16.09
C ARG K 75 18.63 31.09 14.68
N ILE K 76 17.32 30.88 14.58
CA ILE K 76 16.60 30.84 13.29
C ILE K 76 15.27 31.60 13.40
N GLU K 77 15.12 32.64 12.57
CA GLU K 77 13.86 33.41 12.49
C GLU K 77 12.86 32.66 11.62
N ARG K 78 11.58 32.73 12.00
CA ARG K 78 10.47 32.14 11.25
C ARG K 78 10.71 30.65 10.91
N ILE K 79 10.91 29.84 11.95
CA ILE K 79 11.34 28.45 11.76
C ILE K 79 10.30 27.62 10.98
N ALA K 80 10.78 26.87 9.99
CA ALA K 80 9.95 26.03 9.11
C ALA K 80 10.02 24.54 9.50
N ARG K 81 9.04 23.76 9.02
CA ARG K 81 8.99 22.29 9.22
C ARG K 81 10.26 21.56 8.76
N THR K 82 10.83 22.03 7.64
CA THR K 82 12.03 21.45 7.03
C THR K 82 13.34 21.78 7.77
N GLN K 83 13.30 22.74 8.69
CA GLN K 83 14.47 23.07 9.53
C GLN K 83 14.59 22.20 10.79
N GLY K 84 13.51 21.52 11.18
CA GLY K 84 13.52 20.62 12.34
C GLY K 84 14.40 19.39 12.15
N GLY K 85 14.86 18.83 13.27
CA GLY K 85 15.85 17.74 13.29
C GLY K 85 16.78 17.77 14.50
N ARG K 86 17.84 16.98 14.44
CA ARG K 86 18.81 16.86 15.53
C ARG K 86 20.03 17.74 15.26
N TYR K 87 20.28 18.70 16.15
CA TYR K 87 21.50 19.52 16.12
C TYR K 87 22.39 19.23 17.35
N TYR K 88 23.71 19.16 17.14
CA TYR K 88 24.70 18.98 18.23
C TYR K 88 25.58 20.22 18.48
N CYS K 89 26.19 20.23 19.67
CA CYS K 89 27.11 21.28 20.09
C CYS K 89 28.48 20.68 20.44
N LYS K 90 29.45 20.91 19.56
CA LYS K 90 30.78 20.28 19.61
C LYS K 90 31.83 21.29 20.12
N ALA K 91 31.72 21.69 21.39
CA ALA K 91 32.64 22.68 22.00
C ALA K 91 34.01 22.04 22.31
N GLU K 92 35.10 22.73 21.94
CA GLU K 92 36.48 22.18 22.00
C GLU K 92 37.64 23.20 22.11
N ASN K 93 38.51 22.98 23.11
CA ASN K 93 39.89 23.52 23.10
C ASN K 93 40.93 22.39 22.99
N GLY K 94 40.47 21.16 22.74
CA GLY K 94 41.35 19.99 22.69
C GLY K 94 41.92 19.54 24.04
N VAL K 95 41.18 19.81 25.13
CA VAL K 95 41.49 19.29 26.48
C VAL K 95 40.67 18.00 26.66
N GLY K 96 41.27 16.86 26.31
CA GLY K 96 40.53 15.59 26.18
C GLY K 96 39.60 15.59 24.97
N VAL K 97 38.61 14.69 24.97
CA VAL K 97 37.59 14.61 23.90
C VAL K 97 36.62 15.84 23.96
N PRO K 98 36.45 16.55 22.81
CA PRO K 98 35.34 17.50 22.68
C PRO K 98 33.99 16.95 23.13
N ALA K 99 33.39 17.63 24.11
CA ALA K 99 32.08 17.25 24.62
C ALA K 99 31.01 17.65 23.60
N ILE K 100 30.04 16.75 23.42
CA ILE K 100 28.99 16.86 22.39
C ILE K 100 27.61 16.60 23.01
N LYS K 101 26.89 17.68 23.34
CA LYS K 101 25.47 17.62 23.73
C LYS K 101 24.60 18.01 22.55
N SER K 102 23.55 17.19 22.29
CA SER K 102 22.71 17.32 21.09
C SER K 102 21.24 17.31 21.47
N ILE K 103 20.42 17.87 20.58
CA ILE K 103 19.04 18.23 20.93
C ILE K 103 18.08 18.12 19.75
N ARG K 104 16.85 17.72 20.05
CA ARG K 104 15.77 17.54 19.07
C ARG K 104 15.04 18.87 18.87
N VAL K 105 14.80 19.21 17.60
CA VAL K 105 14.01 20.38 17.22
C VAL K 105 12.70 19.91 16.54
N ASP K 106 11.71 19.63 17.39
CA ASP K 106 10.42 19.06 16.98
C ASP K 106 9.52 20.22 16.56
N VAL K 107 9.65 20.66 15.31
CA VAL K 107 8.87 21.79 14.80
C VAL K 107 7.42 21.34 14.68
N GLN K 108 6.48 22.16 15.12
CA GLN K 108 5.07 21.76 15.19
C GLN K 108 4.14 22.62 14.33
N TYR K 109 3.09 21.99 13.80
CA TYR K 109 2.11 22.67 12.95
C TYR K 109 0.84 21.84 12.72
N LEU K 110 -0.18 22.51 12.17
CA LEU K 110 -1.41 21.87 11.72
C LEU K 110 -1.97 22.67 10.53
N ASP K 111 -1.88 22.07 9.34
CA ASP K 111 -2.33 22.70 8.09
C ASP K 111 -3.86 22.94 8.02
N GLU K 112 -4.28 23.52 6.90
CA GLU K 112 -5.66 23.45 6.43
C GLU K 112 -5.90 21.96 6.06
N PRO K 113 -6.87 21.28 6.72
CA PRO K 113 -7.20 19.90 6.32
C PRO K 113 -7.99 19.86 5.02
N MET K 114 -7.92 18.72 4.33
CA MET K 114 -8.45 18.58 2.95
C MET K 114 -9.47 17.41 2.90
N LEU K 115 -10.52 17.57 2.09
CA LEU K 115 -11.70 16.68 2.12
C LEU K 115 -12.29 16.33 0.73
N THR K 116 -12.05 15.08 0.29
CA THR K 116 -12.67 14.48 -0.92
C THR K 116 -13.86 13.61 -0.50
N VAL K 117 -14.44 12.87 -1.45
CA VAL K 117 -15.65 12.10 -1.17
C VAL K 117 -15.72 10.91 -2.16
N HIS K 118 -16.82 10.16 -2.15
CA HIS K 118 -17.22 9.24 -3.26
C HIS K 118 -18.61 8.55 -2.98
N GLN K 119 -19.31 8.17 -4.06
CA GLN K 119 -20.76 7.76 -4.01
C GLN K 119 -21.12 6.48 -4.82
N THR K 120 -22.01 5.62 -4.26
CA THR K 120 -22.80 4.57 -5.02
C THR K 120 -23.92 3.85 -4.11
N VAL K 121 -24.71 2.87 -4.66
CA VAL K 121 -25.90 2.14 -3.96
C VAL K 121 -25.48 1.16 -2.83
N LYS K 132 -26.93 2.48 -0.41
CA LYS K 132 -26.29 3.74 -0.82
C LYS K 132 -25.13 4.15 0.09
N THR K 133 -23.90 3.93 -0.38
CA THR K 133 -22.68 4.19 0.40
C THR K 133 -21.98 5.48 -0.01
N VAL K 134 -21.60 6.28 0.99
CA VAL K 134 -20.86 7.51 0.77
C VAL K 134 -19.66 7.58 1.71
N PHE K 135 -18.51 7.87 1.13
CA PHE K 135 -17.26 7.94 1.84
C PHE K 135 -16.89 9.39 1.95
N LEU K 136 -16.30 9.79 3.07
CA LEU K 136 -15.64 11.10 3.23
C LEU K 136 -14.19 10.90 3.68
N ARG K 137 -13.24 11.14 2.78
CA ARG K 137 -11.82 10.98 3.07
C ARG K 137 -11.28 12.30 3.56
N CYS K 138 -10.56 12.28 4.70
CA CYS K 138 -10.00 13.50 5.32
C CYS K 138 -8.51 13.33 5.67
N THR K 139 -7.67 14.06 4.94
CA THR K 139 -6.24 14.14 5.21
C THR K 139 -5.93 15.44 5.95
N VAL K 140 -4.74 15.45 6.54
CA VAL K 140 -4.05 16.68 6.89
C VAL K 140 -2.60 16.35 7.22
N ASN K 141 -1.68 17.18 6.73
CA ASN K 141 -0.30 17.12 7.19
C ASN K 141 -0.20 17.85 8.53
N SER K 142 0.34 17.17 9.54
CA SER K 142 0.56 17.78 10.86
C SER K 142 1.84 17.28 11.49
N ASN K 143 2.23 17.97 12.55
CA ASN K 143 3.27 17.50 13.45
C ASN K 143 2.97 18.16 14.79
N PRO K 144 2.68 17.41 15.86
CA PRO K 144 2.63 15.96 15.88
C PRO K 144 1.44 15.39 15.07
N PRO K 145 1.31 14.04 15.03
CA PRO K 145 0.16 13.40 14.41
C PRO K 145 -1.19 13.90 14.94
N ALA K 146 -2.05 14.36 14.04
CA ALA K 146 -3.33 14.96 14.42
C ALA K 146 -4.38 13.93 14.86
N ARG K 147 -5.39 14.43 15.55
CA ARG K 147 -6.52 13.63 16.03
C ARG K 147 -7.78 14.09 15.30
N PHE K 148 -8.48 13.15 14.67
CA PHE K 148 -9.62 13.43 13.80
C PHE K 148 -10.95 13.20 14.51
N ILE K 149 -11.84 14.16 14.35
CA ILE K 149 -13.19 14.14 14.92
C ILE K 149 -14.19 14.46 13.81
N TRP K 150 -15.31 13.75 13.80
CA TRP K 150 -16.34 13.83 12.75
C TRP K 150 -17.69 14.27 13.32
N LYS K 151 -18.35 15.19 12.64
CA LYS K 151 -19.57 15.79 13.15
C LYS K 151 -20.73 15.73 12.18
N ARG K 152 -21.89 16.09 12.70
CA ARG K 152 -23.10 16.31 11.94
C ARG K 152 -24.00 17.27 12.74
N GLY K 153 -23.42 18.43 13.12
CA GLY K 153 -24.00 19.34 14.12
C GLY K 153 -23.32 19.13 15.46
N SER K 154 -23.41 17.91 15.98
CA SER K 154 -22.62 17.42 17.11
C SER K 154 -21.95 16.04 16.76
N ASP K 155 -20.86 15.70 17.49
CA ASP K 155 -19.91 14.63 17.08
C ASP K 155 -20.40 13.16 16.96
N THR K 156 -19.80 12.39 16.04
CA THR K 156 -20.26 11.03 15.69
C THR K 156 -19.26 9.88 16.05
N LEU K 157 -19.79 8.75 16.52
CA LEU K 157 -19.11 7.40 16.54
C LEU K 157 -20.20 6.28 16.69
N SER K 158 -19.95 5.09 16.14
CA SER K 158 -20.92 3.97 16.09
C SER K 158 -21.79 3.80 17.33
N ASN K 163 -24.65 4.20 14.26
CA ASN K 163 -24.82 2.76 14.46
C ASN K 163 -24.38 1.97 13.21
N GLY K 164 -25.12 2.09 12.10
CA GLY K 164 -24.71 1.54 10.81
C GLY K 164 -23.96 2.62 10.03
N VAL K 165 -22.90 3.12 10.65
CA VAL K 165 -22.10 4.24 10.18
C VAL K 165 -20.66 4.04 10.75
N ASP K 166 -19.63 4.03 9.89
CA ASP K 166 -18.25 3.62 10.27
C ASP K 166 -17.22 4.74 10.08
N ILE K 167 -16.18 4.73 10.93
CA ILE K 167 -14.98 5.56 10.76
C ILE K 167 -13.77 4.64 10.80
N TYR K 168 -12.69 4.97 10.08
CA TYR K 168 -11.42 4.22 10.19
C TYR K 168 -10.15 4.93 9.71
N GLU K 169 -8.99 4.36 10.07
CA GLU K 169 -7.68 4.75 9.54
C GLU K 169 -7.31 3.66 8.51
N PRO K 170 -6.42 3.95 7.53
CA PRO K 170 -5.85 2.94 6.63
C PRO K 170 -4.36 2.61 6.87
N LEU K 171 -3.76 1.76 6.02
CA LEU K 171 -2.34 1.35 6.14
C LEU K 171 -1.40 2.42 5.54
N TYR K 172 -1.79 2.93 4.38
CA TYR K 172 -0.97 3.88 3.61
C TYR K 172 -1.31 5.28 4.12
N THR K 173 -0.90 5.56 5.35
CA THR K 173 -1.25 6.82 6.02
C THR K 173 -0.32 7.95 5.58
N GLN K 174 -0.62 8.47 4.38
CA GLN K 174 0.14 9.60 3.80
C GLN K 174 -0.13 10.95 4.46
N GLY K 175 -1.17 11.00 5.30
CA GLY K 175 -1.42 12.15 6.19
C GLY K 175 -0.79 12.06 7.59
N GLU K 176 -1.34 11.28 8.55
CA GLU K 176 -2.39 10.27 8.34
C GLU K 176 -3.76 10.85 8.01
N THR K 177 -4.64 9.96 7.56
CA THR K 177 -5.94 10.30 7.06
C THR K 177 -7.01 9.66 7.93
N LYS K 178 -8.25 10.12 7.77
CA LYS K 178 -9.39 9.46 8.41
C LYS K 178 -10.58 9.51 7.48
N VAL K 179 -11.38 8.46 7.57
CA VAL K 179 -12.45 8.18 6.63
C VAL K 179 -13.73 7.96 7.39
N LEU K 180 -14.79 8.64 6.95
CA LEU K 180 -16.13 8.41 7.48
C LEU K 180 -16.92 7.77 6.36
N LYS K 181 -17.38 6.55 6.62
CA LYS K 181 -18.24 5.82 5.68
C LYS K 181 -19.67 5.83 6.19
N LEU K 182 -20.62 6.12 5.30
CA LEU K 182 -22.04 5.92 5.56
C LEU K 182 -22.39 4.64 4.84
N LYS K 183 -22.92 3.67 5.56
CA LYS K 183 -23.17 2.36 4.98
C LYS K 183 -24.31 2.45 3.94
N ASN K 184 -25.57 2.54 4.37
CA ASN K 184 -26.73 2.75 3.48
C ASN K 184 -27.43 4.06 3.87
N LEU K 185 -27.47 5.02 2.94
CA LEU K 185 -28.15 6.30 3.17
C LEU K 185 -29.59 6.08 3.64
N ARG K 186 -29.78 6.22 4.95
CA ARG K 186 -31.11 6.25 5.58
C ARG K 186 -31.66 7.69 5.47
N PRO K 187 -32.99 7.87 5.27
CA PRO K 187 -33.57 9.20 5.18
C PRO K 187 -32.78 10.33 5.83
N GLN K 188 -32.54 10.26 7.14
CA GLN K 188 -31.94 11.39 7.86
C GLN K 188 -30.52 11.12 8.38
N ASP K 189 -29.67 10.62 7.48
CA ASP K 189 -28.24 10.90 7.58
C ASP K 189 -27.77 11.58 6.28
N TYR K 190 -28.62 12.51 5.79
CA TYR K 190 -28.35 13.26 4.57
C TYR K 190 -27.75 14.64 4.85
N ALA K 191 -27.51 14.96 6.13
CA ALA K 191 -27.09 16.31 6.53
C ALA K 191 -25.61 16.64 6.17
N SER K 192 -25.06 17.73 6.71
CA SER K 192 -23.68 18.17 6.42
C SER K 192 -22.73 17.81 7.55
N TYR K 193 -21.48 17.50 7.17
CA TYR K 193 -20.51 16.92 8.09
C TYR K 193 -19.30 17.82 8.23
N THR K 194 -18.59 17.64 9.34
CA THR K 194 -17.37 18.39 9.63
C THR K 194 -16.25 17.48 10.13
N CYS K 195 -15.03 17.71 9.62
CA CYS K 195 -13.85 16.90 9.97
C CYS K 195 -12.96 17.72 10.89
N GLN K 196 -13.32 17.73 12.17
CA GLN K 196 -12.59 18.49 13.18
C GLN K 196 -11.25 17.80 13.44
N VAL K 197 -10.17 18.44 12.99
CA VAL K 197 -8.80 18.03 13.35
C VAL K 197 -8.26 18.87 14.52
N SER K 198 -7.37 18.25 15.28
CA SER K 198 -6.88 18.82 16.51
C SER K 198 -5.46 18.29 16.69
N VAL K 199 -4.59 19.07 17.33
CA VAL K 199 -3.28 18.56 17.78
C VAL K 199 -3.21 18.57 19.30
N ARG K 200 -4.38 18.47 19.95
CA ARG K 200 -4.51 18.60 21.40
C ARG K 200 -4.08 19.98 21.93
N ASN K 201 -4.27 21.01 21.08
CA ASN K 201 -3.91 22.41 21.38
C ASN K 201 -2.44 22.65 21.78
N VAL K 202 -1.54 21.72 21.44
CA VAL K 202 -0.17 21.74 21.97
C VAL K 202 0.71 22.78 21.27
N CYS K 203 1.57 23.40 22.07
CA CYS K 203 2.39 24.52 21.62
C CYS K 203 1.57 25.70 21.01
N GLY K 204 0.42 25.97 21.61
CA GLY K 204 -0.42 27.12 21.28
C GLY K 204 -1.09 27.08 19.91
N ILE K 205 -1.35 25.89 19.38
CA ILE K 205 -1.80 25.72 17.99
C ILE K 205 -3.30 25.46 17.93
N PRO K 206 -4.05 26.32 17.20
CA PRO K 206 -5.51 26.18 17.22
C PRO K 206 -6.00 24.93 16.49
N ASP K 207 -7.14 24.43 16.90
CA ASP K 207 -7.84 23.39 16.15
C ASP K 207 -8.45 23.98 14.87
N LYS K 208 -8.21 23.32 13.74
CA LYS K 208 -8.89 23.64 12.47
C LYS K 208 -9.82 22.47 12.10
N ALA K 209 -10.79 22.76 11.23
CA ALA K 209 -11.77 21.78 10.78
C ALA K 209 -12.21 22.06 9.34
N ILE K 210 -13.10 21.22 8.79
CA ILE K 210 -13.61 21.44 7.43
C ILE K 210 -14.97 20.77 7.22
N THR K 211 -15.83 21.44 6.44
CA THR K 211 -17.24 21.08 6.23
C THR K 211 -17.50 20.62 4.79
N PHE K 212 -18.44 19.68 4.63
CA PHE K 212 -18.98 19.34 3.31
C PHE K 212 -20.46 18.90 3.45
N ARG K 213 -21.26 19.26 2.44
CA ARG K 213 -22.70 19.08 2.44
C ARG K 213 -23.08 17.81 1.70
N LEU K 214 -24.35 17.41 1.83
CA LEU K 214 -24.83 16.15 1.24
C LEU K 214 -26.29 16.25 0.77
N THR K 215 -26.62 15.62 -0.36
CA THR K 215 -28.01 15.59 -0.91
C THR K 215 -28.27 14.26 -1.66
N PRO L 5 -52.38 -37.39 -5.07
CA PRO L 5 -51.08 -37.45 -4.38
C PRO L 5 -50.74 -38.79 -3.66
N ALA L 6 -49.43 -39.11 -3.58
CA ALA L 6 -48.87 -40.25 -2.80
C ALA L 6 -47.83 -39.72 -1.79
N GLN L 7 -48.22 -39.64 -0.52
CA GLN L 7 -47.50 -38.86 0.51
C GLN L 7 -46.57 -39.67 1.43
N ALA L 8 -45.79 -38.94 2.23
CA ALA L 8 -45.01 -39.48 3.35
C ALA L 8 -44.65 -38.40 4.35
N GLN L 9 -44.48 -38.80 5.61
CA GLN L 9 -44.14 -37.84 6.70
C GLN L 9 -43.57 -38.64 7.90
N ILE L 10 -42.34 -38.32 8.31
CA ILE L 10 -41.62 -39.10 9.31
C ILE L 10 -41.90 -38.61 10.74
N VAL L 11 -41.98 -39.58 11.66
CA VAL L 11 -42.01 -39.32 13.10
C VAL L 11 -40.97 -40.23 13.78
N HIS L 12 -40.34 -39.69 14.83
CA HIS L 12 -39.31 -40.39 15.62
C HIS L 12 -39.83 -41.54 16.49
N ALA L 13 -38.91 -42.42 16.85
CA ALA L 13 -39.10 -43.35 17.96
C ALA L 13 -37.70 -43.71 18.49
N GLY L 14 -37.55 -44.83 19.19
CA GLY L 14 -36.22 -45.25 19.67
C GLY L 14 -35.80 -44.47 20.90
N GLN L 15 -34.72 -43.67 20.80
CA GLN L 15 -34.19 -42.92 21.94
C GLN L 15 -33.72 -41.49 21.59
N ALA L 16 -34.67 -40.57 21.39
CA ALA L 16 -34.38 -39.13 21.27
C ALA L 16 -34.14 -38.53 22.65
N CYS L 17 -33.85 -37.23 22.72
CA CYS L 17 -33.30 -36.65 23.96
C CYS L 17 -33.87 -35.25 24.35
N VAL L 18 -33.61 -34.20 23.58
CA VAL L 18 -34.12 -32.82 23.87
C VAL L 18 -34.51 -32.12 22.55
N VAL L 19 -35.66 -32.51 21.99
CA VAL L 19 -35.99 -32.38 20.53
C VAL L 19 -36.17 -30.92 19.96
N LYS L 20 -35.68 -30.71 18.71
CA LYS L 20 -35.94 -29.49 17.87
C LYS L 20 -36.05 -29.79 16.36
N GLU L 21 -36.85 -28.99 15.65
CA GLU L 21 -37.21 -29.28 14.26
C GLU L 21 -37.55 -27.96 13.54
N ASP L 22 -38.27 -28.03 12.40
CA ASP L 22 -38.66 -26.84 11.60
C ASP L 22 -40.05 -26.99 10.91
N ASN L 23 -40.38 -26.06 10.01
CA ASN L 23 -41.67 -25.93 9.29
C ASN L 23 -42.26 -27.17 8.56
N ILE L 24 -41.42 -28.14 8.13
CA ILE L 24 -41.89 -29.32 7.34
C ILE L 24 -42.11 -30.59 8.23
N SER L 25 -41.04 -31.21 8.71
CA SER L 25 -41.10 -32.28 9.75
C SER L 25 -39.79 -32.24 10.61
N GLU L 26 -39.47 -33.31 11.34
CA GLU L 26 -38.21 -33.38 12.14
C GLU L 26 -36.94 -33.21 11.30
N ARG L 27 -36.34 -32.02 11.37
CA ARG L 27 -35.03 -31.81 10.74
C ARG L 27 -34.00 -32.74 11.39
N VAL L 28 -34.01 -32.78 12.73
CA VAL L 28 -33.01 -33.47 13.53
C VAL L 28 -33.58 -34.71 14.21
N TYR L 29 -32.82 -35.80 14.20
CA TYR L 29 -33.05 -36.94 15.07
C TYR L 29 -31.76 -37.21 15.82
N THR L 30 -31.67 -36.66 17.02
CA THR L 30 -30.51 -36.83 17.88
C THR L 30 -30.60 -38.20 18.54
N ILE L 31 -29.47 -38.89 18.62
CA ILE L 31 -29.37 -40.18 19.31
C ILE L 31 -27.95 -40.38 19.88
N ARG L 32 -27.88 -41.09 20.99
CA ARG L 32 -26.59 -41.39 21.64
C ARG L 32 -25.98 -42.68 21.07
N GLU L 33 -24.67 -42.84 21.20
CA GLU L 33 -23.96 -44.04 20.74
C GLU L 33 -24.13 -45.16 21.77
N GLY L 34 -24.53 -46.34 21.28
CA GLY L 34 -24.88 -47.49 22.14
C GLY L 34 -26.38 -47.78 22.28
N ASP L 35 -27.22 -46.79 21.95
CA ASP L 35 -28.69 -46.88 22.04
C ASP L 35 -29.30 -47.61 20.84
N THR L 36 -30.63 -47.56 20.70
CA THR L 36 -31.32 -48.12 19.54
C THR L 36 -32.10 -47.02 18.82
N LEU L 37 -32.15 -47.12 17.49
CA LEU L 37 -32.87 -46.17 16.63
C LEU L 37 -34.16 -46.79 16.10
N MET L 38 -35.22 -45.98 15.99
CA MET L 38 -36.43 -46.34 15.26
C MET L 38 -37.12 -45.12 14.63
N LEU L 39 -37.16 -45.09 13.30
CA LEU L 39 -37.79 -44.00 12.54
C LEU L 39 -38.96 -44.54 11.70
N GLN L 40 -40.17 -44.18 12.10
CA GLN L 40 -41.40 -44.68 11.45
C GLN L 40 -41.86 -43.67 10.39
N CYS L 41 -41.99 -44.12 9.14
CA CYS L 41 -42.32 -43.26 8.00
C CYS L 41 -43.73 -43.49 7.48
N LEU L 42 -44.62 -42.53 7.74
CA LEU L 42 -46.05 -42.68 7.42
C LEU L 42 -46.34 -42.61 5.91
N VAL L 43 -47.57 -42.99 5.54
CA VAL L 43 -48.00 -43.06 4.12
C VAL L 43 -49.47 -42.65 3.91
N THR L 44 -49.77 -42.10 2.73
CA THR L 44 -51.16 -41.89 2.22
C THR L 44 -51.23 -42.26 0.69
N GLY L 45 -52.33 -42.88 0.25
CA GLY L 45 -52.49 -43.36 -1.14
C GLY L 45 -53.55 -44.44 -1.34
N ARG L 48 -52.50 -48.10 -1.22
CA ARG L 48 -51.39 -47.71 -0.31
C ARG L 48 -50.10 -47.66 -1.12
N PRO L 49 -49.10 -46.82 -0.69
CA PRO L 49 -47.72 -46.87 -1.18
C PRO L 49 -46.77 -47.90 -0.50
N GLN L 50 -45.57 -48.02 -1.05
CA GLN L 50 -44.48 -48.91 -0.59
C GLN L 50 -43.24 -48.12 -0.09
N VAL L 51 -43.02 -48.16 1.23
CA VAL L 51 -42.00 -47.34 1.93
C VAL L 51 -40.55 -47.75 1.55
N ARG L 52 -39.63 -46.76 1.56
CA ARG L 52 -38.23 -46.94 1.07
C ARG L 52 -37.15 -46.13 1.82
N TRP L 53 -36.50 -46.77 2.80
CA TRP L 53 -35.37 -46.16 3.54
C TRP L 53 -34.02 -46.38 2.81
N THR L 54 -33.14 -45.37 2.86
CA THR L 54 -31.94 -45.35 2.00
C THR L 54 -30.86 -44.27 2.36
N LYS L 55 -29.57 -44.64 2.23
CA LYS L 55 -28.45 -43.66 2.11
C LYS L 55 -27.26 -44.32 1.39
N GLU L 66 -29.10 -50.10 -0.84
CA GLU L 66 -29.80 -50.92 -1.84
C GLU L 66 -31.34 -50.72 -1.82
N THR L 67 -31.77 -49.51 -1.40
CA THR L 67 -33.18 -49.15 -0.95
C THR L 67 -33.94 -50.22 -0.06
N SER L 68 -33.76 -50.13 1.27
CA SER L 68 -34.44 -51.03 2.25
C SER L 68 -35.97 -50.79 2.30
N VAL L 69 -36.76 -51.85 2.03
CA VAL L 69 -38.25 -51.79 1.99
C VAL L 69 -38.91 -52.13 3.35
N PHE L 70 -38.24 -51.78 4.46
CA PHE L 70 -38.80 -51.78 5.83
C PHE L 70 -39.80 -50.63 5.88
N GLU L 72 -42.27 -50.48 7.21
CA GLU L 72 -42.41 -49.03 7.22
C GLU L 72 -41.36 -48.30 8.06
N THR L 73 -40.76 -49.03 9.01
CA THR L 73 -39.96 -48.48 10.11
C THR L 73 -38.48 -48.93 10.06
N LEU L 74 -37.56 -47.97 10.01
CA LEU L 74 -36.11 -48.25 10.08
C LEU L 74 -35.71 -48.57 11.52
N ARG L 75 -34.66 -49.37 11.66
CA ARG L 75 -34.21 -49.81 12.98
C ARG L 75 -32.73 -50.24 12.95
N ILE L 76 -31.93 -49.71 13.90
CA ILE L 76 -30.53 -50.11 14.08
C ILE L 76 -30.21 -50.25 15.58
N GLU L 77 -29.77 -51.44 15.98
CA GLU L 77 -29.33 -51.71 17.35
C GLU L 77 -27.91 -51.18 17.56
N ARG L 78 -27.66 -50.66 18.76
CA ARG L 78 -26.31 -50.24 19.20
C ARG L 78 -25.66 -49.29 18.21
N ILE L 79 -26.33 -48.16 17.96
CA ILE L 79 -25.95 -47.26 16.86
C ILE L 79 -24.55 -46.66 17.07
N ALA L 80 -23.73 -46.69 16.01
CA ALA L 80 -22.35 -46.21 16.04
C ALA L 80 -22.22 -44.82 15.36
N ARG L 81 -21.10 -44.13 15.65
CA ARG L 81 -20.76 -42.84 15.02
C ARG L 81 -20.77 -42.86 13.49
N THR L 82 -20.29 -43.97 12.93
CA THR L 82 -20.19 -44.17 11.48
C THR L 82 -21.53 -44.45 10.77
N GLN L 83 -22.57 -44.75 11.54
CA GLN L 83 -23.92 -44.97 10.99
C GLN L 83 -24.74 -43.65 10.85
N GLY L 84 -24.29 -42.57 11.49
CA GLY L 84 -24.97 -41.27 11.40
C GLY L 84 -24.88 -40.66 10.01
N GLY L 85 -25.86 -39.79 9.70
CA GLY L 85 -26.00 -39.16 8.38
C GLY L 85 -27.44 -38.88 7.97
N ARG L 86 -27.65 -38.61 6.68
CA ARG L 86 -28.97 -38.29 6.16
C ARG L 86 -29.63 -39.52 5.52
N TYR L 87 -30.79 -39.91 6.07
CA TYR L 87 -31.63 -40.97 5.48
C TYR L 87 -32.96 -40.40 4.96
N TYR L 88 -33.39 -40.85 3.77
CA TYR L 88 -34.70 -40.45 3.18
C TYR L 88 -35.72 -41.58 3.10
N CYS L 89 -36.99 -41.17 2.97
CA CYS L 89 -38.12 -42.09 2.84
C CYS L 89 -38.89 -41.84 1.53
N LYS L 90 -38.73 -42.74 0.58
CA LYS L 90 -39.22 -42.60 -0.79
C LYS L 90 -40.48 -43.47 -1.01
N ALA L 91 -41.58 -43.13 -0.34
CA ALA L 91 -42.84 -43.90 -0.44
C ALA L 91 -43.56 -43.62 -1.76
N GLU L 92 -44.03 -44.69 -2.43
CA GLU L 92 -44.58 -44.62 -3.81
C GLU L 92 -45.57 -45.72 -4.24
N ASN L 93 -46.74 -45.31 -4.74
CA ASN L 93 -47.59 -46.16 -5.60
C ASN L 93 -47.66 -45.60 -7.04
N GLY L 94 -46.86 -44.57 -7.34
CA GLY L 94 -46.91 -43.89 -8.64
C GLY L 94 -48.14 -43.03 -8.89
N VAL L 95 -48.74 -42.51 -7.81
CA VAL L 95 -49.84 -41.51 -7.89
C VAL L 95 -49.21 -40.12 -7.78
N GLY L 96 -48.85 -39.53 -8.92
CA GLY L 96 -48.00 -38.32 -8.96
C GLY L 96 -46.55 -38.63 -8.57
N VAL L 97 -45.80 -37.59 -8.19
CA VAL L 97 -44.39 -37.75 -7.73
C VAL L 97 -44.30 -38.46 -6.35
N PRO L 98 -43.50 -39.55 -6.24
CA PRO L 98 -43.15 -40.11 -4.93
C PRO L 98 -42.65 -39.03 -3.95
N ALA L 99 -43.34 -38.94 -2.81
CA ALA L 99 -42.98 -38.00 -1.76
C ALA L 99 -41.73 -38.52 -1.04
N ILE L 100 -40.82 -37.59 -0.74
CA ILE L 100 -39.51 -37.90 -0.16
C ILE L 100 -39.22 -36.96 1.03
N LYS L 101 -39.50 -37.46 2.25
CA LYS L 101 -39.09 -36.78 3.50
C LYS L 101 -37.84 -37.44 4.05
N SER L 102 -36.86 -36.60 4.43
CA SER L 102 -35.53 -37.05 4.83
C SER L 102 -35.11 -36.39 6.13
N ILE L 103 -34.18 -37.04 6.83
CA ILE L 103 -33.92 -36.74 8.23
C ILE L 103 -32.46 -36.94 8.62
N ARG L 104 -32.00 -36.08 9.53
CA ARG L 104 -30.63 -36.09 10.04
C ARG L 104 -30.52 -37.05 11.23
N VAL L 105 -29.49 -37.90 11.21
CA VAL L 105 -29.16 -38.80 12.32
C VAL L 105 -27.83 -38.36 12.94
N ASP L 106 -27.95 -37.41 13.88
CA ASP L 106 -26.82 -36.78 14.53
C ASP L 106 -26.41 -37.65 15.71
N VAL L 107 -25.59 -38.67 15.45
CA VAL L 107 -25.15 -39.59 16.49
C VAL L 107 -24.20 -38.84 17.41
N GLN L 108 -24.36 -38.98 18.72
CA GLN L 108 -23.61 -38.20 19.69
C GLN L 108 -22.74 -39.03 20.61
N TYR L 109 -21.60 -38.45 21.02
CA TYR L 109 -20.65 -39.12 21.91
C TYR L 109 -19.60 -38.15 22.48
N LEU L 110 -18.89 -38.65 23.49
CA LEU L 110 -17.73 -37.96 24.08
C LEU L 110 -16.73 -39.00 24.59
N ASP L 111 -15.61 -39.15 23.88
CA ASP L 111 -14.57 -40.14 24.23
C ASP L 111 -13.88 -39.87 25.57
N GLU L 112 -12.96 -40.78 25.92
CA GLU L 112 -11.91 -40.49 26.89
C GLU L 112 -10.99 -39.44 26.24
N PRO L 113 -10.86 -38.22 26.84
CA PRO L 113 -9.93 -37.22 26.32
C PRO L 113 -8.47 -37.59 26.61
N MET L 114 -7.56 -37.05 25.80
CA MET L 114 -6.14 -37.44 25.78
C MET L 114 -5.24 -36.21 26.02
N LEU L 115 -4.11 -36.41 26.71
CA LEU L 115 -3.30 -35.30 27.27
C LEU L 115 -1.76 -35.52 27.19
N THR L 116 -1.10 -34.80 26.26
CA THR L 116 0.37 -34.72 26.16
C THR L 116 0.87 -33.43 26.85
N VAL L 117 2.15 -33.13 26.75
CA VAL L 117 2.74 -32.03 27.50
C VAL L 117 4.04 -31.58 26.81
N HIS L 118 4.77 -30.61 27.39
CA HIS L 118 6.24 -30.41 27.20
C HIS L 118 6.83 -29.17 27.93
N GLN L 119 8.09 -29.22 28.39
CA GLN L 119 8.71 -28.28 29.35
C GLN L 119 10.11 -27.71 28.98
N THR L 120 10.34 -26.41 29.25
CA THR L 120 11.69 -25.70 29.16
C THR L 120 11.66 -24.18 29.67
N VAL L 121 12.76 -23.39 29.62
CA VAL L 121 12.98 -22.04 30.37
C VAL L 121 12.16 -20.83 29.85
N LYS L 132 10.41 -20.21 32.35
CA LYS L 132 10.05 -21.63 32.34
C LYS L 132 8.64 -21.92 31.85
N THR L 133 8.53 -22.36 30.59
CA THR L 133 7.26 -22.55 29.89
C THR L 133 6.86 -24.01 29.80
N VAL L 134 5.60 -24.30 30.11
CA VAL L 134 5.05 -25.66 30.02
C VAL L 134 3.71 -25.64 29.31
N PHE L 135 3.58 -26.54 28.34
CA PHE L 135 2.39 -26.63 27.52
C PHE L 135 1.64 -27.88 27.95
N LEU L 136 0.31 -27.82 27.94
CA LEU L 136 -0.55 -29.00 28.05
C LEU L 136 -1.52 -29.06 26.87
N ARG L 137 -1.31 -30.01 25.97
CA ARG L 137 -2.17 -30.21 24.80
C ARG L 137 -3.26 -31.20 25.14
N CYS L 138 -4.52 -30.84 24.86
CA CYS L 138 -5.69 -31.69 25.17
C CYS L 138 -6.63 -31.86 23.96
N THR L 139 -6.66 -33.08 23.43
CA THR L 139 -7.58 -33.47 22.37
C THR L 139 -8.76 -34.24 22.94
N VAL L 140 -9.80 -34.35 22.14
CA VAL L 140 -10.82 -35.36 22.29
C VAL L 140 -11.67 -35.42 21.03
N ASN L 141 -11.99 -36.62 20.56
CA ASN L 141 -12.99 -36.78 19.52
C ASN L 141 -14.37 -36.72 20.16
N SER L 142 -15.24 -35.84 19.67
CA SER L 142 -16.62 -35.74 20.16
C SER L 142 -17.59 -35.42 19.03
N ASN L 143 -18.87 -35.57 19.35
CA ASN L 143 -19.95 -35.08 18.52
C ASN L 143 -21.12 -34.84 19.47
N PRO L 144 -21.61 -33.61 19.63
CA PRO L 144 -21.12 -32.41 18.95
C PRO L 144 -19.73 -32.00 19.41
N PRO L 145 -19.17 -30.92 18.82
CA PRO L 145 -17.89 -30.34 19.25
C PRO L 145 -17.85 -30.02 20.75
N ALA L 146 -16.87 -30.56 21.45
CA ALA L 146 -16.78 -30.44 22.91
C ALA L 146 -16.31 -29.06 23.36
N ARG L 147 -16.56 -28.76 24.63
CA ARG L 147 -16.16 -27.51 25.27
C ARG L 147 -15.12 -27.84 26.35
N PHE L 148 -13.97 -27.17 26.27
CA PHE L 148 -12.82 -27.49 27.11
C PHE L 148 -12.67 -26.52 28.28
N ILE L 149 -12.44 -27.08 29.46
CA ILE L 149 -12.28 -26.34 30.71
C ILE L 149 -11.02 -26.84 31.41
N TRP L 150 -10.26 -25.91 31.97
CA TRP L 150 -8.95 -26.18 32.59
C TRP L 150 -8.94 -25.80 34.07
N LYS L 151 -8.37 -26.67 34.91
CA LYS L 151 -8.45 -26.50 36.35
C LYS L 151 -7.08 -26.58 37.02
N ARG L 152 -7.11 -26.25 38.31
CA ARG L 152 -5.98 -26.42 39.21
C ARG L 152 -6.52 -26.48 40.65
N GLY L 153 -7.52 -27.36 40.86
CA GLY L 153 -8.34 -27.36 42.09
C GLY L 153 -9.67 -26.67 41.84
N SER L 154 -9.60 -25.40 41.40
CA SER L 154 -10.73 -24.67 40.81
C SER L 154 -10.32 -24.05 39.45
N ASP L 155 -11.31 -23.80 38.58
CA ASP L 155 -11.10 -23.48 37.11
C ASP L 155 -10.31 -22.21 36.73
N THR L 156 -9.60 -22.25 35.60
CA THR L 156 -8.63 -21.19 35.21
C THR L 156 -9.00 -20.39 33.92
N LEU L 157 -8.78 -19.07 33.96
CA LEU L 157 -9.01 -18.08 32.86
C LEU L 157 -8.32 -16.72 33.27
N SER L 158 -7.90 -15.92 32.27
CA SER L 158 -7.13 -14.68 32.47
C SER L 158 -7.46 -13.86 33.71
N ASN L 163 -3.50 -15.01 34.88
CA ASN L 163 -3.11 -13.70 34.35
C ASN L 163 -1.95 -13.84 33.33
N GLY L 164 -0.76 -14.25 33.80
CA GLY L 164 0.36 -14.58 32.92
C GLY L 164 0.32 -16.08 32.64
N VAL L 165 -0.81 -16.53 32.10
CA VAL L 165 -1.16 -17.93 31.87
C VAL L 165 -2.16 -17.93 30.68
N ASP L 166 -1.87 -18.68 29.61
CA ASP L 166 -2.67 -18.63 28.35
C ASP L 166 -3.37 -19.96 28.02
N ILE L 167 -4.55 -19.84 27.40
CA ILE L 167 -5.26 -20.99 26.78
C ILE L 167 -5.57 -20.62 25.33
N TYR L 168 -5.58 -21.60 24.43
CA TYR L 168 -6.01 -21.34 23.03
C TYR L 168 -6.43 -22.59 22.22
N GLU L 169 -7.09 -22.32 21.08
CA GLU L 169 -7.39 -23.32 20.05
C GLU L 169 -6.35 -23.08 18.92
N PRO L 170 -6.01 -24.12 18.12
CA PRO L 170 -5.16 -23.95 16.93
C PRO L 170 -5.90 -24.09 15.57
N LEU L 171 -5.16 -24.05 14.47
CA LEU L 171 -5.70 -24.17 13.10
C LEU L 171 -5.96 -25.63 12.72
N TYR L 172 -5.02 -26.50 13.08
CA TYR L 172 -5.04 -27.91 12.72
C TYR L 172 -5.84 -28.64 13.81
N THR L 173 -7.14 -28.36 13.86
CA THR L 173 -8.00 -28.92 14.90
C THR L 173 -8.44 -30.34 14.56
N GLN L 174 -7.51 -31.27 14.77
CA GLN L 174 -7.74 -32.72 14.55
C GLN L 174 -8.65 -33.36 15.61
N GLY L 175 -8.90 -32.63 16.71
CA GLY L 175 -9.92 -33.00 17.71
C GLY L 175 -11.33 -32.44 17.47
N GLU L 176 -11.62 -31.17 17.77
CA GLU L 176 -10.65 -30.11 18.08
C GLU L 176 -9.96 -30.26 19.43
N THR L 177 -8.91 -29.47 19.60
CA THR L 177 -8.00 -29.56 20.72
C THR L 177 -8.01 -28.28 21.53
N LYS L 178 -7.45 -28.32 22.74
CA LYS L 178 -7.21 -27.10 23.50
C LYS L 178 -5.90 -27.22 24.25
N VAL L 179 -5.24 -26.07 24.42
CA VAL L 179 -3.88 -25.99 24.90
C VAL L 179 -3.84 -25.01 26.05
N LEU L 180 -3.21 -25.44 27.15
CA LEU L 180 -2.95 -24.56 28.27
C LEU L 180 -1.46 -24.35 28.32
N LYS L 181 -1.04 -23.10 28.16
CA LYS L 181 0.36 -22.69 28.30
C LYS L 181 0.57 -22.00 29.64
N LEU L 182 1.64 -22.39 30.34
CA LEU L 182 2.12 -21.64 31.50
C LEU L 182 3.29 -20.84 31.01
N LYS L 183 3.23 -19.52 31.21
CA LYS L 183 4.28 -18.66 30.66
C LYS L 183 5.61 -18.91 31.38
N ASN L 184 5.77 -18.38 32.59
CA ASN L 184 7.00 -18.61 33.40
C ASN L 184 6.59 -19.26 34.73
N LEU L 185 7.08 -20.48 34.98
CA LEU L 185 6.81 -21.20 36.23
C LEU L 185 7.15 -20.35 37.45
N ARG L 186 6.11 -19.75 38.05
CA ARG L 186 6.21 -19.07 39.34
C ARG L 186 6.09 -20.16 40.45
N PRO L 187 6.82 -19.99 41.59
CA PRO L 187 6.76 -20.95 42.68
C PRO L 187 5.49 -21.81 42.75
N GLN L 188 4.32 -21.19 42.90
CA GLN L 188 3.09 -21.95 43.14
C GLN L 188 2.08 -21.91 41.97
N ASP L 189 2.57 -22.17 40.77
CA ASP L 189 1.73 -22.78 39.72
C ASP L 189 2.39 -24.11 39.28
N TYR L 190 2.91 -24.83 40.27
CA TYR L 190 3.54 -26.15 40.08
C TYR L 190 2.56 -27.27 40.39
N ALA L 191 1.30 -26.96 40.70
CA ALA L 191 0.30 -27.97 41.12
C ALA L 191 -0.21 -28.85 39.95
N SER L 192 -1.28 -29.61 40.17
CA SER L 192 -1.84 -30.54 39.17
C SER L 192 -3.07 -29.97 38.49
N TYR L 193 -3.22 -30.30 37.21
CA TYR L 193 -4.22 -29.69 36.36
C TYR L 193 -5.20 -30.72 35.83
N THR L 194 -6.37 -30.23 35.43
CA THR L 194 -7.41 -31.07 34.86
C THR L 194 -8.03 -30.45 33.61
N CYS L 195 -8.25 -31.28 32.58
CA CYS L 195 -8.82 -30.84 31.31
C CYS L 195 -10.27 -31.32 31.23
N GLN L 196 -11.15 -30.57 31.89
CA GLN L 196 -12.58 -30.90 31.93
C GLN L 196 -13.19 -30.65 30.56
N VAL L 197 -13.53 -31.73 29.86
CA VAL L 197 -14.34 -31.65 28.63
C VAL L 197 -15.81 -31.92 28.92
N SER L 198 -16.66 -31.32 28.10
CA SER L 198 -18.08 -31.31 28.31
C SER L 198 -18.73 -31.25 26.95
N VAL L 199 -19.92 -31.83 26.81
CA VAL L 199 -20.75 -31.63 25.61
C VAL L 199 -22.03 -30.91 25.98
N ARG L 200 -21.98 -30.12 27.06
CA ARG L 200 -23.15 -29.46 27.66
C ARG L 200 -24.21 -30.46 28.15
N ASN L 201 -23.76 -31.64 28.58
CA ASN L 201 -24.61 -32.73 29.08
C ASN L 201 -25.72 -33.21 28.12
N VAL L 202 -25.57 -32.93 26.81
CA VAL L 202 -26.65 -33.13 25.85
C VAL L 202 -26.83 -34.59 25.47
N CYS L 203 -28.08 -34.99 25.29
CA CYS L 203 -28.45 -36.38 25.08
C CYS L 203 -27.96 -37.36 26.16
N GLY L 204 -27.99 -36.89 27.41
CA GLY L 204 -27.67 -37.71 28.58
C GLY L 204 -26.23 -38.16 28.71
N ILE L 205 -25.30 -37.38 28.18
CA ILE L 205 -23.89 -37.79 28.06
C ILE L 205 -23.04 -37.11 29.14
N PRO L 206 -22.36 -37.92 29.99
CA PRO L 206 -21.66 -37.33 31.13
C PRO L 206 -20.44 -36.52 30.69
N ASP L 207 -20.07 -35.54 31.51
CA ASP L 207 -18.80 -34.85 31.33
C ASP L 207 -17.65 -35.77 31.78
N LYS L 208 -16.63 -35.88 30.93
CA LYS L 208 -15.37 -36.57 31.26
C LYS L 208 -14.26 -35.54 31.31
N ALA L 209 -13.18 -35.90 32.03
CA ALA L 209 -12.04 -35.01 32.24
C ALA L 209 -10.75 -35.83 32.35
N ILE L 210 -9.62 -35.14 32.51
CA ILE L 210 -8.34 -35.83 32.68
C ILE L 210 -7.31 -34.97 33.43
N THR L 211 -6.53 -35.64 34.28
CA THR L 211 -5.60 -35.01 35.23
C THR L 211 -4.14 -35.30 34.86
N PHE L 212 -3.27 -34.34 35.13
CA PHE L 212 -1.82 -34.55 35.08
C PHE L 212 -1.10 -33.66 36.08
N ARG L 213 -0.02 -34.18 36.65
CA ARG L 213 0.70 -33.54 37.74
C ARG L 213 1.92 -32.80 37.21
N LEU L 214 2.57 -32.01 38.07
CA LEU L 214 3.69 -31.14 37.66
C LEU L 214 4.75 -31.00 38.76
N THR L 215 6.03 -30.96 38.36
CA THR L 215 7.17 -30.83 39.31
C THR L 215 8.32 -30.03 38.70
#